data_9M36
#
_entry.id   9M36
#
_cell.length_a   1.00
_cell.length_b   1.00
_cell.length_c   1.00
_cell.angle_alpha   90.00
_cell.angle_beta   90.00
_cell.angle_gamma   90.00
#
_symmetry.space_group_name_H-M   'P 1'
#
loop_
_entity.id
_entity.type
_entity.pdbx_description
1 polymer 'Short transient receptor potential channel 5'
2 non-polymer 'ZINC ION'
3 non-polymer PHOSPHATIDYLETHANOLAMINE
4 non-polymer '(2S)-3-(hexadecanoyloxy)-2-[(9Z)-octadec-9-enoyloxy]propyl 2-(trimethylammonio)ethyl phosphate'
5 non-polymer 'CHOLESTEROL HEMISUCCINATE'
6 non-polymer '[(2~{S})-2-[(~{E})-octadec-9-enoyl]oxy-3-oxidanyl-propyl] octadec-9-enoate'
#
_entity_poly.entity_id   1
_entity_poly.type   'polypeptide(L)'
_entity_poly.pdbx_seq_one_letter_code
;MAQLYYKKVNYSPYRDRIPLQIVRAETELSAEEKAFLNAVEKGDYATVKQALQEAEIYYNVNINCMDPLGRSALLIAIEN
ENLEIMELLLNHSVYVGDALLYAIRKEVVGAVELLLSYRRPSGEKQVPTLMMDTQFSEFTPDITPIMLAAHTNNYEIIKL
LVQKRVTIPRPHQIRCNCVECVSSSEVDSLRHSRSRLNIYKALASPSLIALSSEDPILTAFRLGWELKELSKVENEFKAE
YEELSQQCKLFAKDLLDQARSSRELEIILNHRDDHSEELDPQKYHDLAKLKVAIKYHQKEFVAQPNCQQLLATLWYDGFP
GWRRKHWVVKLLTCMTIGFLFPMLSIAYLISPRSNLGLFIKKPFIKFICHTASYLTFLFMLLLASQHIVRTDLHVQGPPP
TVVEWMILPWVLGFIWGEIKEMWDGGFTEYIHDWWNLMDFAMNSLYLATISLKIVAYVKYNGSRPREEWEMWHPTLIAEA
LFAISNILSSLRLISLFTANSHLGPLQISLGRMLLDILKFLFIYCLVLLAFANGLNQLYFYYETRAIDEPNNCKGIRCEK
QNNAFSTLFETLQSLFWSVFGLLNLYVTNVKARHEFTEFVGATMFGTYNVISLVVLLNMLIAMMNNSYQLIADHADIEWK
FARTKLWMSYFDEGGTLPPPFNIIPSPKSFLYLGNWFNNTFCPKRDPDGRRRRRNLRSFTERNADSLIQNQHYQEVIRNL
VKRYVAAMIRNSKTHEGLTEENFKELKQDISSFRYEVLDLLGNR
;
_entity_poly.pdbx_strand_id   A,B,C,D
#
loop_
_chem_comp.id
_chem_comp.type
_chem_comp.name
_chem_comp.formula
A1L5I non-polymer '[(2~{S})-2-[(~{E})-octadec-9-enoyl]oxy-3-oxidanyl-propyl] octadec-9-enoate' 'C39 H72 O5'
POV non-polymer '(2S)-3-(hexadecanoyloxy)-2-[(9Z)-octadec-9-enoyloxy]propyl 2-(trimethylammonio)ethyl phosphate' 'C42 H82 N O8 P'
PTY non-polymer PHOSPHATIDYLETHANOLAMINE 'C40 H80 N O8 P'
Y01 non-polymer 'CHOLESTEROL HEMISUCCINATE' 'C31 H50 O4'
ZN non-polymer 'ZINC ION' 'Zn 2'
#
# COMPACT_ATOMS: atom_id res chain seq x y z
N ARG A 17 15.98 29.15 35.25
CA ARG A 17 15.92 29.82 33.95
C ARG A 17 17.10 29.43 33.07
N ILE A 18 16.88 29.44 31.76
CA ILE A 18 17.92 29.15 30.77
C ILE A 18 18.35 30.48 30.17
N PRO A 19 19.52 31.03 30.53
CA PRO A 19 19.97 32.27 29.91
C PRO A 19 20.20 32.09 28.42
N LEU A 20 19.87 33.11 27.64
CA LEU A 20 20.05 33.10 26.21
C LEU A 20 20.94 34.27 25.81
N GLN A 21 22.04 33.97 25.14
CA GLN A 21 23.01 34.98 24.73
C GLN A 21 23.71 34.50 23.47
N ILE A 22 24.16 35.45 22.64
CA ILE A 22 24.82 35.08 21.39
C ILE A 22 26.14 34.41 21.75
N VAL A 23 26.19 33.08 21.63
CA VAL A 23 27.36 32.32 22.07
C VAL A 23 28.54 32.57 21.15
N ARG A 24 28.32 32.55 19.84
CA ARG A 24 29.36 32.82 18.86
C ARG A 24 29.08 34.18 18.25
N ALA A 25 29.53 35.22 18.93
CA ALA A 25 29.29 36.59 18.48
C ALA A 25 30.22 36.94 17.33
N GLU A 26 29.70 37.68 16.37
CA GLU A 26 30.45 38.17 15.23
C GLU A 26 30.66 39.67 15.36
N THR A 27 31.80 40.15 14.84
CA THR A 27 32.10 41.57 14.88
C THR A 27 31.07 42.34 14.07
N GLU A 28 30.32 43.22 14.74
CA GLU A 28 29.30 43.98 14.05
C GLU A 28 29.90 45.17 13.30
N LEU A 29 29.14 45.66 12.33
CA LEU A 29 29.56 46.78 11.51
C LEU A 29 29.38 48.10 12.25
N SER A 30 30.00 49.14 11.72
CA SER A 30 29.79 50.48 12.26
C SER A 30 28.39 50.98 11.90
N ALA A 31 28.01 52.11 12.49
CA ALA A 31 26.75 52.73 12.11
C ALA A 31 26.77 53.16 10.65
N GLU A 32 27.91 53.70 10.19
CA GLU A 32 28.00 54.12 8.80
C GLU A 32 28.11 52.91 7.87
N GLU A 33 28.78 51.83 8.28
CA GLU A 33 28.81 50.62 7.46
C GLU A 33 27.42 50.02 7.30
N LYS A 34 26.68 49.94 8.40
CA LYS A 34 25.31 49.47 8.31
C LYS A 34 24.46 50.42 7.49
N ALA A 35 24.74 51.72 7.55
CA ALA A 35 24.02 52.65 6.69
C ALA A 35 24.29 52.37 5.22
N PHE A 36 25.56 52.12 4.88
CA PHE A 36 25.92 51.78 3.50
C PHE A 36 25.21 50.51 3.04
N LEU A 37 25.21 49.48 3.88
CA LEU A 37 24.58 48.23 3.51
C LEU A 37 23.06 48.39 3.39
N ASN A 38 22.44 49.15 4.29
CA ASN A 38 21.02 49.39 4.17
C ASN A 38 20.71 50.26 2.96
N ALA A 39 21.64 51.12 2.57
CA ALA A 39 21.45 51.92 1.38
C ALA A 39 21.46 51.05 0.13
N VAL A 40 22.44 50.16 0.02
CA VAL A 40 22.50 49.31 -1.17
C VAL A 40 21.33 48.34 -1.19
N GLU A 41 20.92 47.83 -0.02
CA GLU A 41 19.74 46.97 0.02
C GLU A 41 18.49 47.73 -0.39
N LYS A 42 18.34 48.97 0.07
CA LYS A 42 17.12 49.72 -0.18
C LYS A 42 16.95 49.99 -1.67
N GLY A 43 18.04 50.21 -2.38
CA GLY A 43 18.00 50.57 -3.77
C GLY A 43 18.21 52.04 -4.07
N ASP A 44 18.50 52.85 -3.05
CA ASP A 44 18.72 54.28 -3.27
C ASP A 44 20.07 54.47 -3.95
N TYR A 45 20.02 54.74 -5.25
CA TYR A 45 21.25 54.88 -6.03
C TYR A 45 22.10 56.04 -5.55
N ALA A 46 21.47 57.18 -5.28
CA ALA A 46 22.21 58.38 -4.89
C ALA A 46 22.93 58.18 -3.55
N THR A 47 22.26 57.54 -2.60
CA THR A 47 22.86 57.35 -1.27
C THR A 47 24.14 56.53 -1.36
N VAL A 48 24.08 55.40 -2.07
CA VAL A 48 25.25 54.55 -2.24
C VAL A 48 26.32 55.28 -3.04
N LYS A 49 25.91 55.99 -4.08
CA LYS A 49 26.86 56.78 -4.86
C LYS A 49 27.66 57.71 -3.95
N GLN A 50 26.95 58.50 -3.14
CA GLN A 50 27.62 59.42 -2.23
C GLN A 50 28.47 58.67 -1.22
N ALA A 51 27.97 57.55 -0.69
CA ALA A 51 28.68 56.82 0.35
C ALA A 51 30.02 56.32 -0.16
N LEU A 52 30.04 55.63 -1.29
CA LEU A 52 31.32 55.11 -1.75
C LEU A 52 32.19 56.22 -2.34
N GLN A 53 31.60 57.29 -2.89
CA GLN A 53 32.41 58.41 -3.34
C GLN A 53 33.15 59.03 -2.17
N GLU A 54 32.47 59.21 -1.03
CA GLU A 54 33.13 59.67 0.18
C GLU A 54 34.17 58.68 0.66
N ALA A 55 33.85 57.39 0.60
CA ALA A 55 34.79 56.36 1.02
C ALA A 55 36.07 56.41 0.22
N GLU A 56 35.99 56.83 -1.05
CA GLU A 56 37.18 56.88 -1.88
C GLU A 56 38.24 57.83 -1.31
N ILE A 57 37.81 58.99 -0.81
CA ILE A 57 38.76 59.97 -0.31
C ILE A 57 39.45 59.47 0.96
N TYR A 58 38.67 58.97 1.91
CA TYR A 58 39.20 58.58 3.20
C TYR A 58 39.48 57.08 3.25
N TYR A 59 39.77 56.59 4.46
CA TYR A 59 39.67 55.18 4.80
C TYR A 59 38.41 54.90 5.62
N ASN A 60 37.42 55.79 5.52
CA ASN A 60 36.29 55.78 6.43
C ASN A 60 35.46 54.50 6.29
N VAL A 61 35.11 54.14 5.06
CA VAL A 61 34.17 53.05 4.80
C VAL A 61 34.92 51.91 4.13
N ASN A 62 34.66 50.69 4.59
CA ASN A 62 35.17 49.50 3.94
C ASN A 62 34.11 49.00 2.98
N ILE A 63 34.36 49.21 1.68
CA ILE A 63 33.35 48.88 0.67
C ILE A 63 33.04 47.39 0.66
N ASN A 64 34.01 46.56 1.05
CA ASN A 64 33.84 45.12 1.08
C ASN A 64 33.31 44.61 2.41
N CYS A 65 32.56 45.44 3.13
CA CYS A 65 32.03 45.06 4.44
C CYS A 65 31.01 43.95 4.29
N MET A 66 30.81 43.20 5.37
CA MET A 66 29.98 42.01 5.37
C MET A 66 28.83 42.13 6.36
N ASP A 67 27.64 41.74 5.90
CA ASP A 67 26.50 41.60 6.80
C ASP A 67 26.71 40.37 7.67
N PRO A 68 26.00 40.27 8.81
CA PRO A 68 26.02 39.03 9.60
C PRO A 68 25.89 37.77 8.77
N LEU A 69 24.99 37.77 7.79
CA LEU A 69 24.80 36.64 6.90
C LEU A 69 25.91 36.50 5.87
N GLY A 70 26.93 37.36 5.91
CA GLY A 70 28.06 37.23 5.01
C GLY A 70 27.84 37.78 3.63
N ARG A 71 26.83 38.61 3.42
CA ARG A 71 26.56 39.19 2.11
C ARG A 71 27.03 40.64 2.07
N SER A 72 27.90 40.95 1.11
CA SER A 72 28.44 42.29 0.97
C SER A 72 27.48 43.14 0.15
N ALA A 73 27.93 44.32 -0.25
CA ALA A 73 27.09 45.19 -1.07
C ALA A 73 26.77 44.53 -2.40
N LEU A 74 27.78 43.93 -3.05
CA LEU A 74 27.56 43.34 -4.36
C LEU A 74 26.59 42.18 -4.30
N LEU A 75 26.72 41.34 -3.28
CA LEU A 75 25.81 40.21 -3.14
C LEU A 75 24.38 40.68 -2.87
N ILE A 76 24.24 41.73 -2.07
CA ILE A 76 22.90 42.27 -1.80
C ILE A 76 22.29 42.82 -3.07
N ALA A 77 23.09 43.53 -3.87
CA ALA A 77 22.59 44.05 -5.15
C ALA A 77 22.17 42.92 -6.09
N ILE A 78 22.97 41.85 -6.14
CA ILE A 78 22.62 40.71 -6.99
C ILE A 78 21.32 40.09 -6.51
N GLU A 79 21.16 39.91 -5.20
CA GLU A 79 19.97 39.26 -4.65
C GLU A 79 18.69 40.04 -4.99
N ASN A 80 18.80 41.34 -5.22
CA ASN A 80 17.64 42.17 -5.56
C ASN A 80 17.54 42.45 -7.05
N GLU A 81 18.39 41.82 -7.87
CA GLU A 81 18.39 42.02 -9.32
C GLU A 81 18.52 43.49 -9.68
N ASN A 82 19.43 44.18 -9.00
CA ASN A 82 19.60 45.63 -9.16
C ASN A 82 20.81 45.86 -10.05
N LEU A 83 20.59 45.88 -11.37
CA LEU A 83 21.69 45.99 -12.31
C LEU A 83 22.40 47.34 -12.21
N GLU A 84 21.66 48.42 -11.94
CA GLU A 84 22.29 49.74 -11.85
C GLU A 84 23.24 49.81 -10.67
N ILE A 85 22.79 49.36 -9.49
CA ILE A 85 23.64 49.39 -8.32
C ILE A 85 24.84 48.48 -8.50
N MET A 86 24.63 47.30 -9.09
CA MET A 86 25.75 46.41 -9.38
C MET A 86 26.76 47.09 -10.27
N GLU A 87 26.29 47.75 -11.33
CA GLU A 87 27.19 48.44 -12.24
C GLU A 87 27.98 49.50 -11.50
N LEU A 88 27.31 50.28 -10.65
CA LEU A 88 28.00 51.30 -9.88
C LEU A 88 29.08 50.69 -9.01
N LEU A 89 28.73 49.66 -8.25
CA LEU A 89 29.69 49.04 -7.34
C LEU A 89 30.89 48.50 -8.10
N LEU A 90 30.64 47.78 -9.19
CA LEU A 90 31.74 47.24 -9.98
C LEU A 90 32.60 48.37 -10.53
N ASN A 91 31.98 49.51 -10.89
CA ASN A 91 32.76 50.65 -11.34
C ASN A 91 33.68 51.16 -10.24
N HIS A 92 33.21 51.18 -8.99
CA HIS A 92 33.98 51.70 -7.88
C HIS A 92 34.88 50.65 -7.24
N SER A 93 35.24 49.59 -7.97
CA SER A 93 36.29 48.66 -7.57
C SER A 93 35.96 47.93 -6.27
N VAL A 94 34.78 47.32 -6.24
CA VAL A 94 34.40 46.46 -5.11
C VAL A 94 35.01 45.08 -5.30
N TYR A 95 35.43 44.46 -4.19
CA TYR A 95 35.89 43.09 -4.25
C TYR A 95 34.78 42.18 -4.76
N VAL A 96 35.11 41.36 -5.77
CA VAL A 96 34.11 40.67 -6.57
C VAL A 96 34.13 39.17 -6.35
N GLY A 97 34.98 38.66 -5.48
CA GLY A 97 35.11 37.22 -5.29
C GLY A 97 33.80 36.53 -4.97
N ASP A 98 33.50 35.47 -5.71
CA ASP A 98 32.32 34.61 -5.59
C ASP A 98 31.02 35.30 -6.02
N ALA A 99 31.06 36.55 -6.47
CA ALA A 99 29.82 37.21 -6.85
C ALA A 99 29.20 36.54 -8.06
N LEU A 100 30.03 36.04 -8.99
CA LEU A 100 29.50 35.40 -10.19
C LEU A 100 28.69 34.16 -9.84
N LEU A 101 29.14 33.42 -8.83
CA LEU A 101 28.39 32.23 -8.41
C LEU A 101 27.01 32.60 -7.90
N TYR A 102 26.91 33.64 -7.07
CA TYR A 102 25.61 34.05 -6.58
C TYR A 102 24.73 34.54 -7.71
N ALA A 103 25.31 35.26 -8.67
CA ALA A 103 24.55 35.71 -9.82
C ALA A 103 24.00 34.53 -10.61
N ILE A 104 24.84 33.52 -10.83
CA ILE A 104 24.42 32.35 -11.59
C ILE A 104 23.33 31.59 -10.87
N ARG A 105 23.48 31.39 -9.56
CA ARG A 105 22.47 30.66 -8.80
C ARG A 105 21.14 31.43 -8.77
N LYS A 106 21.22 32.76 -8.66
CA LYS A 106 20.01 33.58 -8.78
C LYS A 106 19.39 33.47 -10.17
N GLU A 107 20.19 33.06 -11.17
CA GLU A 107 19.71 32.83 -12.53
C GLU A 107 19.17 34.11 -13.15
N VAL A 108 19.96 35.18 -13.05
CA VAL A 108 19.66 36.45 -13.70
C VAL A 108 20.68 36.62 -14.82
N VAL A 109 20.20 36.62 -16.06
CA VAL A 109 21.10 36.71 -17.21
C VAL A 109 21.83 38.04 -17.20
N GLY A 110 21.12 39.12 -16.87
CA GLY A 110 21.74 40.42 -16.87
C GLY A 110 22.89 40.53 -15.90
N ALA A 111 22.68 40.03 -14.67
CA ALA A 111 23.73 40.09 -13.67
C ALA A 111 24.93 39.27 -14.09
N VAL A 112 24.68 38.08 -14.67
CA VAL A 112 25.78 37.23 -15.12
C VAL A 112 26.58 37.92 -16.21
N GLU A 113 25.90 38.54 -17.18
CA GLU A 113 26.62 39.25 -18.23
C GLU A 113 27.42 40.42 -17.66
N LEU A 114 26.81 41.17 -16.74
CA LEU A 114 27.50 42.31 -16.16
C LEU A 114 28.76 41.88 -15.43
N LEU A 115 28.68 40.78 -14.68
CA LEU A 115 29.86 40.30 -13.96
C LEU A 115 30.90 39.72 -14.92
N LEU A 116 30.46 39.10 -16.01
CA LEU A 116 31.42 38.57 -16.97
C LEU A 116 32.16 39.68 -17.70
N SER A 117 31.50 40.82 -17.94
CA SER A 117 32.18 41.94 -18.56
C SER A 117 32.98 42.79 -17.59
N TYR A 118 32.80 42.57 -16.28
CA TYR A 118 33.46 43.37 -15.23
C TYR A 118 33.21 44.85 -15.40
N THR A 134 39.62 35.21 3.98
CA THR A 134 38.65 34.33 3.36
C THR A 134 37.26 34.54 3.93
N GLN A 135 36.37 35.12 3.13
CA GLN A 135 35.02 35.41 3.58
C GLN A 135 34.19 34.13 3.65
N PHE A 136 33.06 34.22 4.34
CA PHE A 136 32.08 33.15 4.29
C PHE A 136 31.49 33.06 2.90
N SER A 137 31.33 31.83 2.41
CA SER A 137 30.76 31.60 1.09
C SER A 137 29.74 30.49 1.18
N GLU A 138 28.67 30.60 0.39
CA GLU A 138 27.65 29.56 0.35
C GLU A 138 28.01 28.43 -0.61
N PHE A 139 29.13 28.53 -1.31
CA PHE A 139 29.55 27.52 -2.27
C PHE A 139 30.88 26.94 -1.83
N THR A 140 31.03 25.62 -2.00
CA THR A 140 32.27 24.97 -1.68
C THR A 140 33.37 25.46 -2.63
N PRO A 141 34.63 25.43 -2.19
CA PRO A 141 35.70 26.05 -3.00
C PRO A 141 35.87 25.47 -4.38
N ASP A 142 35.47 24.22 -4.62
CA ASP A 142 35.65 23.60 -5.93
C ASP A 142 34.61 24.04 -6.95
N ILE A 143 33.54 24.71 -6.53
CA ILE A 143 32.50 25.12 -7.47
C ILE A 143 33.05 26.19 -8.38
N THR A 144 32.97 25.97 -9.69
CA THR A 144 33.37 26.93 -10.71
C THR A 144 32.14 27.52 -11.37
N PRO A 145 32.26 28.66 -12.05
CA PRO A 145 31.06 29.28 -12.65
C PRO A 145 30.33 28.36 -13.61
N ILE A 146 31.05 27.67 -14.50
CA ILE A 146 30.39 26.79 -15.45
C ILE A 146 29.76 25.60 -14.75
N MET A 147 30.44 25.08 -13.71
CA MET A 147 29.90 23.97 -12.94
C MET A 147 28.58 24.36 -12.28
N LEU A 148 28.55 25.51 -11.63
CA LEU A 148 27.31 25.95 -10.98
C LEU A 148 26.23 26.24 -12.01
N ALA A 149 26.59 26.83 -13.15
CA ALA A 149 25.61 27.07 -14.19
C ALA A 149 25.00 25.77 -14.68
N ALA A 150 25.84 24.74 -14.83
CA ALA A 150 25.31 23.43 -15.21
C ALA A 150 24.39 22.87 -14.13
N HIS A 151 24.75 23.08 -12.86
CA HIS A 151 23.88 22.63 -11.78
C HIS A 151 22.51 23.29 -11.86
N THR A 152 22.47 24.59 -12.13
CA THR A 152 21.18 25.28 -12.24
C THR A 152 20.43 24.88 -13.50
N ASN A 153 21.11 24.32 -14.49
CA ASN A 153 20.50 23.84 -15.73
C ASN A 153 19.80 24.96 -16.49
N ASN A 154 20.32 26.19 -16.38
CA ASN A 154 19.74 27.34 -17.06
C ASN A 154 20.40 27.47 -18.43
N TYR A 155 19.62 27.29 -19.50
CA TYR A 155 20.19 27.23 -20.83
C TYR A 155 20.86 28.53 -21.22
N GLU A 156 20.25 29.67 -20.90
CA GLU A 156 20.82 30.96 -21.28
C GLU A 156 22.17 31.19 -20.60
N ILE A 157 22.23 30.98 -19.28
CA ILE A 157 23.46 31.26 -18.56
C ILE A 157 24.55 30.26 -18.93
N ILE A 158 24.17 29.00 -19.11
CA ILE A 158 25.14 28.00 -19.54
C ILE A 158 25.70 28.35 -20.91
N LYS A 159 24.83 28.80 -21.82
CA LYS A 159 25.30 29.20 -23.14
C LYS A 159 26.23 30.39 -23.06
N LEU A 160 25.90 31.37 -22.19
CA LEU A 160 26.78 32.52 -22.00
C LEU A 160 28.15 32.07 -21.52
N LEU A 161 28.19 31.18 -20.54
CA LEU A 161 29.47 30.76 -19.98
C LEU A 161 30.23 29.86 -20.94
N VAL A 162 29.53 29.14 -21.82
CA VAL A 162 30.22 28.26 -22.75
C VAL A 162 30.78 29.03 -23.93
N GLN A 163 30.08 30.09 -24.37
CA GLN A 163 30.56 30.87 -25.51
C GLN A 163 31.95 31.42 -25.24
N LYS A 164 32.21 31.84 -24.00
CA LYS A 164 33.54 32.16 -23.54
C LYS A 164 34.20 30.87 -23.06
N ARG A 165 35.32 30.50 -23.65
CA ARG A 165 35.87 29.15 -23.50
C ARG A 165 36.05 28.78 -22.03
N VAL A 166 35.36 27.71 -21.61
CA VAL A 166 35.46 27.18 -20.27
C VAL A 166 35.65 25.68 -20.36
N THR A 167 36.18 25.10 -19.29
CA THR A 167 36.44 23.66 -19.22
C THR A 167 35.95 23.11 -17.88
N ILE A 168 35.64 21.82 -17.87
CA ILE A 168 35.30 21.09 -16.66
C ILE A 168 36.28 19.93 -16.54
N PRO A 169 36.98 19.77 -15.41
CA PRO A 169 37.99 18.71 -15.31
C PRO A 169 37.36 17.33 -15.49
N ARG A 170 38.08 16.46 -16.19
CA ARG A 170 37.58 15.11 -16.42
C ARG A 170 37.59 14.33 -15.12
N PRO A 171 36.47 13.78 -14.69
CA PRO A 171 36.49 12.84 -13.57
C PRO A 171 37.19 11.55 -14.00
N HIS A 172 38.14 11.10 -13.17
CA HIS A 172 38.87 9.89 -13.52
C HIS A 172 37.96 8.66 -13.40
N GLN A 173 38.46 7.54 -13.89
CA GLN A 173 37.67 6.31 -13.87
C GLN A 173 37.34 5.92 -12.43
N ILE A 174 36.26 5.15 -12.27
CA ILE A 174 35.74 4.83 -10.95
C ILE A 174 36.78 4.06 -10.14
N ARG A 175 37.33 3.00 -10.72
CA ARG A 175 38.35 2.19 -10.05
C ARG A 175 39.75 2.60 -10.52
N CYS A 176 40.13 3.84 -10.20
CA CYS A 176 41.40 4.41 -10.60
C CYS A 176 42.35 4.42 -9.42
N ASN A 177 43.50 3.78 -9.58
CA ASN A 177 44.51 3.67 -8.54
C ASN A 177 45.71 4.58 -8.79
N CYS A 178 45.55 5.62 -9.61
CA CYS A 178 46.66 6.52 -9.90
C CYS A 178 47.06 7.29 -8.64
N VAL A 179 48.21 7.97 -8.74
CA VAL A 179 48.75 8.70 -7.60
C VAL A 179 47.81 9.82 -7.17
N GLU A 180 47.27 10.56 -8.14
CA GLU A 180 46.47 11.73 -7.80
C GLU A 180 45.20 11.35 -7.04
N CYS A 181 44.53 10.28 -7.47
CA CYS A 181 43.28 9.90 -6.83
C CYS A 181 43.49 9.50 -5.38
N VAL A 182 44.45 8.60 -5.13
CA VAL A 182 44.68 8.14 -3.76
C VAL A 182 45.23 9.27 -2.90
N SER A 183 46.08 10.13 -3.48
CA SER A 183 46.63 11.25 -2.72
C SER A 183 45.52 12.21 -2.28
N SER A 184 44.64 12.59 -3.22
CA SER A 184 43.57 13.52 -2.87
C SER A 184 42.54 12.86 -1.94
N SER A 185 42.31 11.56 -2.08
CA SER A 185 41.38 10.87 -1.19
C SER A 185 41.92 10.81 0.24
N GLU A 186 43.20 10.47 0.40
CA GLU A 186 43.77 10.37 1.73
C GLU A 186 43.99 11.73 2.37
N VAL A 187 44.31 12.75 1.57
CA VAL A 187 44.46 14.09 2.13
C VAL A 187 43.10 14.65 2.58
N ASP A 188 42.09 14.52 1.72
CA ASP A 188 40.75 15.04 2.04
C ASP A 188 39.73 14.20 1.28
N SER A 189 39.16 13.20 1.94
CA SER A 189 38.19 12.33 1.28
C SER A 189 36.86 13.05 1.05
N LEU A 190 36.41 13.84 2.03
CA LEU A 190 35.14 14.54 1.88
C LEU A 190 35.19 15.49 0.70
N ARG A 191 36.27 16.28 0.60
CA ARG A 191 36.37 17.24 -0.50
C ARG A 191 36.50 16.53 -1.84
N HIS A 192 37.23 15.40 -1.88
CA HIS A 192 37.37 14.65 -3.12
C HIS A 192 36.03 14.13 -3.61
N SER A 193 35.27 13.50 -2.71
CA SER A 193 33.96 12.99 -3.09
C SER A 193 33.02 14.12 -3.49
N ARG A 194 33.06 15.23 -2.76
CA ARG A 194 32.23 16.38 -3.10
C ARG A 194 32.56 16.92 -4.48
N SER A 195 33.85 17.02 -4.81
CA SER A 195 34.26 17.52 -6.11
C SER A 195 33.83 16.56 -7.22
N ARG A 196 33.98 15.26 -7.00
CA ARG A 196 33.55 14.29 -7.99
C ARG A 196 32.05 14.40 -8.25
N LEU A 197 31.26 14.49 -7.17
CA LEU A 197 29.82 14.58 -7.33
C LEU A 197 29.42 15.88 -8.03
N ASN A 198 30.09 16.98 -7.70
CA ASN A 198 29.79 18.25 -8.37
C ASN A 198 30.12 18.19 -9.85
N ILE A 199 31.26 17.59 -10.20
CA ILE A 199 31.63 17.47 -11.61
C ILE A 199 30.60 16.63 -12.35
N TYR A 200 30.16 15.53 -11.74
CA TYR A 200 29.18 14.69 -12.43
C TYR A 200 27.81 15.35 -12.51
N LYS A 201 27.44 16.15 -11.51
CA LYS A 201 26.21 16.93 -11.60
C LYS A 201 26.31 17.92 -12.75
N ALA A 202 27.48 18.54 -12.92
CA ALA A 202 27.66 19.49 -14.01
C ALA A 202 27.56 18.79 -15.37
N LEU A 203 28.22 17.64 -15.51
CA LEU A 203 28.19 16.91 -16.77
C LEU A 203 26.79 16.39 -17.08
N ALA A 204 26.09 15.89 -16.08
CA ALA A 204 24.76 15.32 -16.27
C ALA A 204 23.68 16.37 -16.51
N SER A 205 24.04 17.63 -16.66
CA SER A 205 23.03 18.65 -16.91
C SER A 205 22.49 18.52 -18.32
N PRO A 206 21.18 18.42 -18.50
CA PRO A 206 20.62 18.34 -19.87
C PRO A 206 20.99 19.51 -20.74
N SER A 207 21.07 20.71 -20.18
CA SER A 207 21.47 21.88 -20.98
C SER A 207 22.93 21.79 -21.41
N LEU A 208 23.81 21.35 -20.50
CA LEU A 208 25.22 21.24 -20.84
C LEU A 208 25.50 20.07 -21.78
N ILE A 209 24.52 19.21 -22.02
CA ILE A 209 24.64 18.15 -23.02
C ILE A 209 24.00 18.57 -24.34
N ALA A 210 22.90 19.33 -24.28
CA ALA A 210 22.34 19.88 -25.50
C ALA A 210 23.36 20.76 -26.22
N LEU A 211 24.07 21.58 -25.46
CA LEU A 211 25.25 22.27 -25.94
C LEU A 211 26.47 21.39 -25.70
N SER A 212 27.55 21.67 -26.43
CA SER A 212 28.86 21.19 -26.04
C SER A 212 29.03 19.67 -26.10
N SER A 213 28.03 18.95 -26.57
CA SER A 213 28.13 17.50 -26.75
C SER A 213 27.86 17.16 -28.21
N GLU A 214 28.82 16.47 -28.84
CA GLU A 214 28.67 16.14 -30.27
C GLU A 214 27.51 15.18 -30.50
N ASP A 215 27.37 14.17 -29.64
CA ASP A 215 26.29 13.18 -29.74
C ASP A 215 25.54 13.22 -28.40
N PRO A 216 24.53 14.07 -28.27
CA PRO A 216 23.83 14.17 -26.99
C PRO A 216 23.23 12.86 -26.51
N ILE A 217 22.71 12.05 -27.43
CA ILE A 217 22.08 10.79 -27.04
C ILE A 217 23.11 9.81 -26.52
N LEU A 218 24.23 9.66 -27.24
CA LEU A 218 25.27 8.75 -26.79
C LEU A 218 25.94 9.25 -25.52
N THR A 219 26.14 10.56 -25.42
CA THR A 219 26.69 11.12 -24.19
C THR A 219 25.77 10.86 -23.00
N ALA A 220 24.45 11.03 -23.19
CA ALA A 220 23.51 10.74 -22.13
C ALA A 220 23.55 9.26 -21.74
N PHE A 221 23.61 8.37 -22.75
CA PHE A 221 23.70 6.94 -22.45
C PHE A 221 24.92 6.62 -21.62
N ARG A 222 26.10 7.04 -22.08
CA ARG A 222 27.33 6.67 -21.39
C ARG A 222 27.43 7.34 -20.03
N LEU A 223 26.98 8.59 -19.92
CA LEU A 223 27.02 9.28 -18.65
C LEU A 223 26.07 8.64 -17.64
N GLY A 224 24.87 8.24 -18.08
CA GLY A 224 23.97 7.54 -17.18
C GLY A 224 24.52 6.20 -16.73
N TRP A 225 25.13 5.46 -17.66
CA TRP A 225 25.75 4.19 -17.28
C TRP A 225 26.87 4.40 -16.26
N GLU A 226 27.72 5.40 -16.51
CA GLU A 226 28.83 5.67 -15.59
C GLU A 226 28.33 6.12 -14.23
N LEU A 227 27.25 6.92 -14.21
CA LEU A 227 26.69 7.37 -12.95
C LEU A 227 26.06 6.21 -12.17
N LYS A 228 25.43 5.26 -12.87
CA LYS A 228 24.92 4.07 -12.20
C LYS A 228 26.06 3.25 -11.59
N GLU A 229 27.16 3.09 -12.35
CA GLU A 229 28.30 2.36 -11.81
C GLU A 229 28.91 3.09 -10.61
N LEU A 230 28.98 4.41 -10.66
CA LEU A 230 29.43 5.19 -9.52
C LEU A 230 28.52 4.97 -8.32
N SER A 231 27.21 4.97 -8.54
CA SER A 231 26.26 4.70 -7.47
C SER A 231 26.53 3.34 -6.84
N LYS A 232 26.89 2.35 -7.66
CA LYS A 232 27.26 1.05 -7.13
C LYS A 232 28.51 1.15 -6.26
N VAL A 233 29.58 1.76 -6.79
CA VAL A 233 30.86 1.74 -6.10
C VAL A 233 30.85 2.68 -4.90
N GLU A 234 30.43 3.93 -5.11
CA GLU A 234 30.31 4.89 -4.02
C GLU A 234 29.05 4.53 -3.23
N ASN A 235 29.22 3.67 -2.22
CA ASN A 235 28.08 3.23 -1.45
C ASN A 235 27.38 4.39 -0.77
N GLU A 236 28.16 5.29 -0.17
CA GLU A 236 27.61 6.57 0.24
C GLU A 236 27.44 7.46 -0.98
N PHE A 237 26.51 8.41 -0.89
CA PHE A 237 26.11 9.25 -2.02
C PHE A 237 25.53 8.41 -3.15
N LYS A 238 24.97 7.25 -2.82
CA LYS A 238 24.34 6.40 -3.83
C LYS A 238 23.12 7.07 -4.43
N ALA A 239 22.30 7.72 -3.60
CA ALA A 239 21.06 8.32 -4.08
C ALA A 239 21.33 9.45 -5.08
N GLU A 240 22.36 10.26 -4.82
CA GLU A 240 22.69 11.36 -5.72
C GLU A 240 23.10 10.85 -7.08
N TYR A 241 23.95 9.83 -7.13
CA TYR A 241 24.38 9.30 -8.42
C TYR A 241 23.23 8.60 -9.13
N GLU A 242 22.35 7.93 -8.38
CA GLU A 242 21.17 7.33 -9.01
C GLU A 242 20.26 8.40 -9.61
N GLU A 243 20.08 9.52 -8.90
CA GLU A 243 19.28 10.61 -9.42
C GLU A 243 19.90 11.20 -10.69
N LEU A 244 21.22 11.37 -10.70
CA LEU A 244 21.89 11.90 -11.89
C LEU A 244 21.76 10.94 -13.07
N SER A 245 21.89 9.63 -12.82
CA SER A 245 21.72 8.65 -13.88
C SER A 245 20.30 8.68 -14.43
N GLN A 246 19.30 8.79 -13.54
CA GLN A 246 17.93 8.88 -13.99
C GLN A 246 17.70 10.16 -14.80
N GLN A 247 18.37 11.24 -14.40
CA GLN A 247 18.28 12.49 -15.15
C GLN A 247 18.83 12.33 -16.56
N CYS A 248 19.98 11.66 -16.71
CA CYS A 248 20.53 11.43 -18.04
C CYS A 248 19.61 10.56 -18.89
N LYS A 249 19.05 9.50 -18.29
CA LYS A 249 18.12 8.64 -19.02
C LYS A 249 16.92 9.43 -19.50
N LEU A 250 16.35 10.25 -18.63
CA LEU A 250 15.20 11.06 -19.00
C LEU A 250 15.53 12.04 -20.11
N PHE A 251 16.74 12.64 -20.06
CA PHE A 251 17.12 13.56 -21.12
C PHE A 251 17.22 12.86 -22.47
N ALA A 252 17.82 11.68 -22.49
CA ALA A 252 17.91 10.93 -23.75
C ALA A 252 16.52 10.59 -24.28
N LYS A 253 15.62 10.15 -23.39
CA LYS A 253 14.28 9.79 -23.82
C LYS A 253 13.52 11.00 -24.33
N ASP A 254 13.71 12.16 -23.71
CA ASP A 254 13.01 13.35 -24.18
C ASP A 254 13.52 13.79 -25.55
N LEU A 255 14.85 13.76 -25.74
CA LEU A 255 15.41 14.03 -27.07
C LEU A 255 14.79 13.11 -28.11
N LEU A 256 14.62 11.83 -27.78
CA LEU A 256 13.93 10.93 -28.70
C LEU A 256 12.46 11.32 -28.87
N ASP A 257 11.83 11.83 -27.81
CA ASP A 257 10.44 12.27 -27.90
C ASP A 257 10.28 13.37 -28.94
N GLN A 258 11.28 14.22 -29.08
CA GLN A 258 11.11 15.36 -29.98
C GLN A 258 11.09 14.98 -31.45
N ALA A 259 11.20 13.70 -31.81
CA ALA A 259 11.18 13.32 -33.22
C ALA A 259 9.79 13.52 -33.81
N ARG A 260 9.72 14.06 -35.03
CA ARG A 260 8.44 14.37 -35.65
C ARG A 260 8.15 13.59 -36.92
N SER A 261 9.07 12.75 -37.41
CA SER A 261 8.81 11.94 -38.58
C SER A 261 9.56 10.62 -38.43
N SER A 262 9.12 9.62 -39.21
CA SER A 262 9.79 8.33 -39.16
C SER A 262 11.20 8.41 -39.75
N ARG A 263 11.44 9.33 -40.67
CA ARG A 263 12.78 9.51 -41.19
C ARG A 263 13.74 9.95 -40.10
N GLU A 264 13.32 10.91 -39.28
CA GLU A 264 14.17 11.36 -38.17
C GLU A 264 14.43 10.24 -37.19
N LEU A 265 13.38 9.48 -36.84
CA LEU A 265 13.53 8.38 -35.90
C LEU A 265 14.49 7.32 -36.43
N GLU A 266 14.37 6.99 -37.72
CA GLU A 266 15.26 6.01 -38.31
C GLU A 266 16.70 6.52 -38.36
N ILE A 267 16.88 7.80 -38.66
CA ILE A 267 18.23 8.38 -38.65
C ILE A 267 18.83 8.29 -37.25
N ILE A 268 18.04 8.58 -36.22
CA ILE A 268 18.53 8.50 -34.85
C ILE A 268 18.91 7.06 -34.51
N LEU A 269 18.01 6.12 -34.77
CA LEU A 269 18.18 4.74 -34.31
C LEU A 269 19.22 3.96 -35.10
N ASN A 270 19.49 4.33 -36.35
CA ASN A 270 20.40 3.58 -37.20
C ASN A 270 21.81 4.15 -37.21
N HIS A 271 22.08 5.18 -36.41
CA HIS A 271 23.35 5.88 -36.48
C HIS A 271 24.46 5.08 -35.81
N ARG A 272 25.59 4.94 -36.50
CA ARG A 272 26.79 4.33 -35.97
C ARG A 272 27.88 5.38 -35.87
N ASP A 273 28.52 5.47 -34.71
CA ASP A 273 29.61 6.42 -34.52
C ASP A 273 30.95 5.72 -34.42
N ASP A 286 21.72 -2.94 -38.69
CA ASP A 286 20.94 -1.73 -38.45
C ASP A 286 20.59 -1.57 -36.98
N LEU A 287 19.91 -0.47 -36.66
CA LEU A 287 19.49 -0.16 -35.29
C LEU A 287 20.67 -0.14 -34.33
N ALA A 288 21.79 0.42 -34.78
CA ALA A 288 22.99 0.44 -33.95
C ALA A 288 22.79 1.29 -32.71
N LYS A 289 22.16 2.46 -32.85
CA LYS A 289 21.88 3.29 -31.69
C LYS A 289 20.96 2.56 -30.72
N LEU A 290 19.97 1.83 -31.24
CA LEU A 290 19.09 1.07 -30.37
C LEU A 290 19.85 -0.05 -29.66
N LYS A 291 20.80 -0.69 -30.34
CA LYS A 291 21.60 -1.72 -29.70
C LYS A 291 22.48 -1.13 -28.60
N VAL A 292 23.04 0.06 -28.83
CA VAL A 292 23.81 0.74 -27.79
C VAL A 292 22.91 1.08 -26.62
N ALA A 293 21.68 1.50 -26.89
CA ALA A 293 20.74 1.80 -25.81
C ALA A 293 20.43 0.55 -24.99
N ILE A 294 20.26 -0.59 -25.67
CA ILE A 294 20.04 -1.85 -24.96
C ILE A 294 21.26 -2.21 -24.11
N LYS A 295 22.46 -1.98 -24.65
CA LYS A 295 23.68 -2.29 -23.91
C LYS A 295 23.76 -1.50 -22.61
N TYR A 296 23.38 -0.23 -22.64
CA TYR A 296 23.46 0.64 -21.48
C TYR A 296 22.19 0.62 -20.63
N HIS A 297 21.28 -0.31 -20.89
CA HIS A 297 20.05 -0.47 -20.10
C HIS A 297 19.24 0.83 -20.06
N GLN A 298 19.11 1.48 -21.22
CA GLN A 298 18.30 2.69 -21.34
C GLN A 298 16.86 2.27 -21.62
N LYS A 299 16.20 1.80 -20.56
CA LYS A 299 14.89 1.16 -20.72
C LYS A 299 13.83 2.15 -21.18
N GLU A 300 13.84 3.36 -20.63
CA GLU A 300 12.86 4.36 -21.03
C GLU A 300 13.04 4.76 -22.49
N PHE A 301 14.30 4.88 -22.93
CA PHE A 301 14.58 5.21 -24.33
C PHE A 301 14.07 4.12 -25.26
N VAL A 302 14.31 2.86 -24.90
CA VAL A 302 13.91 1.75 -25.75
C VAL A 302 12.39 1.60 -25.75
N ALA A 303 11.76 1.71 -24.59
CA ALA A 303 10.32 1.55 -24.46
C ALA A 303 9.56 2.79 -24.87
N GLN A 304 10.20 3.75 -25.51
CA GLN A 304 9.51 4.92 -26.03
C GLN A 304 8.52 4.48 -27.11
N PRO A 305 7.32 5.10 -27.15
CA PRO A 305 6.27 4.60 -28.06
C PRO A 305 6.67 4.55 -29.53
N ASN A 306 7.37 5.56 -30.04
CA ASN A 306 7.70 5.57 -31.46
C ASN A 306 8.78 4.54 -31.77
N CYS A 307 9.77 4.41 -30.89
CA CYS A 307 10.78 3.36 -31.07
C CYS A 307 10.14 1.98 -31.07
N GLN A 308 9.18 1.76 -30.16
CA GLN A 308 8.47 0.49 -30.13
C GLN A 308 7.64 0.28 -31.39
N GLN A 309 7.05 1.36 -31.93
CA GLN A 309 6.28 1.24 -33.16
C GLN A 309 7.16 0.83 -34.32
N LEU A 310 8.34 1.45 -34.44
CA LEU A 310 9.29 1.06 -35.49
C LEU A 310 9.74 -0.38 -35.31
N LEU A 311 10.04 -0.77 -34.08
CA LEU A 311 10.43 -2.15 -33.82
C LEU A 311 9.33 -3.12 -34.18
N ALA A 312 8.08 -2.75 -33.91
CA ALA A 312 6.95 -3.61 -34.24
C ALA A 312 6.80 -3.76 -35.75
N THR A 313 6.97 -2.68 -36.50
CA THR A 313 6.92 -2.81 -37.96
C THR A 313 8.02 -3.71 -38.47
N LEU A 314 9.23 -3.59 -37.88
CA LEU A 314 10.31 -4.51 -38.27
C LEU A 314 10.01 -5.95 -37.88
N TRP A 315 9.33 -6.15 -36.74
CA TRP A 315 9.07 -7.47 -36.18
C TRP A 315 7.98 -8.21 -36.94
N TYR A 316 6.92 -7.52 -37.35
CA TYR A 316 5.82 -8.11 -38.11
C TYR A 316 6.03 -7.92 -39.61
N ASP A 317 7.28 -8.03 -40.06
CA ASP A 317 7.67 -7.75 -41.44
C ASP A 317 6.71 -8.36 -42.47
N GLY A 318 6.32 -9.63 -42.28
CA GLY A 318 5.49 -10.29 -43.26
C GLY A 318 4.01 -9.97 -43.19
N PHE A 319 3.55 -9.37 -42.11
CA PHE A 319 2.13 -9.11 -41.89
C PHE A 319 1.89 -7.61 -41.79
N PRO A 320 1.50 -6.94 -42.87
CA PRO A 320 1.26 -5.49 -42.79
C PRO A 320 0.15 -5.10 -41.82
N GLY A 321 -0.87 -5.94 -41.69
CA GLY A 321 -2.01 -5.58 -40.86
C GLY A 321 -2.20 -6.47 -39.64
N TRP A 322 -1.09 -6.97 -39.08
CA TRP A 322 -1.19 -7.82 -37.90
C TRP A 322 -1.80 -7.07 -36.72
N ARG A 323 -1.55 -5.75 -36.63
CA ARG A 323 -2.12 -4.96 -35.55
C ARG A 323 -3.64 -4.96 -35.58
N ARG A 324 -4.22 -4.98 -36.79
CA ARG A 324 -5.66 -4.82 -36.97
C ARG A 324 -6.37 -6.14 -37.25
N LYS A 325 -5.71 -7.28 -37.05
CA LYS A 325 -6.34 -8.58 -37.24
C LYS A 325 -7.06 -9.01 -35.98
N HIS A 326 -7.98 -9.96 -36.14
CA HIS A 326 -8.75 -10.47 -35.02
C HIS A 326 -7.94 -11.54 -34.28
N TRP A 327 -8.37 -11.82 -33.04
CA TRP A 327 -7.66 -12.78 -32.22
C TRP A 327 -7.65 -14.18 -32.84
N VAL A 328 -8.79 -14.61 -33.37
CA VAL A 328 -8.86 -15.94 -33.97
C VAL A 328 -8.01 -15.99 -35.24
N VAL A 329 -7.97 -14.90 -36.01
CA VAL A 329 -7.15 -14.87 -37.21
C VAL A 329 -5.67 -14.96 -36.84
N LYS A 330 -5.26 -14.23 -35.81
CA LYS A 330 -3.89 -14.33 -35.32
C LYS A 330 -3.56 -15.75 -34.86
N LEU A 331 -4.47 -16.36 -34.11
CA LEU A 331 -4.25 -17.71 -33.61
C LEU A 331 -4.11 -18.70 -34.76
N LEU A 332 -4.98 -18.59 -35.77
CA LEU A 332 -4.91 -19.51 -36.91
C LEU A 332 -3.63 -19.31 -37.71
N THR A 333 -3.22 -18.05 -37.92
CA THR A 333 -1.98 -17.79 -38.64
C THR A 333 -0.78 -18.35 -37.87
N CYS A 334 -0.75 -18.16 -36.56
CA CYS A 334 0.34 -18.70 -35.75
C CYS A 334 0.38 -20.22 -35.82
N MET A 335 -0.78 -20.87 -35.72
CA MET A 335 -0.82 -22.33 -35.82
C MET A 335 -0.33 -22.80 -37.18
N THR A 336 -0.76 -22.14 -38.25
CA THR A 336 -0.35 -22.56 -39.59
C THR A 336 1.14 -22.39 -39.78
N ILE A 337 1.72 -21.27 -39.33
CA ILE A 337 3.15 -21.08 -39.46
C ILE A 337 3.90 -22.09 -38.61
N GLY A 338 3.41 -22.39 -37.41
CA GLY A 338 4.08 -23.35 -36.56
C GLY A 338 4.08 -24.76 -37.12
N PHE A 339 2.95 -25.19 -37.68
CA PHE A 339 2.88 -26.54 -38.24
C PHE A 339 3.75 -26.69 -39.47
N LEU A 340 4.05 -25.60 -40.17
CA LEU A 340 4.87 -25.62 -41.36
C LEU A 340 6.34 -25.32 -41.08
N PHE A 341 6.75 -25.37 -39.81
CA PHE A 341 8.14 -25.09 -39.48
C PHE A 341 9.11 -26.04 -40.15
N PRO A 342 8.86 -27.35 -40.25
CA PRO A 342 9.83 -28.15 -41.00
C PRO A 342 9.92 -27.70 -42.46
N MET A 343 8.78 -27.40 -43.09
CA MET A 343 8.77 -26.96 -44.48
C MET A 343 9.53 -25.66 -44.65
N LEU A 344 9.28 -24.68 -43.78
CA LEU A 344 9.97 -23.39 -43.90
C LEU A 344 11.47 -23.54 -43.67
N SER A 345 11.85 -24.31 -42.65
CA SER A 345 13.28 -24.53 -42.39
C SER A 345 13.95 -25.25 -43.55
N ILE A 346 13.31 -26.28 -44.11
CA ILE A 346 13.93 -27.01 -45.20
C ILE A 346 14.01 -26.14 -46.44
N ALA A 347 12.99 -25.30 -46.66
CA ALA A 347 13.03 -24.37 -47.79
C ALA A 347 14.16 -23.38 -47.66
N TYR A 348 14.38 -22.84 -46.45
CA TYR A 348 15.49 -21.94 -46.24
C TYR A 348 16.83 -22.64 -46.45
N LEU A 349 16.93 -23.90 -46.02
CA LEU A 349 18.16 -24.65 -46.22
C LEU A 349 18.44 -24.87 -47.70
N ILE A 350 17.44 -25.34 -48.46
CA ILE A 350 17.66 -25.73 -49.85
C ILE A 350 17.89 -24.50 -50.72
N SER A 351 17.04 -23.49 -50.58
CA SER A 351 17.10 -22.30 -51.43
C SER A 351 16.81 -21.06 -50.61
N PRO A 352 17.85 -20.44 -50.04
CA PRO A 352 17.63 -19.23 -49.24
C PRO A 352 17.00 -18.08 -50.02
N ARG A 353 17.33 -17.94 -51.30
CA ARG A 353 16.83 -16.84 -52.12
C ARG A 353 15.64 -17.28 -52.95
N SER A 354 14.51 -17.46 -52.27
CA SER A 354 13.26 -17.82 -52.93
C SER A 354 12.11 -17.35 -52.06
N ASN A 355 10.92 -17.31 -52.66
CA ASN A 355 9.75 -16.80 -51.94
C ASN A 355 9.45 -17.64 -50.70
N LEU A 356 9.53 -18.96 -50.83
CA LEU A 356 9.35 -19.81 -49.66
C LEU A 356 10.59 -19.82 -48.78
N GLY A 357 11.77 -19.61 -49.37
CA GLY A 357 13.00 -19.71 -48.60
C GLY A 357 13.17 -18.58 -47.59
N LEU A 358 12.94 -17.34 -48.01
CA LEU A 358 13.18 -16.19 -47.16
C LEU A 358 11.99 -15.83 -46.29
N PHE A 359 10.94 -16.66 -46.28
CA PHE A 359 9.81 -16.40 -45.40
C PHE A 359 10.23 -16.52 -43.94
N ILE A 360 11.09 -17.49 -43.62
CA ILE A 360 11.55 -17.69 -42.26
C ILE A 360 12.53 -16.62 -41.79
N LYS A 361 13.11 -15.84 -42.70
CA LYS A 361 13.99 -14.76 -42.29
C LYS A 361 13.23 -13.63 -41.61
N LYS A 362 11.92 -13.55 -41.82
CA LYS A 362 11.13 -12.52 -41.16
C LYS A 362 11.10 -12.78 -39.66
N PRO A 363 11.33 -11.75 -38.82
CA PRO A 363 11.52 -12.00 -37.39
C PRO A 363 10.37 -12.72 -36.71
N PHE A 364 9.12 -12.36 -36.99
CA PHE A 364 8.01 -13.01 -36.33
C PHE A 364 7.83 -14.44 -36.82
N ILE A 365 8.02 -14.66 -38.12
CA ILE A 365 7.97 -16.02 -38.65
C ILE A 365 9.08 -16.87 -38.06
N LYS A 366 10.28 -16.30 -37.95
CA LYS A 366 11.38 -17.01 -37.34
C LYS A 366 11.07 -17.36 -35.89
N PHE A 367 10.47 -16.43 -35.15
CA PHE A 367 10.11 -16.70 -33.77
C PHE A 367 9.07 -17.82 -33.68
N ILE A 368 8.07 -17.79 -34.55
CA ILE A 368 7.04 -18.83 -34.53
C ILE A 368 7.65 -20.19 -34.86
N CYS A 369 8.55 -20.23 -35.84
CA CYS A 369 9.18 -21.50 -36.20
C CYS A 369 10.05 -22.05 -35.08
N HIS A 370 10.83 -21.18 -34.43
CA HIS A 370 11.65 -21.63 -33.31
C HIS A 370 10.77 -22.13 -32.17
N THR A 371 9.69 -21.40 -31.87
CA THR A 371 8.79 -21.83 -30.82
C THR A 371 8.15 -23.17 -31.14
N ALA A 372 7.73 -23.37 -32.40
CA ALA A 372 7.12 -24.63 -32.80
C ALA A 372 8.11 -25.78 -32.69
N SER A 373 9.36 -25.54 -33.11
CA SER A 373 10.38 -26.57 -32.97
C SER A 373 10.60 -26.93 -31.52
N TYR A 374 10.68 -25.93 -30.63
CA TYR A 374 10.87 -26.22 -29.22
C TYR A 374 9.66 -26.95 -28.64
N LEU A 375 8.46 -26.61 -29.12
CA LEU A 375 7.26 -27.29 -28.65
C LEU A 375 7.24 -28.74 -29.08
N THR A 376 7.67 -29.05 -30.31
CA THR A 376 7.77 -30.45 -30.72
C THR A 376 8.84 -31.16 -29.91
N PHE A 377 9.93 -30.48 -29.56
CA PHE A 377 10.94 -31.08 -28.70
C PHE A 377 10.36 -31.44 -27.35
N LEU A 378 9.57 -30.54 -26.75
CA LEU A 378 8.95 -30.84 -25.47
C LEU A 378 7.91 -31.95 -25.60
N PHE A 379 7.19 -31.99 -26.72
CA PHE A 379 6.22 -33.04 -26.94
C PHE A 379 6.90 -34.41 -27.03
N MET A 380 8.05 -34.47 -27.70
CA MET A 380 8.80 -35.72 -27.75
C MET A 380 9.42 -36.05 -26.40
N LEU A 381 9.79 -35.05 -25.61
CA LEU A 381 10.22 -35.32 -24.24
C LEU A 381 9.10 -35.96 -23.45
N LEU A 382 7.87 -35.49 -23.63
CA LEU A 382 6.71 -36.15 -23.03
C LEU A 382 6.56 -37.57 -23.56
N LEU A 383 6.75 -37.76 -24.86
CA LEU A 383 6.63 -39.09 -25.45
C LEU A 383 7.69 -40.05 -24.92
N ALA A 384 8.85 -39.54 -24.49
CA ALA A 384 9.90 -40.42 -24.02
C ALA A 384 9.50 -41.18 -22.77
N SER A 385 8.47 -40.72 -22.07
CA SER A 385 7.97 -41.42 -20.89
C SER A 385 6.75 -42.28 -21.16
N GLN A 386 5.94 -41.92 -22.15
CA GLN A 386 4.81 -42.75 -22.54
C GLN A 386 5.31 -44.04 -23.16
N HIS A 387 4.51 -45.10 -23.01
CA HIS A 387 4.93 -46.45 -23.44
C HIS A 387 4.56 -46.67 -24.90
N ILE A 388 5.27 -45.95 -25.76
CA ILE A 388 5.23 -46.15 -27.21
C ILE A 388 6.55 -46.78 -27.60
N VAL A 389 6.48 -48.00 -28.14
CA VAL A 389 7.64 -48.85 -28.46
C VAL A 389 8.73 -48.67 -27.38
N ARG A 390 8.34 -48.90 -26.13
CA ARG A 390 9.26 -48.74 -25.01
C ARG A 390 10.16 -49.98 -24.87
N THR A 391 11.42 -49.73 -24.55
CA THR A 391 12.36 -50.83 -24.31
C THR A 391 12.01 -51.57 -23.03
N ASP A 392 12.42 -52.83 -22.96
CA ASP A 392 12.28 -53.60 -21.73
C ASP A 392 13.06 -52.93 -20.60
N LEU A 393 12.41 -52.73 -19.46
CA LEU A 393 13.04 -51.97 -18.39
C LEU A 393 14.12 -52.76 -17.66
N HIS A 394 14.27 -54.06 -17.95
CA HIS A 394 15.30 -54.86 -17.34
C HIS A 394 16.60 -54.87 -18.13
N VAL A 395 16.66 -54.17 -19.26
CA VAL A 395 17.87 -54.12 -20.06
C VAL A 395 18.78 -53.03 -19.51
N GLN A 396 19.96 -53.41 -19.07
CA GLN A 396 20.95 -52.42 -18.64
C GLN A 396 21.73 -51.93 -19.85
N GLY A 397 21.88 -50.62 -19.96
CA GLY A 397 22.48 -50.02 -21.13
C GLY A 397 21.76 -50.39 -22.41
N PRO A 398 20.51 -49.99 -22.54
CA PRO A 398 19.76 -50.30 -23.76
C PRO A 398 20.12 -49.32 -24.86
N PRO A 399 19.90 -49.69 -26.13
CA PRO A 399 20.04 -48.72 -27.21
C PRO A 399 18.91 -47.71 -27.17
N PRO A 400 19.11 -46.52 -27.74
CA PRO A 400 18.05 -45.52 -27.72
C PRO A 400 16.80 -45.98 -28.46
N THR A 401 15.65 -45.56 -27.94
CA THR A 401 14.39 -45.78 -28.63
C THR A 401 14.28 -44.84 -29.82
N VAL A 402 13.20 -44.98 -30.59
CA VAL A 402 12.99 -44.05 -31.70
C VAL A 402 12.75 -42.65 -31.17
N VAL A 403 12.08 -42.52 -30.02
CA VAL A 403 11.87 -41.20 -29.43
C VAL A 403 13.19 -40.56 -29.05
N GLU A 404 14.09 -41.34 -28.43
CA GLU A 404 15.40 -40.79 -28.07
C GLU A 404 16.25 -40.51 -29.30
N TRP A 405 16.12 -41.32 -30.35
CA TRP A 405 16.82 -41.03 -31.59
C TRP A 405 16.33 -39.74 -32.21
N MET A 406 15.05 -39.41 -32.05
CA MET A 406 14.54 -38.14 -32.56
C MET A 406 14.90 -36.97 -31.64
N ILE A 407 15.04 -37.23 -30.33
CA ILE A 407 15.47 -36.19 -29.40
C ILE A 407 16.93 -35.82 -29.62
N LEU A 408 17.74 -36.77 -30.06
CA LEU A 408 19.17 -36.51 -30.24
C LEU A 408 19.47 -35.33 -31.16
N PRO A 409 18.89 -35.21 -32.36
CA PRO A 409 19.19 -34.02 -33.17
C PRO A 409 18.80 -32.73 -32.48
N TRP A 410 17.69 -32.70 -31.75
CA TRP A 410 17.32 -31.49 -31.03
C TRP A 410 18.35 -31.12 -29.97
N VAL A 411 18.84 -32.11 -29.22
CA VAL A 411 19.86 -31.84 -28.20
C VAL A 411 21.14 -31.34 -28.85
N LEU A 412 21.55 -31.97 -29.95
CA LEU A 412 22.75 -31.50 -30.65
C LEU A 412 22.57 -30.07 -31.14
N GLY A 413 21.38 -29.74 -31.68
CA GLY A 413 21.13 -28.39 -32.13
C GLY A 413 21.16 -27.38 -31.01
N PHE A 414 20.59 -27.73 -29.86
CA PHE A 414 20.61 -26.84 -28.71
C PHE A 414 22.05 -26.58 -28.25
N ILE A 415 22.85 -27.64 -28.17
CA ILE A 415 24.24 -27.48 -27.72
C ILE A 415 25.02 -26.60 -28.70
N TRP A 416 24.84 -26.87 -30.00
CA TRP A 416 25.54 -26.08 -31.02
C TRP A 416 25.10 -24.63 -30.99
N GLY A 417 23.80 -24.39 -30.85
CA GLY A 417 23.32 -23.02 -30.78
C GLY A 417 23.85 -22.28 -29.57
N GLU A 418 23.90 -22.95 -28.42
CA GLU A 418 24.41 -22.30 -27.22
C GLU A 418 25.90 -21.98 -27.34
N ILE A 419 26.69 -22.90 -27.92
CA ILE A 419 28.11 -22.59 -28.06
C ILE A 419 28.32 -21.48 -29.08
N LYS A 420 27.50 -21.43 -30.14
CA LYS A 420 27.56 -20.29 -31.06
C LYS A 420 27.25 -18.99 -30.35
N GLU A 421 26.20 -18.99 -29.53
CA GLU A 421 25.79 -17.76 -28.84
C GLU A 421 26.86 -17.28 -27.88
N MET A 422 27.45 -18.19 -27.10
CA MET A 422 28.50 -17.80 -26.16
C MET A 422 29.81 -17.47 -26.88
N TRP A 423 30.03 -18.01 -28.08
CA TRP A 423 31.21 -17.65 -28.85
C TRP A 423 31.09 -16.24 -29.43
N ASP A 424 29.92 -15.91 -29.99
CA ASP A 424 29.74 -14.61 -30.59
C ASP A 424 29.61 -13.51 -29.53
N GLY A 425 28.80 -13.75 -28.51
CA GLY A 425 28.49 -12.69 -27.55
C GLY A 425 29.46 -12.55 -26.39
N GLY A 426 30.20 -13.60 -26.08
CA GLY A 426 31.07 -13.60 -24.92
C GLY A 426 30.39 -14.15 -23.69
N PHE A 427 31.22 -14.47 -22.69
CA PHE A 427 30.71 -15.16 -21.51
C PHE A 427 29.91 -14.23 -20.60
N THR A 428 30.39 -12.99 -20.42
CA THR A 428 29.73 -12.09 -19.48
C THR A 428 28.34 -11.70 -19.96
N GLU A 429 28.17 -11.47 -21.26
CA GLU A 429 26.85 -11.18 -21.79
C GLU A 429 25.94 -12.41 -21.70
N TYR A 430 26.52 -13.61 -21.86
CA TYR A 430 25.75 -14.84 -21.76
C TYR A 430 25.23 -15.05 -20.34
N ILE A 431 26.08 -14.82 -19.33
CA ILE A 431 25.70 -15.09 -17.95
C ILE A 431 24.77 -14.01 -17.39
N HIS A 432 24.73 -12.81 -17.98
CA HIS A 432 23.78 -11.80 -17.55
C HIS A 432 22.33 -12.28 -17.72
N ASP A 433 22.11 -13.27 -18.56
CA ASP A 433 20.79 -13.85 -18.79
C ASP A 433 20.67 -15.13 -17.97
N TRP A 434 19.72 -15.14 -17.02
CA TRP A 434 19.49 -16.36 -16.24
C TRP A 434 18.98 -17.49 -17.11
N TRP A 435 18.20 -17.16 -18.15
CA TRP A 435 17.73 -18.18 -19.07
C TRP A 435 18.89 -18.87 -19.79
N ASN A 436 19.94 -18.12 -20.12
CA ASN A 436 21.10 -18.74 -20.75
C ASN A 436 21.84 -19.63 -19.78
N LEU A 437 21.89 -19.26 -18.50
CA LEU A 437 22.46 -20.12 -17.48
C LEU A 437 21.68 -21.44 -17.37
N MET A 438 20.34 -21.34 -17.40
CA MET A 438 19.53 -22.55 -17.38
C MET A 438 19.73 -23.39 -18.63
N ASP A 439 19.91 -22.73 -19.78
CA ASP A 439 20.24 -23.46 -21.01
C ASP A 439 21.56 -24.21 -20.87
N PHE A 440 22.55 -23.57 -20.28
CA PHE A 440 23.84 -24.23 -20.07
C PHE A 440 23.69 -25.45 -19.18
N ALA A 441 22.95 -25.31 -18.08
CA ALA A 441 22.73 -26.45 -17.19
C ALA A 441 21.98 -27.56 -17.90
N MET A 442 20.95 -27.21 -18.67
CA MET A 442 20.15 -28.20 -19.39
C MET A 442 20.99 -28.95 -20.42
N ASN A 443 21.82 -28.25 -21.18
CA ASN A 443 22.64 -28.91 -22.19
C ASN A 443 23.73 -29.75 -21.55
N SER A 444 24.29 -29.29 -20.43
CA SER A 444 25.26 -30.12 -19.72
C SER A 444 24.61 -31.41 -19.23
N LEU A 445 23.39 -31.32 -18.71
CA LEU A 445 22.69 -32.51 -18.25
C LEU A 445 22.38 -33.45 -19.42
N TYR A 446 21.97 -32.90 -20.56
CA TYR A 446 21.71 -33.73 -21.74
C TYR A 446 22.99 -34.42 -22.22
N LEU A 447 24.10 -33.70 -22.24
CA LEU A 447 25.36 -34.29 -22.66
C LEU A 447 25.80 -35.39 -21.70
N ALA A 448 25.60 -35.17 -20.40
CA ALA A 448 25.91 -36.20 -19.41
C ALA A 448 25.00 -37.42 -19.58
N THR A 449 23.73 -37.20 -19.93
CA THR A 449 22.83 -38.30 -20.20
C THR A 449 23.31 -39.13 -21.38
N ILE A 450 23.72 -38.46 -22.46
CA ILE A 450 24.24 -39.17 -23.63
C ILE A 450 25.49 -39.97 -23.26
N SER A 451 26.40 -39.35 -22.49
CA SER A 451 27.63 -40.02 -22.11
C SER A 451 27.36 -41.25 -21.25
N LEU A 452 26.46 -41.12 -20.28
CA LEU A 452 26.15 -42.26 -19.40
C LEU A 452 25.42 -43.36 -20.16
N LYS A 453 24.55 -42.99 -21.10
CA LYS A 453 23.91 -44.01 -21.92
C LYS A 453 24.94 -44.78 -22.76
N ILE A 454 25.90 -44.06 -23.34
CA ILE A 454 26.94 -44.73 -24.12
C ILE A 454 27.78 -45.64 -23.22
N VAL A 455 28.14 -45.15 -22.03
CA VAL A 455 28.95 -45.94 -21.11
C VAL A 455 28.22 -47.21 -20.72
N ALA A 456 26.94 -47.09 -20.35
CA ALA A 456 26.16 -48.26 -19.97
C ALA A 456 25.96 -49.21 -21.14
N TYR A 457 25.85 -48.68 -22.34
CA TYR A 457 25.69 -49.55 -23.51
C TYR A 457 26.95 -50.36 -23.77
N VAL A 458 28.12 -49.71 -23.71
CA VAL A 458 29.35 -50.43 -24.00
C VAL A 458 29.82 -51.28 -22.83
N LYS A 459 29.33 -51.03 -21.61
CA LYS A 459 29.79 -51.78 -20.45
C LYS A 459 28.89 -52.95 -20.10
N TYR A 460 27.58 -52.79 -20.23
CA TYR A 460 26.62 -53.82 -19.85
C TYR A 460 25.99 -54.44 -21.09
N ASN A 461 25.89 -55.76 -21.11
CA ASN A 461 25.29 -56.50 -22.21
C ASN A 461 24.03 -57.24 -21.85
N GLY A 462 23.89 -57.67 -20.59
CA GLY A 462 22.82 -58.56 -20.19
C GLY A 462 21.50 -57.84 -19.96
N SER A 463 20.58 -58.58 -19.36
CA SER A 463 19.24 -58.10 -19.05
C SER A 463 18.90 -58.40 -17.59
N ARG A 464 19.81 -58.03 -16.69
CA ARG A 464 19.64 -58.29 -15.27
C ARG A 464 18.40 -57.55 -14.75
N PRO A 465 17.61 -58.17 -13.88
CA PRO A 465 16.38 -57.52 -13.39
C PRO A 465 16.68 -56.20 -12.70
N ARG A 466 15.76 -55.25 -12.85
CA ARG A 466 16.01 -53.89 -12.38
C ARG A 466 16.11 -53.82 -10.86
N GLU A 467 15.44 -54.72 -10.15
CA GLU A 467 15.48 -54.71 -8.70
C GLU A 467 16.86 -54.99 -8.15
N GLU A 468 17.72 -55.65 -8.92
CA GLU A 468 19.05 -56.04 -8.46
C GLU A 468 20.13 -55.06 -8.88
N TRP A 469 19.79 -53.98 -9.57
CA TRP A 469 20.80 -53.04 -10.02
C TRP A 469 21.44 -52.34 -8.84
N GLU A 470 22.72 -51.98 -9.01
CA GLU A 470 23.42 -51.19 -8.02
C GLU A 470 22.79 -49.80 -7.92
N MET A 471 23.00 -49.15 -6.77
CA MET A 471 22.42 -47.82 -6.57
C MET A 471 22.95 -46.82 -7.60
N TRP A 472 24.24 -46.89 -7.91
CA TRP A 472 24.87 -45.97 -8.86
C TRP A 472 25.04 -46.61 -10.23
N HIS A 473 24.09 -47.44 -10.63
CA HIS A 473 24.11 -48.02 -11.96
C HIS A 473 24.03 -46.90 -12.99
N PRO A 474 24.88 -46.90 -14.03
CA PRO A 474 24.88 -45.76 -14.96
C PRO A 474 23.55 -45.55 -15.68
N THR A 475 22.77 -46.61 -15.89
CA THR A 475 21.45 -46.41 -16.51
C THR A 475 20.54 -45.60 -15.60
N LEU A 476 20.55 -45.90 -14.30
CA LEU A 476 19.73 -45.14 -13.36
C LEU A 476 20.15 -43.67 -13.33
N ILE A 477 21.45 -43.41 -13.30
CA ILE A 477 21.92 -42.03 -13.27
C ILE A 477 21.58 -41.32 -14.56
N ALA A 478 21.70 -42.02 -15.70
CA ALA A 478 21.34 -41.41 -16.98
C ALA A 478 19.87 -41.03 -17.01
N GLU A 479 19.00 -41.92 -16.52
CA GLU A 479 17.57 -41.62 -16.50
C GLU A 479 17.25 -40.45 -15.57
N ALA A 480 17.90 -40.40 -14.40
CA ALA A 480 17.66 -39.28 -13.49
C ALA A 480 18.10 -37.96 -14.11
N LEU A 481 19.28 -37.94 -14.75
CA LEU A 481 19.75 -36.73 -15.39
C LEU A 481 18.82 -36.33 -16.54
N PHE A 482 18.32 -37.32 -17.29
CA PHE A 482 17.40 -37.01 -18.38
C PHE A 482 16.11 -36.41 -17.85
N ALA A 483 15.61 -36.91 -16.73
CA ALA A 483 14.39 -36.34 -16.16
C ALA A 483 14.63 -34.91 -15.67
N ILE A 484 15.78 -34.64 -15.04
CA ILE A 484 16.09 -33.27 -14.64
C ILE A 484 16.17 -32.37 -15.86
N SER A 485 16.78 -32.87 -16.93
CA SER A 485 16.86 -32.09 -18.17
C SER A 485 15.48 -31.81 -18.73
N ASN A 486 14.56 -32.77 -18.61
CA ASN A 486 13.19 -32.54 -19.04
C ASN A 486 12.54 -31.42 -18.25
N ILE A 487 12.76 -31.42 -16.93
CA ILE A 487 12.23 -30.33 -16.10
C ILE A 487 12.75 -28.99 -16.59
N LEU A 488 14.07 -28.90 -16.80
CA LEU A 488 14.67 -27.65 -17.22
C LEU A 488 14.19 -27.22 -18.60
N SER A 489 14.08 -28.17 -19.53
CA SER A 489 13.63 -27.85 -20.88
C SER A 489 12.20 -27.33 -20.87
N SER A 490 11.33 -27.96 -20.08
CA SER A 490 9.95 -27.48 -20.05
C SER A 490 9.84 -26.15 -19.32
N LEU A 491 10.65 -25.93 -18.29
CA LEU A 491 10.67 -24.64 -17.61
C LEU A 491 11.23 -23.53 -18.50
N ARG A 492 12.01 -23.88 -19.51
CA ARG A 492 12.51 -22.88 -20.44
C ARG A 492 11.39 -22.17 -21.19
N LEU A 493 10.19 -22.75 -21.23
CA LEU A 493 9.07 -22.12 -21.93
C LEU A 493 8.63 -20.81 -21.30
N ILE A 494 8.94 -20.59 -20.02
CA ILE A 494 8.51 -19.37 -19.35
C ILE A 494 9.11 -18.14 -20.03
N SER A 495 10.32 -18.26 -20.56
CA SER A 495 10.97 -17.13 -21.21
C SER A 495 10.21 -16.65 -22.44
N LEU A 496 9.35 -17.49 -23.02
CA LEU A 496 8.56 -17.08 -24.17
C LEU A 496 7.37 -16.21 -23.79
N PHE A 497 7.09 -16.05 -22.50
CA PHE A 497 6.03 -15.15 -22.08
C PHE A 497 6.35 -13.71 -22.44
N THR A 498 7.63 -13.37 -22.54
CA THR A 498 8.03 -12.00 -22.85
C THR A 498 7.41 -11.51 -24.15
N ALA A 499 7.18 -12.42 -25.10
CA ALA A 499 6.58 -12.04 -26.37
C ALA A 499 5.11 -11.69 -26.25
N ASN A 500 4.46 -12.00 -25.12
CA ASN A 500 3.03 -11.82 -24.97
C ASN A 500 2.74 -10.56 -24.18
N SER A 501 1.65 -9.86 -24.57
CA SER A 501 1.30 -8.61 -23.91
C SER A 501 0.69 -8.82 -22.53
N HIS A 502 0.02 -9.95 -22.30
CA HIS A 502 -0.64 -10.21 -21.04
C HIS A 502 0.26 -10.94 -20.04
N LEU A 503 0.98 -11.97 -20.49
CA LEU A 503 1.83 -12.75 -19.61
C LEU A 503 3.23 -12.17 -19.45
N GLY A 504 3.65 -11.31 -20.38
CA GLY A 504 4.98 -10.75 -20.36
C GLY A 504 5.30 -9.89 -19.16
N PRO A 505 4.48 -8.86 -18.91
CA PRO A 505 4.72 -8.03 -17.72
C PRO A 505 4.71 -8.84 -16.43
N LEU A 506 3.82 -9.82 -16.35
CA LEU A 506 3.74 -10.66 -15.16
C LEU A 506 5.01 -11.47 -14.97
N GLN A 507 5.50 -12.10 -16.04
CA GLN A 507 6.70 -12.91 -15.94
C GLN A 507 7.91 -12.05 -15.57
N ILE A 508 8.01 -10.85 -16.15
CA ILE A 508 9.12 -9.97 -15.82
C ILE A 508 9.05 -9.55 -14.36
N SER A 509 7.84 -9.27 -13.85
CA SER A 509 7.69 -8.89 -12.45
C SER A 509 8.12 -10.02 -11.51
N LEU A 510 7.72 -11.25 -11.82
CA LEU A 510 8.14 -12.38 -10.99
C LEU A 510 9.65 -12.53 -11.01
N GLY A 511 10.25 -12.41 -12.21
CA GLY A 511 11.69 -12.49 -12.29
C GLY A 511 12.38 -11.43 -11.46
N ARG A 512 11.81 -10.23 -11.41
CA ARG A 512 12.40 -9.17 -10.60
C ARG A 512 12.23 -9.45 -9.10
N MET A 513 11.15 -10.12 -8.72
CA MET A 513 10.96 -10.49 -7.31
C MET A 513 11.89 -11.60 -6.85
N LEU A 514 12.38 -12.41 -7.79
CA LEU A 514 13.18 -13.58 -7.43
C LEU A 514 14.39 -13.24 -6.57
N LEU A 515 15.00 -12.05 -6.74
CA LEU A 515 16.23 -11.78 -6.01
C LEU A 515 15.97 -11.54 -4.52
N ASP A 516 14.94 -10.76 -4.20
CA ASP A 516 14.56 -10.60 -2.79
C ASP A 516 14.11 -11.94 -2.21
N ILE A 517 13.42 -12.76 -3.01
CA ILE A 517 13.09 -14.10 -2.54
C ILE A 517 14.35 -14.87 -2.20
N LEU A 518 15.40 -14.74 -3.02
CA LEU A 518 16.64 -15.47 -2.76
C LEU A 518 17.32 -15.01 -1.47
N LYS A 519 17.34 -13.70 -1.23
CA LYS A 519 17.93 -13.22 0.02
C LYS A 519 17.18 -13.77 1.22
N PHE A 520 15.84 -13.76 1.16
CA PHE A 520 15.08 -14.31 2.28
C PHE A 520 15.33 -15.80 2.44
N LEU A 521 15.49 -16.52 1.32
CA LEU A 521 15.84 -17.93 1.40
C LEU A 521 17.19 -18.13 2.08
N PHE A 522 18.12 -17.20 1.89
CA PHE A 522 19.41 -17.29 2.58
C PHE A 522 19.22 -17.23 4.09
N ILE A 523 18.45 -16.25 4.56
CA ILE A 523 18.21 -16.17 6.01
C ILE A 523 17.47 -17.41 6.51
N TYR A 524 16.51 -17.90 5.72
CA TYR A 524 15.81 -19.12 6.11
C TYR A 524 16.77 -20.30 6.21
N CYS A 525 17.73 -20.39 5.29
CA CYS A 525 18.69 -21.50 5.32
C CYS A 525 19.56 -21.43 6.56
N LEU A 526 19.91 -20.21 7.00
CA LEU A 526 20.62 -20.10 8.27
C LEU A 526 19.79 -20.64 9.43
N VAL A 527 18.52 -20.27 9.49
CA VAL A 527 17.65 -20.78 10.56
C VAL A 527 17.52 -22.30 10.46
N LEU A 528 17.38 -22.82 9.24
CA LEU A 528 17.26 -24.25 9.01
C LEU A 528 18.50 -24.98 9.50
N LEU A 529 19.68 -24.45 9.19
CA LEU A 529 20.92 -25.08 9.66
C LEU A 529 20.99 -25.07 11.17
N ALA A 530 20.56 -23.97 11.81
CA ALA A 530 20.57 -23.92 13.27
C ALA A 530 19.72 -25.02 13.87
N PHE A 531 18.47 -25.12 13.43
CA PHE A 531 17.59 -26.12 14.05
C PHE A 531 17.98 -27.54 13.65
N ALA A 532 18.53 -27.73 12.45
CA ALA A 532 19.02 -29.05 12.07
C ALA A 532 20.17 -29.47 12.97
N ASN A 533 21.10 -28.56 13.24
CA ASN A 533 22.19 -28.86 14.16
C ASN A 533 21.65 -29.27 15.52
N GLY A 534 20.70 -28.49 16.06
CA GLY A 534 20.17 -28.82 17.38
C GLY A 534 19.45 -30.16 17.41
N LEU A 535 18.56 -30.40 16.45
CA LEU A 535 17.77 -31.62 16.45
C LEU A 535 18.64 -32.85 16.22
N ASN A 536 19.60 -32.77 15.30
CA ASN A 536 20.52 -33.88 15.11
C ASN A 536 21.33 -34.15 16.36
N GLN A 537 21.82 -33.08 17.01
CA GLN A 537 22.57 -33.26 18.25
C GLN A 537 21.72 -33.96 19.31
N LEU A 538 20.43 -33.66 19.35
CA LEU A 538 19.57 -34.28 20.36
C LEU A 538 19.26 -35.73 20.02
N TYR A 539 19.06 -36.05 18.75
CA TYR A 539 18.47 -37.33 18.37
C TYR A 539 19.46 -38.36 17.81
N PHE A 540 20.73 -38.00 17.60
CA PHE A 540 21.61 -38.96 16.91
C PHE A 540 21.91 -40.19 17.76
N TYR A 541 21.67 -40.14 19.06
CA TYR A 541 21.91 -41.32 19.89
C TYR A 541 20.93 -42.44 19.57
N TYR A 542 19.71 -42.10 19.16
CA TYR A 542 18.64 -43.06 18.98
C TYR A 542 18.48 -43.50 17.54
N GLU A 543 19.54 -43.40 16.74
CA GLU A 543 19.49 -43.91 15.39
C GLU A 543 19.35 -45.43 15.41
N THR A 544 18.43 -45.94 14.60
CA THR A 544 18.18 -47.38 14.52
C THR A 544 18.44 -47.85 13.10
N ARG A 545 18.81 -49.12 12.97
CA ARG A 545 19.13 -49.67 11.67
C ARG A 545 17.87 -49.85 10.83
N ALA A 546 18.07 -49.95 9.51
CA ALA A 546 16.93 -50.19 8.62
C ALA A 546 16.32 -51.56 8.87
N ILE A 547 17.11 -52.52 9.34
CA ILE A 547 16.59 -53.86 9.57
C ILE A 547 15.52 -53.85 10.65
N ASP A 548 15.70 -53.02 11.68
CA ASP A 548 14.73 -52.93 12.76
C ASP A 548 13.44 -52.21 12.37
N GLU A 549 13.42 -51.52 11.24
CA GLU A 549 12.25 -50.76 10.83
C GLU A 549 11.20 -51.67 10.20
N PRO A 550 9.93 -51.25 10.21
CA PRO A 550 8.85 -52.17 9.81
C PRO A 550 8.99 -52.74 8.41
N ASN A 551 9.46 -51.96 7.45
CA ASN A 551 9.52 -52.40 6.06
C ASN A 551 10.94 -52.51 5.54
N ASN A 552 11.92 -52.63 6.44
CA ASN A 552 13.34 -52.48 6.10
C ASN A 552 13.61 -51.14 5.44
N CYS A 553 12.79 -50.15 5.75
CA CYS A 553 12.88 -48.80 5.20
C CYS A 553 13.28 -47.85 6.33
N LYS A 554 14.38 -47.14 6.13
CA LYS A 554 14.87 -46.17 7.10
C LYS A 554 14.82 -44.79 6.48
N GLY A 555 14.17 -43.85 7.15
CA GLY A 555 14.06 -42.49 6.67
C GLY A 555 12.65 -41.97 6.77
N ILE A 556 12.44 -40.77 6.23
CA ILE A 556 11.15 -40.09 6.34
C ILE A 556 10.35 -40.31 5.07
N ARG A 557 10.85 -41.17 4.18
CA ARG A 557 10.14 -41.51 2.96
C ARG A 557 9.49 -42.87 3.03
N CYS A 558 9.32 -43.42 4.23
CA CYS A 558 8.63 -44.68 4.42
C CYS A 558 7.18 -44.43 4.81
N GLU A 559 6.38 -45.50 4.80
CA GLU A 559 5.00 -45.36 5.23
C GLU A 559 4.91 -44.93 6.68
N LYS A 560 5.74 -45.51 7.54
CA LYS A 560 5.90 -45.05 8.93
C LYS A 560 7.25 -44.36 9.02
N GLN A 561 7.24 -43.03 9.12
CA GLN A 561 8.47 -42.27 9.12
C GLN A 561 9.27 -42.56 10.38
N ASN A 562 10.59 -42.58 10.23
CA ASN A 562 11.49 -42.92 11.31
C ASN A 562 12.85 -42.32 11.01
N ASN A 563 13.68 -42.24 12.06
CA ASN A 563 15.03 -41.69 11.94
C ASN A 563 15.01 -40.32 11.30
N ALA A 564 14.04 -39.49 11.70
CA ALA A 564 13.92 -38.17 11.09
C ALA A 564 15.13 -37.30 11.40
N PHE A 565 15.69 -37.44 12.60
CA PHE A 565 16.78 -36.58 13.04
C PHE A 565 18.00 -37.39 13.44
N SER A 566 18.19 -38.58 12.84
CA SER A 566 19.32 -39.42 13.19
C SER A 566 20.62 -38.93 12.58
N THR A 567 20.58 -38.41 11.36
CA THR A 567 21.76 -37.85 10.70
C THR A 567 21.48 -36.43 10.26
N LEU A 568 22.55 -35.66 10.06
CA LEU A 568 22.40 -34.25 9.72
C LEU A 568 21.70 -34.08 8.38
N PHE A 569 22.07 -34.88 7.39
CA PHE A 569 21.43 -34.80 6.08
C PHE A 569 19.95 -35.11 6.18
N GLU A 570 19.62 -36.19 6.90
CA GLU A 570 18.23 -36.54 7.10
C GLU A 570 17.49 -35.50 7.93
N THR A 571 18.18 -34.87 8.89
CA THR A 571 17.54 -33.81 9.67
C THR A 571 17.18 -32.62 8.79
N LEU A 572 18.09 -32.23 7.88
CA LEU A 572 17.79 -31.15 6.94
C LEU A 572 16.60 -31.52 6.06
N GLN A 573 16.56 -32.76 5.56
CA GLN A 573 15.42 -33.20 4.76
C GLN A 573 14.12 -33.14 5.57
N SER A 574 14.18 -33.59 6.83
CA SER A 574 12.98 -33.62 7.66
C SER A 574 12.44 -32.21 7.90
N LEU A 575 13.32 -31.26 8.21
CA LEU A 575 12.86 -29.90 8.43
C LEU A 575 12.33 -29.27 7.15
N PHE A 576 13.00 -29.54 6.02
CA PHE A 576 12.50 -29.03 4.75
C PHE A 576 11.10 -29.55 4.47
N TRP A 577 10.86 -30.82 4.72
CA TRP A 577 9.54 -31.38 4.44
C TRP A 577 8.52 -30.96 5.49
N SER A 578 8.94 -30.67 6.71
CA SER A 578 8.03 -30.11 7.70
C SER A 578 7.60 -28.70 7.34
N VAL A 579 8.41 -28.01 6.54
CA VAL A 579 7.94 -26.73 6.00
C VAL A 579 6.61 -26.91 5.27
N PHE A 580 6.49 -27.98 4.50
CA PHE A 580 5.27 -28.27 3.75
C PHE A 580 4.35 -29.24 4.48
N GLY A 581 4.59 -29.48 5.76
CA GLY A 581 3.70 -30.30 6.55
C GLY A 581 3.68 -31.77 6.21
N LEU A 582 4.73 -32.27 5.55
CA LEU A 582 4.80 -33.67 5.17
C LEU A 582 5.54 -34.52 6.19
N LEU A 583 6.03 -33.92 7.27
CA LEU A 583 6.67 -34.66 8.35
C LEU A 583 5.67 -34.82 9.49
N ASN A 584 5.44 -36.07 9.88
CA ASN A 584 4.46 -36.37 10.93
C ASN A 584 5.07 -36.17 12.30
N LEU A 585 4.21 -35.90 13.27
CA LEU A 585 4.69 -35.53 14.61
C LEU A 585 5.37 -36.69 15.32
N TYR A 586 4.95 -37.92 15.05
CA TYR A 586 5.47 -39.05 15.81
C TYR A 586 6.94 -39.30 15.56
N VAL A 587 7.54 -38.66 14.56
CA VAL A 587 8.98 -38.76 14.35
C VAL A 587 9.76 -38.12 15.49
N THR A 588 9.09 -37.38 16.38
CA THR A 588 9.77 -36.82 17.54
C THR A 588 9.86 -37.80 18.70
N ASN A 589 9.37 -39.02 18.53
CA ASN A 589 9.47 -40.07 19.54
C ASN A 589 10.68 -40.96 19.27
N VAL A 590 11.13 -41.64 20.33
CA VAL A 590 12.21 -42.61 20.25
C VAL A 590 11.72 -43.92 20.85
N LYS A 591 12.43 -45.00 20.54
CA LYS A 591 12.04 -46.31 21.03
C LYS A 591 12.01 -46.36 22.55
N ALA A 592 13.06 -45.83 23.19
CA ALA A 592 13.18 -45.93 24.63
C ALA A 592 12.16 -45.07 25.37
N ARG A 593 11.45 -44.19 24.69
CA ARG A 593 10.44 -43.31 25.30
C ARG A 593 11.04 -42.50 26.44
N HIS A 594 12.18 -41.86 26.16
CA HIS A 594 12.75 -40.87 27.06
C HIS A 594 11.91 -39.61 26.97
N GLU A 595 11.00 -39.43 27.94
CA GLU A 595 9.97 -38.40 27.80
C GLU A 595 10.58 -37.01 27.75
N PHE A 596 11.62 -36.74 28.55
CA PHE A 596 12.24 -35.43 28.52
C PHE A 596 12.91 -35.17 27.18
N THR A 597 13.65 -36.15 26.65
CA THR A 597 14.29 -35.98 25.36
C THR A 597 13.27 -35.78 24.26
N GLU A 598 12.18 -36.57 24.28
CA GLU A 598 11.16 -36.46 23.26
C GLU A 598 10.43 -35.12 23.35
N PHE A 599 10.19 -34.62 24.57
CA PHE A 599 9.55 -33.32 24.70
C PHE A 599 10.47 -32.20 24.23
N VAL A 600 11.76 -32.28 24.55
CA VAL A 600 12.70 -31.27 24.06
C VAL A 600 12.76 -31.29 22.54
N GLY A 601 12.76 -32.48 21.95
CA GLY A 601 12.75 -32.56 20.49
C GLY A 601 11.49 -32.01 19.88
N ALA A 602 10.34 -32.31 20.48
CA ALA A 602 9.08 -31.78 19.98
C ALA A 602 9.04 -30.26 20.11
N THR A 603 9.64 -29.71 21.17
CA THR A 603 9.68 -28.27 21.33
C THR A 603 10.64 -27.61 20.35
N MET A 604 11.77 -28.25 20.06
CA MET A 604 12.65 -27.76 19.00
C MET A 604 11.92 -27.74 17.66
N PHE A 605 11.23 -28.84 17.36
CA PHE A 605 10.48 -28.94 16.11
C PHE A 605 9.39 -27.88 16.05
N GLY A 606 8.69 -27.64 17.16
CA GLY A 606 7.66 -26.63 17.18
C GLY A 606 8.19 -25.21 17.07
N THR A 607 9.32 -24.93 17.72
CA THR A 607 9.94 -23.62 17.58
C THR A 607 10.38 -23.41 16.13
N TYR A 608 10.93 -24.45 15.50
CA TYR A 608 11.27 -24.35 14.10
C TYR A 608 10.04 -24.06 13.25
N ASN A 609 8.93 -24.74 13.55
CA ASN A 609 7.71 -24.52 12.79
C ASN A 609 7.17 -23.10 12.96
N VAL A 610 7.19 -22.59 14.19
CA VAL A 610 6.73 -21.22 14.43
C VAL A 610 7.64 -20.24 13.69
N ILE A 611 8.95 -20.44 13.76
CA ILE A 611 9.89 -19.52 13.15
C ILE A 611 9.74 -19.52 11.63
N SER A 612 9.63 -20.69 11.02
CA SER A 612 9.66 -20.76 9.57
C SER A 612 8.29 -20.50 8.96
N LEU A 613 7.23 -21.05 9.55
CA LEU A 613 5.90 -20.99 8.94
C LEU A 613 5.07 -19.80 9.42
N VAL A 614 5.23 -19.38 10.67
CA VAL A 614 4.44 -18.26 11.18
C VAL A 614 5.19 -16.95 11.07
N VAL A 615 6.51 -16.96 11.29
CA VAL A 615 7.28 -15.72 11.27
C VAL A 615 7.89 -15.52 9.88
N LEU A 616 8.76 -16.45 9.46
CA LEU A 616 9.53 -16.24 8.24
C LEU A 616 8.64 -16.23 7.00
N LEU A 617 7.67 -17.13 6.91
CA LEU A 617 6.83 -17.17 5.71
C LEU A 617 6.02 -15.89 5.56
N ASN A 618 5.48 -15.37 6.67
CA ASN A 618 4.70 -14.14 6.58
C ASN A 618 5.59 -12.93 6.35
N MET A 619 6.80 -12.93 6.90
CA MET A 619 7.75 -11.87 6.54
C MET A 619 8.06 -11.91 5.05
N LEU A 620 8.21 -13.10 4.50
CA LEU A 620 8.42 -13.24 3.06
C LEU A 620 7.23 -12.71 2.28
N ILE A 621 6.02 -13.00 2.75
CA ILE A 621 4.82 -12.49 2.08
C ILE A 621 4.81 -10.97 2.08
N ALA A 622 5.13 -10.35 3.23
CA ALA A 622 5.14 -8.90 3.32
C ALA A 622 6.18 -8.30 2.38
N MET A 623 7.38 -8.89 2.35
CA MET A 623 8.42 -8.39 1.45
C MET A 623 7.99 -8.53 0.00
N MET A 624 7.36 -9.65 -0.35
CA MET A 624 6.91 -9.83 -1.72
C MET A 624 5.85 -8.80 -2.08
N ASN A 625 4.95 -8.48 -1.14
CA ASN A 625 3.96 -7.44 -1.42
C ASN A 625 4.63 -6.10 -1.71
N ASN A 626 5.55 -5.69 -0.84
CA ASN A 626 6.20 -4.39 -1.02
C ASN A 626 6.99 -4.35 -2.33
N SER A 627 7.80 -5.39 -2.57
CA SER A 627 8.60 -5.44 -3.78
C SER A 627 7.72 -5.50 -5.02
N TYR A 628 6.58 -6.18 -4.94
CA TYR A 628 5.72 -6.28 -6.11
C TYR A 628 5.05 -4.94 -6.41
N GLN A 629 4.70 -4.18 -5.38
CA GLN A 629 4.20 -2.82 -5.64
C GLN A 629 5.25 -1.99 -6.35
N LEU A 630 6.49 -2.00 -5.82
CA LEU A 630 7.56 -1.23 -6.44
C LEU A 630 7.83 -1.68 -7.87
N ILE A 631 7.74 -2.99 -8.12
CA ILE A 631 7.99 -3.52 -9.45
C ILE A 631 6.85 -3.15 -10.41
N ALA A 632 5.60 -3.32 -9.97
CA ALA A 632 4.45 -3.01 -10.80
C ALA A 632 4.41 -1.53 -11.17
N ASP A 633 5.11 -0.69 -10.41
CA ASP A 633 5.23 0.71 -10.84
C ASP A 633 5.91 0.83 -12.20
N HIS A 634 6.95 0.03 -12.47
CA HIS A 634 7.71 0.11 -13.71
C HIS A 634 7.55 -1.12 -14.61
N ALA A 635 6.59 -1.98 -14.31
CA ALA A 635 6.44 -3.25 -15.03
C ALA A 635 6.33 -3.06 -16.54
N ASP A 636 5.60 -2.04 -16.99
CA ASP A 636 5.40 -1.88 -18.43
C ASP A 636 6.71 -1.57 -19.13
N ILE A 637 7.49 -0.63 -18.59
CA ILE A 637 8.79 -0.30 -19.18
C ILE A 637 9.70 -1.51 -19.17
N GLU A 638 9.75 -2.22 -18.05
CA GLU A 638 10.63 -3.38 -17.96
C GLU A 638 10.26 -4.45 -18.97
N TRP A 639 8.96 -4.73 -19.10
CA TRP A 639 8.52 -5.75 -20.05
C TRP A 639 8.80 -5.32 -21.47
N LYS A 640 8.61 -4.03 -21.79
CA LYS A 640 8.90 -3.58 -23.14
C LYS A 640 10.38 -3.70 -23.46
N PHE A 641 11.25 -3.42 -22.49
CA PHE A 641 12.68 -3.63 -22.70
C PHE A 641 13.00 -5.09 -22.94
N ALA A 642 12.41 -5.98 -22.14
CA ALA A 642 12.67 -7.41 -22.33
C ALA A 642 12.17 -7.90 -23.68
N ARG A 643 10.98 -7.45 -24.09
CA ARG A 643 10.44 -7.86 -25.39
C ARG A 643 11.24 -7.27 -26.53
N THR A 644 11.79 -6.08 -26.35
CA THR A 644 12.69 -5.54 -27.37
C THR A 644 13.92 -6.41 -27.51
N LYS A 645 14.50 -6.86 -26.39
CA LYS A 645 15.64 -7.77 -26.49
C LYS A 645 15.26 -9.07 -27.20
N LEU A 646 14.08 -9.61 -26.87
CA LEU A 646 13.61 -10.83 -27.54
C LEU A 646 13.45 -10.61 -29.04
N TRP A 647 12.88 -9.48 -29.44
CA TRP A 647 12.71 -9.19 -30.86
C TRP A 647 14.04 -9.03 -31.56
N MET A 648 14.97 -8.30 -30.95
CA MET A 648 16.27 -8.07 -31.56
C MET A 648 17.04 -9.37 -31.74
N SER A 649 16.83 -10.33 -30.84
CA SER A 649 17.50 -11.62 -31.01
C SER A 649 17.06 -12.35 -32.27
N TYR A 650 15.93 -11.98 -32.87
CA TYR A 650 15.45 -12.60 -34.09
C TYR A 650 15.62 -11.73 -35.32
N PHE A 651 16.27 -10.58 -35.20
CA PHE A 651 16.50 -9.75 -36.38
C PHE A 651 17.69 -10.24 -37.19
N ASP A 652 18.68 -10.84 -36.54
CA ASP A 652 19.92 -11.22 -37.19
C ASP A 652 19.73 -12.42 -38.10
N GLU A 653 20.58 -12.50 -39.14
CA GLU A 653 20.54 -13.64 -40.05
C GLU A 653 21.08 -14.90 -39.38
N GLY A 654 22.08 -14.77 -38.54
CA GLY A 654 22.63 -15.93 -37.86
C GLY A 654 21.60 -16.57 -36.94
N GLY A 655 21.59 -17.90 -36.93
CA GLY A 655 20.62 -18.62 -36.12
C GLY A 655 19.21 -18.61 -36.66
N THR A 656 19.05 -18.43 -37.97
CA THR A 656 17.71 -18.45 -38.56
C THR A 656 17.04 -19.81 -38.39
N LEU A 657 17.78 -20.88 -38.65
CA LEU A 657 17.22 -22.22 -38.56
C LEU A 657 17.17 -22.67 -37.09
N PRO A 658 16.01 -23.11 -36.60
CA PRO A 658 15.94 -23.64 -35.25
C PRO A 658 16.46 -25.06 -35.22
N PRO A 659 16.76 -25.60 -34.03
CA PRO A 659 17.04 -27.03 -33.94
C PRO A 659 15.83 -27.82 -34.40
N PRO A 660 16.05 -28.99 -35.02
CA PRO A 660 17.33 -29.65 -35.27
C PRO A 660 18.01 -29.24 -36.57
N PHE A 661 17.49 -28.23 -37.26
CA PHE A 661 17.98 -27.89 -38.58
C PHE A 661 19.23 -27.04 -38.57
N ASN A 662 19.66 -26.54 -37.41
CA ASN A 662 20.83 -25.67 -37.39
C ASN A 662 22.15 -26.45 -37.37
N ILE A 663 22.10 -27.78 -37.23
CA ILE A 663 23.31 -28.59 -37.28
C ILE A 663 23.53 -29.23 -38.65
N ILE A 664 22.70 -28.92 -39.63
CA ILE A 664 22.86 -29.46 -40.97
C ILE A 664 23.83 -28.61 -41.79
N SER A 706 29.12 6.93 -44.35
CA SER A 706 29.66 7.26 -43.03
C SER A 706 29.55 8.74 -42.75
N LEU A 707 30.23 9.55 -43.58
CA LEU A 707 30.18 11.00 -43.41
C LEU A 707 28.78 11.53 -43.68
N ILE A 708 28.10 11.02 -44.71
CA ILE A 708 26.75 11.44 -45.02
C ILE A 708 25.80 11.07 -43.88
N GLN A 709 25.96 9.86 -43.34
CA GLN A 709 25.16 9.45 -42.19
C GLN A 709 25.39 10.38 -41.00
N ASN A 710 26.65 10.75 -40.76
CA ASN A 710 26.94 11.65 -39.65
C ASN A 710 26.33 13.03 -39.87
N GLN A 711 26.35 13.54 -41.11
CA GLN A 711 25.73 14.83 -41.37
C GLN A 711 24.22 14.78 -41.15
N HIS A 712 23.57 13.72 -41.64
CA HIS A 712 22.14 13.59 -41.40
C HIS A 712 21.83 13.49 -39.92
N TYR A 713 22.63 12.71 -39.19
CA TYR A 713 22.42 12.56 -37.76
C TYR A 713 22.61 13.88 -37.03
N GLN A 714 23.60 14.67 -37.43
CA GLN A 714 23.84 15.94 -36.78
C GLN A 714 22.71 16.93 -37.06
N GLU A 715 22.17 16.92 -38.28
CA GLU A 715 21.02 17.76 -38.59
C GLU A 715 19.81 17.39 -37.74
N VAL A 716 19.53 16.08 -37.64
CA VAL A 716 18.41 15.62 -36.84
C VAL A 716 18.61 15.97 -35.37
N ILE A 717 19.84 15.79 -34.88
CA ILE A 717 20.15 16.11 -33.49
C ILE A 717 19.98 17.59 -33.23
N ARG A 718 20.39 18.43 -34.18
CA ARG A 718 20.20 19.88 -34.02
C ARG A 718 18.71 20.21 -33.88
N ASN A 719 17.88 19.62 -34.74
CA ASN A 719 16.44 19.86 -34.63
C ASN A 719 15.90 19.36 -33.29
N LEU A 720 16.33 18.19 -32.86
CA LEU A 720 15.86 17.62 -31.60
C LEU A 720 16.25 18.50 -30.42
N VAL A 721 17.49 18.99 -30.43
CA VAL A 721 17.96 19.84 -29.34
C VAL A 721 17.18 21.14 -29.30
N LYS A 722 16.91 21.75 -30.47
CA LYS A 722 16.12 22.97 -30.48
C LYS A 722 14.72 22.73 -29.92
N ARG A 723 14.08 21.65 -30.36
CA ARG A 723 12.74 21.34 -29.88
C ARG A 723 12.76 21.06 -28.38
N TYR A 724 13.77 20.35 -27.90
CA TYR A 724 13.86 20.03 -26.48
C TYR A 724 14.07 21.28 -25.64
N VAL A 725 14.92 22.20 -26.10
CA VAL A 725 15.15 23.44 -25.36
C VAL A 725 13.88 24.27 -25.31
N ALA A 726 13.17 24.37 -26.43
CA ALA A 726 11.91 25.10 -26.44
C ALA A 726 10.90 24.46 -25.49
N ALA A 727 10.82 23.12 -25.51
CA ALA A 727 9.86 22.44 -24.65
C ALA A 727 10.21 22.60 -23.18
N MET A 728 11.50 22.61 -22.85
CA MET A 728 11.91 22.79 -21.47
C MET A 728 11.65 24.21 -20.98
N ILE A 729 11.85 25.20 -21.85
CA ILE A 729 11.47 26.57 -21.49
C ILE A 729 9.97 26.67 -21.28
N ARG A 730 9.19 25.99 -22.13
CA ARG A 730 7.73 25.99 -21.96
C ARG A 730 7.33 25.35 -20.64
N ASN A 731 7.97 24.23 -20.27
CA ASN A 731 7.60 23.54 -19.04
C ASN A 731 8.04 24.29 -17.81
N SER A 732 9.20 24.95 -17.86
CA SER A 732 9.70 25.68 -16.69
C SER A 732 8.77 26.83 -16.31
N LYS A 733 8.29 27.57 -17.30
CA LYS A 733 7.35 28.67 -17.05
C LYS A 733 5.98 28.12 -16.66
N ARG B 17 -39.16 26.63 10.21
CA ARG B 17 -37.98 27.45 9.95
C ARG B 17 -37.05 27.48 11.16
N ILE B 18 -35.76 27.62 10.90
CA ILE B 18 -34.73 27.73 11.94
C ILE B 18 -34.33 29.20 12.04
N PRO B 19 -34.77 29.93 13.06
CA PRO B 19 -34.34 31.33 13.20
C PRO B 19 -32.84 31.42 13.41
N LEU B 20 -32.23 32.44 12.83
CA LEU B 20 -30.81 32.67 12.95
C LEU B 20 -30.58 34.06 13.54
N GLN B 21 -29.87 34.12 14.65
CA GLN B 21 -29.62 35.38 15.36
C GLN B 21 -28.30 35.26 16.10
N ILE B 22 -27.62 36.39 16.29
CA ILE B 22 -26.33 36.37 16.97
C ILE B 22 -26.58 35.98 18.43
N VAL B 23 -26.26 34.72 18.77
CA VAL B 23 -26.59 34.20 20.10
C VAL B 23 -25.71 34.84 21.16
N ARG B 24 -24.41 34.96 20.90
CA ARG B 24 -23.48 35.60 21.82
C ARG B 24 -23.08 36.94 21.21
N ALA B 25 -23.91 37.94 21.44
CA ALA B 25 -23.67 39.27 20.88
C ALA B 25 -22.58 39.99 21.67
N GLU B 26 -21.74 40.71 20.95
CA GLU B 26 -20.68 41.53 21.54
C GLU B 26 -21.03 43.00 21.41
N THR B 27 -20.59 43.80 22.39
CA THR B 27 -20.85 45.23 22.35
C THR B 27 -20.15 45.85 21.15
N GLU B 28 -20.94 46.43 20.25
CA GLU B 28 -20.38 47.03 19.05
C GLU B 28 -19.81 48.42 19.34
N LEU B 29 -18.93 48.85 18.46
CA LEU B 29 -18.28 50.14 18.59
C LEU B 29 -19.21 51.27 18.14
N SER B 30 -18.84 52.49 18.49
CA SER B 30 -19.58 53.65 18.00
C SER B 30 -19.30 53.86 16.51
N ALA B 31 -20.05 54.78 15.91
CA ALA B 31 -19.77 55.14 14.52
C ALA B 31 -18.39 55.77 14.40
N GLU B 32 -18.01 56.61 15.36
CA GLU B 32 -16.70 57.24 15.32
C GLU B 32 -15.60 56.24 15.66
N GLU B 33 -15.84 55.30 16.57
CA GLU B 33 -14.85 54.26 16.85
C GLU B 33 -14.61 53.38 15.62
N LYS B 34 -15.68 52.97 14.96
CA LYS B 34 -15.53 52.22 13.73
C LYS B 34 -14.86 53.07 12.65
N ALA B 35 -15.11 54.37 12.64
CA ALA B 35 -14.40 55.23 11.70
C ALA B 35 -12.90 55.23 11.97
N PHE B 36 -12.52 55.33 13.25
CA PHE B 36 -11.12 55.28 13.62
C PHE B 36 -10.47 53.97 13.21
N LEU B 37 -11.15 52.85 13.47
CA LEU B 37 -10.60 51.55 13.12
C LEU B 37 -10.50 51.38 11.61
N ASN B 38 -11.51 51.84 10.86
CA ASN B 38 -11.43 51.76 9.42
C ASN B 38 -10.36 52.70 8.88
N ALA B 39 -10.10 53.80 9.58
CA ALA B 39 -9.05 54.70 9.17
C ALA B 39 -7.68 54.04 9.33
N VAL B 40 -7.43 53.43 10.49
CA VAL B 40 -6.13 52.79 10.69
C VAL B 40 -5.97 51.60 9.77
N GLU B 41 -7.06 50.84 9.52
CA GLU B 41 -6.97 49.74 8.57
C GLU B 41 -6.67 50.24 7.18
N LYS B 42 -7.32 51.33 6.76
CA LYS B 42 -7.18 51.81 5.39
C LYS B 42 -5.75 52.25 5.12
N GLY B 43 -5.08 52.81 6.11
CA GLY B 43 -3.76 53.36 5.94
C GLY B 43 -3.68 54.85 5.79
N ASP B 44 -4.81 55.56 5.93
CA ASP B 44 -4.81 57.01 5.81
C ASP B 44 -4.16 57.60 7.06
N TYR B 45 -2.91 58.04 6.91
CA TYR B 45 -2.16 58.57 8.04
C TYR B 45 -2.80 59.82 8.62
N ALA B 46 -3.25 60.73 7.75
CA ALA B 46 -3.80 61.99 8.23
C ALA B 46 -5.10 61.77 9.01
N THR B 47 -5.95 60.87 8.54
CA THR B 47 -7.23 60.63 9.22
C THR B 47 -7.01 60.15 10.64
N VAL B 48 -6.15 59.15 10.82
CA VAL B 48 -5.85 58.62 12.14
C VAL B 48 -5.17 59.69 12.99
N LYS B 49 -4.25 60.43 12.39
CA LYS B 49 -3.58 61.52 13.11
C LYS B 49 -4.62 62.46 13.71
N GLN B 50 -5.54 62.94 12.87
CA GLN B 50 -6.57 63.85 13.35
C GLN B 50 -7.47 63.18 14.38
N ALA B 51 -7.82 61.91 14.16
CA ALA B 51 -8.74 61.22 15.05
C ALA B 51 -8.17 61.12 16.46
N LEU B 52 -6.94 60.63 16.59
CA LEU B 52 -6.40 60.49 17.94
C LEU B 52 -5.98 61.83 18.52
N GLN B 53 -5.61 62.81 17.68
CA GLN B 53 -5.33 64.14 18.19
C GLN B 53 -6.57 64.74 18.82
N GLU B 54 -7.72 64.59 18.16
CA GLU B 54 -8.99 65.01 18.74
C GLU B 54 -9.32 64.23 20.00
N ALA B 55 -9.07 62.92 19.97
CA ALA B 55 -9.33 62.08 21.14
C ALA B 55 -8.53 62.54 22.35
N GLU B 56 -7.35 63.11 22.12
CA GLU B 56 -6.53 63.55 23.25
C GLU B 56 -7.24 64.62 24.07
N ILE B 57 -7.90 65.57 23.41
CA ILE B 57 -8.55 66.66 24.14
C ILE B 57 -9.72 66.16 24.96
N TYR B 58 -10.59 65.35 24.35
CA TYR B 58 -11.81 64.92 25.00
C TYR B 58 -11.63 63.53 25.61
N TYR B 59 -12.75 62.95 26.05
CA TYR B 59 -12.88 61.52 26.29
C TYR B 59 -13.65 60.84 25.15
N ASN B 60 -13.69 61.49 23.98
CA ASN B 60 -14.59 61.09 22.92
C ASN B 60 -14.27 59.69 22.39
N VAL B 61 -12.99 59.43 22.09
CA VAL B 61 -12.57 58.21 21.42
C VAL B 61 -11.74 57.38 22.38
N ASN B 62 -12.02 56.08 22.42
CA ASN B 62 -11.20 55.14 23.17
C ASN B 62 -10.17 54.56 22.21
N ILE B 63 -8.91 55.00 22.36
CA ILE B 63 -7.87 54.60 21.42
C ILE B 63 -7.64 53.10 21.45
N ASN B 64 -7.90 52.47 22.60
CA ASN B 64 -7.72 51.03 22.76
C ASN B 64 -8.97 50.23 22.40
N CYS B 65 -9.79 50.76 21.51
CA CYS B 65 -11.03 50.08 21.14
C CYS B 65 -10.72 48.80 20.38
N MET B 66 -11.68 47.87 20.40
CA MET B 66 -11.50 46.54 19.86
C MET B 66 -12.50 46.25 18.74
N ASP B 67 -11.99 45.66 17.66
CA ASP B 67 -12.86 45.14 16.62
C ASP B 67 -13.54 43.87 17.13
N PRO B 68 -14.66 43.45 16.50
CA PRO B 68 -15.25 42.15 16.82
C PRO B 68 -14.24 41.03 16.96
N LEU B 69 -13.27 40.96 16.04
CA LEU B 69 -12.22 39.96 16.09
C LEU B 69 -11.18 40.22 17.16
N GLY B 70 -11.35 41.28 17.96
CA GLY B 70 -10.44 41.55 19.05
C GLY B 70 -9.15 42.23 18.68
N ARG B 71 -9.07 42.83 17.50
CA ARG B 71 -7.86 43.51 17.05
C ARG B 71 -8.04 45.02 17.18
N SER B 72 -7.14 45.65 17.92
CA SER B 72 -7.19 47.09 18.15
C SER B 72 -6.51 47.80 16.99
N ALA B 73 -6.29 49.11 17.14
CA ALA B 73 -5.61 49.87 16.10
C ALA B 73 -4.19 49.35 15.89
N LEU B 74 -3.47 49.10 16.98
CA LEU B 74 -2.08 48.67 16.86
C LEU B 74 -1.98 47.32 16.16
N LEU B 75 -2.86 46.39 16.53
CA LEU B 75 -2.83 45.07 15.90
C LEU B 75 -3.17 45.16 14.42
N ILE B 76 -4.11 46.03 14.06
CA ILE B 76 -4.47 46.20 12.66
C ILE B 76 -3.29 46.78 11.88
N ALA B 77 -2.60 47.76 12.47
CA ALA B 77 -1.42 48.33 11.82
C ALA B 77 -0.32 47.28 11.64
N ILE B 78 -0.11 46.44 12.66
CA ILE B 78 0.90 45.38 12.54
C ILE B 78 0.52 44.42 11.43
N GLU B 79 -0.76 44.02 11.37
CA GLU B 79 -1.20 43.05 10.38
C GLU B 79 -0.98 43.55 8.95
N ASN B 80 -0.96 44.86 8.75
CA ASN B 80 -0.74 45.44 7.42
C ASN B 80 0.69 45.90 7.20
N GLU B 81 1.60 45.61 8.14
CA GLU B 81 3.00 46.01 8.05
C GLU B 81 3.14 47.51 7.83
N ASN B 82 2.37 48.28 8.59
CA ASN B 82 2.31 49.74 8.41
C ASN B 82 3.16 50.37 9.52
N LEU B 83 4.46 50.53 9.24
CA LEU B 83 5.37 51.02 10.26
C LEU B 83 5.08 52.47 10.64
N GLU B 84 4.64 53.30 9.69
CA GLU B 84 4.36 54.70 10.00
C GLU B 84 3.18 54.82 10.95
N ILE B 85 2.09 54.11 10.66
CA ILE B 85 0.92 54.17 11.53
C ILE B 85 1.24 53.59 12.90
N MET B 86 2.00 52.49 12.93
CA MET B 86 2.42 51.93 14.21
C MET B 86 3.21 52.95 15.03
N GLU B 87 4.15 53.63 14.37
CA GLU B 87 4.95 54.62 15.05
C GLU B 87 4.07 55.73 15.61
N LEU B 88 3.11 56.20 14.82
CA LEU B 88 2.19 57.23 15.28
C LEU B 88 1.42 56.76 16.50
N LEU B 89 0.82 55.58 16.43
CA LEU B 89 0.02 55.07 17.53
C LEU B 89 0.85 54.94 18.79
N LEU B 90 2.04 54.34 18.67
CA LEU B 90 2.90 54.19 19.84
C LEU B 90 3.28 55.55 20.40
N ASN B 91 3.46 56.56 19.53
CA ASN B 91 3.74 57.90 20.01
C ASN B 91 2.58 58.45 20.83
N HIS B 92 1.34 58.18 20.41
CA HIS B 92 0.17 58.70 21.10
C HIS B 92 -0.31 57.80 22.23
N SER B 93 0.57 56.97 22.79
CA SER B 93 0.32 56.25 24.04
C SER B 93 -0.86 55.29 23.92
N VAL B 94 -0.81 54.42 22.91
CA VAL B 94 -1.79 53.35 22.78
C VAL B 94 -1.40 52.19 23.68
N TYR B 95 -2.40 51.53 24.26
CA TYR B 95 -2.14 50.32 25.02
C TYR B 95 -1.50 49.26 24.13
N VAL B 96 -0.38 48.70 24.60
CA VAL B 96 0.51 47.92 23.76
C VAL B 96 0.52 46.45 24.12
N GLY B 97 -0.27 46.03 25.10
CA GLY B 97 -0.24 44.64 25.55
C GLY B 97 -0.46 43.63 24.44
N ASP B 98 0.43 42.64 24.37
CA ASP B 98 0.44 41.53 23.42
C ASP B 98 0.76 41.96 21.99
N ALA B 99 1.01 43.24 21.73
CA ALA B 99 1.30 43.65 20.36
C ALA B 99 2.59 43.03 19.85
N LEU B 100 3.58 42.87 20.74
CA LEU B 100 4.86 42.31 20.33
C LEU B 100 4.70 40.88 19.84
N LEU B 101 3.81 40.12 20.48
CA LEU B 101 3.58 38.75 20.03
C LEU B 101 3.01 38.71 18.62
N TYR B 102 2.04 39.57 18.32
CA TYR B 102 1.49 39.60 16.98
C TYR B 102 2.53 40.03 15.97
N ALA B 103 3.37 41.00 16.34
CA ALA B 103 4.44 41.42 15.45
C ALA B 103 5.40 40.28 15.16
N ILE B 104 5.77 39.52 16.20
CA ILE B 104 6.70 38.41 16.03
C ILE B 104 6.08 37.32 15.15
N ARG B 105 4.83 36.98 15.40
CA ARG B 105 4.18 35.94 14.61
C ARG B 105 4.04 36.37 13.15
N LYS B 106 3.73 37.65 12.92
CA LYS B 106 3.72 38.17 11.56
C LYS B 106 5.11 38.13 10.93
N GLU B 107 6.16 38.06 11.76
CA GLU B 107 7.54 37.93 11.30
C GLU B 107 7.96 39.13 10.46
N VAL B 108 7.71 40.32 10.99
CA VAL B 108 8.16 41.58 10.39
C VAL B 108 9.25 42.13 11.31
N VAL B 109 10.48 42.20 10.79
CA VAL B 109 11.60 42.65 11.61
C VAL B 109 11.39 44.11 12.02
N GLY B 110 10.90 44.93 11.09
CA GLY B 110 10.71 46.33 11.40
C GLY B 110 9.73 46.56 12.53
N ALA B 111 8.60 45.85 12.48
CA ALA B 111 7.60 46.01 13.53
C ALA B 111 8.14 45.55 14.87
N VAL B 112 8.89 44.44 14.88
CA VAL B 112 9.46 43.93 16.12
C VAL B 112 10.44 44.94 16.70
N GLU B 113 11.31 45.52 15.87
CA GLU B 113 12.24 46.52 16.37
C GLU B 113 11.51 47.74 16.90
N LEU B 114 10.48 48.20 16.17
CA LEU B 114 9.74 49.36 16.61
C LEU B 114 9.08 49.13 17.96
N LEU B 115 8.50 47.95 18.16
CA LEU B 115 7.87 47.65 19.44
C LEU B 115 8.90 47.48 20.54
N LEU B 116 10.07 46.94 20.22
CA LEU B 116 11.10 46.78 21.23
C LEU B 116 11.66 48.13 21.68
N SER B 117 11.73 49.10 20.77
CA SER B 117 12.18 50.43 21.16
C SER B 117 11.09 51.29 21.79
N TYR B 118 9.83 50.85 21.71
CA TYR B 118 8.67 51.62 22.20
C TYR B 118 8.61 53.01 21.61
N THR B 134 -9.10 42.40 30.74
CA THR B 134 -8.36 41.42 29.97
C THR B 134 -8.96 41.22 28.58
N GLN B 135 -8.25 41.70 27.56
CA GLN B 135 -8.75 41.60 26.20
C GLN B 135 -8.62 40.17 25.68
N PHE B 136 -9.32 39.89 24.59
CA PHE B 136 -9.12 38.65 23.87
C PHE B 136 -7.72 38.63 23.27
N SER B 137 -7.06 37.48 23.37
CA SER B 137 -5.73 37.31 22.82
C SER B 137 -5.65 36.00 22.08
N GLU B 138 -4.88 35.98 20.99
CA GLU B 138 -4.69 34.74 20.23
C GLU B 138 -3.58 33.88 20.80
N PHE B 139 -2.89 34.33 21.84
CA PHE B 139 -1.80 33.59 22.44
C PHE B 139 -2.14 33.27 23.89
N THR B 140 -1.78 32.07 24.33
CA THR B 140 -1.99 31.68 25.71
C THR B 140 -1.13 32.53 26.63
N PRO B 141 -1.55 32.74 27.87
CA PRO B 141 -0.85 33.69 28.74
C PRO B 141 0.61 33.38 28.99
N ASP B 142 1.03 32.11 28.88
CA ASP B 142 2.41 31.75 29.14
C ASP B 142 3.36 32.08 28.00
N ILE B 143 2.84 32.41 26.81
CA ILE B 143 3.71 32.71 25.67
C ILE B 143 4.45 34.00 25.94
N THR B 144 5.77 33.95 25.86
CA THR B 144 6.64 35.12 26.00
C THR B 144 7.21 35.50 24.64
N PRO B 145 7.71 36.72 24.48
CA PRO B 145 8.21 37.13 23.15
C PRO B 145 9.29 36.22 22.62
N ILE B 146 10.28 35.85 23.44
CA ILE B 146 11.35 34.99 22.96
C ILE B 146 10.83 33.59 22.65
N MET B 147 9.88 33.10 23.45
CA MET B 147 9.28 31.80 23.21
C MET B 147 8.57 31.77 21.86
N LEU B 148 7.76 32.78 21.59
CA LEU B 148 7.05 32.83 20.31
C LEU B 148 8.02 33.01 19.16
N ALA B 149 9.06 33.82 19.34
CA ALA B 149 10.05 33.98 18.29
C ALA B 149 10.73 32.65 17.97
N ALA B 150 11.03 31.87 19.01
CA ALA B 150 11.60 30.55 18.79
C ALA B 150 10.62 29.65 18.06
N HIS B 151 9.33 29.75 18.40
CA HIS B 151 8.33 28.96 17.70
C HIS B 151 8.31 29.29 16.21
N THR B 152 8.38 30.57 15.87
CA THR B 152 8.39 30.95 14.45
C THR B 152 9.69 30.58 13.76
N ASN B 153 10.75 30.34 14.52
CA ASN B 153 12.05 29.92 13.99
C ASN B 153 12.63 30.95 13.03
N ASN B 154 12.34 32.23 13.26
CA ASN B 154 12.84 33.31 12.41
C ASN B 154 14.18 33.78 12.98
N TYR B 155 15.26 33.58 12.22
CA TYR B 155 16.59 33.85 12.74
C TYR B 155 16.78 35.31 13.09
N GLU B 156 16.29 36.22 12.24
CA GLU B 156 16.48 37.65 12.49
C GLU B 156 15.77 38.08 13.78
N ILE B 157 14.50 37.70 13.93
CA ILE B 157 13.75 38.15 15.09
C ILE B 157 14.26 37.48 16.36
N ILE B 158 14.62 36.21 16.28
CA ILE B 158 15.20 35.53 17.44
C ILE B 158 16.51 36.20 17.85
N LYS B 159 17.33 36.57 16.86
CA LYS B 159 18.59 37.25 17.18
C LYS B 159 18.33 38.60 17.82
N LEU B 160 17.33 39.34 17.32
CA LEU B 160 16.97 40.62 17.91
C LEU B 160 16.56 40.43 19.37
N LEU B 161 15.72 39.44 19.64
CA LEU B 161 15.24 39.25 21.00
C LEU B 161 16.32 38.69 21.91
N VAL B 162 17.30 37.97 21.37
CA VAL B 162 18.35 37.41 22.21
C VAL B 162 19.40 38.46 22.53
N GLN B 163 19.68 39.38 21.59
CA GLN B 163 20.69 40.40 21.85
C GLN B 163 20.34 41.22 23.08
N LYS B 164 19.06 41.50 23.28
CA LYS B 164 18.56 42.05 24.53
C LYS B 164 18.27 40.89 25.47
N ARG B 165 18.92 40.87 26.64
CA ARG B 165 18.97 39.67 27.47
C ARG B 165 17.57 39.15 27.79
N VAL B 166 17.32 37.90 27.37
CA VAL B 166 16.06 37.22 27.64
C VAL B 166 16.38 35.83 28.15
N THR B 167 15.40 35.23 28.84
CA THR B 167 15.55 33.90 29.42
C THR B 167 14.30 33.07 29.12
N ILE B 168 14.49 31.76 29.11
CA ILE B 168 13.40 30.80 28.99
C ILE B 168 13.46 29.89 30.21
N PRO B 169 12.36 29.74 30.97
CA PRO B 169 12.43 28.93 32.20
C PRO B 169 12.81 27.48 31.89
N ARG B 170 13.63 26.91 32.76
CA ARG B 170 14.06 25.53 32.58
C ARG B 170 12.89 24.60 32.81
N PRO B 171 12.54 23.74 31.85
CA PRO B 171 11.57 22.69 32.13
C PRO B 171 12.19 21.66 33.09
N HIS B 172 11.44 21.33 34.14
CA HIS B 172 11.96 20.38 35.11
C HIS B 172 12.03 18.98 34.51
N GLN B 173 12.68 18.08 35.23
CA GLN B 173 12.84 16.72 34.75
C GLN B 173 11.47 16.06 34.56
N ILE B 174 11.43 15.04 33.69
CA ILE B 174 10.17 14.42 33.31
C ILE B 174 9.48 13.81 34.52
N ARG B 175 10.22 12.99 35.28
CA ARG B 175 9.68 12.35 36.47
C ARG B 175 10.08 13.14 37.73
N CYS B 176 9.58 14.37 37.83
CA CYS B 176 9.90 15.27 38.92
C CYS B 176 8.73 15.32 39.89
N ASN B 177 8.98 14.99 41.15
CA ASN B 177 7.97 14.97 42.19
C ASN B 177 8.09 16.16 43.14
N CYS B 178 8.74 17.24 42.72
CA CYS B 178 8.90 18.40 43.59
C CYS B 178 7.54 19.06 43.85
N VAL B 179 7.54 19.99 44.81
CA VAL B 179 6.30 20.65 45.21
C VAL B 179 5.71 21.45 44.06
N GLU B 180 6.56 22.18 43.33
CA GLU B 180 6.05 23.07 42.30
C GLU B 180 5.36 22.30 41.18
N CYS B 181 5.94 21.19 40.74
CA CYS B 181 5.36 20.44 39.64
C CYS B 181 3.98 19.89 39.98
N VAL B 182 3.87 19.21 41.13
CA VAL B 182 2.59 18.62 41.52
C VAL B 182 1.57 19.71 41.83
N SER B 183 2.01 20.82 42.43
CA SER B 183 1.10 21.92 42.74
C SER B 183 0.52 22.52 41.46
N SER B 184 1.39 22.82 40.49
CA SER B 184 0.90 23.41 39.24
C SER B 184 0.08 22.41 38.43
N SER B 185 0.41 21.13 38.49
CA SER B 185 -0.37 20.13 37.77
C SER B 185 -1.77 19.98 38.36
N GLU B 186 -1.87 19.93 39.69
CA GLU B 186 -3.18 19.77 40.32
C GLU B 186 -4.01 21.04 40.24
N VAL B 187 -3.38 22.21 40.30
CA VAL B 187 -4.13 23.45 40.16
C VAL B 187 -4.65 23.61 38.73
N ASP B 188 -3.79 23.38 37.74
CA ASP B 188 -4.18 23.52 36.33
C ASP B 188 -3.31 22.59 35.50
N SER B 189 -3.82 21.40 35.19
CA SER B 189 -3.03 20.44 34.42
C SER B 189 -2.92 20.86 32.96
N LEU B 190 -4.00 21.38 32.38
CA LEU B 190 -3.96 21.78 30.98
C LEU B 190 -2.94 22.88 30.77
N ARG B 191 -2.94 23.90 31.64
CA ARG B 191 -2.01 25.01 31.48
C ARG B 191 -0.57 24.54 31.72
N HIS B 192 -0.37 23.63 32.68
CA HIS B 192 0.98 23.12 32.95
C HIS B 192 1.53 22.38 31.75
N SER B 193 0.74 21.47 31.17
CA SER B 193 1.18 20.73 30.00
C SER B 193 1.41 21.67 28.81
N ARG B 194 0.52 22.64 28.63
CA ARG B 194 0.68 23.61 27.55
C ARG B 194 1.97 24.40 27.70
N SER B 195 2.28 24.84 28.92
CA SER B 195 3.50 25.60 29.16
C SER B 195 4.73 24.74 28.92
N ARG B 196 4.71 23.49 29.37
CA ARG B 196 5.84 22.61 29.14
C ARG B 196 6.07 22.40 27.64
N LEU B 197 4.99 22.15 26.89
CA LEU B 197 5.14 21.93 25.46
C LEU B 197 5.63 23.19 24.75
N ASN B 198 5.14 24.36 25.17
CA ASN B 198 5.61 25.61 24.56
C ASN B 198 7.09 25.83 24.84
N ILE B 199 7.53 25.57 26.07
CA ILE B 199 8.94 25.74 26.41
C ILE B 199 9.79 24.81 25.58
N TYR B 200 9.36 23.56 25.43
CA TYR B 200 10.16 22.63 24.63
C TYR B 200 10.13 22.95 23.15
N LYS B 201 9.03 23.49 22.64
CA LYS B 201 9.00 23.98 21.26
C LYS B 201 9.99 25.12 21.09
N ALA B 202 10.07 26.01 22.09
CA ALA B 202 11.01 27.12 22.01
C ALA B 202 12.45 26.62 22.02
N LEU B 203 12.76 25.68 22.92
CA LEU B 203 14.12 25.17 23.01
C LEU B 203 14.50 24.39 21.75
N ALA B 204 13.58 23.60 21.22
CA ALA B 204 13.86 22.77 20.05
C ALA B 204 13.93 23.57 18.75
N SER B 205 13.90 24.89 18.81
CA SER B 205 13.99 25.68 17.59
C SER B 205 15.41 25.62 17.05
N PRO B 206 15.60 25.26 15.78
CA PRO B 206 16.95 25.25 15.21
C PRO B 206 17.65 26.59 15.27
N SER B 207 16.91 27.68 15.10
CA SER B 207 17.53 29.01 15.19
C SER B 207 17.97 29.32 16.62
N LEU B 208 17.14 28.97 17.61
CA LEU B 208 17.50 29.23 18.99
C LEU B 208 18.60 28.31 19.50
N ILE B 209 18.96 27.29 18.73
CA ILE B 209 20.11 26.45 19.05
C ILE B 209 21.35 26.89 18.29
N ALA B 210 21.18 27.36 17.05
CA ALA B 210 22.30 27.94 16.34
C ALA B 210 22.88 29.12 17.10
N LEU B 211 22.01 29.97 17.63
CA LEU B 211 22.39 30.97 18.61
C LEU B 211 22.28 30.37 20.00
N SER B 212 22.96 30.99 20.96
CA SER B 212 22.65 30.77 22.36
C SER B 212 22.93 29.35 22.87
N SER B 213 23.50 28.50 22.04
CA SER B 213 23.90 27.16 22.46
C SER B 213 25.39 26.98 22.22
N GLU B 214 26.12 26.62 23.29
CA GLU B 214 27.58 26.48 23.16
C GLU B 214 27.95 25.32 22.25
N ASP B 215 27.25 24.20 22.38
CA ASP B 215 27.49 23.01 21.55
C ASP B 215 26.17 22.68 20.86
N PRO B 216 25.91 23.24 19.68
CA PRO B 216 24.62 23.00 19.02
C PRO B 216 24.34 21.53 18.75
N ILE B 217 25.38 20.77 18.40
CA ILE B 217 25.18 19.35 18.08
C ILE B 217 24.81 18.57 19.33
N LEU B 218 25.54 18.79 20.42
CA LEU B 218 25.24 18.08 21.66
C LEU B 218 23.91 18.53 22.24
N THR B 219 23.61 19.82 22.14
CA THR B 219 22.31 20.32 22.59
C THR B 219 21.18 19.68 21.80
N ALA B 220 21.34 19.58 20.48
CA ALA B 220 20.33 18.92 19.66
C ALA B 220 20.16 17.45 20.05
N PHE B 221 21.29 16.75 20.27
CA PHE B 221 21.21 15.35 20.69
C PHE B 221 20.44 15.20 21.99
N ARG B 222 20.83 15.95 23.02
CA ARG B 222 20.21 15.78 24.33
C ARG B 222 18.76 16.24 24.32
N LEU B 223 18.47 17.33 23.61
CA LEU B 223 17.10 17.82 23.53
C LEU B 223 16.21 16.84 22.79
N GLY B 224 16.70 16.24 21.70
CA GLY B 224 15.90 15.24 21.01
C GLY B 224 15.66 14.01 21.87
N TRP B 225 16.69 13.56 22.60
CA TRP B 225 16.50 12.43 23.50
C TRP B 225 15.47 12.74 24.58
N GLU B 226 15.57 13.93 25.17
CA GLU B 226 14.63 14.32 26.23
C GLU B 226 13.21 14.44 25.68
N LEU B 227 13.07 14.96 24.45
CA LEU B 227 11.75 15.08 23.85
C LEU B 227 11.16 13.71 23.52
N LYS B 228 11.99 12.76 23.10
CA LYS B 228 11.50 11.39 22.90
C LYS B 228 11.03 10.78 24.21
N GLU B 229 11.80 10.98 25.29
CA GLU B 229 11.37 10.47 26.59
C GLU B 229 10.08 11.13 27.06
N LEU B 230 9.93 12.43 26.82
CA LEU B 230 8.69 13.12 27.13
C LEU B 230 7.53 12.53 26.33
N SER B 231 7.75 12.26 25.05
CA SER B 231 6.73 11.62 24.23
C SER B 231 6.31 10.29 24.83
N LYS B 232 7.27 9.54 25.36
CA LYS B 232 6.94 8.29 26.04
C LYS B 232 6.07 8.55 27.27
N VAL B 233 6.50 9.45 28.15
CA VAL B 233 5.83 9.64 29.44
C VAL B 233 4.50 10.36 29.24
N GLU B 234 4.52 11.50 28.55
CA GLU B 234 3.30 12.24 28.25
C GLU B 234 2.58 11.49 27.14
N ASN B 235 1.70 10.55 27.53
CA ASN B 235 1.00 9.75 26.55
C ASN B 235 0.16 10.62 25.62
N GLU B 236 -0.57 11.58 26.20
CA GLU B 236 -1.18 12.62 25.39
C GLU B 236 -0.09 13.61 24.98
N PHE B 237 -0.33 14.31 23.86
CA PHE B 237 0.67 15.18 23.24
C PHE B 237 1.92 14.40 22.85
N LYS B 238 1.75 13.11 22.56
CA LYS B 238 2.88 12.29 22.11
C LYS B 238 3.37 12.74 20.75
N ALA B 239 2.45 13.07 19.83
CA ALA B 239 2.84 13.43 18.47
C ALA B 239 3.65 14.72 18.44
N GLU B 240 3.28 15.70 19.27
CA GLU B 240 4.00 16.97 19.31
C GLU B 240 5.43 16.76 19.78
N TYR B 241 5.63 15.98 20.84
CA TYR B 241 6.99 15.75 21.32
C TYR B 241 7.79 14.93 20.34
N GLU B 242 7.15 13.97 19.66
CA GLU B 242 7.86 13.21 18.63
C GLU B 242 8.29 14.12 17.47
N GLU B 243 7.42 15.05 17.07
CA GLU B 243 7.78 15.99 16.03
C GLU B 243 8.94 16.88 16.45
N LEU B 244 8.93 17.36 17.70
CA LEU B 244 10.02 18.19 18.19
C LEU B 244 11.34 17.40 18.23
N SER B 245 11.28 16.14 18.67
CA SER B 245 12.48 15.31 18.69
C SER B 245 13.01 15.10 17.27
N GLN B 246 12.12 14.84 16.32
CA GLN B 246 12.55 14.68 14.94
C GLN B 246 13.16 15.97 14.40
N GLN B 247 12.60 17.11 14.82
CA GLN B 247 13.16 18.40 14.42
C GLN B 247 14.58 18.58 14.94
N CYS B 248 14.82 18.22 16.21
CA CYS B 248 16.18 18.31 16.76
C CYS B 248 17.14 17.38 16.02
N LYS B 249 16.71 16.15 15.74
CA LYS B 249 17.56 15.21 15.01
C LYS B 249 17.91 15.77 13.63
N LEU B 250 16.92 16.31 12.93
CA LEU B 250 17.17 16.87 11.61
C LEU B 250 18.12 18.05 11.67
N PHE B 251 17.99 18.90 12.71
CA PHE B 251 18.90 20.03 12.84
C PHE B 251 20.33 19.57 13.05
N ALA B 252 20.53 18.58 13.90
CA ALA B 252 21.89 18.05 14.11
C ALA B 252 22.46 17.48 12.81
N LYS B 253 21.64 16.73 12.07
CA LYS B 253 22.13 16.13 10.83
C LYS B 253 22.45 17.20 9.80
N ASP B 254 21.66 18.27 9.74
CA ASP B 254 21.95 19.32 8.78
C ASP B 254 23.24 20.06 9.13
N LEU B 255 23.44 20.36 10.42
CA LEU B 255 24.71 20.94 10.85
C LEU B 255 25.87 20.07 10.43
N LEU B 256 25.74 18.74 10.56
CA LEU B 256 26.78 17.86 10.05
C LEU B 256 26.89 17.92 8.54
N ASP B 257 25.76 18.11 7.84
CA ASP B 257 25.79 18.23 6.39
C ASP B 257 26.64 19.41 5.94
N GLN B 258 26.66 20.47 6.72
CA GLN B 258 27.39 21.66 6.27
C GLN B 258 28.89 21.50 6.28
N ALA B 259 29.44 20.35 6.66
CA ALA B 259 30.89 20.18 6.68
C ALA B 259 31.43 20.13 5.25
N ARG B 260 32.56 20.82 5.03
CA ARG B 260 33.13 20.91 3.69
C ARG B 260 34.51 20.28 3.54
N SER B 261 35.11 19.75 4.60
CA SER B 261 36.39 19.08 4.50
C SER B 261 36.44 17.96 5.53
N SER B 262 37.36 17.01 5.30
CA SER B 262 37.50 15.91 6.25
C SER B 262 38.08 16.40 7.58
N ARG B 263 38.85 17.48 7.57
CA ARG B 263 39.34 18.03 8.82
C ARG B 263 38.20 18.51 9.69
N GLU B 264 37.24 19.22 9.09
CA GLU B 264 36.09 19.69 9.85
C GLU B 264 35.28 18.53 10.40
N LEU B 265 35.05 17.51 9.56
CA LEU B 265 34.28 16.35 9.99
C LEU B 265 34.96 15.63 11.14
N GLU B 266 36.28 15.46 11.06
CA GLU B 266 37.02 14.81 12.12
C GLU B 266 36.99 15.64 13.41
N ILE B 267 37.10 16.96 13.28
CA ILE B 267 37.00 17.82 14.46
C ILE B 267 35.64 17.67 15.12
N ILE B 268 34.57 17.62 14.32
CA ILE B 268 33.24 17.46 14.87
C ILE B 268 33.11 16.11 15.57
N LEU B 269 33.51 15.03 14.90
CA LEU B 269 33.25 13.68 15.40
C LEU B 269 34.16 13.29 16.56
N ASN B 270 35.34 13.89 16.69
CA ASN B 270 36.29 13.49 17.72
C ASN B 270 36.22 14.37 18.96
N HIS B 271 35.28 15.31 19.02
CA HIS B 271 35.25 16.28 20.10
C HIS B 271 34.70 15.66 21.38
N ARG B 272 35.41 15.89 22.48
CA ARG B 272 34.98 15.50 23.81
C ARG B 272 34.72 16.75 24.64
N ASP B 273 33.56 16.81 25.29
CA ASP B 273 33.23 17.95 26.13
C ASP B 273 33.24 17.57 27.60
N ASP B 286 38.73 7.74 20.43
CA ASP B 286 38.32 8.69 19.41
C ASP B 286 36.84 8.54 19.08
N LEU B 287 36.35 9.40 18.17
CA LEU B 287 34.95 9.41 17.74
C LEU B 287 34.01 9.56 18.93
N ALA B 288 34.37 10.42 19.87
CA ALA B 288 33.55 10.59 21.07
C ALA B 288 32.20 11.19 20.72
N LYS B 289 32.16 12.19 19.83
CA LYS B 289 30.89 12.75 19.42
C LYS B 289 30.03 11.71 18.72
N LEU B 290 30.66 10.85 17.91
CA LEU B 290 29.91 9.79 17.25
C LEU B 290 29.38 8.78 18.27
N LYS B 291 30.15 8.49 19.32
CA LYS B 291 29.66 7.58 20.36
C LYS B 291 28.49 8.20 21.11
N VAL B 292 28.54 9.50 21.38
CA VAL B 292 27.42 10.18 22.02
C VAL B 292 26.20 10.14 21.11
N ALA B 293 26.40 10.29 19.80
CA ALA B 293 25.29 10.21 18.86
C ALA B 293 24.67 8.82 18.86
N ILE B 294 25.50 7.78 18.94
CA ILE B 294 24.99 6.41 19.04
C ILE B 294 24.21 6.23 20.33
N LYS B 295 24.71 6.80 21.43
CA LYS B 295 24.02 6.67 22.71
C LYS B 295 22.62 7.26 22.66
N TYR B 296 22.46 8.40 22.00
CA TYR B 296 21.19 9.10 21.92
C TYR B 296 20.34 8.66 20.72
N HIS B 297 20.74 7.59 20.03
CA HIS B 297 19.98 7.05 18.91
C HIS B 297 19.75 8.10 17.82
N GLN B 298 20.79 8.86 17.51
CA GLN B 298 20.73 9.86 16.44
C GLN B 298 21.07 9.17 15.12
N LYS B 299 20.10 8.41 14.62
CA LYS B 299 20.34 7.52 13.49
C LYS B 299 20.65 8.30 12.22
N GLU B 300 19.92 9.38 11.97
CA GLU B 300 20.17 10.18 10.78
C GLU B 300 21.56 10.81 10.81
N PHE B 301 21.98 11.29 11.99
CA PHE B 301 23.31 11.87 12.14
C PHE B 301 24.39 10.84 11.86
N VAL B 302 24.22 9.63 12.39
CA VAL B 302 25.22 8.59 12.22
C VAL B 302 25.25 8.09 10.78
N ALA B 303 24.08 7.89 10.19
CA ALA B 303 23.97 7.38 8.82
C ALA B 303 24.19 8.47 7.78
N GLN B 304 24.69 9.63 8.17
CA GLN B 304 25.03 10.67 7.21
C GLN B 304 26.15 10.18 6.31
N PRO B 305 26.10 10.50 5.00
CA PRO B 305 27.08 9.91 4.06
C PRO B 305 28.54 10.17 4.40
N ASN B 306 28.89 11.37 4.84
CA ASN B 306 30.29 11.66 5.11
C ASN B 306 30.76 10.97 6.39
N CYS B 307 29.91 10.94 7.41
CA CYS B 307 30.24 10.19 8.62
C CYS B 307 30.45 8.72 8.31
N GLN B 308 29.58 8.15 7.46
CA GLN B 308 29.74 6.76 7.05
C GLN B 308 31.02 6.55 6.25
N GLN B 309 31.38 7.53 5.42
CA GLN B 309 32.62 7.42 4.64
C GLN B 309 33.83 7.39 5.56
N LEU B 310 33.86 8.28 6.56
CA LEU B 310 34.95 8.28 7.53
C LEU B 310 34.99 6.97 8.30
N LEU B 311 33.83 6.47 8.73
CA LEU B 311 33.78 5.21 9.44
C LEU B 311 34.28 4.07 8.57
N ALA B 312 33.96 4.10 7.27
CA ALA B 312 34.41 3.06 6.36
C ALA B 312 35.93 3.09 6.19
N THR B 313 36.51 4.28 6.09
CA THR B 313 37.96 4.36 6.01
C THR B 313 38.61 3.82 7.27
N LEU B 314 38.01 4.12 8.44
CA LEU B 314 38.53 3.55 9.69
C LEU B 314 38.36 2.03 9.74
N TRP B 315 37.26 1.52 9.17
CA TRP B 315 36.91 0.11 9.23
C TRP B 315 37.76 -0.74 8.31
N TYR B 316 38.06 -0.26 7.10
CA TYR B 316 38.90 -0.97 6.14
C TYR B 316 40.36 -0.52 6.25
N ASP B 317 40.82 -0.28 7.47
CA ASP B 317 42.14 0.28 7.74
C ASP B 317 43.25 -0.38 6.91
N GLY B 318 43.26 -1.72 6.83
CA GLY B 318 44.32 -2.41 6.13
C GLY B 318 44.20 -2.45 4.62
N PHE B 319 43.04 -2.13 4.08
CA PHE B 319 42.79 -2.24 2.64
C PHE B 319 42.46 -0.87 2.07
N PRO B 320 43.43 -0.15 1.51
CA PRO B 320 43.13 1.18 0.94
C PRO B 320 42.12 1.16 -0.19
N GLY B 321 42.11 0.10 -0.99
CA GLY B 321 41.24 0.06 -2.15
C GLY B 321 40.16 -1.01 -2.09
N TRP B 322 39.68 -1.32 -0.88
CA TRP B 322 38.64 -2.33 -0.74
C TRP B 322 37.36 -1.92 -1.46
N ARG B 323 37.08 -0.61 -1.51
CA ARG B 323 35.88 -0.13 -2.21
C ARG B 323 35.92 -0.47 -3.69
N ARG B 324 37.11 -0.45 -4.30
CA ARG B 324 37.27 -0.60 -5.74
C ARG B 324 37.74 -2.00 -6.14
N LYS B 325 37.71 -2.97 -5.23
CA LYS B 325 38.09 -4.34 -5.56
C LYS B 325 36.91 -5.10 -6.12
N HIS B 326 37.21 -6.20 -6.80
CA HIS B 326 36.18 -7.03 -7.40
C HIS B 326 35.60 -7.98 -6.35
N TRP B 327 34.42 -8.53 -6.65
CA TRP B 327 33.75 -9.41 -5.71
C TRP B 327 34.57 -10.66 -5.41
N VAL B 328 35.15 -11.26 -6.44
CA VAL B 328 35.95 -12.48 -6.22
C VAL B 328 37.22 -12.14 -5.43
N VAL B 329 37.82 -10.97 -5.67
CA VAL B 329 39.00 -10.58 -4.92
C VAL B 329 38.65 -10.38 -3.44
N LYS B 330 37.51 -9.73 -3.17
CA LYS B 330 37.05 -9.59 -1.80
C LYS B 330 36.81 -10.94 -1.15
N LEU B 331 36.15 -11.85 -1.87
CA LEU B 331 35.87 -13.17 -1.32
C LEU B 331 37.15 -13.93 -1.00
N LEU B 332 38.13 -13.88 -1.91
CA LEU B 332 39.39 -14.58 -1.68
C LEU B 332 40.15 -13.98 -0.50
N THR B 333 40.17 -12.64 -0.40
CA THR B 333 40.85 -12.01 0.73
C THR B 333 40.18 -12.37 2.05
N CYS B 334 38.85 -12.37 2.08
CA CYS B 334 38.14 -12.76 3.29
C CYS B 334 38.42 -14.21 3.67
N MET B 335 38.42 -15.11 2.69
CA MET B 335 38.74 -16.52 2.98
C MET B 335 40.15 -16.66 3.52
N THR B 336 41.12 -15.97 2.90
CA THR B 336 42.50 -16.08 3.35
C THR B 336 42.67 -15.55 4.76
N ILE B 337 42.05 -14.41 5.08
CA ILE B 337 42.16 -13.88 6.43
C ILE B 337 41.48 -14.80 7.43
N GLY B 338 40.33 -15.37 7.05
CA GLY B 338 39.63 -16.27 7.96
C GLY B 338 40.40 -17.54 8.25
N PHE B 339 41.01 -18.14 7.23
CA PHE B 339 41.76 -19.37 7.45
C PHE B 339 43.01 -19.14 8.30
N LEU B 340 43.53 -17.91 8.31
CA LEU B 340 44.72 -17.57 9.07
C LEU B 340 44.40 -16.99 10.44
N PHE B 341 43.15 -17.13 10.89
CA PHE B 341 42.79 -16.58 12.19
C PHE B 341 43.59 -17.18 13.33
N PRO B 342 43.88 -18.49 13.39
CA PRO B 342 44.75 -18.93 14.48
C PRO B 342 46.12 -18.26 14.42
N MET B 343 46.70 -18.14 13.21
CA MET B 343 48.01 -17.52 13.06
C MET B 343 47.98 -16.07 13.49
N LEU B 344 46.98 -15.31 13.06
CA LEU B 344 46.91 -13.90 13.43
C LEU B 344 46.70 -13.73 14.93
N SER B 345 45.81 -14.53 15.52
CA SER B 345 45.59 -14.45 16.96
C SER B 345 46.84 -14.82 17.74
N ILE B 346 47.55 -15.88 17.33
CA ILE B 346 48.74 -16.28 18.06
C ILE B 346 49.84 -15.25 17.90
N ALA B 347 49.93 -14.64 16.71
CA ALA B 347 50.90 -13.58 16.49
C ALA B 347 50.63 -12.38 17.38
N TYR B 348 49.36 -11.98 17.51
CA TYR B 348 49.01 -10.89 18.41
C TYR B 348 49.33 -11.23 19.85
N LEU B 349 49.09 -12.48 20.25
CA LEU B 349 49.40 -12.90 21.61
C LEU B 349 50.90 -12.83 21.88
N ILE B 350 51.71 -13.40 20.99
CA ILE B 350 53.15 -13.52 21.24
C ILE B 350 53.83 -12.16 21.15
N SER B 351 53.53 -11.40 20.10
CA SER B 351 54.21 -10.12 19.86
C SER B 351 53.20 -9.11 19.32
N PRO B 352 52.55 -8.36 20.22
CA PRO B 352 51.58 -7.36 19.75
C PRO B 352 52.18 -6.29 18.86
N ARG B 353 53.42 -5.90 19.09
CA ARG B 353 54.07 -4.83 18.33
C ARG B 353 54.96 -5.41 17.24
N SER B 354 54.31 -5.94 16.22
CA SER B 354 55.01 -6.48 15.06
C SER B 354 54.09 -6.41 13.86
N ASN B 355 54.67 -6.56 12.67
CA ASN B 355 53.87 -6.44 11.44
C ASN B 355 52.77 -7.50 11.39
N LEU B 356 53.10 -8.73 11.75
CA LEU B 356 52.07 -9.76 11.81
C LEU B 356 51.20 -9.62 13.06
N GLY B 357 51.76 -9.05 14.14
CA GLY B 357 51.01 -8.98 15.39
C GLY B 357 49.85 -8.00 15.33
N LEU B 358 50.08 -6.80 14.81
CA LEU B 358 49.07 -5.75 14.82
C LEU B 358 48.15 -5.81 13.60
N PHE B 359 48.27 -6.85 12.77
CA PHE B 359 47.35 -6.98 11.64
C PHE B 359 45.93 -7.22 12.13
N ILE B 360 45.75 -7.99 13.20
CA ILE B 360 44.44 -8.28 13.74
C ILE B 360 43.81 -7.10 14.47
N LYS B 361 44.61 -6.08 14.82
CA LYS B 361 44.04 -4.90 15.45
C LYS B 361 43.20 -4.08 14.48
N LYS B 362 43.39 -4.28 13.18
CA LYS B 362 42.58 -3.56 12.20
C LYS B 362 41.13 -4.03 12.28
N PRO B 363 40.16 -3.11 12.30
CA PRO B 363 38.78 -3.52 12.60
C PRO B 363 38.21 -4.57 11.67
N PHE B 364 38.43 -4.46 10.36
CA PHE B 364 37.87 -5.44 9.44
C PHE B 364 38.57 -6.79 9.58
N ILE B 365 39.89 -6.77 9.76
CA ILE B 365 40.62 -8.02 10.00
C ILE B 365 40.16 -8.67 11.30
N LYS B 366 39.97 -7.86 12.34
CA LYS B 366 39.47 -8.38 13.60
C LYS B 366 38.09 -9.00 13.42
N PHE B 367 37.22 -8.34 12.66
CA PHE B 367 35.89 -8.88 12.42
C PHE B 367 35.97 -10.21 11.66
N ILE B 368 36.83 -10.29 10.65
CA ILE B 368 36.96 -11.53 9.88
C ILE B 368 37.49 -12.65 10.77
N CYS B 369 38.46 -12.34 11.63
CA CYS B 369 39.01 -13.37 12.51
C CYS B 369 37.98 -13.85 13.52
N HIS B 370 37.22 -12.93 14.11
CA HIS B 370 36.17 -13.34 15.05
C HIS B 370 35.12 -14.19 14.35
N THR B 371 34.71 -13.78 13.15
CA THR B 371 33.73 -14.56 12.39
C THR B 371 34.25 -15.95 12.07
N ALA B 372 35.52 -16.05 11.66
CA ALA B 372 36.10 -17.35 11.33
C ALA B 372 36.18 -18.23 12.56
N SER B 373 36.56 -17.66 13.71
CA SER B 373 36.57 -18.44 14.94
C SER B 373 35.19 -18.94 15.29
N TYR B 374 34.17 -18.10 15.18
CA TYR B 374 32.82 -18.53 15.47
C TYR B 374 32.35 -19.59 14.48
N LEU B 375 32.77 -19.47 13.22
CA LEU B 375 32.40 -20.47 12.22
C LEU B 375 33.04 -21.81 12.52
N THR B 376 34.31 -21.83 12.96
CA THR B 376 34.91 -23.09 13.36
C THR B 376 34.23 -23.65 14.60
N PHE B 377 33.78 -22.79 15.51
CA PHE B 377 33.02 -23.27 16.66
C PHE B 377 31.74 -23.95 16.23
N LEU B 378 31.01 -23.35 15.28
CA LEU B 378 29.78 -23.96 14.79
C LEU B 378 30.08 -25.25 14.03
N PHE B 379 31.19 -25.28 13.29
CA PHE B 379 31.56 -26.49 12.57
C PHE B 379 31.86 -27.64 13.54
N MET B 380 32.53 -27.34 14.65
CA MET B 380 32.76 -28.36 15.67
C MET B 380 31.48 -28.74 16.39
N LEU B 381 30.55 -27.80 16.55
CA LEU B 381 29.24 -28.15 17.08
C LEU B 381 28.55 -29.15 16.17
N LEU B 382 28.66 -28.95 14.85
CA LEU B 382 28.16 -29.93 13.90
C LEU B 382 28.89 -31.26 14.05
N LEU B 383 30.21 -31.21 14.24
CA LEU B 383 30.99 -32.43 14.40
C LEU B 383 30.61 -33.19 15.67
N ALA B 384 30.11 -32.49 16.69
CA ALA B 384 29.78 -33.17 17.94
C ALA B 384 28.66 -34.17 17.77
N SER B 385 27.89 -34.08 16.68
CA SER B 385 26.83 -35.03 16.40
C SER B 385 27.22 -36.10 15.39
N GLN B 386 28.15 -35.79 14.49
CA GLN B 386 28.65 -36.80 13.56
C GLN B 386 29.46 -37.84 14.31
N HIS B 387 29.46 -39.06 13.78
CA HIS B 387 30.09 -40.20 14.48
C HIS B 387 31.57 -40.29 14.12
N ILE B 388 32.31 -39.30 14.62
CA ILE B 388 33.78 -39.29 14.57
C ILE B 388 34.27 -39.54 15.99
N VAL B 389 34.97 -40.66 16.18
CA VAL B 389 35.41 -41.17 17.48
C VAL B 389 34.33 -40.90 18.54
N ARG B 390 33.13 -41.39 18.26
CA ARG B 390 31.99 -41.19 19.16
C ARG B 390 32.04 -42.19 20.32
N THR B 391 31.69 -41.71 21.51
CA THR B 391 31.61 -42.59 22.68
C THR B 391 30.46 -43.56 22.55
N ASP B 392 30.58 -44.70 23.23
CA ASP B 392 29.47 -45.65 23.31
C ASP B 392 28.27 -44.98 23.97
N LEU B 393 27.11 -45.11 23.33
CA LEU B 393 25.93 -44.38 23.81
C LEU B 393 25.33 -45.00 25.06
N HIS B 394 25.80 -46.17 25.48
CA HIS B 394 25.33 -46.80 26.70
C HIS B 394 26.11 -46.40 27.94
N VAL B 395 27.13 -45.55 27.80
CA VAL B 395 27.91 -45.11 28.94
C VAL B 395 27.21 -43.92 29.59
N GLN B 396 26.83 -44.08 30.85
CA GLN B 396 26.26 -42.97 31.60
C GLN B 396 27.39 -42.14 32.21
N GLY B 397 27.30 -40.83 32.05
CA GLY B 397 28.37 -39.95 32.45
C GLY B 397 29.69 -40.28 31.79
N PRO B 398 29.76 -40.17 30.48
CA PRO B 398 31.01 -40.46 29.78
C PRO B 398 31.95 -39.28 29.87
N PRO B 399 33.26 -39.50 29.69
CA PRO B 399 34.18 -38.38 29.57
C PRO B 399 33.99 -37.67 28.24
N PRO B 400 34.38 -36.40 28.15
CA PRO B 400 34.20 -35.68 26.88
C PRO B 400 35.00 -36.30 25.75
N THR B 401 34.43 -36.24 24.55
CA THR B 401 35.14 -36.64 23.35
C THR B 401 36.18 -35.58 22.99
N VAL B 402 36.96 -35.86 21.95
CA VAL B 402 37.92 -34.85 21.49
C VAL B 402 37.19 -33.63 20.96
N VAL B 403 36.03 -33.83 20.32
CA VAL B 403 35.25 -32.70 19.83
C VAL B 403 34.78 -31.83 20.99
N GLU B 404 34.29 -32.46 22.06
CA GLU B 404 33.84 -31.69 23.23
C GLU B 404 35.02 -31.04 23.94
N TRP B 405 36.18 -31.70 23.97
CA TRP B 405 37.36 -31.08 24.54
C TRP B 405 37.79 -29.86 23.75
N MET B 406 37.58 -29.86 22.43
CA MET B 406 37.89 -28.68 21.63
C MET B 406 36.81 -27.60 21.75
N ILE B 407 35.56 -28.01 21.99
CA ILE B 407 34.48 -27.05 22.21
C ILE B 407 34.64 -26.32 23.53
N LEU B 408 35.22 -26.99 24.52
CA LEU B 408 35.36 -26.39 25.84
C LEU B 408 36.10 -25.05 25.84
N PRO B 409 37.27 -24.90 25.20
CA PRO B 409 37.89 -23.56 25.19
C PRO B 409 37.02 -22.50 24.55
N TRP B 410 36.28 -22.84 23.49
CA TRP B 410 35.39 -21.86 22.88
C TRP B 410 34.29 -21.43 23.84
N VAL B 411 33.70 -22.37 24.57
CA VAL B 411 32.66 -22.03 25.53
C VAL B 411 33.23 -21.16 26.65
N LEU B 412 34.41 -21.51 27.15
CA LEU B 412 35.03 -20.68 28.18
C LEU B 412 35.30 -19.27 27.67
N GLY B 413 35.79 -19.16 26.42
CA GLY B 413 36.03 -17.85 25.85
C GLY B 413 34.77 -17.03 25.69
N PHE B 414 33.69 -17.66 25.25
CA PHE B 414 32.42 -16.96 25.12
C PHE B 414 31.92 -16.46 26.47
N ILE B 415 32.00 -17.30 27.50
CA ILE B 415 31.54 -16.90 28.83
C ILE B 415 32.38 -15.73 29.35
N TRP B 416 33.71 -15.83 29.20
CA TRP B 416 34.59 -14.77 29.66
C TRP B 416 34.35 -13.48 28.91
N GLY B 417 34.17 -13.56 27.59
CA GLY B 417 33.90 -12.37 26.81
C GLY B 417 32.59 -11.71 27.20
N GLU B 418 31.56 -12.51 27.44
CA GLU B 418 30.27 -11.95 27.84
C GLU B 418 30.35 -11.28 29.21
N ILE B 419 31.06 -11.90 30.16
CA ILE B 419 31.15 -11.25 31.47
C ILE B 419 32.00 -9.99 31.39
N LYS B 420 33.04 -9.97 30.54
CA LYS B 420 33.78 -8.73 30.31
C LYS B 420 32.88 -7.65 29.74
N GLU B 421 32.07 -8.02 28.74
CA GLU B 421 31.21 -7.02 28.10
C GLU B 421 30.19 -6.45 29.06
N MET B 422 29.55 -7.31 29.87
CA MET B 422 28.57 -6.82 30.84
C MET B 422 29.23 -6.10 32.01
N TRP B 423 30.49 -6.40 32.30
CA TRP B 423 31.20 -5.68 33.34
C TRP B 423 31.57 -4.26 32.89
N ASP B 424 32.07 -4.13 31.65
CA ASP B 424 32.47 -2.83 31.16
C ASP B 424 31.26 -1.95 30.82
N GLY B 425 30.28 -2.52 30.13
CA GLY B 425 29.18 -1.71 29.62
C GLY B 425 28.01 -1.52 30.57
N GLY B 426 27.87 -2.41 31.54
CA GLY B 426 26.72 -2.37 32.43
C GLY B 426 25.58 -3.23 31.94
N PHE B 427 24.64 -3.50 32.86
CA PHE B 427 23.58 -4.45 32.56
C PHE B 427 22.53 -3.86 31.60
N THR B 428 22.17 -2.59 31.80
CA THR B 428 21.11 -2.01 30.98
C THR B 428 21.53 -1.89 29.52
N GLU B 429 22.77 -1.51 29.26
CA GLU B 429 23.26 -1.46 27.89
C GLU B 429 23.35 -2.86 27.29
N TYR B 430 23.69 -3.86 28.11
CA TYR B 430 23.77 -5.24 27.65
C TYR B 430 22.39 -5.77 27.24
N ILE B 431 21.36 -5.50 28.05
CA ILE B 431 20.03 -6.04 27.79
C ILE B 431 19.32 -5.30 26.66
N HIS B 432 19.73 -4.07 26.33
CA HIS B 432 19.15 -3.38 25.19
C HIS B 432 19.39 -4.14 23.89
N ASP B 433 20.37 -5.03 23.87
CA ASP B 433 20.68 -5.86 22.70
C ASP B 433 20.06 -7.23 22.90
N TRP B 434 19.12 -7.60 22.02
CA TRP B 434 18.53 -8.93 22.09
C TRP B 434 19.55 -10.02 21.81
N TRP B 435 20.53 -9.72 20.96
CA TRP B 435 21.59 -10.69 20.69
C TRP B 435 22.40 -10.98 21.95
N ASN B 436 22.63 -9.97 22.79
CA ASN B 436 23.34 -10.21 24.04
C ASN B 436 22.52 -11.04 25.00
N LEU B 437 21.19 -10.85 25.00
CA LEU B 437 20.32 -11.70 25.79
C LEU B 437 20.40 -13.16 25.33
N MET B 438 20.42 -13.37 24.02
CA MET B 438 20.57 -14.72 23.49
C MET B 438 21.94 -15.30 23.84
N ASP B 439 22.98 -14.46 23.83
CA ASP B 439 24.30 -14.91 24.26
C ASP B 439 24.27 -15.35 25.72
N PHE B 440 23.60 -14.59 26.57
CA PHE B 440 23.49 -14.96 27.98
C PHE B 440 22.79 -16.29 28.14
N ALA B 441 21.68 -16.49 27.42
CA ALA B 441 20.97 -17.77 27.50
C ALA B 441 21.83 -18.91 27.00
N MET B 442 22.54 -18.69 25.89
CA MET B 442 23.40 -19.73 25.31
C MET B 442 24.53 -20.11 26.26
N ASN B 443 25.18 -19.13 26.88
CA ASN B 443 26.28 -19.43 27.79
C ASN B 443 25.77 -20.08 29.06
N SER B 444 24.60 -19.68 29.55
CA SER B 444 24.02 -20.36 30.71
C SER B 444 23.73 -21.81 30.38
N LEU B 445 23.20 -22.08 29.19
CA LEU B 445 22.92 -23.46 28.80
C LEU B 445 24.21 -24.26 28.66
N TYR B 446 25.26 -23.66 28.10
CA TYR B 446 26.55 -24.35 28.00
C TYR B 446 27.13 -24.66 29.38
N LEU B 447 27.05 -23.70 30.30
CA LEU B 447 27.55 -23.92 31.64
C LEU B 447 26.76 -25.02 32.35
N ALA B 448 25.44 -25.04 32.15
CA ALA B 448 24.62 -26.11 32.72
C ALA B 448 24.97 -27.46 32.11
N THR B 449 25.27 -27.49 30.82
CA THR B 449 25.70 -28.72 30.17
C THR B 449 27.00 -29.24 30.78
N ILE B 450 27.96 -28.34 31.00
CA ILE B 450 29.23 -28.74 31.62
C ILE B 450 28.98 -29.28 33.03
N SER B 451 28.14 -28.58 33.80
CA SER B 451 27.86 -28.99 35.17
C SER B 451 27.20 -30.37 35.21
N LEU B 452 26.22 -30.59 34.34
CA LEU B 452 25.51 -31.88 34.33
C LEU B 452 26.42 -33.00 33.84
N LYS B 453 27.30 -32.71 32.88
CA LYS B 453 28.26 -33.72 32.46
C LYS B 453 29.20 -34.10 33.60
N ILE B 454 29.67 -33.11 34.35
CA ILE B 454 30.54 -33.40 35.49
C ILE B 454 29.79 -34.21 36.55
N VAL B 455 28.54 -33.83 36.83
CA VAL B 455 27.76 -34.54 37.83
C VAL B 455 27.55 -35.99 37.42
N ALA B 456 27.16 -36.21 36.16
CA ALA B 456 26.96 -37.57 35.68
C ALA B 456 28.26 -38.36 35.66
N TYR B 457 29.38 -37.71 35.38
CA TYR B 457 30.66 -38.42 35.39
C TYR B 457 31.03 -38.87 36.78
N VAL B 458 30.88 -37.98 37.78
CA VAL B 458 31.28 -38.35 39.13
C VAL B 458 30.25 -39.24 39.82
N LYS B 459 29.01 -39.28 39.34
CA LYS B 459 27.97 -40.07 40.00
C LYS B 459 27.80 -41.45 39.39
N TYR B 460 27.90 -41.57 38.07
CA TYR B 460 27.67 -42.84 37.39
C TYR B 460 28.99 -43.40 36.87
N ASN B 461 29.20 -44.69 37.08
CA ASN B 461 30.41 -45.38 36.62
C ASN B 461 30.15 -46.44 35.57
N GLY B 462 28.97 -47.06 35.58
CA GLY B 462 28.71 -48.22 34.75
C GLY B 462 28.38 -47.87 33.32
N SER B 463 27.89 -48.88 32.60
CA SER B 463 27.51 -48.77 31.20
C SER B 463 26.11 -49.34 31.00
N ARG B 464 25.17 -48.91 31.83
CA ARG B 464 23.80 -49.40 31.77
C ARG B 464 23.17 -49.05 30.42
N PRO B 465 22.40 -49.96 29.82
CA PRO B 465 21.82 -49.68 28.49
C PRO B 465 20.94 -48.44 28.51
N ARG B 466 20.95 -47.71 27.39
CA ARG B 466 20.28 -46.42 27.34
C ARG B 466 18.77 -46.54 27.48
N GLU B 467 18.20 -47.67 27.06
CA GLU B 467 16.77 -47.86 27.14
C GLU B 467 16.26 -47.89 28.58
N GLU B 468 17.12 -48.22 29.54
CA GLU B 468 16.73 -48.35 30.93
C GLU B 468 17.00 -47.11 31.75
N TRP B 469 17.53 -46.04 31.15
CA TRP B 469 17.83 -44.84 31.90
C TRP B 469 16.56 -44.19 32.41
N GLU B 470 16.67 -43.53 33.57
CA GLU B 470 15.58 -42.75 34.11
C GLU B 470 15.27 -41.57 33.18
N MET B 471 14.04 -41.06 33.28
CA MET B 471 13.65 -39.95 32.42
C MET B 471 14.52 -38.71 32.67
N TRP B 472 14.83 -38.44 33.93
CA TRP B 472 15.63 -37.27 34.30
C TRP B 472 17.09 -37.65 34.56
N HIS B 473 17.60 -38.61 33.81
CA HIS B 473 19.01 -38.96 33.92
C HIS B 473 19.86 -37.76 33.54
N PRO B 474 20.88 -37.41 34.33
CA PRO B 474 21.64 -36.19 34.05
C PRO B 474 22.32 -36.18 32.68
N THR B 475 22.68 -37.35 32.15
CA THR B 475 23.27 -37.37 30.80
C THR B 475 22.24 -36.93 29.76
N LEU B 476 21.00 -37.41 29.89
CA LEU B 476 19.96 -37.00 28.95
C LEU B 476 19.71 -35.49 29.02
N ILE B 477 19.64 -34.95 30.23
CA ILE B 477 19.41 -33.52 30.38
C ILE B 477 20.58 -32.72 29.84
N ALA B 478 21.81 -33.21 30.08
CA ALA B 478 22.98 -32.52 29.55
C ALA B 478 22.96 -32.49 28.02
N GLU B 479 22.59 -33.61 27.39
CA GLU B 479 22.53 -33.66 25.94
C GLU B 479 21.44 -32.74 25.40
N ALA B 480 20.27 -32.70 26.06
CA ALA B 480 19.21 -31.82 25.62
C ALA B 480 19.63 -30.36 25.71
N LEU B 481 20.25 -29.98 26.83
CA LEU B 481 20.72 -28.61 26.99
C LEU B 481 21.79 -28.27 25.96
N PHE B 482 22.68 -29.23 25.67
CA PHE B 482 23.71 -28.99 24.66
C PHE B 482 23.10 -28.78 23.29
N ALA B 483 22.05 -29.53 22.95
CA ALA B 483 21.41 -29.35 21.66
C ALA B 483 20.71 -27.99 21.58
N ILE B 484 20.05 -27.56 22.67
CA ILE B 484 19.45 -26.23 22.67
C ILE B 484 20.52 -25.16 22.51
N SER B 485 21.66 -25.35 23.18
CA SER B 485 22.77 -24.40 23.03
C SER B 485 23.28 -24.37 21.60
N ASN B 486 23.30 -25.52 20.93
CA ASN B 486 23.69 -25.55 19.53
C ASN B 486 22.74 -24.74 18.67
N ILE B 487 21.43 -24.88 18.93
CA ILE B 487 20.45 -24.07 18.20
C ILE B 487 20.74 -22.59 18.39
N LEU B 488 20.94 -22.17 19.65
CA LEU B 488 21.16 -20.76 19.93
C LEU B 488 22.46 -20.27 19.30
N SER B 489 23.53 -21.07 19.39
CA SER B 489 24.81 -20.67 18.83
C SER B 489 24.72 -20.50 17.32
N SER B 490 24.03 -21.42 16.64
CA SER B 490 23.93 -21.28 15.19
C SER B 490 23.01 -20.12 14.81
N LEU B 491 21.96 -19.88 15.59
CA LEU B 491 21.10 -18.73 15.34
C LEU B 491 21.81 -17.40 15.60
N ARG B 492 22.86 -17.42 16.40
CA ARG B 492 23.64 -16.20 16.63
C ARG B 492 24.27 -15.67 15.35
N LEU B 493 24.40 -16.50 14.31
CA LEU B 493 24.99 -16.05 13.05
C LEU B 493 24.17 -14.98 12.35
N ILE B 494 22.87 -14.88 12.65
CA ILE B 494 22.03 -13.90 11.98
C ILE B 494 22.52 -12.48 12.26
N SER B 495 23.07 -12.24 13.45
CA SER B 495 23.54 -10.91 13.80
C SER B 495 24.69 -10.45 12.91
N LEU B 496 25.38 -11.37 12.24
CA LEU B 496 26.46 -10.99 11.33
C LEU B 496 25.95 -10.48 10.00
N PHE B 497 24.65 -10.58 9.73
CA PHE B 497 24.10 -10.02 8.51
C PHE B 497 24.23 -8.50 8.48
N THR B 498 24.30 -7.87 9.66
CA THR B 498 24.39 -6.42 9.71
C THR B 498 25.60 -5.90 8.95
N ALA B 499 26.68 -6.69 8.91
CA ALA B 499 27.88 -6.27 8.19
C ALA B 499 27.70 -6.29 6.68
N ASN B 500 26.64 -6.91 6.17
CA ASN B 500 26.46 -7.08 4.73
C ASN B 500 25.49 -6.05 4.19
N SER B 501 25.76 -5.57 2.97
CA SER B 501 24.93 -4.54 2.36
C SER B 501 23.60 -5.08 1.87
N HIS B 502 23.54 -6.36 1.48
CA HIS B 502 22.32 -6.94 0.94
C HIS B 502 21.44 -7.58 2.01
N LEU B 503 22.05 -8.34 2.93
CA LEU B 503 21.30 -9.02 3.97
C LEU B 503 21.05 -8.16 5.20
N GLY B 504 21.84 -7.11 5.39
CA GLY B 504 21.74 -6.27 6.56
C GLY B 504 20.43 -5.54 6.71
N PRO B 505 20.02 -4.78 5.69
CA PRO B 505 18.73 -4.09 5.78
C PRO B 505 17.57 -5.06 6.00
N LEU B 506 17.63 -6.22 5.36
CA LEU B 506 16.58 -7.21 5.51
C LEU B 506 16.52 -7.73 6.94
N GLN B 507 17.67 -8.08 7.52
CA GLN B 507 17.70 -8.59 8.89
C GLN B 507 17.20 -7.54 9.87
N ILE B 508 17.60 -6.28 9.68
CA ILE B 508 17.14 -5.22 10.57
C ILE B 508 15.63 -5.05 10.46
N SER B 509 15.09 -5.13 9.23
CA SER B 509 13.65 -5.00 9.05
C SER B 509 12.89 -6.12 9.76
N LEU B 510 13.37 -7.35 9.64
CA LEU B 510 12.72 -8.47 10.33
C LEU B 510 12.77 -8.26 11.84
N GLY B 511 13.93 -7.83 12.35
CA GLY B 511 14.03 -7.57 13.77
C GLY B 511 13.05 -6.51 14.23
N ARG B 512 12.83 -5.50 13.41
CA ARG B 512 11.86 -4.46 13.76
C ARG B 512 10.43 -4.98 13.72
N MET B 513 10.14 -5.93 12.83
CA MET B 513 8.80 -6.53 12.78
C MET B 513 8.52 -7.45 13.96
N LEU B 514 9.57 -7.99 14.58
CA LEU B 514 9.39 -8.98 15.64
C LEU B 514 8.49 -8.50 16.77
N LEU B 515 8.48 -7.19 17.09
CA LEU B 515 7.72 -6.75 18.25
C LEU B 515 6.22 -6.79 18.00
N ASP B 516 5.78 -6.32 16.83
CA ASP B 516 4.36 -6.47 16.48
C ASP B 516 3.98 -7.94 16.36
N ILE B 517 4.89 -8.77 15.85
CA ILE B 517 4.64 -10.21 15.84
C ILE B 517 4.41 -10.71 17.25
N LEU B 518 5.20 -10.22 18.22
CA LEU B 518 5.06 -10.67 19.60
C LEU B 518 3.72 -10.27 20.20
N LYS B 519 3.28 -9.03 19.94
CA LYS B 519 1.97 -8.62 20.45
C LYS B 519 0.87 -9.50 19.88
N PHE B 520 0.92 -9.78 18.58
CA PHE B 520 -0.10 -10.64 18.00
C PHE B 520 -0.04 -12.04 18.59
N LEU B 521 1.18 -12.54 18.87
CA LEU B 521 1.31 -13.83 19.53
C LEU B 521 0.67 -13.81 20.91
N PHE B 522 0.72 -12.68 21.60
CA PHE B 522 0.06 -12.57 22.90
C PHE B 522 -1.45 -12.77 22.76
N ILE B 523 -2.07 -12.07 21.80
CA ILE B 523 -3.51 -12.25 21.60
C ILE B 523 -3.82 -13.70 21.18
N TYR B 524 -2.97 -14.27 20.33
CA TYR B 524 -3.17 -15.66 19.94
C TYR B 524 -3.10 -16.59 21.15
N CYS B 525 -2.17 -16.33 22.06
CA CYS B 525 -2.03 -17.18 23.25
C CYS B 525 -3.27 -17.09 24.13
N LEU B 526 -3.88 -15.90 24.21
CA LEU B 526 -5.16 -15.81 24.92
C LEU B 526 -6.22 -16.69 24.27
N VAL B 527 -6.34 -16.63 22.95
CA VAL B 527 -7.32 -17.48 22.26
C VAL B 527 -7.00 -18.96 22.48
N LEU B 528 -5.72 -19.31 22.41
CA LEU B 528 -5.28 -20.69 22.62
C LEU B 528 -5.64 -21.18 24.00
N LEU B 529 -5.42 -20.35 25.03
CA LEU B 529 -5.79 -20.74 26.39
C LEU B 529 -7.28 -20.93 26.51
N ALA B 530 -8.08 -20.07 25.87
CA ALA B 530 -9.53 -20.22 25.92
C ALA B 530 -9.97 -21.56 25.35
N PHE B 531 -9.52 -21.89 24.14
CA PHE B 531 -9.97 -23.14 23.54
C PHE B 531 -9.37 -24.35 24.22
N ALA B 532 -8.16 -24.24 24.76
CA ALA B 532 -7.59 -25.34 25.52
C ALA B 532 -8.41 -25.62 26.77
N ASN B 533 -8.81 -24.57 27.48
CA ASN B 533 -9.67 -24.73 28.64
C ASN B 533 -10.96 -25.45 28.25
N GLY B 534 -11.61 -25.00 27.18
CA GLY B 534 -12.87 -25.62 26.78
C GLY B 534 -12.70 -27.08 26.38
N LEU B 535 -11.72 -27.38 25.54
CA LEU B 535 -11.54 -28.73 25.04
C LEU B 535 -11.12 -29.69 26.16
N ASN B 536 -10.23 -29.26 27.05
CA ASN B 536 -9.87 -30.09 28.19
C ASN B 536 -11.07 -30.34 29.08
N GLN B 537 -11.87 -29.30 29.34
CA GLN B 537 -13.07 -29.48 30.15
C GLN B 537 -14.01 -30.50 29.52
N LEU B 538 -14.10 -30.51 28.20
CA LEU B 538 -15.00 -31.45 27.54
C LEU B 538 -14.46 -32.87 27.56
N TYR B 539 -13.15 -33.04 27.39
CA TYR B 539 -12.59 -34.35 27.09
C TYR B 539 -11.88 -35.03 28.26
N PHE B 540 -11.72 -34.37 29.41
CA PHE B 540 -10.90 -34.99 30.45
C PHE B 540 -11.55 -36.23 31.06
N TYR B 541 -12.85 -36.43 30.86
CA TYR B 541 -13.50 -37.62 31.38
C TYR B 541 -13.01 -38.88 30.69
N TYR B 542 -12.65 -38.77 29.40
CA TYR B 542 -12.34 -39.92 28.57
C TYR B 542 -10.85 -40.17 28.47
N GLU B 543 -10.07 -39.71 29.44
CA GLU B 543 -8.66 -40.02 29.47
C GLU B 543 -8.46 -41.52 29.67
N THR B 544 -7.58 -42.11 28.86
CA THR B 544 -7.28 -43.53 28.95
C THR B 544 -5.81 -43.73 29.26
N ARG B 545 -5.49 -44.84 29.90
CA ARG B 545 -4.12 -45.11 30.29
C ARG B 545 -3.27 -45.45 29.06
N ALA B 546 -1.95 -45.31 29.24
CA ALA B 546 -1.03 -45.68 28.16
C ALA B 546 -1.08 -47.17 27.88
N ILE B 547 -1.40 -47.98 28.88
CA ILE B 547 -1.43 -49.42 28.69
C ILE B 547 -2.50 -49.81 27.68
N ASP B 548 -3.64 -49.12 27.70
CA ASP B 548 -4.73 -49.41 26.78
C ASP B 548 -4.45 -48.96 25.35
N GLU B 549 -3.44 -48.14 25.13
CA GLU B 549 -3.14 -47.62 23.81
C GLU B 549 -2.39 -48.64 22.97
N PRO B 550 -2.46 -48.53 21.64
CA PRO B 550 -1.93 -49.61 20.78
C PRO B 550 -0.46 -49.92 20.99
N ASN B 551 0.38 -48.92 21.25
CA ASN B 551 1.81 -49.14 21.35
C ASN B 551 2.35 -48.84 22.74
N ASN B 552 1.47 -48.86 23.76
CA ASN B 552 1.80 -48.34 25.09
C ASN B 552 2.25 -46.90 25.02
N CYS B 553 1.78 -46.18 24.01
CA CYS B 553 2.13 -44.78 23.77
C CYS B 553 0.88 -43.93 23.99
N LYS B 554 0.96 -42.97 24.88
CA LYS B 554 -0.14 -42.06 25.18
C LYS B 554 0.28 -40.65 24.80
N GLY B 555 -0.53 -39.99 23.97
CA GLY B 555 -0.25 -38.64 23.55
C GLY B 555 -0.43 -38.48 22.06
N ILE B 556 -0.07 -37.29 21.56
CA ILE B 556 -0.29 -36.95 20.16
C ILE B 556 1.00 -37.16 19.39
N ARG B 557 2.00 -37.75 20.03
CA ARG B 557 3.26 -38.06 19.37
C ARG B 557 3.39 -39.53 19.06
N CYS B 558 2.29 -40.27 19.06
CA CYS B 558 2.28 -41.67 18.68
C CYS B 558 1.86 -41.82 17.22
N GLU B 559 2.02 -43.03 16.69
CA GLU B 559 1.58 -43.27 15.32
C GLU B 559 0.08 -43.08 15.19
N LYS B 560 -0.68 -43.58 16.16
CA LYS B 560 -2.12 -43.30 16.26
C LYS B 560 -2.32 -42.34 17.42
N GLN B 561 -2.60 -41.08 17.12
CA GLN B 561 -2.72 -40.06 18.14
C GLN B 561 -3.92 -40.34 19.04
N ASN B 562 -3.76 -40.04 20.32
CA ASN B 562 -4.78 -40.32 21.31
C ASN B 562 -4.58 -39.38 22.49
N ASN B 563 -5.63 -39.26 23.30
CA ASN B 563 -5.59 -38.41 24.50
C ASN B 563 -5.15 -37.00 24.15
N ALA B 564 -5.67 -36.48 23.03
CA ALA B 564 -5.27 -35.16 22.59
C ALA B 564 -5.70 -34.08 23.58
N PHE B 565 -6.87 -34.26 24.21
CA PHE B 565 -7.43 -33.25 25.08
C PHE B 565 -7.70 -33.81 26.47
N SER B 566 -6.93 -34.82 26.90
CA SER B 566 -7.15 -35.42 28.20
C SER B 566 -6.62 -34.56 29.33
N THR B 567 -5.49 -33.90 29.14
CA THR B 567 -4.92 -32.99 30.13
C THR B 567 -4.70 -31.62 29.52
N LEU B 568 -4.61 -30.60 30.39
CA LEU B 568 -4.48 -29.23 29.91
C LEU B 568 -3.19 -29.04 29.13
N PHE B 569 -2.09 -29.58 29.65
CA PHE B 569 -0.80 -29.46 28.96
C PHE B 569 -0.85 -30.12 27.59
N GLU B 570 -1.41 -31.34 27.54
CA GLU B 570 -1.56 -32.02 26.27
C GLU B 570 -2.54 -31.30 25.35
N THR B 571 -3.58 -30.68 25.91
CA THR B 571 -4.50 -29.92 25.07
C THR B 571 -3.81 -28.73 24.42
N LEU B 572 -2.97 -28.02 25.19
CA LEU B 572 -2.20 -26.91 24.62
C LEU B 572 -1.27 -27.41 23.52
N GLN B 573 -0.60 -28.54 23.74
CA GLN B 573 0.25 -29.11 22.70
C GLN B 573 -0.56 -29.47 21.45
N SER B 574 -1.74 -30.07 21.65
CA SER B 574 -2.55 -30.49 20.53
C SER B 574 -3.01 -29.30 19.69
N LEU B 575 -3.44 -28.22 20.34
CA LEU B 575 -3.88 -27.05 19.58
C LEU B 575 -2.70 -26.38 18.89
N PHE B 576 -1.54 -26.32 19.56
CA PHE B 576 -0.36 -25.77 18.91
C PHE B 576 -0.01 -26.54 17.66
N TRP B 577 -0.07 -27.86 17.72
CA TRP B 577 0.29 -28.66 16.55
C TRP B 577 -0.81 -28.64 15.49
N SER B 578 -2.06 -28.44 15.89
CA SER B 578 -3.12 -28.25 14.92
C SER B 578 -2.98 -26.95 14.16
N VAL B 579 -2.29 -25.97 14.76
CA VAL B 579 -1.94 -24.77 14.00
C VAL B 579 -1.20 -25.15 12.72
N PHE B 580 -0.28 -26.10 12.82
CA PHE B 580 0.50 -26.55 11.66
C PHE B 580 -0.07 -27.80 11.02
N GLY B 581 -1.31 -28.16 11.35
CA GLY B 581 -1.96 -29.27 10.69
C GLY B 581 -1.41 -30.63 11.00
N LEU B 582 -0.68 -30.78 12.11
CA LEU B 582 -0.10 -32.06 12.48
C LEU B 582 -0.98 -32.85 13.43
N LEU B 583 -2.14 -32.32 13.81
CA LEU B 583 -3.09 -33.04 14.64
C LEU B 583 -4.20 -33.59 13.74
N ASN B 584 -4.41 -34.91 13.81
CA ASN B 584 -5.39 -35.57 12.97
C ASN B 584 -6.78 -35.43 13.57
N LEU B 585 -7.78 -35.51 12.70
CA LEU B 585 -9.16 -35.24 13.13
C LEU B 585 -9.69 -36.29 14.09
N TYR B 586 -9.24 -37.54 13.94
CA TYR B 586 -9.82 -38.62 14.73
C TYR B 586 -9.53 -38.49 16.21
N VAL B 587 -8.64 -37.58 16.62
CA VAL B 587 -8.42 -37.32 18.02
C VAL B 587 -9.63 -36.69 18.68
N THR B 588 -10.63 -36.26 17.90
CA THR B 588 -11.86 -35.73 18.47
C THR B 588 -12.85 -36.83 18.83
N ASN B 589 -12.51 -38.08 18.62
CA ASN B 589 -13.35 -39.22 18.99
C ASN B 589 -12.95 -39.76 20.36
N VAL B 590 -13.89 -40.46 20.99
CA VAL B 590 -13.67 -41.14 22.26
C VAL B 590 -14.07 -42.60 22.10
N LYS B 591 -13.60 -43.43 23.03
CA LYS B 591 -13.89 -44.86 22.96
C LYS B 591 -15.39 -45.12 23.00
N ALA B 592 -16.10 -44.47 23.92
CA ALA B 592 -17.51 -44.75 24.11
C ALA B 592 -18.37 -44.26 22.95
N ARG B 593 -17.82 -43.47 22.03
CA ARG B 593 -18.56 -42.95 20.88
C ARG B 593 -19.81 -42.19 21.32
N HIS B 594 -19.63 -41.28 22.27
CA HIS B 594 -20.67 -40.32 22.63
C HIS B 594 -20.76 -39.29 21.52
N GLU B 595 -21.75 -39.47 20.64
CA GLU B 595 -21.77 -38.69 19.40
C GLU B 595 -21.92 -37.20 19.67
N PHE B 596 -22.75 -36.83 20.65
CA PHE B 596 -22.92 -35.41 20.96
C PHE B 596 -21.63 -34.81 21.51
N THR B 597 -20.96 -35.52 22.42
CA THR B 597 -19.71 -35.02 22.97
C THR B 597 -18.65 -34.90 21.88
N GLU B 598 -18.55 -35.91 21.01
CA GLU B 598 -17.57 -35.89 19.95
C GLU B 598 -17.85 -34.78 18.94
N PHE B 599 -19.13 -34.53 18.63
CA PHE B 599 -19.45 -33.45 17.73
C PHE B 599 -19.15 -32.09 18.34
N VAL B 600 -19.46 -31.92 19.63
CA VAL B 600 -19.12 -30.66 20.30
C VAL B 600 -17.61 -30.45 20.32
N GLY B 601 -16.86 -31.51 20.55
CA GLY B 601 -15.40 -31.38 20.52
C GLY B 601 -14.88 -31.05 19.14
N ALA B 602 -15.43 -31.69 18.11
CA ALA B 602 -15.02 -31.39 16.75
C ALA B 602 -15.37 -29.96 16.37
N THR B 603 -16.50 -29.45 16.87
CA THR B 603 -16.88 -28.07 16.58
C THR B 603 -16.00 -27.08 17.34
N MET B 604 -15.61 -27.39 18.57
CA MET B 604 -14.64 -26.57 19.28
C MET B 604 -13.32 -26.52 18.53
N PHE B 605 -12.86 -27.69 18.09
CA PHE B 605 -11.61 -27.78 17.33
C PHE B 605 -11.71 -27.00 16.03
N GLY B 606 -12.85 -27.09 15.33
CA GLY B 606 -13.02 -26.36 14.10
C GLY B 606 -13.12 -24.86 14.29
N THR B 607 -13.81 -24.42 15.35
CA THR B 607 -13.85 -22.99 15.66
C THR B 607 -12.46 -22.48 15.98
N TYR B 608 -11.68 -23.27 16.73
CA TYR B 608 -10.30 -22.89 16.99
C TYR B 608 -9.51 -22.77 15.69
N ASN B 609 -9.70 -23.72 14.79
CA ASN B 609 -8.99 -23.68 13.51
C ASN B 609 -9.37 -22.46 12.68
N VAL B 610 -10.66 -22.14 12.62
CA VAL B 610 -11.10 -20.96 11.87
C VAL B 610 -10.52 -19.70 12.51
N ILE B 611 -10.55 -19.61 13.83
CA ILE B 611 -10.09 -18.42 14.51
C ILE B 611 -8.59 -18.23 14.31
N SER B 612 -7.81 -19.30 14.45
CA SER B 612 -6.36 -19.15 14.44
C SER B 612 -5.80 -19.13 13.03
N LEU B 613 -6.30 -19.98 12.14
CA LEU B 613 -5.71 -20.14 10.81
C LEU B 613 -6.36 -19.26 9.76
N VAL B 614 -7.67 -19.00 9.85
CA VAL B 614 -8.34 -18.17 8.86
C VAL B 614 -8.41 -16.72 9.29
N VAL B 615 -8.63 -16.46 10.58
CA VAL B 615 -8.79 -15.09 11.05
C VAL B 615 -7.45 -14.55 11.55
N LEU B 616 -6.89 -15.19 12.59
CA LEU B 616 -5.72 -14.64 13.25
C LEU B 616 -4.50 -14.65 12.34
N LEU B 617 -4.28 -15.73 11.59
CA LEU B 617 -3.09 -15.79 10.74
C LEU B 617 -3.12 -14.72 9.65
N ASN B 618 -4.30 -14.50 9.05
CA ASN B 618 -4.39 -13.49 8.01
C ASN B 618 -4.34 -12.08 8.59
N MET B 619 -4.89 -11.88 9.80
CA MET B 619 -4.69 -10.60 10.46
C MET B 619 -3.22 -10.35 10.71
N LEU B 620 -2.49 -11.38 11.12
CA LEU B 620 -1.05 -11.26 11.30
C LEU B 620 -0.35 -10.91 10.00
N ILE B 621 -0.78 -11.53 8.90
CA ILE B 621 -0.20 -11.22 7.60
C ILE B 621 -0.42 -9.76 7.24
N ALA B 622 -1.65 -9.26 7.45
CA ALA B 622 -1.95 -7.87 7.14
C ALA B 622 -1.11 -6.91 7.98
N MET B 623 -0.99 -7.20 9.28
CA MET B 623 -0.17 -6.35 10.14
C MET B 623 1.28 -6.38 9.71
N MET B 624 1.79 -7.55 9.34
CA MET B 624 3.17 -7.63 8.89
C MET B 624 3.37 -6.83 7.61
N ASN B 625 2.40 -6.86 6.70
CA ASN B 625 2.52 -6.05 5.49
C ASN B 625 2.60 -4.56 5.82
N ASN B 626 1.68 -4.08 6.66
CA ASN B 626 1.68 -2.65 7.00
C ASN B 626 2.96 -2.25 7.71
N SER B 627 3.36 -3.02 8.72
CA SER B 627 4.56 -2.72 9.47
C SER B 627 5.80 -2.80 8.58
N TYR B 628 5.81 -3.73 7.63
CA TYR B 628 6.99 -3.85 6.77
C TYR B 628 7.08 -2.67 5.81
N GLN B 629 5.95 -2.17 5.33
CA GLN B 629 6.00 -0.94 4.53
C GLN B 629 6.59 0.21 5.35
N LEU B 630 6.06 0.40 6.56
CA LEU B 630 6.56 1.48 7.40
C LEU B 630 8.05 1.31 7.72
N ILE B 631 8.48 0.07 7.92
CA ILE B 631 9.88 -0.19 8.23
C ILE B 631 10.78 0.04 7.02
N ALA B 632 10.36 -0.48 5.84
CA ALA B 632 11.14 -0.32 4.63
C ALA B 632 11.28 1.15 4.24
N ASP B 633 10.40 2.01 4.75
CA ASP B 633 10.62 3.45 4.55
C ASP B 633 11.96 3.91 5.13
N HIS B 634 12.34 3.42 6.31
CA HIS B 634 13.56 3.85 6.99
C HIS B 634 14.62 2.76 7.08
N ALA B 635 14.45 1.67 6.35
CA ALA B 635 15.35 0.51 6.47
C ALA B 635 16.82 0.89 6.26
N ASP B 636 17.12 1.78 5.31
CA ASP B 636 18.51 2.09 5.03
C ASP B 636 19.17 2.79 6.21
N ILE B 637 18.49 3.79 6.77
CA ILE B 637 19.03 4.50 7.94
C ILE B 637 19.20 3.54 9.10
N GLU B 638 18.19 2.70 9.35
CA GLU B 638 18.28 1.77 10.47
C GLU B 638 19.44 0.81 10.31
N TRP B 639 19.60 0.25 9.11
CA TRP B 639 20.69 -0.68 8.87
C TRP B 639 22.04 0.00 9.01
N LYS B 640 22.16 1.23 8.52
CA LYS B 640 23.43 1.93 8.65
C LYS B 640 23.77 2.21 10.10
N PHE B 641 22.76 2.53 10.92
CA PHE B 641 23.01 2.69 12.35
C PHE B 641 23.47 1.39 12.99
N ALA B 642 22.81 0.28 12.64
CA ALA B 642 23.21 -1.00 13.21
C ALA B 642 24.61 -1.40 12.79
N ARG B 643 24.95 -1.18 11.52
CA ARG B 643 26.29 -1.51 11.04
C ARG B 643 27.34 -0.59 11.64
N THR B 644 26.99 0.66 11.91
CA THR B 644 27.91 1.53 12.63
C THR B 644 28.19 0.99 14.02
N LYS B 645 27.15 0.53 14.72
CA LYS B 645 27.38 -0.07 16.04
C LYS B 645 28.27 -1.30 15.93
N LEU B 646 28.03 -2.14 14.92
CA LEU B 646 28.87 -3.33 14.72
C LEU B 646 30.32 -2.94 14.45
N TRP B 647 30.54 -1.92 13.63
CA TRP B 647 31.90 -1.49 13.34
C TRP B 647 32.57 -0.92 14.58
N MET B 648 31.86 -0.09 15.35
CA MET B 648 32.43 0.51 16.54
C MET B 648 32.81 -0.54 17.57
N SER B 649 32.06 -1.64 17.62
CA SER B 649 32.42 -2.69 18.56
C SER B 649 33.77 -3.32 18.25
N TYR B 650 34.31 -3.14 17.05
CA TYR B 650 35.61 -3.67 16.67
C TYR B 650 36.70 -2.62 16.61
N PHE B 651 36.41 -1.37 16.97
CA PHE B 651 37.45 -0.36 16.97
C PHE B 651 38.33 -0.43 18.21
N ASP B 652 37.78 -0.88 19.33
CA ASP B 652 38.48 -0.86 20.60
C ASP B 652 39.56 -1.94 20.66
N GLU B 653 40.60 -1.66 21.46
CA GLU B 653 41.67 -2.64 21.66
C GLU B 653 41.20 -3.82 22.48
N GLY B 654 40.34 -3.59 23.46
CA GLY B 654 39.84 -4.69 24.28
C GLY B 654 39.03 -5.67 23.46
N GLY B 655 39.21 -6.95 23.75
CA GLY B 655 38.52 -7.99 23.00
C GLY B 655 39.05 -8.21 21.61
N THR B 656 40.32 -7.90 21.36
CA THR B 656 40.90 -8.13 20.04
C THR B 656 40.93 -9.62 19.71
N LEU B 657 41.35 -10.45 20.65
CA LEU B 657 41.46 -11.88 20.41
C LEU B 657 40.08 -12.53 20.52
N PRO B 658 39.67 -13.29 19.51
CA PRO B 658 38.40 -14.01 19.61
C PRO B 658 38.58 -15.27 20.44
N PRO B 659 37.49 -15.89 20.90
CA PRO B 659 37.61 -17.22 21.49
C PRO B 659 38.18 -18.19 20.49
N PRO B 660 38.97 -19.17 20.94
CA PRO B 660 39.32 -19.48 22.33
C PRO B 660 40.54 -18.74 22.85
N PHE B 661 41.07 -17.79 22.09
CA PHE B 661 42.33 -17.16 22.44
C PHE B 661 42.19 -16.05 23.47
N ASN B 662 40.97 -15.64 23.81
CA ASN B 662 40.82 -14.54 24.76
C ASN B 662 40.92 -14.99 26.21
N ILE B 663 40.99 -16.30 26.48
CA ILE B 663 41.16 -16.80 27.84
C ILE B 663 42.61 -17.16 28.14
N ILE B 664 43.53 -16.91 27.23
CA ILE B 664 44.93 -17.21 27.46
C ILE B 664 45.62 -16.05 28.18
N SER B 706 42.87 19.74 25.18
CA SER B 706 41.52 20.00 25.69
C SER B 706 41.03 21.36 25.26
N LEU B 707 41.73 22.41 25.71
CA LEU B 707 41.35 23.77 25.33
C LEU B 707 41.53 24.00 23.84
N ILE B 708 42.63 23.50 23.26
CA ILE B 708 42.86 23.64 21.84
C ILE B 708 41.79 22.90 21.04
N GLN B 709 41.43 21.70 21.49
CA GLN B 709 40.36 20.96 20.84
C GLN B 709 39.05 21.73 20.90
N ASN B 710 38.76 22.34 22.05
CA ASN B 710 37.52 23.12 22.17
C ASN B 710 37.54 24.33 21.25
N GLN B 711 38.68 25.01 21.12
CA GLN B 711 38.75 26.14 20.21
C GLN B 711 38.54 25.72 18.76
N HIS B 712 39.18 24.62 18.35
CA HIS B 712 38.96 24.13 16.99
C HIS B 712 37.51 23.75 16.77
N TYR B 713 36.91 23.07 17.75
CA TYR B 713 35.51 22.68 17.63
C TYR B 713 34.60 23.89 17.54
N GLN B 714 34.88 24.93 18.32
CA GLN B 714 34.05 26.12 18.28
C GLN B 714 34.17 26.85 16.95
N GLU B 715 35.38 26.89 16.38
CA GLU B 715 35.56 27.49 15.06
C GLU B 715 34.77 26.72 14.00
N VAL B 716 34.87 25.39 14.02
CA VAL B 716 34.14 24.57 13.06
C VAL B 716 32.64 24.74 13.24
N ILE B 717 32.18 24.79 14.49
CA ILE B 717 30.76 24.96 14.77
C ILE B 717 30.28 26.31 14.28
N ARG B 718 31.09 27.35 14.45
CA ARG B 718 30.72 28.68 13.94
C ARG B 718 30.53 28.64 12.43
N ASN B 719 31.47 28.00 11.72
CA ASN B 719 31.32 27.88 10.27
C ASN B 719 30.07 27.09 9.91
N LEU B 720 29.82 25.99 10.61
CA LEU B 720 28.66 25.16 10.31
C LEU B 720 27.36 25.92 10.54
N VAL B 721 27.29 26.68 11.64
CA VAL B 721 26.09 27.44 11.94
C VAL B 721 25.86 28.52 10.89
N LYS B 722 26.92 29.21 10.45
CA LYS B 722 26.75 30.21 9.40
C LYS B 722 26.24 29.58 8.11
N ARG B 723 26.83 28.45 7.72
CA ARG B 723 26.39 27.77 6.50
C ARG B 723 24.95 27.30 6.63
N TYR B 724 24.59 26.77 7.79
CA TYR B 724 23.23 26.28 8.01
C TYR B 724 22.22 27.41 7.96
N VAL B 725 22.54 28.55 8.57
CA VAL B 725 21.62 29.70 8.54
C VAL B 725 21.44 30.19 7.11
N ALA B 726 22.54 30.29 6.36
CA ALA B 726 22.44 30.71 4.96
C ALA B 726 21.59 29.72 4.16
N ALA B 727 21.81 28.42 4.38
CA ALA B 727 21.06 27.42 3.63
C ALA B 727 19.58 27.44 3.99
N MET B 728 19.26 27.70 5.26
CA MET B 728 17.86 27.76 5.66
C MET B 728 17.17 29.00 5.11
N ILE B 729 17.88 30.13 5.05
CA ILE B 729 17.33 31.31 4.38
C ILE B 729 17.09 31.02 2.90
N ARG B 730 18.04 30.32 2.26
CA ARG B 730 17.87 29.96 0.86
C ARG B 730 16.66 29.06 0.65
N ASN B 731 16.45 28.08 1.54
CA ASN B 731 15.35 27.15 1.39
C ASN B 731 14.01 27.79 1.68
N SER B 732 13.97 28.70 2.66
CA SER B 732 12.70 29.35 3.03
C SER B 732 12.16 30.19 1.88
N LYS B 733 13.03 30.94 1.21
CA LYS B 733 12.61 31.74 0.05
C LYS B 733 12.31 30.84 -1.14
N ARG C 17 -14.12 15.19 -43.78
CA ARG C 17 -13.99 16.28 -42.83
C ARG C 17 -15.18 16.35 -41.89
N ILE C 18 -14.94 16.82 -40.67
CA ILE C 18 -15.98 17.01 -39.66
C ILE C 18 -16.30 18.50 -39.60
N PRO C 19 -17.43 18.96 -40.16
CA PRO C 19 -17.76 20.38 -40.05
C PRO C 19 -17.98 20.78 -38.60
N LEU C 20 -17.56 21.99 -38.26
CA LEU C 20 -17.71 22.52 -36.92
C LEU C 20 -18.50 23.82 -37.00
N GLN C 21 -19.61 23.88 -36.28
CA GLN C 21 -20.49 25.05 -36.30
C GLN C 21 -21.21 25.13 -34.96
N ILE C 22 -21.57 26.35 -34.54
CA ILE C 22 -22.23 26.52 -33.26
C ILE C 22 -23.61 25.88 -33.36
N VAL C 23 -23.77 24.70 -32.75
CA VAL C 23 -25.00 23.92 -32.91
C VAL C 23 -26.15 24.59 -32.16
N ARG C 24 -25.90 25.04 -30.93
CA ARG C 24 -26.91 25.74 -30.14
C ARG C 24 -26.50 27.20 -30.06
N ALA C 25 -26.88 27.95 -31.09
CA ALA C 25 -26.53 29.36 -31.19
C ALA C 25 -27.41 30.19 -30.26
N GLU C 26 -26.81 31.18 -29.63
CA GLU C 26 -27.51 32.12 -28.77
C GLU C 26 -27.60 33.48 -29.45
N THR C 27 -28.68 34.21 -29.16
CA THR C 27 -28.86 35.53 -29.74
C THR C 27 -27.77 36.46 -29.25
N GLU C 28 -26.96 36.97 -30.18
CA GLU C 28 -25.87 37.85 -29.81
C GLU C 28 -26.36 39.27 -29.56
N LEU C 29 -25.55 40.02 -28.83
CA LEU C 29 -25.87 41.39 -28.49
C LEU C 29 -25.59 42.33 -29.66
N SER C 30 -26.12 43.54 -29.57
CA SER C 30 -25.81 44.56 -30.56
C SER C 30 -24.37 45.04 -30.39
N ALA C 31 -23.90 45.84 -31.35
CA ALA C 31 -22.59 46.45 -31.22
C ALA C 31 -22.56 47.39 -30.02
N GLU C 32 -23.64 48.15 -29.81
CA GLU C 32 -23.68 49.06 -28.67
C GLU C 32 -23.87 48.31 -27.36
N GLU C 33 -24.63 47.21 -27.36
CA GLU C 33 -24.75 46.40 -26.14
C GLU C 33 -23.41 45.78 -25.75
N LYS C 34 -22.69 45.24 -26.73
CA LYS C 34 -21.36 44.73 -26.45
C LYS C 34 -20.42 45.85 -26.03
N ALA C 35 -20.61 47.05 -26.57
CA ALA C 35 -19.80 48.17 -26.11
C ALA C 35 -20.07 48.48 -24.64
N PHE C 36 -21.35 48.47 -24.25
CA PHE C 36 -21.71 48.69 -22.86
C PHE C 36 -21.10 47.64 -21.95
N LEU C 37 -21.20 46.38 -22.35
CA LEU C 37 -20.66 45.30 -21.53
C LEU C 37 -19.14 45.37 -21.45
N ASN C 38 -18.47 45.69 -22.56
CA ASN C 38 -17.03 45.84 -22.51
C ASN C 38 -16.63 47.07 -21.70
N ALA C 39 -17.49 48.09 -21.68
CA ALA C 39 -17.21 49.26 -20.87
C ALA C 39 -17.27 48.91 -19.38
N VAL C 40 -18.32 48.21 -18.96
CA VAL C 40 -18.43 47.87 -17.54
C VAL C 40 -17.34 46.89 -17.15
N GLU C 41 -16.99 45.95 -18.04
CA GLU C 41 -15.88 45.04 -17.74
C GLU C 41 -14.57 45.80 -17.61
N LYS C 42 -14.33 46.76 -18.51
CA LYS C 42 -13.04 47.45 -18.53
C LYS C 42 -12.84 48.24 -17.25
N GLY C 43 -13.90 48.79 -16.69
CA GLY C 43 -13.81 49.64 -15.53
C GLY C 43 -13.89 51.12 -15.81
N ASP C 44 -14.12 51.52 -17.05
CA ASP C 44 -14.23 52.94 -17.38
C ASP C 44 -15.54 53.48 -16.84
N TYR C 45 -15.46 54.21 -15.73
CA TYR C 45 -16.66 54.72 -15.08
C TYR C 45 -17.42 55.69 -15.97
N ALA C 46 -16.70 56.59 -16.64
CA ALA C 46 -17.36 57.62 -17.45
C ALA C 46 -18.10 56.99 -18.63
N THR C 47 -17.51 56.00 -19.28
CA THR C 47 -18.14 55.37 -20.44
C THR C 47 -19.48 54.75 -20.07
N VAL C 48 -19.50 53.96 -18.99
CA VAL C 48 -20.73 53.34 -18.54
C VAL C 48 -21.73 54.39 -18.09
N LYS C 49 -21.25 55.41 -17.38
CA LYS C 49 -22.12 56.50 -16.95
C LYS C 49 -22.85 57.09 -18.16
N GLN C 50 -22.10 57.46 -19.19
CA GLN C 50 -22.71 58.03 -20.38
C GLN C 50 -23.63 57.03 -21.06
N ALA C 51 -23.21 55.76 -21.12
CA ALA C 51 -24.00 54.76 -21.84
C ALA C 51 -25.37 54.59 -21.20
N LEU C 52 -25.43 54.37 -19.90
CA LEU C 52 -26.75 54.17 -19.29
C LEU C 52 -27.51 55.48 -19.17
N GLN C 53 -26.82 56.62 -19.05
CA GLN C 53 -27.53 57.89 -19.06
C GLN C 53 -28.25 58.10 -20.39
N GLU C 54 -27.57 57.78 -21.50
CA GLU C 54 -28.21 57.81 -22.81
C GLU C 54 -29.34 56.80 -22.90
N ALA C 55 -29.11 55.60 -22.36
CA ALA C 55 -30.15 54.57 -22.38
C ALA C 55 -31.41 55.02 -21.67
N GLU C 56 -31.27 55.87 -20.66
CA GLU C 56 -32.45 56.33 -19.92
C GLU C 56 -33.42 57.07 -20.83
N ILE C 57 -32.91 57.93 -21.70
CA ILE C 57 -33.79 58.73 -22.56
C ILE C 57 -34.54 57.85 -23.55
N TYR C 58 -33.81 56.97 -24.24
CA TYR C 58 -34.39 56.17 -25.30
C TYR C 58 -34.79 54.79 -24.80
N TYR C 59 -35.14 53.91 -25.74
CA TYR C 59 -35.16 52.47 -25.53
C TYR C 59 -33.94 51.81 -26.17
N ASN C 60 -32.88 52.59 -26.39
CA ASN C 60 -31.77 52.15 -27.22
C ASN C 60 -31.04 50.95 -26.61
N VAL C 61 -30.70 51.04 -25.32
CA VAL C 61 -29.85 50.05 -24.66
C VAL C 61 -30.68 49.31 -23.62
N ASN C 62 -30.53 47.99 -23.60
CA ASN C 62 -31.13 47.17 -22.57
C ASN C 62 -30.09 46.98 -21.46
N ILE C 63 -30.30 47.67 -20.33
CA ILE C 63 -29.31 47.67 -19.27
C ILE C 63 -29.12 46.27 -18.70
N ASN C 64 -30.16 45.43 -18.77
CA ASN C 64 -30.10 44.07 -18.26
C ASN C 64 -29.63 43.06 -19.31
N CYS C 65 -28.84 43.51 -20.27
CA CYS C 65 -28.37 42.62 -21.32
C CYS C 65 -27.43 41.57 -20.76
N MET C 66 -27.31 40.46 -21.50
CA MET C 66 -26.57 39.29 -21.02
C MET C 66 -25.43 38.95 -21.98
N ASP C 67 -24.27 38.66 -21.39
CA ASP C 67 -23.17 38.11 -22.15
C ASP C 67 -23.49 36.66 -22.50
N PRO C 68 -22.80 36.09 -23.52
CA PRO C 68 -22.93 34.65 -23.79
C PRO C 68 -22.89 33.78 -22.55
N LEU C 69 -21.98 34.07 -21.62
CA LEU C 69 -21.87 33.34 -20.37
C LEU C 69 -22.97 33.68 -19.38
N GLY C 70 -23.91 34.54 -19.76
CA GLY C 70 -25.04 34.85 -18.90
C GLY C 70 -24.76 35.85 -17.80
N ARG C 71 -23.68 36.62 -17.91
CA ARG C 71 -23.34 37.62 -16.90
C ARG C 71 -23.69 39.01 -17.41
N SER C 72 -24.52 39.72 -16.65
CA SER C 72 -24.95 41.06 -17.01
C SER C 72 -23.92 42.07 -16.55
N ALA C 73 -24.26 43.35 -16.64
CA ALA C 73 -23.34 44.39 -16.18
C ALA C 73 -23.06 44.25 -14.69
N LEU C 74 -24.10 44.02 -13.89
CA LEU C 74 -23.91 43.94 -12.45
C LEU C 74 -23.02 42.76 -12.07
N LEU C 75 -23.24 41.61 -12.70
CA LEU C 75 -22.43 40.45 -12.39
C LEU C 75 -20.98 40.66 -12.80
N ILE C 76 -20.76 41.33 -13.93
CA ILE C 76 -19.39 41.62 -14.36
C ILE C 76 -18.71 42.56 -13.37
N ALA C 77 -19.44 43.58 -12.90
CA ALA C 77 -18.87 44.49 -11.91
C ALA C 77 -18.54 43.76 -10.61
N ILE C 78 -19.42 42.85 -10.17
CA ILE C 78 -19.15 42.08 -8.96
C ILE C 78 -17.91 41.23 -9.15
N GLU C 79 -17.79 40.56 -10.30
CA GLU C 79 -16.66 39.66 -10.54
C GLU C 79 -15.32 40.40 -10.50
N ASN C 80 -15.31 41.70 -10.77
CA ASN C 80 -14.10 42.50 -10.75
C ASN C 80 -13.94 43.30 -9.47
N GLU C 81 -14.83 43.09 -8.49
CA GLU C 81 -14.80 43.82 -7.21
C GLU C 81 -14.80 45.32 -7.43
N ASN C 82 -15.67 45.78 -8.33
CA ASN C 82 -15.71 47.19 -8.71
C ASN C 82 -16.89 47.84 -7.99
N LEU C 83 -16.64 48.33 -6.77
CA LEU C 83 -17.73 48.86 -5.97
C LEU C 83 -18.32 50.13 -6.57
N GLU C 84 -17.50 50.97 -7.21
CA GLU C 84 -18.02 52.21 -7.78
C GLU C 84 -18.98 51.92 -8.93
N ILE C 85 -18.58 51.03 -9.84
CA ILE C 85 -19.45 50.69 -10.96
C ILE C 85 -20.72 50.01 -10.47
N MET C 86 -20.59 49.12 -9.48
CA MET C 86 -21.77 48.49 -8.90
C MET C 86 -22.72 49.54 -8.33
N GLU C 87 -22.18 50.50 -7.60
CA GLU C 87 -23.00 51.54 -7.02
C GLU C 87 -23.72 52.32 -8.11
N LEU C 88 -23.00 52.67 -9.17
CA LEU C 88 -23.61 53.39 -10.28
C LEU C 88 -24.76 52.59 -10.89
N LEU C 89 -24.50 51.32 -11.19
CA LEU C 89 -25.52 50.49 -11.83
C LEU C 89 -26.75 50.36 -10.94
N LEU C 90 -26.54 50.08 -9.65
CA LEU C 90 -27.67 49.97 -8.74
C LEU C 90 -28.42 51.28 -8.66
N ASN C 91 -27.71 52.42 -8.74
CA ASN C 91 -28.39 53.71 -8.76
C ASN C 91 -29.28 53.85 -9.98
N HIS C 92 -28.82 53.37 -11.14
CA HIS C 92 -29.59 53.50 -12.38
C HIS C 92 -30.57 52.36 -12.60
N SER C 93 -31.00 51.68 -11.53
CA SER C 93 -32.13 50.75 -11.57
C SER C 93 -31.87 49.57 -12.51
N VAL C 94 -30.75 48.90 -12.29
CA VAL C 94 -30.46 47.65 -13.02
C VAL C 94 -31.18 46.50 -12.34
N TYR C 95 -31.65 45.55 -13.14
CA TYR C 95 -32.23 44.34 -12.58
C TYR C 95 -31.19 43.60 -11.76
N VAL C 96 -31.57 43.24 -10.52
CA VAL C 96 -30.61 42.81 -9.50
C VAL C 96 -30.75 41.35 -9.15
N GLY C 97 -31.66 40.62 -9.79
CA GLY C 97 -31.90 39.23 -9.44
C GLY C 97 -30.66 38.37 -9.46
N ASP C 98 -30.44 37.63 -8.37
CA ASP C 98 -29.33 36.70 -8.15
C ASP C 98 -27.98 37.39 -7.98
N ALA C 99 -27.91 38.72 -8.03
CA ALA C 99 -26.62 39.38 -7.89
C ALA C 99 -26.03 39.15 -6.52
N LEU C 100 -26.87 39.10 -5.49
CA LEU C 100 -26.38 38.91 -4.12
C LEU C 100 -25.69 37.57 -3.98
N LEU C 101 -26.20 36.54 -4.64
CA LEU C 101 -25.57 35.23 -4.58
C LEU C 101 -24.17 35.26 -5.17
N TYR C 102 -24.00 35.91 -6.32
CA TYR C 102 -22.67 36.01 -6.91
C TYR C 102 -21.74 36.81 -6.03
N ALA C 103 -22.24 37.88 -5.42
CA ALA C 103 -21.43 38.66 -4.51
C ALA C 103 -20.97 37.82 -3.32
N ILE C 104 -21.88 37.03 -2.75
CA ILE C 104 -21.55 36.20 -1.61
C ILE C 104 -20.52 35.13 -1.99
N ARG C 105 -20.72 34.48 -3.13
CA ARG C 105 -19.78 33.45 -3.55
C ARG C 105 -18.40 34.04 -3.84
N LYS C 106 -18.37 35.23 -4.44
CA LYS C 106 -17.10 35.93 -4.60
C LYS C 106 -16.47 36.30 -3.27
N GLU C 107 -17.28 36.35 -2.20
CA GLU C 107 -16.80 36.61 -0.84
C GLU C 107 -16.15 37.98 -0.74
N VAL C 108 -16.85 39.00 -1.24
CA VAL C 108 -16.44 40.39 -1.10
C VAL C 108 -17.43 41.05 -0.14
N VAL C 109 -16.92 41.47 1.03
CA VAL C 109 -17.80 42.04 2.04
C VAL C 109 -18.42 43.34 1.53
N GLY C 110 -17.63 44.15 0.83
CA GLY C 110 -18.14 45.41 0.34
C GLY C 110 -19.29 45.24 -0.62
N ALA C 111 -19.14 44.31 -1.57
CA ALA C 111 -20.21 44.07 -2.54
C ALA C 111 -21.46 43.57 -1.86
N VAL C 112 -21.30 42.67 -0.88
CA VAL C 112 -22.45 42.13 -0.17
C VAL C 112 -23.18 43.24 0.58
N GLU C 113 -22.44 44.12 1.26
CA GLU C 113 -23.08 45.22 1.96
C GLU C 113 -23.78 46.16 1.00
N LEU C 114 -23.14 46.46 -0.14
CA LEU C 114 -23.75 47.35 -1.11
C LEU C 114 -25.05 46.78 -1.64
N LEU C 115 -25.07 45.49 -1.94
CA LEU C 115 -26.29 44.87 -2.44
C LEU C 115 -27.36 44.78 -1.36
N LEU C 116 -26.96 44.57 -0.10
CA LEU C 116 -27.93 44.51 0.97
C LEU C 116 -28.58 45.87 1.22
N SER C 117 -27.82 46.96 1.03
CA SER C 117 -28.40 48.29 1.19
C SER C 117 -29.15 48.77 -0.05
N TYR C 118 -29.01 48.07 -1.17
CA TYR C 118 -29.62 48.47 -2.45
C TYR C 118 -29.23 49.89 -2.85
N THR C 134 -36.71 34.30 -17.37
CA THR C 134 -35.81 33.63 -16.45
C THR C 134 -34.40 33.50 -17.03
N GLN C 135 -33.46 34.27 -16.49
CA GLN C 135 -32.10 34.26 -17.00
C GLN C 135 -31.38 32.98 -16.58
N PHE C 136 -30.26 32.72 -17.23
CA PHE C 136 -29.37 31.67 -16.78
C PHE C 136 -28.77 32.05 -15.44
N SER C 137 -28.69 31.08 -14.53
CA SER C 137 -28.12 31.31 -13.21
C SER C 137 -27.19 30.17 -12.86
N GLU C 138 -26.11 30.48 -12.15
CA GLU C 138 -25.18 29.45 -11.71
C GLU C 138 -25.61 28.79 -10.41
N PHE C 139 -26.71 29.23 -9.81
CA PHE C 139 -27.19 28.68 -8.56
C PHE C 139 -28.57 28.09 -8.77
N THR C 140 -28.82 26.95 -8.12
CA THR C 140 -30.13 26.33 -8.19
C THR C 140 -31.17 27.22 -7.52
N PRO C 141 -32.43 27.14 -7.93
CA PRO C 141 -33.43 28.09 -7.44
C PRO C 141 -33.63 28.08 -5.93
N ASP C 142 -33.33 26.98 -5.24
CA ASP C 142 -33.53 26.91 -3.80
C ASP C 142 -32.44 27.61 -2.99
N ILE C 143 -31.32 27.99 -3.61
CA ILE C 143 -30.24 28.63 -2.88
C ILE C 143 -30.70 30.01 -2.44
N THR C 144 -30.61 30.28 -1.15
CA THR C 144 -30.92 31.57 -0.56
C THR C 144 -29.63 32.27 -0.15
N PRO C 145 -29.66 33.58 0.05
CA PRO C 145 -28.40 34.28 0.40
C PRO C 145 -27.73 33.73 1.65
N ILE C 146 -28.49 33.48 2.72
CA ILE C 146 -27.89 32.97 3.95
C ILE C 146 -27.38 31.55 3.73
N MET C 147 -28.10 30.75 2.96
CA MET C 147 -27.66 29.39 2.66
C MET C 147 -26.33 29.39 1.93
N LEU C 148 -26.21 30.22 0.90
CA LEU C 148 -24.96 30.29 0.15
C LEU C 148 -23.84 30.85 1.01
N ALA C 149 -24.14 31.84 1.84
CA ALA C 149 -23.12 32.37 2.74
C ALA C 149 -22.61 31.30 3.69
N ALA C 150 -23.52 30.47 4.21
CA ALA C 150 -23.10 29.36 5.05
C ALA C 150 -22.25 28.37 4.26
N HIS C 151 -22.60 28.12 3.00
CA HIS C 151 -21.79 27.23 2.18
C HIS C 151 -20.37 27.76 2.03
N THR C 152 -20.22 29.06 1.80
CA THR C 152 -18.88 29.63 1.67
C THR C 152 -18.15 29.67 2.99
N ASN C 153 -18.85 29.57 4.12
CA ASN C 153 -18.26 29.54 5.45
C ASN C 153 -17.46 30.81 5.75
N ASN C 154 -17.88 31.94 5.19
CA ASN C 154 -17.20 33.22 5.40
C ASN C 154 -17.83 33.89 6.61
N TYR C 155 -17.05 34.06 7.68
CA TYR C 155 -17.60 34.55 8.94
C TYR C 155 -18.16 35.95 8.80
N GLU C 156 -17.46 36.83 8.09
CA GLU C 156 -17.92 38.21 7.96
C GLU C 156 -19.25 38.28 7.22
N ILE C 157 -19.36 37.61 6.07
CA ILE C 157 -20.57 37.70 5.28
C ILE C 157 -21.72 36.99 5.97
N ILE C 158 -21.45 35.86 6.61
CA ILE C 158 -22.50 35.17 7.37
C ILE C 158 -23.00 36.06 8.50
N LYS C 159 -22.08 36.74 9.19
CA LYS C 159 -22.50 37.64 10.27
C LYS C 159 -23.33 38.78 9.73
N LEU C 160 -22.94 39.34 8.58
CA LEU C 160 -23.72 40.40 7.96
C LEU C 160 -25.13 39.93 7.66
N LEU C 161 -25.26 38.74 7.07
CA LEU C 161 -26.57 38.24 6.70
C LEU C 161 -27.39 37.83 7.91
N VAL C 162 -26.74 37.43 9.00
CA VAL C 162 -27.49 37.01 10.18
C VAL C 162 -27.96 38.22 10.98
N GLN C 163 -27.17 39.30 11.01
CA GLN C 163 -27.58 40.48 11.76
C GLN C 163 -28.92 41.01 11.29
N LYS C 164 -29.16 40.96 9.98
CA LYS C 164 -30.47 41.19 9.41
C LYS C 164 -31.24 39.87 9.42
N ARG C 165 -32.39 39.84 10.11
CA ARG C 165 -33.03 38.57 10.46
C ARG C 165 -33.27 37.71 9.23
N VAL C 166 -32.67 36.50 9.25
CA VAL C 166 -32.84 35.52 8.19
C VAL C 166 -33.14 34.18 8.83
N THR C 167 -33.73 33.29 8.04
CA THR C 167 -34.11 31.95 8.50
C THR C 167 -33.69 30.91 7.47
N ILE C 168 -33.48 29.69 7.95
CA ILE C 168 -33.22 28.54 7.10
C ILE C 168 -34.30 27.50 7.40
N PRO C 169 -35.02 26.99 6.41
CA PRO C 169 -36.12 26.05 6.69
C PRO C 169 -35.60 24.79 7.38
N ARG C 170 -36.38 24.30 8.34
CA ARG C 170 -35.99 23.10 9.07
C ARG C 170 -36.08 21.90 8.14
N PRO C 171 -35.00 21.14 7.97
CA PRO C 171 -35.12 19.85 7.27
C PRO C 171 -35.92 18.87 8.14
N HIS C 172 -36.91 18.22 7.52
CA HIS C 172 -37.73 17.29 8.28
C HIS C 172 -36.92 16.05 8.64
N GLN C 173 -37.50 15.23 9.50
CA GLN C 173 -36.82 14.02 9.96
C GLN C 173 -36.54 13.10 8.76
N ILE C 174 -35.53 12.24 8.93
CA ILE C 174 -35.06 11.41 7.82
C ILE C 174 -36.17 10.48 7.34
N ARG C 175 -36.80 9.76 8.26
CA ARG C 175 -37.89 8.84 7.93
C ARG C 175 -39.24 9.51 8.18
N CYS C 176 -39.52 10.57 7.42
CA CYS C 176 -40.74 11.35 7.56
C CYS C 176 -41.71 10.99 6.45
N ASN C 177 -42.90 10.55 6.82
CA ASN C 177 -43.93 10.15 5.87
C ASN C 177 -45.05 11.18 5.75
N CYS C 178 -44.80 12.44 6.12
CA CYS C 178 -45.82 13.46 6.05
C CYS C 178 -46.18 13.75 4.59
N VAL C 179 -47.27 14.50 4.41
CA VAL C 179 -47.77 14.80 3.07
C VAL C 179 -46.75 15.60 2.27
N GLU C 180 -46.13 16.60 2.91
CA GLU C 180 -45.24 17.49 2.18
C GLU C 180 -44.03 16.75 1.62
N CYS C 181 -43.43 15.88 2.43
CA CYS C 181 -42.23 15.18 2.00
C CYS C 181 -42.49 14.29 0.80
N VAL C 182 -43.52 13.44 0.88
CA VAL C 182 -43.82 12.53 -0.22
C VAL C 182 -44.29 13.30 -1.44
N SER C 183 -45.05 14.38 -1.25
CA SER C 183 -45.52 15.18 -2.37
C SER C 183 -44.35 15.82 -3.11
N SER C 184 -43.43 16.44 -2.38
CA SER C 184 -42.28 17.08 -3.02
C SER C 184 -41.33 16.05 -3.62
N SER C 185 -41.20 14.88 -3.01
CA SER C 185 -40.35 13.84 -3.57
C SER C 185 -40.91 13.29 -4.88
N GLU C 186 -42.22 13.02 -4.92
CA GLU C 186 -42.81 12.48 -6.13
C GLU C 186 -42.93 13.53 -7.23
N VAL C 187 -43.16 14.79 -6.88
CA VAL C 187 -43.20 15.83 -7.90
C VAL C 187 -41.81 16.07 -8.49
N ASP C 188 -40.80 16.19 -7.64
CA ASP C 188 -39.43 16.44 -8.10
C ASP C 188 -38.47 15.87 -7.07
N SER C 189 -37.99 14.65 -7.31
CA SER C 189 -37.08 14.01 -6.35
C SER C 189 -35.70 14.66 -6.39
N LEU C 190 -35.21 14.99 -7.58
CA LEU C 190 -33.88 15.59 -7.68
C LEU C 190 -33.83 16.91 -6.94
N ARG C 191 -34.85 17.77 -7.15
CA ARG C 191 -34.85 19.07 -6.49
C ARG C 191 -35.02 18.92 -4.99
N HIS C 192 -35.83 17.94 -4.54
CA HIS C 192 -36.02 17.73 -3.12
C HIS C 192 -34.72 17.31 -2.45
N SER C 193 -34.02 16.34 -3.03
CA SER C 193 -32.74 15.90 -2.47
C SER C 193 -31.71 17.02 -2.51
N ARG C 194 -31.68 17.78 -3.60
CA ARG C 194 -30.75 18.90 -3.70
C ARG C 194 -31.01 19.94 -2.62
N SER C 195 -32.29 20.26 -2.37
CA SER C 195 -32.63 21.24 -1.35
C SER C 195 -32.26 20.73 0.03
N ARG C 196 -32.53 19.46 0.31
CA ARG C 196 -32.16 18.89 1.61
C ARG C 196 -30.65 18.96 1.82
N LEU C 197 -29.87 18.58 0.80
CA LEU C 197 -28.43 18.61 0.94
C LEU C 197 -27.91 20.04 1.11
N ASN C 198 -28.50 20.99 0.39
CA ASN C 198 -28.08 22.39 0.54
C ASN C 198 -28.40 22.91 1.94
N ILE C 199 -29.57 22.58 2.47
CA ILE C 199 -29.93 23.02 3.81
C ILE C 199 -28.97 22.44 4.83
N TYR C 200 -28.63 21.15 4.68
CA TYR C 200 -27.70 20.55 5.64
C TYR C 200 -26.29 21.08 5.49
N LYS C 201 -25.87 21.42 4.27
CA LYS C 201 -24.58 22.08 4.09
C LYS C 201 -24.58 23.43 4.78
N ALA C 202 -25.69 24.16 4.70
CA ALA C 202 -25.78 25.45 5.36
C ALA C 202 -25.71 25.31 6.88
N LEU C 203 -26.47 24.34 7.42
CA LEU C 203 -26.47 24.14 8.86
C LEU C 203 -25.11 23.66 9.36
N ALA C 204 -24.47 22.77 8.63
CA ALA C 204 -23.19 22.20 9.05
C ALA C 204 -22.02 23.18 8.89
N SER C 205 -22.28 24.43 8.56
CA SER C 205 -21.18 25.38 8.43
C SER C 205 -20.64 25.74 9.80
N PRO C 206 -19.33 25.61 10.02
CA PRO C 206 -18.76 25.99 11.33
C PRO C 206 -19.03 27.43 11.70
N SER C 207 -19.02 28.35 10.73
CA SER C 207 -19.30 29.75 11.03
C SER C 207 -20.76 29.94 11.44
N LEU C 208 -21.69 29.28 10.75
CA LEU C 208 -23.10 29.41 11.09
C LEU C 208 -23.45 28.70 12.39
N ILE C 209 -22.55 27.91 12.94
CA ILE C 209 -22.74 27.32 14.27
C ILE C 209 -22.05 28.14 15.34
N ALA C 210 -20.89 28.73 15.03
CA ALA C 210 -20.27 29.65 15.96
C ALA C 210 -21.20 30.81 16.28
N LEU C 211 -21.86 31.35 15.27
CA LEU C 211 -22.97 32.26 15.44
C LEU C 211 -24.26 31.46 15.52
N SER C 212 -25.30 32.07 16.08
CA SER C 212 -26.65 31.58 15.88
C SER C 212 -26.94 30.22 16.49
N SER C 213 -25.99 29.64 17.21
CA SER C 213 -26.21 28.38 17.92
C SER C 213 -25.94 28.58 19.40
N GLU C 214 -26.94 28.26 20.24
CA GLU C 214 -26.80 28.47 21.68
C GLU C 214 -25.72 27.57 22.26
N ASP C 215 -25.68 26.31 21.85
CA ASP C 215 -24.68 25.34 22.32
C ASP C 215 -23.95 24.82 21.08
N PRO C 216 -22.87 25.48 20.66
CA PRO C 216 -22.19 25.04 19.44
C PRO C 216 -21.70 23.60 19.49
N ILE C 217 -21.24 23.15 20.65
CA ILE C 217 -20.71 21.79 20.78
C ILE C 217 -21.83 20.77 20.63
N LEU C 218 -22.94 20.99 21.34
CA LEU C 218 -24.07 20.07 21.25
C LEU C 218 -24.70 20.11 19.87
N THR C 219 -24.80 21.30 19.28
CA THR C 219 -25.32 21.41 17.92
C THR C 219 -24.45 20.66 16.94
N ALA C 220 -23.13 20.78 17.07
CA ALA C 220 -22.22 20.04 16.20
C ALA C 220 -22.39 18.53 16.39
N PHE C 221 -22.50 18.08 17.65
CA PHE C 221 -22.71 16.65 17.91
C PHE C 221 -23.97 16.15 17.23
N ARG C 222 -25.10 16.80 17.48
CA ARG C 222 -26.37 16.31 16.97
C ARG C 222 -26.43 16.43 15.45
N LEU C 223 -25.89 17.51 14.89
CA LEU C 223 -25.89 17.68 13.45
C LEU C 223 -25.01 16.64 12.78
N GLY C 224 -23.85 16.33 13.35
CA GLY C 224 -23.01 15.28 12.78
C GLY C 224 -23.68 13.92 12.85
N TRP C 225 -24.34 13.62 13.97
CA TRP C 225 -25.06 12.36 14.09
C TRP C 225 -26.17 12.27 13.05
N GLU C 226 -26.93 13.35 12.90
CA GLU C 226 -28.04 13.35 11.93
C GLU C 226 -27.52 13.23 10.51
N LEU C 227 -26.38 13.87 10.21
CA LEU C 227 -25.80 13.77 8.88
C LEU C 227 -25.28 12.36 8.60
N LYS C 228 -24.72 11.69 9.61
CA LYS C 228 -24.32 10.30 9.44
C LYS C 228 -25.53 9.41 9.16
N GLU C 229 -26.62 9.63 9.90
CA GLU C 229 -27.83 8.85 9.65
C GLU C 229 -28.40 9.12 8.26
N LEU C 230 -28.36 10.37 7.81
CA LEU C 230 -28.76 10.71 6.45
C LEU C 230 -27.89 9.98 5.43
N SER C 231 -26.58 9.96 5.67
CA SER C 231 -25.68 9.24 4.78
C SER C 231 -26.06 7.77 4.70
N LYS C 232 -26.48 7.19 5.83
CA LYS C 232 -26.97 5.81 5.81
C LYS C 232 -28.23 5.68 4.94
N VAL C 233 -29.23 6.53 5.19
CA VAL C 233 -30.53 6.37 4.54
C VAL C 233 -30.45 6.78 3.08
N GLU C 234 -29.93 7.98 2.81
CA GLU C 234 -29.75 8.46 1.44
C GLU C 234 -28.55 7.74 0.88
N ASN C 235 -28.79 6.58 0.25
CA ASN C 235 -27.70 5.79 -0.29
C ASN C 235 -26.92 6.56 -1.35
N GLU C 236 -27.63 7.23 -2.25
CA GLU C 236 -26.98 8.21 -3.10
C GLU C 236 -26.73 9.48 -2.28
N PHE C 237 -25.72 10.25 -2.71
CA PHE C 237 -25.24 11.42 -1.96
C PHE C 237 -24.73 11.01 -0.58
N LYS C 238 -24.25 9.77 -0.46
CA LYS C 238 -23.69 9.30 0.81
C LYS C 238 -22.40 10.05 1.14
N ALA C 239 -21.55 10.28 0.14
CA ALA C 239 -20.26 10.91 0.39
C ALA C 239 -20.42 12.34 0.88
N GLU C 240 -21.39 13.08 0.32
CA GLU C 240 -21.61 14.46 0.74
C GLU C 240 -22.04 14.53 2.20
N TYR C 241 -22.97 13.67 2.61
CA TYR C 241 -23.41 13.69 3.99
C TYR C 241 -22.32 13.22 4.93
N GLU C 242 -21.50 12.25 4.50
CA GLU C 242 -20.37 11.83 5.32
C GLU C 242 -19.36 12.97 5.49
N GLU C 243 -19.11 13.72 4.42
CA GLU C 243 -18.21 14.87 4.52
C GLU C 243 -18.76 15.93 5.46
N LEU C 244 -20.07 16.20 5.39
CA LEU C 244 -20.67 17.18 6.28
C LEU C 244 -20.60 16.72 7.74
N SER C 245 -20.84 15.43 7.99
CA SER C 245 -20.73 14.90 9.34
C SER C 245 -19.30 15.02 9.85
N GLN C 246 -18.32 14.71 9.02
CA GLN C 246 -16.93 14.85 9.42
C GLN C 246 -16.59 16.32 9.70
N GLN C 247 -17.17 17.22 8.92
CA GLN C 247 -16.97 18.65 9.15
C GLN C 247 -17.51 19.07 10.51
N CYS C 248 -18.71 18.60 10.88
CA CYS C 248 -19.26 18.92 12.20
C CYS C 248 -18.40 18.35 13.32
N LYS C 249 -17.93 17.11 13.16
CA LYS C 249 -17.08 16.51 14.19
C LYS C 249 -15.80 17.32 14.35
N LEU C 250 -15.18 17.71 13.24
CA LEU C 250 -13.96 18.50 13.31
C LEU C 250 -14.20 19.85 13.97
N PHE C 251 -15.35 20.49 13.68
CA PHE C 251 -15.64 21.76 14.31
C PHE C 251 -15.78 21.62 15.83
N ALA C 252 -16.47 20.58 16.27
CA ALA C 252 -16.60 20.36 17.72
C ALA C 252 -15.23 20.13 18.36
N LYS C 253 -14.39 19.32 17.71
CA LYS C 253 -13.07 19.04 18.27
C LYS C 253 -12.21 20.29 18.31
N ASP C 254 -12.31 21.15 17.30
CA ASP C 254 -11.51 22.37 17.31
C ASP C 254 -11.97 23.32 18.39
N LEU C 255 -13.29 23.47 18.57
CA LEU C 255 -13.81 24.26 19.69
C LEU C 255 -13.25 23.75 21.01
N LEU C 256 -13.19 22.42 21.19
CA LEU C 256 -12.55 21.88 22.38
C LEU C 256 -11.06 22.18 22.42
N ASP C 257 -10.40 22.21 21.26
CA ASP C 257 -8.98 22.54 21.20
C ASP C 257 -8.71 23.93 21.75
N GLN C 258 -9.65 24.85 21.56
CA GLN C 258 -9.37 26.22 21.97
C GLN C 258 -9.36 26.41 23.48
N ALA C 259 -9.56 25.37 24.29
CA ALA C 259 -9.55 25.54 25.74
C ALA C 259 -8.13 25.83 26.22
N ARG C 260 -8.01 26.78 27.16
CA ARG C 260 -6.70 27.20 27.65
C ARG C 260 -6.45 26.92 29.12
N SER C 261 -7.43 26.40 29.87
CA SER C 261 -7.22 26.06 31.26
C SER C 261 -8.07 24.85 31.60
N SER C 262 -7.71 24.17 32.70
CA SER C 262 -8.48 23.01 33.12
C SER C 262 -9.87 23.42 33.62
N ARG C 263 -10.01 24.64 34.13
CA ARG C 263 -11.33 25.11 34.54
C ARG C 263 -12.27 25.18 33.33
N GLU C 264 -11.79 25.73 32.22
CA GLU C 264 -12.61 25.81 31.02
C GLU C 264 -12.97 24.42 30.52
N LEU C 265 -12.00 23.51 30.49
CA LEU C 265 -12.25 22.16 30.02
C LEU C 265 -13.28 21.45 30.89
N GLU C 266 -13.17 21.61 32.21
CA GLU C 266 -14.13 21.00 33.11
C GLU C 266 -15.52 21.60 32.94
N ILE C 267 -15.59 22.91 32.73
CA ILE C 267 -16.89 23.55 32.50
C ILE C 267 -17.52 23.00 31.23
N ILE C 268 -16.72 22.82 30.17
CA ILE C 268 -17.25 22.28 28.93
C ILE C 268 -17.74 20.85 29.13
N LEU C 269 -16.91 20.01 29.74
CA LEU C 269 -17.20 18.57 29.82
C LEU C 269 -18.29 18.23 30.83
N ASN C 270 -18.51 19.06 31.85
CA ASN C 270 -19.47 18.75 32.90
C ASN C 270 -20.82 19.40 32.67
N HIS C 271 -21.02 20.08 31.55
CA HIS C 271 -22.23 20.85 31.34
C HIS C 271 -23.41 19.95 30.99
N ARG C 272 -24.53 20.17 31.67
CA ARG C 272 -25.79 19.50 31.38
C ARG C 272 -26.80 20.53 30.89
N ASP C 273 -27.44 20.23 29.77
CA ASP C 273 -28.45 21.13 29.21
C ASP C 273 -29.85 20.56 29.36
N ASP C 286 -21.29 13.38 36.67
CA ASP C 286 -20.42 14.35 36.02
C ASP C 286 -20.07 13.92 34.60
N LEU C 287 -19.31 14.76 33.91
CA LEU C 287 -18.88 14.51 32.53
C LEU C 287 -20.08 14.27 31.61
N ALA C 288 -21.14 15.04 31.80
CA ALA C 288 -22.35 14.85 31.01
C ALA C 288 -22.10 15.16 29.54
N LYS C 289 -21.37 16.24 29.25
CA LYS C 289 -21.05 16.56 27.87
C LYS C 289 -20.20 15.45 27.25
N LEU C 290 -19.27 14.89 28.02
CA LEU C 290 -18.47 13.79 27.51
C LEU C 290 -19.33 12.55 27.25
N LYS C 291 -20.32 12.29 28.11
CA LYS C 291 -21.21 11.16 27.88
C LYS C 291 -22.05 11.37 26.63
N VAL C 292 -22.51 12.60 26.39
CA VAL C 292 -23.24 12.91 25.17
C VAL C 292 -22.33 12.72 23.96
N ALA C 293 -21.07 13.10 24.07
CA ALA C 293 -20.12 12.91 22.98
C ALA C 293 -19.92 11.43 22.69
N ILE C 294 -19.84 10.60 23.74
CA ILE C 294 -19.73 9.16 23.55
C ILE C 294 -20.99 8.61 22.88
N LYS C 295 -22.16 9.12 23.28
CA LYS C 295 -23.41 8.65 22.68
C LYS C 295 -23.45 8.91 21.18
N TYR C 296 -22.96 10.07 20.75
CA TYR C 296 -22.99 10.45 19.34
C TYR C 296 -21.74 10.02 18.58
N HIS C 297 -20.91 9.17 19.18
CA HIS C 297 -19.71 8.64 18.53
C HIS C 297 -18.79 9.75 18.03
N GLN C 298 -18.60 10.77 18.86
CA GLN C 298 -17.68 11.88 18.54
C GLN C 298 -16.28 11.47 18.98
N LYS C 299 -15.68 10.59 18.18
CA LYS C 299 -14.42 9.95 18.58
C LYS C 299 -13.28 10.96 18.65
N GLU C 300 -13.20 11.87 17.69
CA GLU C 300 -12.13 12.87 17.72
C GLU C 300 -12.26 13.79 18.92
N PHE C 301 -13.50 14.17 19.26
CA PHE C 301 -13.73 15.02 20.44
C PHE C 301 -13.30 14.31 21.71
N VAL C 302 -13.64 13.04 21.84
CA VAL C 302 -13.32 12.29 23.04
C VAL C 302 -11.82 12.03 23.13
N ALA C 303 -11.20 11.64 22.02
CA ALA C 303 -9.78 11.33 21.98
C ALA C 303 -8.91 12.58 21.91
N GLN C 304 -9.47 13.75 22.14
CA GLN C 304 -8.68 14.97 22.20
C GLN C 304 -7.71 14.89 23.38
N PRO C 305 -6.46 15.37 23.21
CA PRO C 305 -5.45 15.17 24.26
C PRO C 305 -5.82 15.70 25.63
N ASN C 306 -6.43 16.87 25.71
CA ASN C 306 -6.74 17.44 27.03
C ASN C 306 -7.89 16.69 27.68
N CYS C 307 -8.90 16.32 26.90
CA CYS C 307 -9.99 15.50 27.43
C CYS C 307 -9.46 14.17 27.96
N GLN C 308 -8.54 13.55 27.22
CA GLN C 308 -7.93 12.31 27.67
C GLN C 308 -7.10 12.52 28.93
N GLN C 309 -6.42 13.66 29.04
CA GLN C 309 -5.64 13.95 30.24
C GLN C 309 -6.53 14.07 31.46
N LEU C 310 -7.66 14.78 31.32
CA LEU C 310 -8.62 14.89 32.42
C LEU C 310 -9.19 13.53 32.78
N LEU C 311 -9.54 12.73 31.78
CA LEU C 311 -10.05 11.39 32.04
C LEU C 311 -9.02 10.54 32.75
N ALA C 312 -7.74 10.68 32.38
CA ALA C 312 -6.68 9.92 33.03
C ALA C 312 -6.52 10.32 34.49
N THR C 313 -6.60 11.62 34.78
CA THR C 313 -6.53 12.03 36.18
C THR C 313 -7.70 11.48 36.97
N LEU C 314 -8.90 11.47 36.37
CA LEU C 314 -10.05 10.85 37.05
C LEU C 314 -9.87 9.35 37.23
N TRP C 315 -9.23 8.69 36.25
CA TRP C 315 -9.08 7.24 36.23
C TRP C 315 -8.04 6.74 37.22
N TYR C 316 -6.92 7.45 37.36
CA TYR C 316 -5.86 7.10 38.30
C TYR C 316 -6.03 7.85 39.62
N ASP C 317 -7.28 8.01 40.06
CA ASP C 317 -7.62 8.81 41.23
C ASP C 317 -6.70 8.56 42.43
N GLY C 318 -6.43 7.28 42.73
CA GLY C 318 -5.63 6.96 43.91
C GLY C 318 -4.13 7.11 43.75
N PHE C 319 -3.64 7.23 42.52
CA PHE C 319 -2.21 7.27 42.25
C PHE C 319 -1.85 8.60 41.60
N PRO C 320 -1.39 9.60 42.36
CA PRO C 320 -1.04 10.89 41.74
C PRO C 320 0.08 10.80 40.73
N GLY C 321 1.04 9.89 40.93
CA GLY C 321 2.19 9.83 40.05
C GLY C 321 2.29 8.54 39.25
N TRP C 322 1.13 7.96 38.89
CA TRP C 322 1.15 6.72 38.11
C TRP C 322 1.80 6.93 36.74
N ARG C 323 1.65 8.13 36.17
CA ARG C 323 2.26 8.42 34.88
C ARG C 323 3.79 8.32 34.94
N ARG C 324 4.38 8.69 36.07
CA ARG C 324 5.82 8.79 36.21
C ARG C 324 6.43 7.62 36.97
N LYS C 325 5.68 6.54 37.19
CA LYS C 325 6.21 5.36 37.86
C LYS C 325 6.87 4.44 36.86
N HIS C 326 7.72 3.55 37.39
CA HIS C 326 8.42 2.59 36.54
C HIS C 326 7.52 1.40 36.23
N TRP C 327 7.91 0.64 35.20
CA TRP C 327 7.10 -0.50 34.77
C TRP C 327 6.99 -1.56 35.87
N VAL C 328 8.10 -1.85 36.54
CA VAL C 328 8.07 -2.87 37.60
C VAL C 328 7.24 -2.37 38.78
N VAL C 329 7.31 -1.07 39.09
CA VAL C 329 6.50 -0.53 40.18
C VAL C 329 5.01 -0.64 39.85
N LYS C 330 4.65 -0.31 38.61
CA LYS C 330 3.27 -0.48 38.17
C LYS C 330 2.82 -1.93 38.27
N LEU C 331 3.67 -2.85 37.80
CA LEU C 331 3.33 -4.26 37.85
C LEU C 331 3.12 -4.74 39.28
N LEU C 332 4.02 -4.34 40.19
CA LEU C 332 3.90 -4.76 41.59
C LEU C 332 2.64 -4.18 42.23
N THR C 333 2.34 -2.90 41.95
CA THR C 333 1.14 -2.30 42.51
C THR C 333 -0.12 -2.99 41.99
N CYS C 334 -0.15 -3.30 40.69
CA CYS C 334 -1.29 -4.02 40.13
C CYS C 334 -1.45 -5.40 40.75
N MET C 335 -0.35 -6.13 40.92
CA MET C 335 -0.43 -7.45 41.55
C MET C 335 -0.93 -7.34 42.98
N THR C 336 -0.43 -6.36 43.74
CA THR C 336 -0.85 -6.22 45.13
C THR C 336 -2.33 -5.88 45.23
N ILE C 337 -2.81 -4.96 44.37
CA ILE C 337 -4.23 -4.62 44.41
C ILE C 337 -5.08 -5.81 43.99
N GLY C 338 -4.62 -6.57 42.99
CA GLY C 338 -5.38 -7.72 42.54
C GLY C 338 -5.48 -8.81 43.59
N PHE C 339 -4.39 -9.10 44.29
CA PHE C 339 -4.42 -10.15 45.30
C PHE C 339 -5.29 -9.76 46.50
N LEU C 340 -5.48 -8.46 46.73
CA LEU C 340 -6.28 -7.97 47.83
C LEU C 340 -7.72 -7.68 47.44
N PHE C 341 -8.15 -8.16 46.27
CA PHE C 341 -9.52 -7.91 45.84
C PHE C 341 -10.55 -8.47 46.80
N PRO C 342 -10.41 -9.67 47.38
CA PRO C 342 -11.43 -10.05 48.36
C PRO C 342 -11.46 -9.09 49.54
N MET C 343 -10.29 -8.66 50.03
CA MET C 343 -10.23 -7.75 51.17
C MET C 343 -10.87 -6.42 50.83
N LEU C 344 -10.56 -5.85 49.66
CA LEU C 344 -11.14 -4.56 49.28
C LEU C 344 -12.65 -4.67 49.10
N SER C 345 -13.11 -5.72 48.44
CA SER C 345 -14.55 -5.90 48.25
C SER C 345 -15.26 -6.09 49.58
N ILE C 346 -14.70 -6.88 50.50
CA ILE C 346 -15.36 -7.11 51.77
C ILE C 346 -15.34 -5.84 52.61
N ALA C 347 -14.27 -5.05 52.51
CA ALA C 347 -14.21 -3.78 53.21
C ALA C 347 -15.26 -2.81 52.70
N TYR C 348 -15.45 -2.75 51.38
CA TYR C 348 -16.50 -1.90 50.83
C TYR C 348 -17.88 -2.37 51.27
N LEU C 349 -18.08 -3.68 51.33
CA LEU C 349 -19.37 -4.21 51.78
C LEU C 349 -19.64 -3.83 53.24
N ILE C 350 -18.68 -4.07 54.11
CA ILE C 350 -18.90 -3.90 55.55
C ILE C 350 -19.01 -2.42 55.90
N SER C 351 -18.09 -1.60 55.41
CA SER C 351 -18.04 -0.18 55.77
C SER C 351 -17.66 0.64 54.54
N PRO C 352 -18.66 1.08 53.77
CA PRO C 352 -18.35 1.89 52.58
C PRO C 352 -17.62 3.19 52.89
N ARG C 353 -17.91 3.82 54.02
CA ARG C 353 -17.32 5.11 54.38
C ARG C 353 -16.16 4.91 55.34
N SER C 354 -15.06 4.40 54.78
CA SER C 354 -13.83 4.21 55.55
C SER C 354 -12.66 4.23 54.59
N ASN C 355 -11.46 4.39 55.15
CA ASN C 355 -10.27 4.50 54.31
C ASN C 355 -10.06 3.24 53.47
N LEU C 356 -10.23 2.07 54.08
CA LEU C 356 -10.14 0.84 53.31
C LEU C 356 -11.39 0.60 52.48
N GLY C 357 -12.54 1.11 52.93
CA GLY C 357 -13.79 0.84 52.23
C GLY C 357 -13.89 1.52 50.88
N LEU C 358 -13.55 2.80 50.81
CA LEU C 358 -13.71 3.57 49.59
C LEU C 358 -12.50 3.49 48.66
N PHE C 359 -11.53 2.63 48.99
CA PHE C 359 -10.40 2.45 48.09
C PHE C 359 -10.84 1.83 46.77
N ILE C 360 -11.79 0.89 46.82
CA ILE C 360 -12.28 0.23 45.62
C ILE C 360 -13.18 1.13 44.77
N LYS C 361 -13.68 2.23 45.33
CA LYS C 361 -14.47 3.15 44.53
C LYS C 361 -13.63 3.88 43.49
N LYS C 362 -12.32 3.93 43.67
CA LYS C 362 -11.46 4.58 42.69
C LYS C 362 -11.47 3.78 41.39
N PRO C 363 -11.63 4.44 40.23
CA PRO C 363 -11.87 3.69 38.99
C PRO C 363 -10.79 2.68 38.64
N PHE C 364 -9.51 3.02 38.79
CA PHE C 364 -8.47 2.08 38.43
C PHE C 364 -8.40 0.92 39.42
N ILE C 365 -8.58 1.22 40.71
CA ILE C 365 -8.63 0.15 41.71
C ILE C 365 -9.81 -0.77 41.46
N LYS C 366 -10.97 -0.18 41.12
CA LYS C 366 -12.13 -0.98 40.80
C LYS C 366 -11.87 -1.86 39.59
N PHE C 367 -11.21 -1.32 38.57
CA PHE C 367 -10.90 -2.11 37.39
C PHE C 367 -9.95 -3.27 37.74
N ILE C 368 -8.94 -3.00 38.56
CA ILE C 368 -7.99 -4.05 38.94
C ILE C 368 -8.70 -5.14 39.74
N CYS C 369 -9.60 -4.74 40.65
CA CYS C 369 -10.32 -5.73 41.45
C CYS C 369 -11.25 -6.58 40.59
N HIS C 370 -11.97 -5.95 39.66
CA HIS C 370 -12.83 -6.72 38.77
C HIS C 370 -12.02 -7.68 37.91
N THR C 371 -10.89 -7.20 37.38
CA THR C 371 -10.03 -8.07 36.57
C THR C 371 -9.50 -9.24 37.38
N ALA C 372 -9.08 -8.98 38.63
CA ALA C 372 -8.57 -10.06 39.46
C ALA C 372 -9.65 -11.07 39.79
N SER C 373 -10.87 -10.60 40.07
CA SER C 373 -11.97 -11.52 40.31
C SER C 373 -12.25 -12.37 39.09
N TYR C 374 -12.26 -11.78 37.90
CA TYR C 374 -12.49 -12.55 36.69
C TYR C 374 -11.35 -13.53 36.44
N LEU C 375 -10.12 -13.14 36.78
CA LEU C 375 -8.99 -14.03 36.62
C LEU C 375 -9.09 -15.23 37.55
N THR C 376 -9.51 -15.02 38.80
CA THR C 376 -9.72 -16.15 39.69
C THR C 376 -10.87 -17.03 39.20
N PHE C 377 -11.89 -16.44 38.60
CA PHE C 377 -12.96 -17.23 38.01
C PHE C 377 -12.44 -18.12 36.89
N LEU C 378 -11.59 -17.57 36.02
CA LEU C 378 -11.01 -18.37 34.94
C LEU C 378 -10.07 -19.43 35.49
N PHE C 379 -9.33 -19.11 36.56
CA PHE C 379 -8.44 -20.08 37.17
C PHE C 379 -9.23 -21.26 37.75
N MET C 380 -10.37 -20.97 38.38
CA MET C 380 -11.22 -22.05 38.87
C MET C 380 -11.89 -22.81 37.74
N LEU C 381 -12.18 -22.14 36.62
CA LEU C 381 -12.66 -22.86 35.45
C LEU C 381 -11.60 -23.84 34.97
N LEU C 382 -10.33 -23.43 34.98
CA LEU C 382 -9.25 -24.36 34.68
C LEU C 382 -9.20 -25.49 35.70
N LEU C 383 -9.39 -25.17 36.98
CA LEU C 383 -9.36 -26.19 38.02
C LEU C 383 -10.51 -27.19 37.88
N ALA C 384 -11.63 -26.78 37.27
CA ALA C 384 -12.76 -27.69 37.13
C ALA C 384 -12.45 -28.89 36.26
N SER C 385 -11.39 -28.81 35.45
CA SER C 385 -10.96 -29.94 34.63
C SER C 385 -9.81 -30.73 35.23
N GLN C 386 -8.96 -30.09 36.02
CA GLN C 386 -7.89 -30.81 36.70
C GLN C 386 -8.48 -31.73 37.75
N HIS C 387 -7.77 -32.83 38.02
CA HIS C 387 -8.29 -33.88 38.91
C HIS C 387 -7.92 -33.58 40.36
N ILE C 388 -8.56 -32.54 40.87
CA ILE C 388 -8.51 -32.18 42.30
C ILE C 388 -9.88 -32.51 42.88
N VAL C 389 -9.90 -33.45 43.82
CA VAL C 389 -11.11 -34.03 44.42
C VAL C 389 -12.20 -34.17 43.34
N ARG C 390 -11.85 -34.88 42.27
CA ARG C 390 -12.77 -35.08 41.15
C ARG C 390 -13.76 -36.20 41.46
N THR C 391 -15.01 -35.99 41.06
CA THR C 391 -16.04 -37.02 41.23
C THR C 391 -15.77 -38.20 40.32
N ASP C 392 -16.28 -39.37 40.71
CA ASP C 392 -16.22 -40.54 39.86
C ASP C 392 -16.97 -40.27 38.56
N LEU C 393 -16.32 -40.57 37.43
CA LEU C 393 -16.90 -40.21 36.15
C LEU C 393 -18.05 -41.13 35.74
N HIS C 394 -18.29 -42.21 36.48
CA HIS C 394 -19.41 -43.09 36.19
C HIS C 394 -20.69 -42.71 36.92
N VAL C 395 -20.67 -41.64 37.72
CA VAL C 395 -21.87 -41.20 38.42
C VAL C 395 -22.69 -40.31 37.49
N GLN C 396 -23.91 -40.74 37.19
CA GLN C 396 -24.81 -39.90 36.42
C GLN C 396 -25.54 -38.93 37.35
N GLY C 397 -25.58 -37.67 36.97
CA GLY C 397 -26.10 -36.63 37.82
C GLY C 397 -25.40 -36.56 39.15
N PRO C 398 -24.12 -36.24 39.15
CA PRO C 398 -23.38 -36.13 40.41
C PRO C 398 -23.64 -34.79 41.07
N PRO C 399 -23.43 -34.68 42.38
CA PRO C 399 -23.47 -33.37 43.02
C PRO C 399 -22.27 -32.54 42.63
N PRO C 400 -22.37 -31.22 42.71
CA PRO C 400 -21.22 -30.38 42.33
C PRO C 400 -20.01 -30.64 43.21
N THR C 401 -18.84 -30.53 42.59
CA THR C 401 -17.59 -30.58 43.34
C THR C 401 -17.38 -29.27 44.09
N VAL C 402 -16.31 -29.21 44.88
CA VAL C 402 -16.00 -27.96 45.57
C VAL C 402 -15.66 -26.87 44.56
N VAL C 403 -15.00 -27.23 43.46
CA VAL C 403 -14.69 -26.25 42.43
C VAL C 403 -15.96 -25.70 41.81
N GLU C 404 -16.93 -26.57 41.51
CA GLU C 404 -18.20 -26.09 40.95
C GLU C 404 -19.00 -25.30 41.97
N TRP C 405 -18.93 -25.68 43.24
CA TRP C 405 -19.58 -24.89 44.28
C TRP C 405 -18.98 -23.50 44.39
N MET C 406 -17.68 -23.36 44.14
CA MET C 406 -17.06 -22.04 44.15
C MET C 406 -17.34 -21.27 42.85
N ILE C 407 -17.52 -21.99 41.74
CA ILE C 407 -17.88 -21.34 40.48
C ILE C 407 -19.29 -20.79 40.53
N LEU C 408 -20.18 -21.44 41.27
CA LEU C 408 -21.58 -21.02 41.32
C LEU C 408 -21.77 -19.57 41.73
N PRO C 409 -21.16 -19.06 42.82
CA PRO C 409 -21.35 -17.63 43.12
C PRO C 409 -20.87 -16.72 42.00
N TRP C 410 -19.78 -17.06 41.32
CA TRP C 410 -19.31 -16.23 40.22
C TRP C 410 -20.34 -16.20 39.08
N VAL C 411 -20.91 -17.35 38.75
CA VAL C 411 -21.92 -17.40 37.69
C VAL C 411 -23.15 -16.59 38.08
N LEU C 412 -23.59 -16.73 39.33
CA LEU C 412 -24.73 -15.94 39.79
C LEU C 412 -24.43 -14.45 39.71
N GLY C 413 -23.22 -14.05 40.12
CA GLY C 413 -22.85 -12.65 40.04
C GLY C 413 -22.81 -12.13 38.62
N PHE C 414 -22.29 -12.92 37.69
CA PHE C 414 -22.27 -12.52 36.29
C PHE C 414 -23.67 -12.34 35.75
N ILE C 415 -24.57 -13.29 36.05
CA ILE C 415 -25.94 -13.19 35.55
C ILE C 415 -26.63 -11.95 36.14
N TRP C 416 -26.46 -11.73 37.44
CA TRP C 416 -27.08 -10.57 38.08
C TRP C 416 -26.52 -9.27 37.52
N GLY C 417 -25.21 -9.20 37.32
CA GLY C 417 -24.62 -8.00 36.75
C GLY C 417 -25.11 -7.72 35.35
N GLU C 418 -25.23 -8.77 34.53
CA GLU C 418 -25.70 -8.57 33.17
C GLU C 418 -27.16 -8.11 33.13
N ILE C 419 -28.00 -8.69 34.00
CA ILE C 419 -29.39 -8.23 33.99
C ILE C 419 -29.50 -6.81 34.53
N LYS C 420 -28.66 -6.43 35.51
CA LYS C 420 -28.62 -5.03 35.94
C LYS C 420 -28.21 -4.12 34.80
N GLU C 421 -27.18 -4.51 34.06
CA GLU C 421 -26.68 -3.66 32.98
C GLU C 421 -27.73 -3.48 31.88
N MET C 422 -28.40 -4.57 31.49
CA MET C 422 -29.44 -4.47 30.46
C MET C 422 -30.70 -3.79 30.97
N TRP C 423 -30.94 -3.83 32.28
CA TRP C 423 -32.08 -3.12 32.85
C TRP C 423 -31.84 -1.61 32.86
N ASP C 424 -30.63 -1.19 33.28
CA ASP C 424 -30.34 0.23 33.36
C ASP C 424 -30.14 0.84 31.97
N GLY C 425 -29.37 0.17 31.12
CA GLY C 425 -28.99 0.77 29.85
C GLY C 425 -29.96 0.55 28.70
N GLY C 426 -30.79 -0.48 28.80
CA GLY C 426 -31.67 -0.84 27.70
C GLY C 426 -31.06 -1.86 26.77
N PHE C 427 -31.93 -2.46 25.95
CA PHE C 427 -31.50 -3.57 25.12
C PHE C 427 -30.64 -3.11 23.94
N THR C 428 -31.02 -2.00 23.31
CA THR C 428 -30.31 -1.56 22.11
C THR C 428 -28.88 -1.14 22.44
N GLU C 429 -28.67 -0.46 23.55
CA GLU C 429 -27.32 -0.10 23.97
C GLU C 429 -26.52 -1.34 24.35
N TYR C 430 -27.19 -2.34 24.93
CA TYR C 430 -26.52 -3.58 25.31
C TYR C 430 -26.04 -4.35 24.07
N ILE C 431 -26.89 -4.44 23.04
CA ILE C 431 -26.55 -5.23 21.86
C ILE C 431 -25.54 -4.52 20.96
N HIS C 432 -25.40 -3.19 21.06
CA HIS C 432 -24.37 -2.50 20.30
C HIS C 432 -22.97 -2.99 20.66
N ASP C 433 -22.82 -3.62 21.82
CA ASP C 433 -21.54 -4.17 22.26
C ASP C 433 -21.54 -5.67 21.97
N TRP C 434 -20.61 -6.11 21.12
CA TRP C 434 -20.49 -7.54 20.84
C TRP C 434 -20.05 -8.31 22.08
N TRP C 435 -19.24 -7.68 22.94
CA TRP C 435 -18.83 -8.32 24.18
C TRP C 435 -20.04 -8.60 25.08
N ASN C 436 -21.02 -7.70 25.09
CA ASN C 436 -22.21 -7.94 25.89
C ASN C 436 -23.05 -9.07 25.31
N LEU C 437 -23.08 -9.19 23.98
CA LEU C 437 -23.73 -10.33 23.35
C LEU C 437 -23.06 -11.64 23.74
N MET C 438 -21.73 -11.66 23.76
CA MET C 438 -21.01 -12.85 24.19
C MET C 438 -21.26 -13.14 25.67
N ASP C 439 -21.37 -12.09 26.49
CA ASP C 439 -21.73 -12.28 27.90
C ASP C 439 -23.10 -12.93 28.03
N PHE C 440 -24.06 -12.47 27.22
CA PHE C 440 -25.40 -13.05 27.25
C PHE C 440 -25.37 -14.52 26.88
N ALA C 441 -24.63 -14.86 25.82
CA ALA C 441 -24.52 -16.26 25.42
C ALA C 441 -23.85 -17.09 26.50
N MET C 442 -22.78 -16.56 27.11
CA MET C 442 -22.06 -17.28 28.15
C MET C 442 -22.94 -17.53 29.36
N ASN C 443 -23.69 -16.52 29.80
CA ASN C 443 -24.55 -16.69 30.97
C ASN C 443 -25.71 -17.62 30.67
N SER C 444 -26.25 -17.56 29.45
CA SER C 444 -27.30 -18.52 29.09
C SER C 444 -26.76 -19.94 29.12
N LEU C 445 -25.55 -20.15 28.61
CA LEU C 445 -24.95 -21.48 28.65
C LEU C 445 -24.70 -21.94 30.09
N TYR C 446 -24.22 -21.04 30.95
CA TYR C 446 -24.02 -21.39 32.36
C TYR C 446 -25.34 -21.75 33.04
N LEU C 447 -26.40 -20.99 32.78
CA LEU C 447 -27.69 -21.28 33.36
C LEU C 447 -28.22 -22.61 32.88
N ALA C 448 -28.03 -22.91 31.59
CA ALA C 448 -28.44 -24.21 31.05
C ALA C 448 -27.63 -25.35 31.67
N THR C 449 -26.34 -25.12 31.93
CA THR C 449 -25.52 -26.11 32.60
C THR C 449 -26.05 -26.40 34.01
N ILE C 450 -26.39 -25.35 34.75
CA ILE C 450 -26.95 -25.52 36.09
C ILE C 450 -28.26 -26.31 36.02
N SER C 451 -29.13 -25.93 35.07
CA SER C 451 -30.42 -26.60 34.94
C SER C 451 -30.26 -28.07 34.61
N LEU C 452 -29.37 -28.39 33.67
CA LEU C 452 -29.17 -29.79 33.28
C LEU C 452 -28.52 -30.59 34.39
N LYS C 453 -27.60 -29.98 35.15
CA LYS C 453 -27.04 -30.66 36.31
C LYS C 453 -28.11 -30.98 37.35
N ILE C 454 -29.00 -30.03 37.61
CA ILE C 454 -30.08 -30.27 38.56
C ILE C 454 -31.01 -31.37 38.05
N VAL C 455 -31.34 -31.33 36.76
CA VAL C 455 -32.23 -32.34 36.19
C VAL C 455 -31.61 -33.72 36.31
N ALA C 456 -30.33 -33.85 35.93
CA ALA C 456 -29.66 -35.13 36.03
C ALA C 456 -29.51 -35.60 37.47
N TYR C 457 -29.34 -34.67 38.40
CA TYR C 457 -29.23 -35.06 39.80
C TYR C 457 -30.55 -35.61 40.32
N VAL C 458 -31.66 -34.94 40.01
CA VAL C 458 -32.95 -35.39 40.52
C VAL C 458 -33.49 -36.58 39.75
N LYS C 459 -33.01 -36.83 38.53
CA LYS C 459 -33.55 -37.92 37.73
C LYS C 459 -32.75 -39.21 37.85
N TYR C 460 -31.42 -39.12 37.94
CA TYR C 460 -30.56 -40.29 37.97
C TYR C 460 -29.96 -40.45 39.37
N ASN C 461 -29.98 -41.68 39.87
CA ASN C 461 -29.42 -42.00 41.18
C ASN C 461 -28.22 -42.92 41.14
N GLY C 462 -28.13 -43.79 40.13
CA GLY C 462 -27.15 -44.85 40.10
C GLY C 462 -25.79 -44.38 39.65
N SER C 463 -24.93 -45.36 39.38
CA SER C 463 -23.56 -45.14 38.93
C SER C 463 -23.27 -45.99 37.70
N ARG C 464 -24.17 -45.90 36.71
CA ARG C 464 -24.04 -46.68 35.49
C ARG C 464 -22.75 -46.29 34.75
N PRO C 465 -22.02 -47.25 34.18
CA PRO C 465 -20.76 -46.93 33.51
C PRO C 465 -20.96 -45.95 32.37
N ARG C 466 -19.96 -45.08 32.18
CA ARG C 466 -20.11 -43.98 31.23
C ARG C 466 -20.23 -44.47 29.79
N GLU C 467 -19.64 -45.62 29.48
CA GLU C 467 -19.70 -46.14 28.13
C GLU C 467 -21.11 -46.49 27.69
N GLU C 468 -22.01 -46.75 28.64
CA GLU C 468 -23.37 -47.17 28.34
C GLU C 468 -24.37 -46.03 28.35
N TRP C 469 -23.93 -44.80 28.60
CA TRP C 469 -24.85 -43.68 28.65
C TRP C 469 -25.45 -43.42 27.28
N GLU C 470 -26.69 -42.92 27.29
CA GLU C 470 -27.35 -42.50 26.06
C GLU C 470 -26.61 -41.30 25.47
N MET C 471 -26.78 -41.11 24.16
CA MET C 471 -26.10 -40.00 23.49
C MET C 471 -26.52 -38.65 24.06
N TRP C 472 -27.81 -38.50 24.35
CA TRP C 472 -28.35 -37.24 24.88
C TRP C 472 -28.55 -37.31 26.39
N HIS C 473 -27.66 -38.01 27.08
CA HIS C 473 -27.71 -38.04 28.55
C HIS C 473 -27.52 -36.63 29.08
N PRO C 474 -28.35 -36.18 30.03
CA PRO C 474 -28.25 -34.78 30.47
C PRO C 474 -26.90 -34.43 31.09
N THR C 475 -26.20 -35.39 31.70
CA THR C 475 -24.86 -35.08 32.21
C THR C 475 -23.90 -34.75 31.08
N LEU C 476 -23.96 -35.51 29.98
CA LEU C 476 -23.09 -35.21 28.84
C LEU C 476 -23.39 -33.84 28.26
N ILE C 477 -24.67 -33.50 28.11
CA ILE C 477 -25.03 -32.20 27.57
C ILE C 477 -24.61 -31.09 28.51
N ALA C 478 -24.77 -31.31 29.82
CA ALA C 478 -24.35 -30.30 30.79
C ALA C 478 -22.84 -30.05 30.70
N GLU C 479 -22.05 -31.13 30.58
CA GLU C 479 -20.61 -30.98 30.48
C GLU C 479 -20.21 -30.26 29.19
N ALA C 480 -20.87 -30.59 28.07
CA ALA C 480 -20.57 -29.92 26.82
C ALA C 480 -20.88 -28.43 26.90
N LEU C 481 -22.04 -28.08 27.46
CA LEU C 481 -22.40 -26.68 27.61
C LEU C 481 -21.43 -25.96 28.54
N PHE C 482 -21.00 -26.64 29.61
CA PHE C 482 -20.04 -26.03 30.52
C PHE C 482 -18.71 -25.77 29.83
N ALA C 483 -18.27 -26.69 28.98
CA ALA C 483 -17.02 -26.47 28.26
C ALA C 483 -17.15 -25.31 27.27
N ILE C 484 -18.28 -25.20 26.56
CA ILE C 484 -18.49 -24.06 25.68
C ILE C 484 -18.48 -22.76 26.48
N SER C 485 -19.11 -22.78 27.65
CA SER C 485 -19.11 -21.59 28.51
C SER C 485 -17.70 -21.24 28.95
N ASN C 486 -16.86 -22.24 29.21
CA ASN C 486 -15.47 -21.98 29.55
C ASN C 486 -14.75 -21.30 28.40
N ILE C 487 -14.98 -21.77 27.17
CA ILE C 487 -14.38 -21.11 26.01
C ILE C 487 -14.79 -19.65 25.96
N LEU C 488 -16.10 -19.38 26.10
CA LEU C 488 -16.58 -18.01 26.01
C LEU C 488 -16.03 -17.14 27.15
N SER C 489 -16.00 -17.68 28.36
CA SER C 489 -15.50 -16.92 29.51
C SER C 489 -14.04 -16.56 29.32
N SER C 490 -13.23 -17.51 28.84
CA SER C 490 -11.82 -17.19 28.65
C SER C 490 -11.61 -16.23 27.48
N LEU C 491 -12.42 -16.35 26.43
CA LEU C 491 -12.35 -15.41 25.32
C LEU C 491 -12.80 -14.00 25.73
N ARG C 492 -13.59 -13.89 26.79
CA ARG C 492 -14.00 -12.58 27.27
C ARG C 492 -12.81 -11.73 27.72
N LEU C 493 -11.66 -12.35 27.99
CA LEU C 493 -10.48 -11.61 28.42
C LEU C 493 -9.95 -10.66 27.36
N ILE C 494 -10.26 -10.90 26.08
CA ILE C 494 -9.74 -10.06 25.02
C ILE C 494 -10.23 -8.62 25.18
N SER C 495 -11.45 -8.44 25.71
CA SER C 495 -11.98 -7.10 25.88
C SER C 495 -11.17 -6.26 26.86
N LEU C 496 -10.37 -6.89 27.72
CA LEU C 496 -9.53 -6.15 28.64
C LEU C 496 -8.28 -5.58 27.99
N PHE C 497 -8.01 -5.94 26.74
CA PHE C 497 -6.89 -5.35 26.03
C PHE C 497 -7.08 -3.85 25.82
N THR C 498 -8.34 -3.40 25.78
CA THR C 498 -8.61 -1.98 25.54
C THR C 498 -7.93 -1.10 26.58
N ALA C 499 -7.77 -1.60 27.80
CA ALA C 499 -7.12 -0.83 28.85
C ALA C 499 -5.63 -0.67 28.63
N ASN C 500 -5.03 -1.43 27.71
CA ASN C 500 -3.58 -1.44 27.53
C ASN C 500 -3.20 -0.58 26.33
N SER C 501 -2.06 0.12 26.44
CA SER C 501 -1.62 1.00 25.38
C SER C 501 -1.05 0.25 24.18
N HIS C 502 -0.48 -0.93 24.40
CA HIS C 502 0.14 -1.70 23.33
C HIS C 502 -0.83 -2.67 22.66
N LEU C 503 -1.62 -3.39 23.45
CA LEU C 503 -2.55 -4.38 22.91
C LEU C 503 -3.89 -3.78 22.53
N GLY C 504 -4.23 -2.61 23.07
CA GLY C 504 -5.51 -2.00 22.82
C GLY C 504 -5.78 -1.62 21.38
N PRO C 505 -4.89 -0.83 20.77
CA PRO C 505 -5.08 -0.48 19.35
C PRO C 505 -5.15 -1.71 18.47
N LEU C 506 -4.34 -2.72 18.76
CA LEU C 506 -4.34 -3.94 17.98
C LEU C 506 -5.69 -4.66 18.08
N GLN C 507 -6.20 -4.81 19.30
CA GLN C 507 -7.48 -5.49 19.49
C GLN C 507 -8.61 -4.74 18.81
N ILE C 508 -8.61 -3.41 18.90
CA ILE C 508 -9.65 -2.62 18.24
C ILE C 508 -9.57 -2.79 16.73
N SER C 509 -8.34 -2.81 16.18
CA SER C 509 -8.18 -2.99 14.74
C SER C 509 -8.72 -4.34 14.28
N LEU C 510 -8.41 -5.40 15.02
CA LEU C 510 -8.94 -6.73 14.67
C LEU C 510 -10.46 -6.73 14.72
N GLY C 511 -11.03 -6.13 15.78
CA GLY C 511 -12.47 -6.05 15.87
C GLY C 511 -13.08 -5.33 14.69
N ARG C 512 -12.42 -4.28 14.21
CA ARG C 512 -12.93 -3.56 13.05
C ARG C 512 -12.80 -4.38 11.77
N MET C 513 -11.79 -5.24 11.68
CA MET C 513 -11.66 -6.11 10.50
C MET C 513 -12.68 -7.23 10.47
N LEU C 514 -13.22 -7.60 11.65
CA LEU C 514 -14.11 -8.75 11.73
C LEU C 514 -15.31 -8.65 10.78
N LEU C 515 -15.81 -7.44 10.50
CA LEU C 515 -17.03 -7.36 9.70
C LEU C 515 -16.78 -7.71 8.23
N ASP C 516 -15.69 -7.19 7.65
CA ASP C 516 -15.32 -7.60 6.30
C ASP C 516 -14.99 -9.09 6.26
N ILE C 517 -14.36 -9.61 7.31
CA ILE C 517 -14.14 -11.05 7.39
C ILE C 517 -15.46 -11.79 7.33
N LEU C 518 -16.49 -11.28 8.03
CA LEU C 518 -17.79 -11.94 8.04
C LEU C 518 -18.44 -11.95 6.67
N LYS C 519 -18.37 -10.82 5.95
CA LYS C 519 -18.94 -10.79 4.60
C LYS C 519 -18.25 -11.81 3.71
N PHE C 520 -16.91 -11.88 3.77
CA PHE C 520 -16.22 -12.87 2.96
C PHE C 520 -16.59 -14.28 3.36
N LEU C 521 -16.79 -14.52 4.66
CA LEU C 521 -17.25 -15.83 5.10
C LEU C 521 -18.62 -16.16 4.53
N PHE C 522 -19.47 -15.15 4.34
CA PHE C 522 -20.78 -15.39 3.72
C PHE C 522 -20.61 -15.91 2.29
N ILE C 523 -19.76 -15.24 1.50
CA ILE C 523 -19.55 -15.72 0.13
C ILE C 523 -18.92 -17.12 0.14
N TYR C 524 -17.99 -17.35 1.07
CA TYR C 524 -17.40 -18.68 1.17
C TYR C 524 -18.45 -19.73 1.50
N CYS C 525 -19.39 -19.40 2.38
CA CYS C 525 -20.44 -20.35 2.74
C CYS C 525 -21.33 -20.68 1.55
N LEU C 526 -21.58 -19.69 0.69
CA LEU C 526 -22.30 -20.00 -0.55
C LEU C 526 -21.53 -21.00 -1.41
N VAL C 527 -20.24 -20.78 -1.58
CA VAL C 527 -19.43 -21.72 -2.37
C VAL C 527 -19.42 -23.10 -1.72
N LEU C 528 -19.30 -23.13 -0.39
CA LEU C 528 -19.30 -24.39 0.36
C LEU C 528 -20.60 -25.15 0.16
N LEU C 529 -21.73 -24.44 0.23
CA LEU C 529 -23.02 -25.09 0.01
C LEU C 529 -23.11 -25.65 -1.40
N ALA C 530 -22.61 -24.90 -2.40
CA ALA C 530 -22.64 -25.39 -3.77
C ALA C 530 -21.88 -26.70 -3.91
N PHE C 531 -20.64 -26.73 -3.44
CA PHE C 531 -19.86 -27.95 -3.63
C PHE C 531 -20.35 -29.09 -2.74
N ALA C 532 -20.89 -28.78 -1.57
CA ALA C 532 -21.48 -29.82 -0.73
C ALA C 532 -22.68 -30.45 -1.43
N ASN C 533 -23.54 -29.63 -2.03
CA ASN C 533 -24.66 -30.16 -2.79
C ASN C 533 -24.18 -31.09 -3.90
N GLY C 534 -23.18 -30.65 -4.68
CA GLY C 534 -22.69 -31.48 -5.76
C GLY C 534 -22.08 -32.79 -5.29
N LEU C 535 -21.20 -32.72 -4.28
CA LEU C 535 -20.51 -33.92 -3.83
C LEU C 535 -21.47 -34.90 -3.17
N ASN C 536 -22.41 -34.41 -2.36
CA ASN C 536 -23.42 -35.30 -1.79
C ASN C 536 -24.27 -35.94 -2.87
N GLN C 537 -24.68 -35.16 -3.87
CA GLN C 537 -25.46 -35.72 -4.97
C GLN C 537 -24.68 -36.83 -5.67
N LEU C 538 -23.37 -36.67 -5.81
CA LEU C 538 -22.59 -37.69 -6.50
C LEU C 538 -22.39 -38.93 -5.64
N TYR C 539 -22.19 -38.77 -4.33
CA TYR C 539 -21.71 -39.86 -3.51
C TYR C 539 -22.76 -40.52 -2.62
N PHE C 540 -24.00 -40.01 -2.57
CA PHE C 540 -24.93 -40.57 -1.60
C PHE C 540 -25.35 -42.00 -1.92
N TYR C 541 -25.13 -42.46 -3.15
CA TYR C 541 -25.47 -43.84 -3.50
C TYR C 541 -24.59 -44.84 -2.76
N TYR C 542 -23.33 -44.47 -2.48
CA TYR C 542 -22.34 -45.37 -1.95
C TYR C 542 -22.20 -45.26 -0.44
N GLU C 543 -23.23 -44.78 0.24
CA GLU C 543 -23.21 -44.76 1.69
C GLU C 543 -23.18 -46.19 2.23
N THR C 544 -22.30 -46.44 3.18
CA THR C 544 -22.17 -47.75 3.80
C THR C 544 -22.44 -47.64 5.29
N ARG C 545 -22.91 -48.74 5.88
CA ARG C 545 -23.25 -48.73 7.29
C ARG C 545 -21.99 -48.69 8.15
N ALA C 546 -22.18 -48.28 9.41
CA ALA C 546 -21.06 -48.27 10.33
C ALA C 546 -20.56 -49.67 10.63
N ILE C 547 -21.43 -50.67 10.53
CA ILE C 547 -21.03 -52.04 10.83
C ILE C 547 -19.97 -52.52 9.84
N ASP C 548 -20.09 -52.12 8.57
CA ASP C 548 -19.15 -52.52 7.55
C ASP C 548 -17.80 -51.81 7.66
N GLU C 549 -17.70 -50.75 8.45
CA GLU C 549 -16.47 -50.00 8.57
C GLU C 549 -15.49 -50.68 9.51
N PRO C 550 -14.19 -50.41 9.37
CA PRO C 550 -13.18 -51.19 10.10
C PRO C 550 -13.34 -51.19 11.61
N ASN C 551 -13.74 -50.07 12.21
CA ASN C 551 -13.80 -49.96 13.65
C ASN C 551 -15.23 -49.76 14.16
N ASN C 552 -16.23 -50.12 13.35
CA ASN C 552 -17.62 -49.74 13.59
C ASN C 552 -17.77 -48.24 13.70
N CYS C 553 -16.87 -47.51 13.05
CA CYS C 553 -16.85 -46.05 13.06
C CYS C 553 -17.18 -45.55 11.67
N LYS C 554 -18.22 -44.73 11.56
CA LYS C 554 -18.65 -44.15 10.29
C LYS C 554 -18.48 -42.64 10.36
N GLY C 555 -17.76 -42.08 9.40
CA GLY C 555 -17.54 -40.65 9.34
C GLY C 555 -16.10 -40.32 9.08
N ILE C 556 -15.78 -39.03 9.14
CA ILE C 556 -14.44 -38.55 8.81
C ILE C 556 -13.65 -38.34 10.08
N ARG C 557 -14.20 -38.77 11.21
CA ARG C 557 -13.49 -38.68 12.49
C ARG C 557 -12.96 -40.03 12.93
N CYS C 558 -12.85 -40.99 12.03
CA CYS C 558 -12.27 -42.28 12.33
C CYS C 558 -10.81 -42.31 11.90
N GLU C 559 -10.11 -43.36 12.31
CA GLU C 559 -8.72 -43.50 11.89
C GLU C 559 -8.62 -43.65 10.38
N LYS C 560 -9.51 -44.44 9.78
CA LYS C 560 -9.65 -44.52 8.32
C LYS C 560 -10.94 -43.80 7.96
N GLN C 561 -10.82 -42.61 7.38
CA GLN C 561 -11.99 -41.81 7.08
C GLN C 561 -12.83 -42.48 6.00
N ASN C 562 -14.15 -42.34 6.13
CA ASN C 562 -15.09 -42.98 5.24
C ASN C 562 -16.39 -42.20 5.27
N ASN C 563 -17.22 -42.45 4.25
CA ASN C 563 -18.52 -41.79 4.14
C ASN C 563 -18.39 -40.28 4.22
N ALA C 564 -17.36 -39.74 3.56
CA ALA C 564 -17.12 -38.31 3.64
C ALA C 564 -18.26 -37.52 3.01
N PHE C 565 -18.86 -38.04 1.94
CA PHE C 565 -19.87 -37.33 1.20
C PHE C 565 -21.17 -38.13 1.11
N SER C 566 -21.44 -38.99 2.10
CA SER C 566 -22.64 -39.81 2.07
C SER C 566 -23.89 -39.02 2.42
N THR C 567 -23.79 -38.09 3.38
CA THR C 567 -24.90 -37.24 3.76
C THR C 567 -24.50 -35.78 3.64
N LEU C 568 -25.51 -34.90 3.52
CA LEU C 568 -25.24 -33.48 3.33
C LEU C 568 -24.50 -32.89 4.51
N PHE C 569 -24.92 -33.23 5.72
CA PHE C 569 -24.26 -32.72 6.92
C PHE C 569 -22.81 -33.17 6.97
N GLU C 570 -22.58 -34.46 6.71
CA GLU C 570 -21.22 -34.97 6.68
C GLU C 570 -20.42 -34.37 5.52
N THR C 571 -21.06 -34.10 4.39
CA THR C 571 -20.35 -33.45 3.29
C THR C 571 -19.89 -32.05 3.67
N LEU C 572 -20.75 -31.28 4.35
CA LEU C 572 -20.35 -29.96 4.83
C LEU C 572 -19.19 -30.07 5.81
N GLN C 573 -19.23 -31.03 6.73
CA GLN C 573 -18.12 -31.24 7.65
C GLN C 573 -16.83 -31.59 6.90
N SER C 574 -16.94 -32.47 5.89
CA SER C 574 -15.77 -32.90 5.15
C SER C 574 -15.12 -31.73 4.41
N LEU C 575 -15.93 -30.89 3.77
CA LEU C 575 -15.35 -29.75 3.05
C LEU C 575 -14.76 -28.73 4.02
N PHE C 576 -15.43 -28.52 5.16
CA PHE C 576 -14.87 -27.61 6.16
C PHE C 576 -13.52 -28.10 6.63
N TRP C 577 -13.38 -29.39 6.87
CA TRP C 577 -12.10 -29.91 7.36
C TRP C 577 -11.06 -29.99 6.25
N SER C 578 -11.49 -30.14 5.00
CA SER C 578 -10.55 -30.07 3.89
C SER C 578 -10.01 -28.67 3.71
N VAL C 579 -10.74 -27.66 4.18
CA VAL C 579 -10.16 -26.31 4.22
C VAL C 579 -8.84 -26.32 4.98
N PHE C 580 -8.79 -27.03 6.10
CA PHE C 580 -7.59 -27.12 6.92
C PHE C 580 -6.76 -28.36 6.62
N GLY C 581 -7.04 -29.05 5.51
CA GLY C 581 -6.23 -30.17 5.10
C GLY C 581 -6.33 -31.39 5.96
N LEU C 582 -7.40 -31.53 6.74
CA LEU C 582 -7.58 -32.69 7.61
C LEU C 582 -8.40 -33.78 6.96
N LEU C 583 -8.85 -33.59 5.73
CA LEU C 583 -9.57 -34.62 4.99
C LEU C 583 -8.60 -35.28 4.01
N ASN C 584 -8.47 -36.60 4.11
CA ASN C 584 -7.54 -37.34 3.27
C ASN C 584 -8.16 -37.62 1.91
N LEU C 585 -7.29 -37.80 0.92
CA LEU C 585 -7.76 -37.91 -0.47
C LEU C 585 -8.55 -39.19 -0.71
N TYR C 586 -8.22 -40.27 0.01
CA TYR C 586 -8.84 -41.55 -0.29
C TYR C 586 -10.32 -41.57 0.02
N VAL C 587 -10.86 -40.55 0.70
CA VAL C 587 -12.29 -40.46 0.90
C VAL C 587 -13.04 -40.23 -0.40
N THR C 588 -12.33 -39.93 -1.49
CA THR C 588 -12.98 -39.78 -2.79
C THR C 588 -13.17 -41.11 -3.50
N ASN C 589 -12.78 -42.22 -2.89
CA ASN C 589 -12.97 -43.56 -3.43
C ASN C 589 -14.24 -44.18 -2.87
N VAL C 590 -14.76 -45.17 -3.61
CA VAL C 590 -15.92 -45.94 -3.19
C VAL C 590 -15.54 -47.42 -3.25
N LYS C 591 -16.34 -48.24 -2.58
CA LYS C 591 -16.06 -49.68 -2.54
C LYS C 591 -16.06 -50.28 -3.93
N ALA C 592 -17.07 -49.95 -4.74
CA ALA C 592 -17.22 -50.57 -6.05
C ALA C 592 -16.15 -50.13 -7.04
N ARG C 593 -15.35 -49.11 -6.72
CA ARG C 593 -14.29 -48.61 -7.59
C ARG C 593 -14.84 -48.23 -8.97
N HIS C 594 -15.92 -47.45 -8.96
CA HIS C 594 -16.42 -46.82 -10.18
C HIS C 594 -15.48 -45.69 -10.54
N GLU C 595 -14.58 -45.96 -11.49
CA GLU C 595 -13.47 -45.03 -11.73
C GLU C 595 -13.96 -43.68 -12.22
N PHE C 596 -14.98 -43.65 -13.07
CA PHE C 596 -15.50 -42.37 -13.54
C PHE C 596 -16.13 -41.57 -12.40
N THR C 597 -16.93 -42.23 -11.55
CA THR C 597 -17.54 -41.54 -10.43
C THR C 597 -16.48 -41.03 -9.46
N GLU C 598 -15.47 -41.86 -9.18
CA GLU C 598 -14.42 -41.46 -8.26
C GLU C 598 -13.59 -40.31 -8.82
N PHE C 599 -13.32 -40.31 -10.12
CA PHE C 599 -12.59 -39.22 -10.72
C PHE C 599 -13.40 -37.93 -10.72
N VAL C 600 -14.70 -38.02 -11.00
CA VAL C 600 -15.55 -36.83 -10.94
C VAL C 600 -15.59 -36.28 -9.52
N GLY C 601 -15.67 -37.16 -8.54
CA GLY C 601 -15.65 -36.70 -7.15
C GLY C 601 -14.34 -36.06 -6.77
N ALA C 602 -13.22 -36.66 -7.20
CA ALA C 602 -11.92 -36.07 -6.91
C ALA C 602 -11.76 -34.72 -7.59
N THR C 603 -12.33 -34.56 -8.79
CA THR C 603 -12.25 -33.28 -9.48
C THR C 603 -13.15 -32.23 -8.82
N MET C 604 -14.32 -32.63 -8.33
CA MET C 604 -15.14 -31.71 -7.54
C MET C 604 -14.40 -31.25 -6.29
N PHE C 605 -13.79 -32.22 -5.60
CA PHE C 605 -13.03 -31.90 -4.39
C PHE C 605 -11.85 -30.99 -4.71
N GLY C 606 -11.16 -31.24 -5.82
CA GLY C 606 -10.05 -30.39 -6.20
C GLY C 606 -10.46 -29.00 -6.63
N THR C 607 -11.57 -28.89 -7.36
CA THR C 607 -12.09 -27.57 -7.72
C THR C 607 -12.48 -26.80 -6.46
N TYR C 608 -13.10 -27.49 -5.50
CA TYR C 608 -13.42 -26.84 -4.24
C TYR C 608 -12.15 -26.36 -3.54
N ASN C 609 -11.11 -27.19 -3.54
CA ASN C 609 -9.85 -26.81 -2.90
C ASN C 609 -9.21 -25.60 -3.58
N VAL C 610 -9.21 -25.58 -4.92
CA VAL C 610 -8.65 -24.44 -5.63
C VAL C 610 -9.46 -23.18 -5.33
N ILE C 611 -10.78 -23.29 -5.34
CA ILE C 611 -11.62 -22.14 -5.13
C ILE C 611 -11.46 -21.59 -3.72
N SER C 612 -11.43 -22.45 -2.71
CA SER C 612 -11.45 -21.97 -1.33
C SER C 612 -10.05 -21.62 -0.84
N LEU C 613 -9.05 -22.43 -1.17
CA LEU C 613 -7.71 -22.26 -0.62
C LEU C 613 -6.80 -21.40 -1.48
N VAL C 614 -6.93 -21.47 -2.81
CA VAL C 614 -6.07 -20.68 -3.68
C VAL C 614 -6.71 -19.37 -4.07
N VAL C 615 -8.03 -19.35 -4.30
CA VAL C 615 -8.69 -18.14 -4.75
C VAL C 615 -9.27 -17.38 -3.54
N LEU C 616 -10.20 -18.02 -2.82
CA LEU C 616 -10.93 -17.31 -1.78
C LEU C 616 -10.03 -16.91 -0.62
N LEU C 617 -9.13 -17.79 -0.19
CA LEU C 617 -8.28 -17.46 0.95
C LEU C 617 -7.37 -16.28 0.63
N ASN C 618 -6.80 -16.25 -0.57
CA ASN C 618 -5.92 -15.15 -0.94
C ASN C 618 -6.71 -13.87 -1.18
N MET C 619 -7.93 -13.97 -1.72
CA MET C 619 -8.78 -12.79 -1.79
C MET C 619 -9.06 -12.24 -0.40
N LEU C 620 -9.30 -13.13 0.56
CA LEU C 620 -9.51 -12.71 1.94
C LEU C 620 -8.27 -12.02 2.49
N ILE C 621 -7.09 -12.56 2.17
CA ILE C 621 -5.84 -11.94 2.63
C ILE C 621 -5.71 -10.53 2.06
N ALA C 622 -5.99 -10.36 0.76
CA ALA C 622 -5.89 -9.05 0.14
C ALA C 622 -6.87 -8.06 0.77
N MET C 623 -8.11 -8.50 1.00
CA MET C 623 -9.09 -7.62 1.63
C MET C 623 -8.65 -7.24 3.04
N MET C 624 -8.11 -8.20 3.78
CA MET C 624 -7.65 -7.90 5.13
C MET C 624 -6.51 -6.90 5.10
N ASN C 625 -5.60 -7.02 4.13
CA ASN C 625 -4.52 -6.04 4.02
C ASN C 625 -5.07 -4.63 3.78
N ASN C 626 -5.98 -4.51 2.80
CA ASN C 626 -6.52 -3.18 2.48
C ASN C 626 -7.28 -2.59 3.67
N SER C 627 -8.17 -3.40 4.27
CA SER C 627 -8.95 -2.94 5.39
C SER C 627 -8.06 -2.60 6.58
N TYR C 628 -6.98 -3.35 6.77
CA TYR C 628 -6.11 -3.08 7.91
C TYR C 628 -5.33 -1.79 7.70
N GLN C 629 -4.94 -1.49 6.47
CA GLN C 629 -4.33 -0.18 6.21
C GLN C 629 -5.31 0.94 6.56
N LEU C 630 -6.54 0.83 6.05
CA LEU C 630 -7.53 1.86 6.32
C LEU C 630 -7.81 2.00 7.81
N ILE C 631 -7.83 0.87 8.52
CA ILE C 631 -8.09 0.89 9.96
C ILE C 631 -6.92 1.49 10.73
N ALA C 632 -5.69 1.07 10.40
CA ALA C 632 -4.51 1.58 11.08
C ALA C 632 -4.34 3.08 10.87
N ASP C 633 -4.98 3.63 9.84
CA ASP C 633 -4.99 5.10 9.72
C ASP C 633 -5.63 5.77 10.93
N HIS C 634 -6.72 5.21 11.46
CA HIS C 634 -7.46 5.80 12.57
C HIS C 634 -7.39 4.99 13.86
N ALA C 635 -6.50 4.01 13.92
CA ALA C 635 -6.44 3.08 15.06
C ALA C 635 -6.30 3.81 16.38
N ASP C 636 -5.48 4.87 16.45
CA ASP C 636 -5.25 5.53 17.72
C ASP C 636 -6.53 6.19 18.25
N ILE C 637 -7.23 6.91 17.38
CA ILE C 637 -8.48 7.54 17.78
C ILE C 637 -9.50 6.50 18.20
N GLU C 638 -9.62 5.42 17.43
CA GLU C 638 -10.59 4.39 17.76
C GLU C 638 -10.28 3.75 19.10
N TRP C 639 -9.02 3.42 19.35
CA TRP C 639 -8.64 2.81 20.61
C TRP C 639 -8.87 3.75 21.78
N LYS C 640 -8.57 5.04 21.59
CA LYS C 640 -8.80 5.98 22.68
C LYS C 640 -10.27 6.12 22.99
N PHE C 641 -11.14 6.08 21.97
CA PHE C 641 -12.57 6.08 22.23
C PHE C 641 -13.01 4.84 22.99
N ALA C 642 -12.50 3.67 22.59
CA ALA C 642 -12.88 2.45 23.28
C ALA C 642 -12.39 2.45 24.73
N ARG C 643 -11.17 2.92 24.97
CA ARG C 643 -10.65 2.98 26.33
C ARG C 643 -11.37 4.02 27.16
N THR C 644 -11.83 5.10 26.54
CA THR C 644 -12.67 6.05 27.27
C THR C 644 -13.96 5.39 27.71
N LYS C 645 -14.59 4.61 26.83
CA LYS C 645 -15.80 3.89 27.24
C LYS C 645 -15.51 2.93 28.38
N LEU C 646 -14.39 2.21 28.30
CA LEU C 646 -14.01 1.29 29.38
C LEU C 646 -13.81 2.04 30.69
N TRP C 647 -13.14 3.18 30.65
CA TRP C 647 -12.92 3.96 31.86
C TRP C 647 -14.23 4.48 32.43
N MET C 648 -15.11 5.01 31.58
CA MET C 648 -16.38 5.54 32.04
C MET C 648 -17.24 4.47 32.68
N SER C 649 -17.13 3.23 32.21
CA SER C 649 -17.90 2.16 32.83
C SER C 649 -17.49 1.91 34.28
N TYR C 650 -16.33 2.39 34.71
CA TYR C 650 -15.88 2.23 36.08
C TYR C 650 -15.97 3.50 36.90
N PHE C 651 -16.52 4.58 36.36
CA PHE C 651 -16.67 5.80 37.14
C PHE C 651 -17.88 5.75 38.06
N ASP C 652 -18.92 5.02 37.66
CA ASP C 652 -20.18 5.02 38.39
C ASP C 652 -20.08 4.23 39.68
N GLU C 653 -20.91 4.61 40.66
CA GLU C 653 -20.95 3.89 41.93
C GLU C 653 -21.59 2.52 41.77
N GLY C 654 -22.61 2.41 40.91
CA GLY C 654 -23.25 1.12 40.71
C GLY C 654 -22.28 0.11 40.12
N GLY C 655 -22.39 -1.13 40.59
CA GLY C 655 -21.49 -2.17 40.12
C GLY C 655 -20.08 -2.07 40.64
N THR C 656 -19.88 -1.44 41.80
CA THR C 656 -18.54 -1.35 42.37
C THR C 656 -17.99 -2.72 42.72
N LEU C 657 -18.80 -3.56 43.35
CA LEU C 657 -18.35 -4.87 43.78
C LEU C 657 -18.35 -5.83 42.59
N PRO C 658 -17.26 -6.52 42.32
CA PRO C 658 -17.24 -7.52 41.25
C PRO C 658 -17.88 -8.80 41.74
N PRO C 659 -18.24 -9.71 40.84
CA PRO C 659 -18.63 -11.05 41.27
C PRO C 659 -17.49 -11.71 42.02
N PRO C 660 -17.79 -12.54 43.02
CA PRO C 660 -19.12 -12.96 43.47
C PRO C 660 -19.74 -12.04 44.52
N PHE C 661 -19.13 -10.89 44.79
CA PHE C 661 -19.57 -10.05 45.88
C PHE C 661 -20.75 -9.16 45.54
N ASN C 662 -21.16 -9.09 44.27
CA ASN C 662 -22.26 -8.21 43.91
C ASN C 662 -23.63 -8.83 44.16
N ILE C 663 -23.69 -10.11 44.53
CA ILE C 663 -24.96 -10.75 44.86
C ILE C 663 -25.21 -10.81 46.37
N ILE C 664 -24.34 -10.23 47.17
CA ILE C 664 -24.51 -10.23 48.62
C ILE C 664 -25.41 -9.06 49.05
N SER C 706 -27.77 25.20 38.16
CA SER C 706 -28.31 25.06 36.81
C SER C 706 -28.08 26.33 36.00
N LEU C 707 -28.68 27.43 36.46
CA LEU C 707 -28.52 28.70 35.77
C LEU C 707 -27.07 29.19 35.84
N ILE C 708 -26.43 29.04 37.00
CA ILE C 708 -25.03 29.44 37.14
C ILE C 708 -24.14 28.59 36.24
N GLN C 709 -24.41 27.29 36.18
CA GLN C 709 -23.66 26.42 35.28
C GLN C 709 -23.83 26.85 33.83
N ASN C 710 -25.06 27.21 33.45
CA ASN C 710 -25.30 27.66 32.08
C ASN C 710 -24.57 28.96 31.79
N GLN C 711 -24.53 29.89 32.74
CA GLN C 711 -23.81 31.13 32.52
C GLN C 711 -22.31 30.89 32.36
N HIS C 712 -21.74 30.04 33.21
CA HIS C 712 -20.32 29.71 33.07
C HIS C 712 -20.05 29.04 31.73
N TYR C 713 -20.92 28.11 31.33
CA TYR C 713 -20.74 27.43 30.06
C TYR C 713 -20.84 28.39 28.89
N GLN C 714 -21.76 29.35 28.96
CA GLN C 714 -21.90 30.31 27.88
C GLN C 714 -20.69 31.23 27.78
N GLU C 715 -20.13 31.63 28.93
CA GLU C 715 -18.92 32.44 28.92
C GLU C 715 -17.76 31.68 28.29
N VAL C 716 -17.58 30.41 28.69
CA VAL C 716 -16.51 29.60 28.14
C VAL C 716 -16.71 29.39 26.64
N ILE C 717 -17.96 29.15 26.23
CA ILE C 717 -18.26 28.95 24.81
C ILE C 717 -17.98 30.21 24.02
N ARG C 718 -18.30 31.37 24.59
CA ARG C 718 -17.99 32.64 23.92
C ARG C 718 -16.49 32.77 23.67
N ASN C 719 -15.70 32.48 24.71
CA ASN C 719 -14.25 32.54 24.54
C ASN C 719 -13.77 31.54 23.49
N LEU C 720 -14.30 30.33 23.52
CA LEU C 720 -13.89 29.30 22.57
C LEU C 720 -14.23 29.70 21.15
N VAL C 721 -15.43 30.26 20.94
CA VAL C 721 -15.84 30.68 19.61
C VAL C 721 -14.96 31.81 19.10
N LYS C 722 -14.63 32.78 19.96
CA LYS C 722 -13.74 33.86 19.53
C LYS C 722 -12.37 33.31 19.13
N ARG C 723 -11.82 32.42 19.95
CA ARG C 723 -10.52 31.84 19.63
C ARG C 723 -10.58 31.04 18.34
N TYR C 724 -11.64 30.28 18.15
CA TYR C 724 -11.79 29.46 16.94
C TYR C 724 -11.91 30.33 15.70
N VAL C 725 -12.68 31.42 15.77
CA VAL C 725 -12.82 32.31 14.62
C VAL C 725 -11.48 32.96 14.29
N ALA C 726 -10.75 33.41 15.31
CA ALA C 726 -9.43 33.99 15.06
C ALA C 726 -8.49 32.96 14.44
N ALA C 727 -8.52 31.73 14.95
CA ALA C 727 -7.63 30.70 14.42
C ALA C 727 -7.99 30.33 12.99
N MET C 728 -9.28 30.32 12.66
CA MET C 728 -9.70 30.00 11.29
C MET C 728 -9.33 31.11 10.33
N ILE C 729 -9.44 32.37 10.76
CA ILE C 729 -8.96 33.48 9.93
C ILE C 729 -7.45 33.36 9.72
N ARG C 730 -6.72 33.00 10.77
CA ARG C 730 -5.27 32.81 10.64
C ARG C 730 -4.94 31.70 9.66
N ASN C 731 -5.67 30.58 9.72
CA ASN C 731 -5.38 29.45 8.85
C ASN C 731 -5.78 29.72 7.39
N SER C 732 -6.88 30.45 7.19
CA SER C 732 -7.33 30.72 5.83
C SER C 732 -6.33 31.58 5.06
N LYS C 733 -5.77 32.59 5.72
CA LYS C 733 -4.75 33.44 5.09
C LYS C 733 -3.44 32.68 4.95
N ARG D 17 41.02 17.70 -18.75
CA ARG D 17 39.91 18.65 -18.83
C ARG D 17 38.97 18.30 -19.97
N ILE D 18 37.69 18.63 -19.80
CA ILE D 18 36.67 18.43 -20.82
C ILE D 18 36.39 19.78 -21.47
N PRO D 19 36.86 20.05 -22.69
CA PRO D 19 36.55 21.32 -23.34
C PRO D 19 35.06 21.45 -23.59
N LEU D 20 34.53 22.66 -23.44
CA LEU D 20 33.13 22.94 -23.67
C LEU D 20 33.01 24.03 -24.73
N GLN D 21 32.29 23.73 -25.81
CA GLN D 21 32.13 24.65 -26.92
C GLN D 21 30.80 24.37 -27.59
N ILE D 22 30.21 25.40 -28.19
CA ILE D 22 28.91 25.23 -28.85
C ILE D 22 29.10 24.31 -30.03
N VAL D 23 28.68 23.05 -29.90
CA VAL D 23 28.93 22.05 -30.92
C VAL D 23 28.11 22.32 -32.17
N ARG D 24 26.82 22.63 -31.99
CA ARG D 24 25.93 22.96 -33.10
C ARG D 24 25.64 24.45 -33.03
N ALA D 25 26.55 25.23 -33.60
CA ALA D 25 26.43 26.68 -33.59
C ALA D 25 25.39 27.14 -34.60
N GLU D 26 24.62 28.15 -34.22
CA GLU D 26 23.63 28.77 -35.08
C GLU D 26 24.10 30.15 -35.50
N THR D 27 23.71 30.56 -36.71
CA THR D 27 24.07 31.87 -37.21
C THR D 27 23.45 32.96 -36.33
N GLU D 28 24.30 33.75 -35.70
CA GLU D 28 23.81 34.80 -34.81
C GLU D 28 23.35 36.02 -35.61
N LEU D 29 22.52 36.83 -34.96
CA LEU D 29 21.98 38.03 -35.57
C LEU D 29 23.00 39.16 -35.55
N SER D 30 22.73 40.19 -36.34
CA SER D 30 23.56 41.38 -36.31
C SER D 30 23.32 42.15 -35.01
N ALA D 31 24.15 43.17 -34.77
CA ALA D 31 23.93 44.04 -33.63
C ALA D 31 22.60 44.78 -33.76
N GLU D 32 22.28 45.23 -34.98
CA GLU D 32 21.02 45.94 -35.19
C GLU D 32 19.84 44.97 -35.15
N GLU D 33 19.99 43.74 -35.64
CA GLU D 33 18.91 42.76 -35.53
C GLU D 33 18.62 42.42 -34.07
N LYS D 34 19.67 42.20 -33.29
CA LYS D 34 19.48 41.97 -31.87
C LYS D 34 18.89 43.21 -31.19
N ALA D 35 19.24 44.40 -31.66
CA ALA D 35 18.63 45.60 -31.12
C ALA D 35 17.13 45.62 -31.40
N PHE D 36 16.74 45.26 -32.62
CA PHE D 36 15.32 45.19 -32.98
C PHE D 36 14.59 44.19 -32.11
N LEU D 37 15.17 43.01 -31.94
CA LEU D 37 14.52 41.97 -31.14
C LEU D 37 14.43 42.38 -29.66
N ASN D 38 15.48 43.00 -29.14
CA ASN D 38 15.41 43.47 -27.76
C ASN D 38 14.44 44.63 -27.63
N ALA D 39 14.26 45.41 -28.69
CA ALA D 39 13.29 46.48 -28.66
C ALA D 39 11.87 45.92 -28.58
N VAL D 40 11.55 44.94 -29.43
CA VAL D 40 10.20 44.38 -29.41
C VAL D 40 9.96 43.63 -28.11
N GLU D 41 10.97 42.94 -27.59
CA GLU D 41 10.83 42.28 -26.29
C GLU D 41 10.58 43.29 -25.18
N LYS D 42 11.33 44.39 -25.19
CA LYS D 42 11.25 45.36 -24.10
C LYS D 42 9.87 45.98 -24.04
N GLY D 43 9.23 46.19 -25.17
CA GLY D 43 7.96 46.86 -25.24
C GLY D 43 8.00 48.31 -25.66
N ASP D 44 9.17 48.82 -26.03
CA ASP D 44 9.30 50.21 -26.46
C ASP D 44 8.67 50.34 -27.84
N TYR D 45 7.47 50.91 -27.88
CA TYR D 45 6.74 51.03 -29.15
C TYR D 45 7.48 51.92 -30.14
N ALA D 46 8.01 53.05 -29.67
CA ALA D 46 8.66 54.00 -30.57
C ALA D 46 9.92 53.40 -31.19
N THR D 47 10.70 52.67 -30.41
CA THR D 47 11.95 52.09 -30.93
C THR D 47 11.68 51.14 -32.07
N VAL D 48 10.73 50.22 -31.88
CA VAL D 48 10.36 49.27 -32.91
C VAL D 48 9.76 49.99 -34.12
N LYS D 49 8.91 50.97 -33.85
CA LYS D 49 8.33 51.77 -34.93
C LYS D 49 9.43 52.33 -35.82
N GLN D 50 10.40 53.01 -35.21
CA GLN D 50 11.49 53.59 -35.97
C GLN D 50 12.31 52.52 -36.67
N ALA D 51 12.56 51.40 -35.98
CA ALA D 51 13.41 50.36 -36.54
C ALA D 51 12.81 49.79 -37.82
N LEU D 52 11.54 49.38 -37.78
CA LEU D 52 10.97 48.80 -38.99
C LEU D 52 10.66 49.86 -40.04
N GLN D 53 10.37 51.11 -39.61
CA GLN D 53 10.20 52.17 -40.59
C GLN D 53 11.48 52.39 -41.38
N GLU D 54 12.62 52.40 -40.69
CA GLU D 54 13.91 52.48 -41.36
C GLU D 54 14.16 51.26 -42.24
N ALA D 55 13.79 50.08 -41.73
CA ALA D 55 13.97 48.85 -42.50
C ALA D 55 13.20 48.88 -43.81
N GLU D 56 12.07 49.59 -43.83
CA GLU D 56 11.27 49.65 -45.05
C GLU D 56 12.05 50.27 -46.21
N ILE D 57 12.80 51.35 -45.93
CA ILE D 57 13.51 52.04 -47.01
C ILE D 57 14.63 51.17 -47.56
N TYR D 58 15.44 50.58 -46.69
CA TYR D 58 16.62 49.84 -47.10
C TYR D 58 16.32 48.34 -47.16
N TYR D 59 17.38 47.55 -47.33
CA TYR D 59 17.38 46.13 -47.02
C TYR D 59 18.12 45.87 -45.71
N ASN D 60 18.23 46.89 -44.86
CA ASN D 60 19.11 46.84 -43.71
C ASN D 60 18.68 45.77 -42.70
N VAL D 61 17.40 45.75 -42.35
CA VAL D 61 16.89 44.90 -41.28
C VAL D 61 15.98 43.84 -41.87
N ASN D 62 16.15 42.60 -41.43
CA ASN D 62 15.25 41.52 -41.78
C ASN D 62 14.19 41.42 -40.70
N ILE D 63 12.97 41.88 -41.02
CA ILE D 63 11.92 41.94 -40.01
C ILE D 63 11.57 40.56 -39.49
N ASN D 64 11.76 39.53 -40.31
CA ASN D 64 11.45 38.16 -39.94
C ASN D 64 12.64 37.45 -39.29
N CYS D 65 13.52 38.20 -38.64
CA CYS D 65 14.70 37.60 -38.03
C CYS D 65 14.31 36.72 -36.85
N MET D 66 15.19 35.79 -36.51
CA MET D 66 14.90 34.76 -35.52
C MET D 66 15.90 34.83 -34.36
N ASP D 67 15.36 34.73 -33.14
CA ASP D 67 16.20 34.57 -31.97
C ASP D 67 16.76 33.15 -31.97
N PRO D 68 17.86 32.90 -31.20
CA PRO D 68 18.34 31.53 -31.02
C PRO D 68 17.24 30.52 -30.74
N LEU D 69 16.28 30.88 -29.88
CA LEU D 69 15.16 30.02 -29.57
C LEU D 69 14.12 29.95 -30.68
N GLY D 70 14.36 30.62 -31.81
CA GLY D 70 13.46 30.53 -32.94
C GLY D 70 12.23 31.40 -32.86
N ARG D 71 12.23 32.41 -31.99
CA ARG D 71 11.08 33.30 -31.85
C ARG D 71 11.37 34.63 -32.52
N SER D 72 10.52 35.02 -33.46
CA SER D 72 10.68 36.26 -34.20
C SER D 72 10.08 37.40 -33.40
N ALA D 73 9.97 38.57 -34.03
CA ALA D 73 9.37 39.72 -33.35
C ALA D 73 7.91 39.43 -32.99
N LEU D 74 7.16 38.85 -33.92
CA LEU D 74 5.74 38.61 -33.67
C LEU D 74 5.54 37.63 -32.53
N LEU D 75 6.33 36.56 -32.50
CA LEU D 75 6.20 35.58 -31.43
C LEU D 75 6.58 36.18 -30.08
N ILE D 76 7.59 37.04 -30.06
CA ILE D 76 7.98 37.69 -28.81
C ILE D 76 6.87 38.61 -28.33
N ALA D 77 6.25 39.35 -29.25
CA ALA D 77 5.13 40.21 -28.88
C ALA D 77 3.95 39.40 -28.33
N ILE D 78 3.66 38.26 -28.97
CA ILE D 78 2.57 37.41 -28.49
C ILE D 78 2.88 36.90 -27.09
N GLU D 79 4.13 36.45 -26.87
CA GLU D 79 4.50 35.88 -25.57
C GLU D 79 4.35 36.89 -24.44
N ASN D 80 4.43 38.19 -24.74
CA ASN D 80 4.29 39.23 -23.73
C ASN D 80 2.90 39.85 -23.73
N GLU D 81 1.96 39.30 -24.50
CA GLU D 81 0.59 39.82 -24.59
C GLU D 81 0.58 41.31 -24.93
N ASN D 82 1.40 41.67 -25.91
CA ASN D 82 1.57 43.08 -26.30
C ASN D 82 0.76 43.33 -27.56
N LEU D 83 -0.51 43.68 -27.38
CA LEU D 83 -1.40 43.84 -28.53
C LEU D 83 -0.99 45.00 -29.41
N GLU D 84 -0.48 46.09 -28.83
CA GLU D 84 -0.10 47.25 -29.65
C GLU D 84 1.08 46.91 -30.55
N ILE D 85 2.12 46.28 -29.99
CA ILE D 85 3.27 45.91 -30.80
C ILE D 85 2.89 44.90 -31.87
N MET D 86 2.04 43.93 -31.51
CA MET D 86 1.55 42.97 -32.50
C MET D 86 0.84 43.68 -33.64
N GLU D 87 -0.03 44.62 -33.29
CA GLU D 87 -0.76 45.36 -34.31
C GLU D 87 0.20 46.10 -35.22
N LEU D 88 1.21 46.75 -34.64
CA LEU D 88 2.19 47.46 -35.44
C LEU D 88 2.91 46.51 -36.40
N LEU D 89 3.40 45.40 -35.87
CA LEU D 89 4.15 44.46 -36.70
C LEU D 89 3.28 43.93 -37.83
N LEU D 90 2.06 43.52 -37.52
CA LEU D 90 1.17 43.02 -38.56
C LEU D 90 0.89 44.10 -39.59
N ASN D 91 0.81 45.37 -39.16
CA ASN D 91 0.63 46.45 -40.11
C ASN D 91 1.82 46.56 -41.06
N HIS D 92 3.03 46.37 -40.54
CA HIS D 92 4.23 46.50 -41.36
C HIS D 92 4.63 45.21 -42.06
N SER D 93 3.67 44.31 -42.29
CA SER D 93 3.84 43.16 -43.18
C SER D 93 4.95 42.22 -42.70
N VAL D 94 4.84 41.79 -41.44
CA VAL D 94 5.74 40.77 -40.90
C VAL D 94 5.24 39.39 -41.32
N TYR D 95 6.17 38.49 -41.59
CA TYR D 95 5.80 37.10 -41.86
C TYR D 95 5.09 36.51 -40.65
N VAL D 96 3.93 35.90 -40.90
CA VAL D 96 2.98 35.56 -39.83
C VAL D 96 2.85 34.07 -39.62
N GLY D 97 3.59 33.25 -40.37
CA GLY D 97 3.45 31.81 -40.28
C GLY D 97 3.59 31.27 -38.87
N ASP D 98 2.63 30.45 -38.45
CA ASP D 98 2.55 29.78 -37.15
C ASP D 98 2.29 30.73 -35.99
N ALA D 99 2.14 32.03 -36.22
CA ALA D 99 1.91 32.94 -35.11
C ALA D 99 0.57 32.66 -34.43
N LEU D 100 -0.43 32.26 -35.22
CA LEU D 100 -1.75 32.00 -34.64
C LEU D 100 -1.69 30.85 -33.65
N LEU D 101 -0.89 29.84 -33.95
CA LEU D 101 -0.75 28.71 -33.03
C LEU D 101 -0.17 29.15 -31.69
N TYR D 102 0.87 29.98 -31.72
CA TYR D 102 1.45 30.46 -30.47
C TYR D 102 0.46 31.32 -29.71
N ALA D 103 -0.31 32.14 -30.42
CA ALA D 103 -1.33 32.95 -29.78
C ALA D 103 -2.38 32.08 -29.11
N ILE D 104 -2.82 31.03 -29.78
CA ILE D 104 -3.83 30.14 -29.23
C ILE D 104 -3.29 29.40 -28.01
N ARG D 105 -2.07 28.89 -28.09
CA ARG D 105 -1.50 28.17 -26.95
C ARG D 105 -1.29 29.10 -25.76
N LYS D 106 -0.88 30.35 -26.02
CA LYS D 106 -0.82 31.33 -24.94
C LYS D 106 -2.19 31.63 -24.37
N GLU D 107 -3.25 31.35 -25.13
CA GLU D 107 -4.64 31.51 -24.68
C GLU D 107 -4.94 32.97 -24.35
N VAL D 108 -4.60 33.85 -25.28
CA VAL D 108 -4.94 35.27 -25.19
C VAL D 108 -6.00 35.54 -26.26
N VAL D 109 -7.21 35.89 -25.83
CA VAL D 109 -8.30 36.10 -26.78
C VAL D 109 -7.99 37.27 -27.69
N GLY D 110 -7.42 38.33 -27.13
CA GLY D 110 -7.12 39.50 -27.93
C GLY D 110 -6.14 39.22 -29.05
N ALA D 111 -5.06 38.49 -28.73
CA ALA D 111 -4.07 38.16 -29.74
C ALA D 111 -4.68 37.28 -30.82
N VAL D 112 -5.51 36.31 -30.43
CA VAL D 112 -6.13 35.43 -31.40
C VAL D 112 -7.04 36.22 -32.34
N GLU D 113 -7.84 37.14 -31.79
CA GLU D 113 -8.70 37.96 -32.64
C GLU D 113 -7.89 38.84 -33.57
N LEU D 114 -6.81 39.44 -33.05
CA LEU D 114 -5.98 40.30 -33.88
C LEU D 114 -5.37 39.53 -35.04
N LEU D 115 -4.89 38.32 -34.77
CA LEU D 115 -4.30 37.51 -35.84
C LEU D 115 -5.36 37.02 -36.82
N LEU D 116 -6.57 36.74 -36.34
CA LEU D 116 -7.63 36.30 -37.24
C LEU D 116 -8.08 37.43 -38.16
N SER D 117 -8.05 38.67 -37.68
CA SER D 117 -8.40 39.80 -38.54
C SER D 117 -7.25 40.27 -39.42
N TYR D 118 -6.03 39.79 -39.16
CA TYR D 118 -4.83 40.22 -39.90
C TYR D 118 -4.65 41.73 -39.86
N THR D 134 12.01 27.10 -44.12
CA THR D 134 11.20 26.54 -43.06
C THR D 134 11.81 26.82 -41.68
N GLN D 135 11.16 27.69 -40.92
CA GLN D 135 11.67 28.07 -39.62
C GLN D 135 11.44 26.95 -38.61
N PHE D 136 12.12 27.04 -37.48
CA PHE D 136 11.84 26.17 -36.36
C PHE D 136 10.45 26.49 -35.81
N SER D 137 9.70 25.44 -35.49
CA SER D 137 8.36 25.60 -34.94
C SER D 137 8.18 24.66 -33.76
N GLU D 138 7.44 25.11 -32.75
CA GLU D 138 7.16 24.26 -31.60
C GLU D 138 5.97 23.35 -31.82
N PHE D 139 5.31 23.43 -32.97
CA PHE D 139 4.15 22.61 -33.27
C PHE D 139 4.45 21.75 -34.49
N THR D 140 3.98 20.51 -34.45
CA THR D 140 4.14 19.62 -35.59
C THR D 140 3.34 20.14 -36.77
N PRO D 141 3.76 19.83 -38.00
CA PRO D 141 3.12 20.45 -39.17
C PRO D 141 1.63 20.18 -39.31
N ASP D 142 1.12 19.09 -38.74
CA ASP D 142 -0.30 18.76 -38.87
C ASP D 142 -1.20 19.57 -37.94
N ILE D 143 -0.64 20.28 -36.96
CA ILE D 143 -1.45 21.04 -36.03
C ILE D 143 -2.10 22.20 -36.76
N THR D 144 -3.42 22.29 -36.69
CA THR D 144 -4.19 23.38 -37.27
C THR D 144 -4.70 24.29 -36.16
N PRO D 145 -5.10 25.52 -36.47
CA PRO D 145 -5.54 26.43 -35.40
C PRO D 145 -6.69 25.87 -34.57
N ILE D 146 -7.72 25.30 -35.22
CA ILE D 146 -8.85 24.77 -34.47
C ILE D 146 -8.44 23.55 -33.65
N MET D 147 -7.54 22.73 -34.21
CA MET D 147 -7.05 21.56 -33.48
C MET D 147 -6.32 21.98 -32.21
N LEU D 148 -5.42 22.95 -32.33
CA LEU D 148 -4.69 23.41 -31.15
C LEU D 148 -5.62 24.08 -30.15
N ALA D 149 -6.60 24.85 -30.64
CA ALA D 149 -7.56 25.46 -29.74
C ALA D 149 -8.33 24.41 -28.96
N ALA D 150 -8.73 23.33 -29.64
CA ALA D 150 -9.39 22.24 -28.95
C ALA D 150 -8.47 21.59 -27.93
N HIS D 151 -7.18 21.45 -28.26
CA HIS D 151 -6.24 20.90 -27.30
C HIS D 151 -6.17 21.76 -26.04
N THR D 152 -6.13 23.08 -26.20
CA THR D 152 -6.09 23.96 -25.03
C THR D 152 -7.41 23.97 -24.27
N ASN D 153 -8.50 23.55 -24.90
CA ASN D 153 -9.81 23.46 -24.27
C ASN D 153 -10.29 24.82 -23.77
N ASN D 154 -9.91 25.90 -24.46
CA ASN D 154 -10.31 27.25 -24.07
C ASN D 154 -11.61 27.58 -24.80
N TYR D 155 -12.69 27.77 -24.03
CA TYR D 155 -14.01 27.93 -24.63
C TYR D 155 -14.08 29.17 -25.51
N GLU D 156 -13.50 30.29 -25.05
CA GLU D 156 -13.58 31.53 -25.81
C GLU D 156 -12.86 31.39 -27.15
N ILE D 157 -11.63 30.88 -27.14
CA ILE D 157 -10.86 30.81 -28.37
C ILE D 157 -11.45 29.77 -29.32
N ILE D 158 -11.91 28.65 -28.77
CA ILE D 158 -12.55 27.64 -29.60
C ILE D 158 -13.81 28.21 -30.25
N LYS D 159 -14.59 28.98 -29.49
CA LYS D 159 -15.79 29.59 -30.05
C LYS D 159 -15.43 30.58 -31.14
N LEU D 160 -14.37 31.37 -30.94
CA LEU D 160 -13.92 32.31 -31.95
C LEU D 160 -13.55 31.57 -33.23
N LEU D 161 -12.79 30.48 -33.11
CA LEU D 161 -12.35 29.75 -34.29
C LEU D 161 -13.49 28.99 -34.95
N VAL D 162 -14.51 28.60 -34.19
CA VAL D 162 -15.61 27.86 -34.78
C VAL D 162 -16.59 28.79 -35.48
N GLN D 163 -16.77 30.01 -34.96
CA GLN D 163 -17.71 30.95 -35.59
C GLN D 163 -17.31 31.22 -37.03
N LYS D 164 -16.01 31.30 -37.30
CA LYS D 164 -15.49 31.30 -38.66
C LYS D 164 -15.31 29.86 -39.10
N ARG D 165 -15.97 29.46 -40.18
CA ARG D 165 -16.13 28.05 -40.51
C ARG D 165 -14.79 27.33 -40.60
N VAL D 166 -14.62 26.31 -39.74
CA VAL D 166 -13.43 25.48 -39.72
C VAL D 166 -13.87 24.03 -39.68
N THR D 167 -12.97 23.15 -40.08
CA THR D 167 -13.22 21.71 -40.14
C THR D 167 -12.04 20.95 -39.53
N ILE D 168 -12.33 19.76 -39.03
CA ILE D 168 -11.32 18.83 -38.54
C ILE D 168 -11.47 17.54 -39.35
N PRO D 169 -10.40 17.03 -39.97
CA PRO D 169 -10.56 15.83 -40.81
C PRO D 169 -11.04 14.63 -40.00
N ARG D 170 -11.92 13.85 -40.61
CA ARG D 170 -12.47 12.68 -39.94
C ARG D 170 -11.38 11.63 -39.78
N PRO D 171 -11.09 11.17 -38.57
CA PRO D 171 -10.21 10.01 -38.44
C PRO D 171 -10.91 8.76 -38.94
N HIS D 172 -10.22 8.00 -39.78
CA HIS D 172 -10.82 6.80 -40.35
C HIS D 172 -11.00 5.73 -39.27
N GLN D 173 -11.72 4.69 -39.61
CA GLN D 173 -11.99 3.62 -38.66
C GLN D 173 -10.67 2.96 -38.22
N ILE D 174 -10.71 2.35 -37.04
CA ILE D 174 -9.49 1.81 -36.43
C ILE D 174 -8.87 0.74 -37.32
N ARG D 175 -9.68 -0.23 -37.73
CA ARG D 175 -9.22 -1.32 -38.60
C ARG D 175 -9.57 -1.02 -40.06
N CYS D 176 -8.98 0.04 -40.60
CA CYS D 176 -9.24 0.49 -41.95
C CYS D 176 -8.08 0.09 -42.86
N ASN D 177 -8.38 -0.66 -43.91
CA ASN D 177 -7.39 -1.15 -44.85
C ASN D 177 -7.43 -0.40 -46.18
N CYS D 178 -7.99 0.82 -46.20
CA CYS D 178 -8.06 1.58 -47.44
C CYS D 178 -6.67 1.98 -47.91
N VAL D 179 -6.60 2.48 -49.14
CA VAL D 179 -5.32 2.85 -49.74
C VAL D 179 -4.65 3.97 -48.96
N GLU D 180 -5.42 4.98 -48.56
CA GLU D 180 -4.83 6.15 -47.92
C GLU D 180 -4.18 5.80 -46.59
N CYS D 181 -4.84 4.97 -45.78
CA CYS D 181 -4.32 4.65 -44.46
C CYS D 181 -2.99 3.90 -44.57
N VAL D 182 -2.94 2.83 -45.38
CA VAL D 182 -1.72 2.04 -45.50
C VAL D 182 -0.63 2.86 -46.17
N SER D 183 -0.99 3.69 -47.16
CA SER D 183 0.01 4.52 -47.83
C SER D 183 0.65 5.51 -46.86
N SER D 184 -0.17 6.21 -46.08
CA SER D 184 0.38 7.18 -45.13
C SER D 184 1.13 6.50 -44.00
N SER D 185 0.70 5.31 -43.58
CA SER D 185 1.40 4.58 -42.53
C SER D 185 2.78 4.12 -43.00
N GLU D 186 2.86 3.57 -44.22
CA GLU D 186 4.14 3.08 -44.72
C GLU D 186 5.07 4.22 -45.11
N VAL D 187 4.53 5.33 -45.60
CA VAL D 187 5.38 6.48 -45.92
C VAL D 187 5.94 7.11 -44.65
N ASP D 188 5.08 7.33 -43.65
CA ASP D 188 5.50 7.96 -42.40
C ASP D 188 4.57 7.47 -41.29
N SER D 189 4.98 6.45 -40.56
CA SER D 189 4.14 5.90 -39.49
C SER D 189 4.07 6.85 -38.30
N LEU D 190 5.21 7.45 -37.93
CA LEU D 190 5.23 8.34 -36.78
C LEU D 190 4.30 9.52 -37.01
N ARG D 191 4.37 10.15 -38.20
CA ARG D 191 3.53 11.30 -38.47
C ARG D 191 2.05 10.90 -38.56
N HIS D 192 1.77 9.71 -39.10
CA HIS D 192 0.38 9.26 -39.18
C HIS D 192 -0.21 9.06 -37.80
N SER D 193 0.51 8.36 -36.92
CA SER D 193 0.02 8.16 -35.56
C SER D 193 -0.10 9.48 -34.81
N ARG D 194 0.86 10.37 -34.99
CA ARG D 194 0.80 11.68 -34.34
C ARG D 194 -0.43 12.46 -34.80
N SER D 195 -0.72 12.44 -36.10
CA SER D 195 -1.88 13.16 -36.62
C SER D 195 -3.17 12.55 -36.10
N ARG D 196 -3.26 11.22 -36.06
CA ARG D 196 -4.45 10.58 -35.52
C ARG D 196 -4.68 10.96 -34.07
N LEU D 197 -3.61 10.92 -33.26
CA LEU D 197 -3.75 11.26 -31.85
C LEU D 197 -4.13 12.73 -31.67
N ASN D 198 -3.55 13.62 -32.48
CA ASN D 198 -3.91 15.04 -32.39
C ASN D 198 -5.37 15.26 -32.76
N ILE D 199 -5.84 14.60 -33.81
CA ILE D 199 -7.24 14.74 -34.21
C ILE D 199 -8.16 14.26 -33.10
N TYR D 200 -7.82 13.12 -32.49
CA TYR D 200 -8.68 12.62 -31.42
C TYR D 200 -8.61 13.47 -30.16
N LYS D 201 -7.45 14.07 -29.88
CA LYS D 201 -7.37 15.03 -28.78
C LYS D 201 -8.26 16.23 -29.06
N ALA D 202 -8.28 16.69 -30.31
CA ALA D 202 -9.13 17.82 -30.66
C ALA D 202 -10.61 17.47 -30.51
N LEU D 203 -11.00 16.29 -31.01
CA LEU D 203 -12.40 15.89 -30.92
C LEU D 203 -12.82 15.67 -29.47
N ALA D 204 -11.96 15.06 -28.67
CA ALA D 204 -12.29 14.75 -27.28
C ALA D 204 -12.27 15.98 -26.37
N SER D 205 -12.14 17.17 -26.91
CA SER D 205 -12.14 18.36 -26.07
C SER D 205 -13.55 18.63 -25.57
N PRO D 206 -13.75 18.78 -24.26
CA PRO D 206 -15.10 19.09 -23.75
C PRO D 206 -15.68 20.36 -24.31
N SER D 207 -14.86 21.38 -24.55
CA SER D 207 -15.37 22.62 -25.13
C SER D 207 -15.80 22.41 -26.58
N LEU D 208 -15.02 21.66 -27.36
CA LEU D 208 -15.38 21.42 -28.75
C LEU D 208 -16.56 20.46 -28.89
N ILE D 209 -16.99 19.83 -27.81
CA ILE D 209 -18.21 19.03 -27.81
C ILE D 209 -19.39 19.82 -27.29
N ALA D 210 -19.17 20.70 -26.31
CA ALA D 210 -20.23 21.59 -25.88
C ALA D 210 -20.72 22.45 -27.03
N LEU D 211 -19.79 22.96 -27.83
CA LEU D 211 -20.10 23.56 -29.11
C LEU D 211 -20.06 22.48 -30.18
N SER D 212 -20.71 22.75 -31.31
CA SER D 212 -20.44 22.00 -32.53
C SER D 212 -20.84 20.53 -32.47
N SER D 213 -21.48 20.09 -31.39
CA SER D 213 -21.98 18.72 -31.30
C SER D 213 -23.47 18.77 -31.03
N GLU D 214 -24.26 18.10 -31.90
CA GLU D 214 -25.71 18.13 -31.76
C GLU D 214 -26.16 17.43 -30.48
N ASP D 215 -25.56 16.29 -30.17
CA ASP D 215 -25.88 15.52 -28.97
C ASP D 215 -24.58 15.36 -28.19
N PRO D 216 -24.25 16.30 -27.29
CA PRO D 216 -22.98 16.21 -26.57
C PRO D 216 -22.82 14.93 -25.77
N ILE D 217 -23.90 14.44 -25.18
CA ILE D 217 -23.82 13.23 -24.35
C ILE D 217 -23.53 12.01 -25.22
N LEU D 218 -24.26 11.87 -26.32
CA LEU D 218 -24.04 10.73 -27.21
C LEU D 218 -22.68 10.83 -27.89
N THR D 219 -22.27 12.03 -28.28
CA THR D 219 -20.95 12.22 -28.86
C THR D 219 -19.87 11.84 -27.87
N ALA D 220 -20.01 12.24 -26.61
CA ALA D 220 -19.04 11.85 -25.59
C ALA D 220 -19.01 10.34 -25.41
N PHE D 221 -20.18 9.70 -25.36
CA PHE D 221 -20.24 8.24 -25.24
C PHE D 221 -19.48 7.56 -26.37
N ARG D 222 -19.83 7.90 -27.61
CA ARG D 222 -19.25 7.21 -28.75
C ARG D 222 -17.77 7.52 -28.90
N LEU D 223 -17.38 8.77 -28.63
CA LEU D 223 -15.97 9.14 -28.73
C LEU D 223 -15.15 8.44 -27.66
N GLY D 224 -15.67 8.33 -26.44
CA GLY D 224 -14.95 7.59 -25.41
C GLY D 224 -14.82 6.11 -25.74
N TRP D 225 -15.89 5.52 -26.27
CA TRP D 225 -15.81 4.12 -26.69
C TRP D 225 -14.77 3.92 -27.79
N GLU D 226 -14.78 4.81 -28.78
CA GLU D 226 -13.83 4.70 -29.89
C GLU D 226 -12.40 4.91 -29.40
N LEU D 227 -12.20 5.83 -28.45
CA LEU D 227 -10.87 6.06 -27.91
C LEU D 227 -10.38 4.86 -27.10
N LYS D 228 -11.28 4.20 -26.37
CA LYS D 228 -10.90 2.98 -25.67
C LYS D 228 -10.51 1.88 -26.65
N GLU D 229 -11.26 1.74 -27.74
CA GLU D 229 -10.90 0.74 -28.75
C GLU D 229 -9.57 1.08 -29.41
N LEU D 230 -9.32 2.35 -29.67
CA LEU D 230 -8.02 2.78 -30.19
C LEU D 230 -6.91 2.43 -29.21
N SER D 231 -7.13 2.68 -27.93
CA SER D 231 -6.14 2.31 -26.92
C SER D 231 -5.85 0.82 -26.96
N LYS D 232 -6.88 0.01 -27.20
CA LYS D 232 -6.65 -1.43 -27.36
C LYS D 232 -5.78 -1.71 -28.59
N VAL D 233 -6.16 -1.17 -29.75
CA VAL D 233 -5.49 -1.53 -31.00
C VAL D 233 -4.10 -0.90 -31.07
N GLU D 234 -4.02 0.42 -30.84
CA GLU D 234 -2.74 1.11 -30.83
C GLU D 234 -2.06 0.78 -29.51
N ASN D 235 -1.27 -0.31 -29.51
CA ASN D 235 -0.62 -0.74 -28.28
C ASN D 235 0.30 0.34 -27.73
N GLU D 236 1.10 0.95 -28.61
CA GLU D 236 1.79 2.16 -28.24
C GLU D 236 0.80 3.33 -28.24
N PHE D 237 1.11 4.36 -27.46
CA PHE D 237 0.20 5.48 -27.22
C PHE D 237 -1.10 5.01 -26.58
N LYS D 238 -1.04 3.91 -25.84
CA LYS D 238 -2.22 3.41 -25.13
C LYS D 238 -2.67 4.37 -24.04
N ALA D 239 -1.70 4.93 -23.30
CA ALA D 239 -2.04 5.80 -22.18
C ALA D 239 -2.74 7.07 -22.64
N GLU D 240 -2.30 7.64 -23.77
CA GLU D 240 -2.92 8.86 -24.28
C GLU D 240 -4.38 8.62 -24.66
N TYR D 241 -4.65 7.51 -25.36
CA TYR D 241 -6.02 7.23 -25.75
C TYR D 241 -6.88 6.90 -24.54
N GLU D 242 -6.30 6.21 -23.54
CA GLU D 242 -7.06 5.95 -22.32
C GLU D 242 -7.39 7.25 -21.59
N GLU D 243 -6.44 8.19 -21.55
CA GLU D 243 -6.71 9.48 -20.93
C GLU D 243 -7.80 10.24 -21.68
N LEU D 244 -7.77 10.22 -23.01
CA LEU D 244 -8.81 10.90 -23.78
C LEU D 244 -10.18 10.25 -23.56
N SER D 245 -10.23 8.92 -23.50
CA SER D 245 -11.49 8.24 -23.22
C SER D 245 -12.02 8.61 -21.84
N GLN D 246 -11.14 8.66 -20.84
CA GLN D 246 -11.56 9.05 -19.50
C GLN D 246 -12.05 10.50 -19.50
N GLN D 247 -11.42 11.35 -20.29
CA GLN D 247 -11.85 12.74 -20.42
C GLN D 247 -13.27 12.83 -20.98
N CYS D 248 -13.56 12.04 -22.04
CA CYS D 248 -14.91 12.03 -22.60
C CYS D 248 -15.93 11.52 -21.59
N LYS D 249 -15.59 10.46 -20.86
CA LYS D 249 -16.51 9.93 -19.85
C LYS D 249 -16.79 10.98 -18.79
N LEU D 250 -15.75 11.66 -18.31
CA LEU D 250 -15.93 12.69 -17.30
C LEU D 250 -16.79 13.84 -17.82
N PHE D 251 -16.60 14.23 -19.09
CA PHE D 251 -17.42 15.30 -19.64
C PHE D 251 -18.89 14.91 -19.69
N ALA D 252 -19.19 13.69 -20.11
CA ALA D 252 -20.58 13.23 -20.13
C ALA D 252 -21.18 13.23 -18.73
N LYS D 253 -20.41 12.75 -17.75
CA LYS D 253 -20.92 12.70 -16.38
C LYS D 253 -21.14 14.09 -15.82
N ASP D 254 -20.27 15.04 -16.15
CA ASP D 254 -20.46 16.39 -15.65
C ASP D 254 -21.69 17.05 -16.28
N LEU D 255 -21.88 16.87 -17.59
CA LEU D 255 -23.10 17.34 -18.23
C LEU D 255 -24.33 16.79 -17.52
N LEU D 256 -24.30 15.50 -17.16
CA LEU D 256 -25.41 14.95 -16.38
C LEU D 256 -25.48 15.58 -14.99
N ASP D 257 -24.34 15.92 -14.39
CA ASP D 257 -24.33 16.58 -13.09
C ASP D 257 -25.08 17.90 -13.13
N GLN D 258 -25.03 18.60 -14.25
CA GLN D 258 -25.64 19.93 -14.27
C GLN D 258 -27.16 19.89 -14.25
N ALA D 259 -27.80 18.73 -14.19
CA ALA D 259 -29.26 18.68 -14.16
C ALA D 259 -29.79 19.21 -12.84
N ARG D 260 -30.85 20.02 -12.90
CA ARG D 260 -31.39 20.65 -11.70
C ARG D 260 -32.81 20.23 -11.34
N SER D 261 -33.47 19.40 -12.14
CA SER D 261 -34.80 18.92 -11.82
C SER D 261 -34.96 17.50 -12.36
N SER D 262 -35.94 16.78 -11.81
CA SER D 262 -36.19 15.43 -12.28
C SER D 262 -36.74 15.43 -13.71
N ARG D 263 -37.43 16.50 -14.11
CA ARG D 263 -37.90 16.59 -15.48
C ARG D 263 -36.72 16.62 -16.45
N GLU D 264 -35.71 17.42 -16.15
CA GLU D 264 -34.53 17.48 -17.01
C GLU D 264 -33.83 16.13 -17.07
N LEU D 265 -33.66 15.48 -15.91
CA LEU D 265 -33.00 14.19 -15.87
C LEU D 265 -33.76 13.15 -16.68
N GLU D 266 -35.09 13.13 -16.56
CA GLU D 266 -35.89 12.19 -17.32
C GLU D 266 -35.81 12.48 -18.82
N ILE D 267 -35.81 13.76 -19.20
CA ILE D 267 -35.67 14.11 -20.61
C ILE D 267 -34.33 13.61 -21.15
N ILE D 268 -33.27 13.78 -20.36
CA ILE D 268 -31.95 13.32 -20.80
C ILE D 268 -31.94 11.80 -20.95
N LEU D 269 -32.42 11.09 -19.93
CA LEU D 269 -32.28 9.63 -19.89
C LEU D 269 -33.22 8.91 -20.84
N ASN D 270 -34.36 9.51 -21.20
CA ASN D 270 -35.35 8.84 -22.02
C ASN D 270 -35.23 9.18 -23.49
N HIS D 271 -34.22 9.95 -23.88
CA HIS D 271 -34.12 10.45 -25.25
C HIS D 271 -33.66 9.36 -26.21
N ARG D 272 -34.37 9.22 -27.31
CA ARG D 272 -33.98 8.33 -28.41
C ARG D 272 -33.64 9.16 -29.63
N ASP D 273 -32.49 8.88 -30.23
CA ASP D 273 -32.07 9.60 -31.44
C ASP D 273 -32.14 8.71 -32.66
N ASP D 286 -38.29 2.71 -22.44
CA ASP D 286 -37.79 3.93 -21.84
C ASP D 286 -36.32 3.80 -21.45
N LEU D 287 -35.76 4.89 -20.93
CA LEU D 287 -34.35 4.94 -20.51
C LEU D 287 -33.41 4.57 -21.65
N ALA D 288 -33.72 5.05 -22.85
CA ALA D 288 -32.91 4.70 -24.01
C ALA D 288 -31.51 5.26 -23.89
N LYS D 289 -31.38 6.52 -23.44
CA LYS D 289 -30.06 7.09 -23.24
C LYS D 289 -29.28 6.31 -22.19
N LEU D 290 -29.96 5.87 -21.13
CA LEU D 290 -29.28 5.07 -20.12
C LEU D 290 -28.85 3.72 -20.68
N LYS D 291 -29.66 3.12 -21.56
CA LYS D 291 -29.26 1.86 -22.17
C LYS D 291 -28.06 2.05 -23.08
N VAL D 292 -28.02 3.16 -23.83
CA VAL D 292 -26.84 3.46 -24.64
C VAL D 292 -25.62 3.66 -23.76
N ALA D 293 -25.79 4.31 -22.61
CA ALA D 293 -24.68 4.49 -21.69
C ALA D 293 -24.17 3.16 -21.17
N ILE D 294 -25.09 2.23 -20.87
CA ILE D 294 -24.69 0.89 -20.44
C ILE D 294 -23.94 0.17 -21.56
N LYS D 295 -24.41 0.34 -22.81
CA LYS D 295 -23.76 -0.31 -23.94
C LYS D 295 -22.31 0.14 -24.08
N TYR D 296 -22.05 1.43 -23.89
CA TYR D 296 -20.72 2.00 -24.06
C TYR D 296 -19.90 1.98 -22.77
N HIS D 297 -20.37 1.27 -21.74
CA HIS D 297 -19.64 1.12 -20.48
C HIS D 297 -19.31 2.48 -19.86
N GLN D 298 -20.28 3.39 -19.87
CA GLN D 298 -20.12 4.70 -19.24
C GLN D 298 -20.50 4.57 -17.76
N LYS D 299 -19.58 3.98 -17.01
CA LYS D 299 -19.88 3.59 -15.63
C LYS D 299 -20.10 4.81 -14.75
N GLU D 300 -19.28 5.85 -14.90
CA GLU D 300 -19.46 7.05 -14.09
C GLU D 300 -20.78 7.73 -14.39
N PHE D 301 -21.18 7.77 -15.66
CA PHE D 301 -22.47 8.36 -16.04
C PHE D 301 -23.62 7.59 -15.41
N VAL D 302 -23.56 6.27 -15.45
CA VAL D 302 -24.63 5.45 -14.92
C VAL D 302 -24.68 5.53 -13.40
N ALA D 303 -23.52 5.46 -12.76
CA ALA D 303 -23.43 5.49 -11.30
C ALA D 303 -23.55 6.90 -10.74
N GLN D 304 -23.96 7.88 -11.54
CA GLN D 304 -24.19 9.21 -11.04
C GLN D 304 -25.34 9.19 -10.04
N PRO D 305 -25.24 9.97 -8.94
CA PRO D 305 -26.25 9.85 -7.87
C PRO D 305 -27.69 10.08 -8.30
N ASN D 306 -27.95 11.06 -9.16
CA ASN D 306 -29.33 11.34 -9.55
C ASN D 306 -29.88 10.26 -10.48
N CYS D 307 -29.05 9.78 -11.41
CA CYS D 307 -29.46 8.67 -12.25
C CYS D 307 -29.77 7.44 -11.42
N GLN D 308 -28.94 7.16 -10.41
CA GLN D 308 -29.21 6.04 -9.52
C GLN D 308 -30.48 6.25 -8.72
N GLN D 309 -30.75 7.49 -8.31
CA GLN D 309 -31.98 7.77 -7.57
C GLN D 309 -33.22 7.51 -8.43
N LEU D 310 -33.18 7.96 -9.69
CA LEU D 310 -34.28 7.68 -10.60
C LEU D 310 -34.44 6.19 -10.84
N LEU D 311 -33.33 5.48 -11.03
CA LEU D 311 -33.39 4.04 -11.22
C LEU D 311 -33.97 3.35 -10.00
N ALA D 312 -33.62 3.83 -8.80
CA ALA D 312 -34.15 3.25 -7.57
C ALA D 312 -35.65 3.46 -7.46
N THR D 313 -36.13 4.65 -7.81
CA THR D 313 -37.58 4.87 -7.79
C THR D 313 -38.29 3.95 -8.78
N LEU D 314 -37.68 3.75 -9.96
CA LEU D 314 -38.26 2.80 -10.91
C LEU D 314 -38.22 1.36 -10.39
N TRP D 315 -37.16 1.01 -9.65
CA TRP D 315 -36.92 -0.34 -9.18
C TRP D 315 -37.82 -0.72 -8.03
N TYR D 316 -38.06 0.19 -7.09
CA TYR D 316 -38.94 -0.04 -5.95
C TYR D 316 -40.36 0.45 -6.24
N ASP D 317 -40.82 0.26 -7.47
CA ASP D 317 -42.10 0.79 -7.95
C ASP D 317 -43.24 0.58 -6.95
N GLY D 318 -43.35 -0.63 -6.37
CA GLY D 318 -44.46 -0.93 -5.49
C GLY D 318 -44.33 -0.41 -4.07
N PHE D 319 -43.13 -0.01 -3.67
CA PHE D 319 -42.86 0.40 -2.29
C PHE D 319 -42.42 1.85 -2.26
N PRO D 320 -43.32 2.80 -2.02
CA PRO D 320 -42.91 4.22 -1.98
C PRO D 320 -41.88 4.54 -0.92
N GLY D 321 -41.94 3.85 0.23
CA GLY D 321 -41.06 4.18 1.33
C GLY D 321 -40.07 3.08 1.69
N TRP D 322 -39.64 2.31 0.69
CA TRP D 322 -38.69 1.24 0.95
C TRP D 322 -37.36 1.78 1.49
N ARG D 323 -36.97 2.99 1.05
CA ARG D 323 -35.74 3.59 1.54
C ARG D 323 -35.79 3.83 3.04
N ARG D 324 -36.95 4.17 3.58
CA ARG D 324 -37.10 4.57 4.97
C ARG D 324 -37.68 3.47 5.86
N LYS D 325 -37.74 2.23 5.37
CA LYS D 325 -38.23 1.12 6.18
C LYS D 325 -37.10 0.53 7.00
N HIS D 326 -37.48 -0.21 8.04
CA HIS D 326 -36.51 -0.85 8.92
C HIS D 326 -36.04 -2.16 8.30
N TRP D 327 -34.89 -2.65 8.80
CA TRP D 327 -34.30 -3.87 8.27
C TRP D 327 -35.23 -5.07 8.44
N VAL D 328 -35.85 -5.20 9.60
CA VAL D 328 -36.74 -6.34 9.85
C VAL D 328 -37.98 -6.22 8.97
N VAL D 329 -38.48 -5.00 8.75
CA VAL D 329 -39.64 -4.82 7.88
C VAL D 329 -39.30 -5.21 6.45
N LYS D 330 -38.12 -4.80 5.97
CA LYS D 330 -37.67 -5.22 4.65
C LYS D 330 -37.55 -6.73 4.55
N LEU D 331 -36.95 -7.36 5.57
CA LEU D 331 -36.79 -8.80 5.55
C LEU D 331 -38.14 -9.52 5.51
N LEU D 332 -39.09 -9.06 6.33
CA LEU D 332 -40.41 -9.69 6.35
C LEU D 332 -41.14 -9.51 5.03
N THR D 333 -41.05 -8.31 4.43
CA THR D 333 -41.69 -8.08 3.14
C THR D 333 -41.08 -8.97 2.06
N CYS D 334 -39.75 -9.09 2.06
CA CYS D 334 -39.09 -9.95 1.08
C CYS D 334 -39.50 -11.41 1.27
N MET D 335 -39.56 -11.88 2.52
CA MET D 335 -39.98 -13.26 2.76
C MET D 335 -41.42 -13.48 2.29
N THR D 336 -42.31 -12.54 2.59
CA THR D 336 -43.70 -12.70 2.19
C THR D 336 -43.86 -12.72 0.68
N ILE D 337 -43.15 -11.82 -0.03
CA ILE D 337 -43.23 -11.82 -1.48
C ILE D 337 -42.64 -13.10 -2.06
N GLY D 338 -41.54 -13.59 -1.48
CA GLY D 338 -40.93 -14.81 -1.97
C GLY D 338 -41.81 -16.03 -1.79
N PHE D 339 -42.45 -16.16 -0.63
CA PHE D 339 -43.30 -17.32 -0.38
C PHE D 339 -44.54 -17.32 -1.28
N LEU D 340 -44.96 -16.15 -1.75
CA LEU D 340 -46.13 -16.02 -2.61
C LEU D 340 -45.78 -16.01 -4.08
N PHE D 341 -44.56 -16.40 -4.44
CA PHE D 341 -44.17 -16.42 -5.84
C PHE D 341 -45.04 -17.33 -6.68
N PRO D 342 -45.43 -18.53 -6.25
CA PRO D 342 -46.36 -19.27 -7.13
C PRO D 342 -47.66 -18.52 -7.33
N MET D 343 -48.21 -17.92 -6.26
CA MET D 343 -49.46 -17.18 -6.37
C MET D 343 -49.32 -16.00 -7.31
N LEU D 344 -48.25 -15.22 -7.18
CA LEU D 344 -48.08 -14.06 -8.05
C LEU D 344 -47.89 -14.48 -9.51
N SER D 345 -47.07 -15.51 -9.74
CA SER D 345 -46.86 -15.98 -11.10
C SER D 345 -48.15 -16.51 -11.71
N ILE D 346 -48.94 -17.28 -10.94
CA ILE D 346 -50.17 -17.84 -11.50
C ILE D 346 -51.18 -16.73 -11.73
N ALA D 347 -51.20 -15.71 -10.87
CA ALA D 347 -52.08 -14.57 -11.07
C ALA D 347 -51.72 -13.81 -12.33
N TYR D 348 -50.43 -13.60 -12.58
CA TYR D 348 -50.01 -12.95 -13.82
C TYR D 348 -50.38 -13.78 -15.04
N LEU D 349 -50.24 -15.10 -14.93
CA LEU D 349 -50.61 -15.96 -16.05
C LEU D 349 -52.11 -15.87 -16.35
N ILE D 350 -52.95 -16.01 -15.32
CA ILE D 350 -54.39 -16.10 -15.53
C ILE D 350 -54.96 -14.76 -15.97
N SER D 351 -54.58 -13.69 -15.27
CA SER D 351 -55.15 -12.36 -15.53
C SER D 351 -54.06 -11.31 -15.39
N PRO D 352 -53.37 -11.00 -16.50
CA PRO D 352 -52.30 -9.98 -16.41
C PRO D 352 -52.80 -8.60 -15.99
N ARG D 353 -54.02 -8.23 -16.38
CA ARG D 353 -54.57 -6.90 -16.08
C ARG D 353 -55.48 -6.97 -14.86
N SER D 354 -54.85 -7.13 -13.70
CA SER D 354 -55.58 -7.14 -12.43
C SER D 354 -54.63 -6.71 -11.33
N ASN D 355 -55.21 -6.36 -10.18
CA ASN D 355 -54.39 -5.86 -9.07
C ASN D 355 -53.38 -6.90 -8.62
N LEU D 356 -53.80 -8.16 -8.50
CA LEU D 356 -52.86 -9.21 -8.16
C LEU D 356 -52.01 -9.61 -9.36
N GLY D 357 -52.53 -9.44 -10.57
CA GLY D 357 -51.80 -9.90 -11.75
C GLY D 357 -50.56 -9.07 -12.05
N LEU D 358 -50.69 -7.74 -12.01
CA LEU D 358 -49.59 -6.86 -12.39
C LEU D 358 -48.66 -6.53 -11.22
N PHE D 359 -48.85 -7.18 -10.07
CA PHE D 359 -47.93 -6.96 -8.96
C PHE D 359 -46.54 -7.47 -9.30
N ILE D 360 -46.45 -8.60 -10.01
CA ILE D 360 -45.17 -9.18 -10.37
C ILE D 360 -44.46 -8.40 -11.48
N LYS D 361 -45.18 -7.53 -12.20
CA LYS D 361 -44.53 -6.71 -13.21
C LYS D 361 -43.61 -5.66 -12.60
N LYS D 362 -43.79 -5.35 -11.33
CA LYS D 362 -42.91 -4.38 -10.67
C LYS D 362 -41.51 -4.97 -10.55
N PRO D 363 -40.47 -4.20 -10.89
CA PRO D 363 -39.12 -4.80 -11.00
C PRO D 363 -38.63 -5.47 -9.73
N PHE D 364 -38.82 -4.87 -8.56
CA PHE D 364 -38.33 -5.48 -7.34
C PHE D 364 -39.14 -6.72 -6.98
N ILE D 365 -40.45 -6.67 -7.17
CA ILE D 365 -41.28 -7.85 -6.94
C ILE D 365 -40.90 -8.97 -7.90
N LYS D 366 -40.65 -8.62 -9.16
CA LYS D 366 -40.22 -9.61 -10.13
C LYS D 366 -38.89 -10.23 -9.72
N PHE D 367 -37.96 -9.41 -9.24
CA PHE D 367 -36.68 -9.93 -8.79
C PHE D 367 -36.85 -10.88 -7.60
N ILE D 368 -37.70 -10.50 -6.65
CA ILE D 368 -37.92 -11.35 -5.47
C ILE D 368 -38.55 -12.68 -5.90
N CYS D 369 -39.51 -12.63 -6.82
CA CYS D 369 -40.15 -13.86 -7.27
C CYS D 369 -39.18 -14.77 -8.01
N HIS D 370 -38.35 -14.20 -8.89
CA HIS D 370 -37.37 -15.01 -9.58
C HIS D 370 -36.37 -15.61 -8.61
N THR D 371 -35.92 -14.82 -7.63
CA THR D 371 -34.99 -15.34 -6.64
C THR D 371 -35.61 -16.47 -5.83
N ALA D 372 -36.88 -16.31 -5.43
CA ALA D 372 -37.56 -17.34 -4.65
C ALA D 372 -37.72 -18.61 -5.47
N SER D 373 -38.07 -18.48 -6.75
CA SER D 373 -38.17 -19.65 -7.61
C SER D 373 -36.83 -20.36 -7.72
N TYR D 374 -35.75 -19.61 -7.91
CA TYR D 374 -34.44 -20.24 -8.01
C TYR D 374 -34.04 -20.89 -6.69
N LEU D 375 -34.44 -20.28 -5.56
CA LEU D 375 -34.14 -20.85 -4.26
C LEU D 375 -34.89 -22.16 -4.05
N THR D 376 -36.15 -22.24 -4.47
CA THR D 376 -36.86 -23.50 -4.38
C THR D 376 -36.25 -24.54 -5.32
N PHE D 377 -35.74 -24.12 -6.48
CA PHE D 377 -35.04 -25.04 -7.36
C PHE D 377 -33.81 -25.61 -6.68
N LEU D 378 -33.03 -24.76 -6.01
CA LEU D 378 -31.84 -25.25 -5.31
C LEU D 378 -32.23 -26.14 -4.13
N PHE D 379 -33.33 -25.81 -3.45
CA PHE D 379 -33.80 -26.62 -2.34
C PHE D 379 -34.20 -28.02 -2.82
N MET D 380 -34.85 -28.11 -3.97
CA MET D 380 -35.18 -29.40 -4.54
C MET D 380 -33.95 -30.13 -5.06
N LEU D 381 -32.95 -29.39 -5.53
CA LEU D 381 -31.68 -30.02 -5.88
C LEU D 381 -31.05 -30.66 -4.65
N LEU D 382 -31.13 -29.98 -3.50
CA LEU D 382 -30.69 -30.58 -2.25
C LEU D 382 -31.53 -31.80 -1.90
N LEU D 383 -32.85 -31.72 -2.13
CA LEU D 383 -33.72 -32.85 -1.82
C LEU D 383 -33.43 -34.05 -2.72
N ALA D 384 -32.90 -33.82 -3.91
CA ALA D 384 -32.63 -34.94 -4.82
C ALA D 384 -31.59 -35.89 -4.27
N SER D 385 -30.81 -35.46 -3.29
CA SER D 385 -29.82 -36.33 -2.65
C SER D 385 -30.28 -36.91 -1.33
N GLN D 386 -31.18 -36.22 -0.62
CA GLN D 386 -31.73 -36.76 0.60
C GLN D 386 -32.64 -37.94 0.29
N HIS D 387 -32.73 -38.87 1.23
CA HIS D 387 -33.45 -40.13 0.99
C HIS D 387 -34.93 -39.96 1.34
N ILE D 388 -35.60 -39.18 0.50
CA ILE D 388 -37.06 -39.03 0.51
C ILE D 388 -37.59 -39.75 -0.72
N VAL D 389 -38.38 -40.79 -0.49
CA VAL D 389 -38.88 -41.71 -1.52
C VAL D 389 -37.80 -41.94 -2.58
N ARG D 390 -36.64 -42.39 -2.13
CA ARG D 390 -35.51 -42.63 -3.01
C ARG D 390 -35.64 -43.99 -3.72
N THR D 391 -35.28 -44.01 -5.00
CA THR D 391 -35.29 -45.26 -5.76
C THR D 391 -34.22 -46.21 -5.26
N ASP D 392 -34.44 -47.50 -5.47
CA ASP D 392 -33.42 -48.50 -5.18
C ASP D 392 -32.18 -48.22 -6.02
N LEU D 393 -31.01 -48.19 -5.36
CA LEU D 393 -29.80 -47.80 -6.05
C LEU D 393 -29.26 -48.89 -6.98
N HIS D 394 -29.84 -50.09 -6.95
CA HIS D 394 -29.43 -51.15 -7.84
C HIS D 394 -30.20 -51.18 -9.15
N VAL D 395 -31.14 -50.26 -9.35
CA VAL D 395 -31.91 -50.21 -10.58
C VAL D 395 -31.12 -49.42 -11.61
N GLN D 396 -30.77 -50.06 -12.72
CA GLN D 396 -30.12 -49.35 -13.82
C GLN D 396 -31.19 -48.72 -14.70
N GLY D 397 -31.00 -47.46 -15.04
CA GLY D 397 -32.00 -46.70 -15.77
C GLY D 397 -33.33 -46.66 -15.05
N PRO D 398 -33.38 -46.07 -13.87
CA PRO D 398 -34.63 -45.97 -13.13
C PRO D 398 -35.48 -44.84 -13.66
N PRO D 399 -36.79 -44.87 -13.44
CA PRO D 399 -37.63 -43.72 -13.76
C PRO D 399 -37.36 -42.58 -12.79
N PRO D 400 -37.64 -41.34 -13.17
CA PRO D 400 -37.38 -40.22 -12.27
C PRO D 400 -38.21 -40.32 -11.00
N THR D 401 -37.61 -39.85 -9.90
CA THR D 401 -38.34 -39.73 -8.65
C THR D 401 -39.28 -38.53 -8.72
N VAL D 402 -40.07 -38.33 -7.66
CA VAL D 402 -40.94 -37.16 -7.62
C VAL D 402 -40.10 -35.89 -7.57
N VAL D 403 -38.95 -35.93 -6.88
CA VAL D 403 -38.08 -34.76 -6.84
C VAL D 403 -37.56 -34.43 -8.23
N GLU D 404 -37.13 -35.45 -8.98
CA GLU D 404 -36.64 -35.20 -10.34
C GLU D 404 -37.78 -34.77 -11.27
N TRP D 405 -38.99 -35.30 -11.06
CA TRP D 405 -40.12 -34.84 -11.84
C TRP D 405 -40.44 -33.38 -11.57
N MET D 406 -40.20 -32.91 -10.34
CA MET D 406 -40.41 -31.50 -10.04
C MET D 406 -39.24 -30.63 -10.53
N ILE D 407 -38.04 -31.21 -10.59
CA ILE D 407 -36.89 -30.48 -11.13
C ILE D 407 -37.02 -30.28 -12.62
N LEU D 408 -37.66 -31.23 -13.32
CA LEU D 408 -37.77 -31.14 -14.76
C LEU D 408 -38.40 -29.85 -15.26
N PRO D 409 -39.54 -29.37 -14.75
CA PRO D 409 -40.06 -28.08 -15.24
C PRO D 409 -39.09 -26.94 -15.03
N TRP D 410 -38.37 -26.92 -13.91
CA TRP D 410 -37.39 -25.86 -13.69
C TRP D 410 -36.27 -25.90 -14.73
N VAL D 411 -35.78 -27.09 -15.04
CA VAL D 411 -34.72 -27.22 -16.05
C VAL D 411 -35.23 -26.78 -17.42
N LEU D 412 -36.45 -27.19 -17.77
CA LEU D 412 -37.02 -26.76 -19.04
C LEU D 412 -37.17 -25.24 -19.09
N GLY D 413 -37.63 -24.64 -17.99
CA GLY D 413 -37.75 -23.20 -17.95
C GLY D 413 -36.42 -22.48 -18.08
N PHE D 414 -35.39 -22.99 -17.42
CA PHE D 414 -34.07 -22.40 -17.54
C PHE D 414 -33.56 -22.47 -18.97
N ILE D 415 -33.71 -23.62 -19.61
CA ILE D 415 -33.24 -23.78 -20.99
C ILE D 415 -34.00 -22.82 -21.92
N TRP D 416 -35.33 -22.76 -21.77
CA TRP D 416 -36.13 -21.88 -22.61
C TRP D 416 -35.77 -20.42 -22.38
N GLY D 417 -35.58 -20.02 -21.12
CA GLY D 417 -35.21 -18.65 -20.84
C GLY D 417 -33.86 -18.29 -21.42
N GLU D 418 -32.89 -19.21 -21.34
CA GLU D 418 -31.57 -18.93 -21.89
C GLU D 418 -31.61 -18.82 -23.41
N ILE D 419 -32.38 -19.69 -24.08
CA ILE D 419 -32.45 -19.57 -25.54
C ILE D 419 -33.19 -18.30 -25.94
N LYS D 420 -34.20 -17.89 -25.17
CA LYS D 420 -34.85 -16.60 -25.44
C LYS D 420 -33.85 -15.46 -25.29
N GLU D 421 -33.05 -15.49 -24.22
CA GLU D 421 -32.11 -14.40 -23.96
C GLU D 421 -31.06 -14.31 -25.07
N MET D 422 -30.51 -15.45 -25.49
CA MET D 422 -29.51 -15.44 -26.55
C MET D 422 -30.12 -15.16 -27.92
N TRP D 423 -31.41 -15.44 -28.10
CA TRP D 423 -32.07 -15.10 -29.34
C TRP D 423 -32.31 -13.59 -29.45
N ASP D 424 -32.79 -12.97 -28.36
CA ASP D 424 -33.08 -11.55 -28.39
C ASP D 424 -31.79 -10.72 -28.38
N GLY D 425 -30.85 -11.06 -27.51
CA GLY D 425 -29.68 -10.21 -27.32
C GLY D 425 -28.52 -10.48 -28.26
N GLY D 426 -28.46 -11.68 -28.83
CA GLY D 426 -27.32 -12.06 -29.65
C GLY D 426 -26.25 -12.77 -28.85
N PHE D 427 -25.35 -13.43 -29.60
CA PHE D 427 -24.36 -14.29 -28.95
C PHE D 427 -23.26 -13.48 -28.26
N THR D 428 -22.80 -12.40 -28.91
CA THR D 428 -21.68 -11.64 -28.36
C THR D 428 -22.06 -10.96 -27.05
N GLU D 429 -23.27 -10.41 -26.96
CA GLU D 429 -23.73 -9.82 -25.71
C GLU D 429 -23.93 -10.89 -24.64
N TYR D 430 -24.35 -12.09 -25.04
CA TYR D 430 -24.54 -13.18 -24.10
C TYR D 430 -23.20 -13.63 -23.51
N ILE D 431 -22.17 -13.77 -24.34
CA ILE D 431 -20.88 -14.28 -23.88
C ILE D 431 -20.10 -13.23 -23.08
N HIS D 432 -20.40 -11.94 -23.25
CA HIS D 432 -19.75 -10.92 -22.43
C HIS D 432 -20.02 -11.12 -20.95
N ASP D 433 -21.08 -11.86 -20.61
CA ASP D 433 -21.43 -12.17 -19.23
C ASP D 433 -20.93 -13.56 -18.90
N TRP D 434 -20.01 -13.65 -17.93
CA TRP D 434 -19.53 -14.96 -17.49
C TRP D 434 -20.64 -15.78 -16.85
N TRP D 435 -21.57 -15.11 -16.17
CA TRP D 435 -22.71 -15.82 -15.59
C TRP D 435 -23.55 -16.49 -16.66
N ASN D 436 -23.71 -15.85 -17.82
CA ASN D 436 -24.46 -16.47 -18.90
C ASN D 436 -23.72 -17.67 -19.48
N LEU D 437 -22.39 -17.60 -19.53
CA LEU D 437 -21.59 -18.75 -19.93
C LEU D 437 -21.79 -19.92 -18.97
N MET D 438 -21.81 -19.63 -17.66
CA MET D 438 -22.06 -20.67 -16.67
C MET D 438 -23.47 -21.23 -16.80
N ASP D 439 -24.44 -20.36 -17.12
CA ASP D 439 -25.80 -20.83 -17.38
C ASP D 439 -25.84 -21.78 -18.56
N PHE D 440 -25.11 -21.45 -19.62
CA PHE D 440 -25.05 -22.32 -20.80
C PHE D 440 -24.47 -23.67 -20.44
N ALA D 441 -23.36 -23.67 -19.69
CA ALA D 441 -22.76 -24.95 -19.27
C ALA D 441 -23.70 -25.75 -18.39
N MET D 442 -24.39 -25.08 -17.46
CA MET D 442 -25.31 -25.75 -16.55
C MET D 442 -26.47 -26.37 -17.30
N ASN D 443 -27.05 -25.64 -18.26
CA ASN D 443 -28.18 -26.16 -19.01
C ASN D 443 -27.75 -27.28 -19.94
N SER D 444 -26.56 -27.18 -20.52
CA SER D 444 -26.06 -28.28 -21.34
C SER D 444 -25.88 -29.53 -20.49
N LEU D 445 -25.35 -29.38 -19.28
CA LEU D 445 -25.18 -30.54 -18.40
C LEU D 445 -26.53 -31.13 -17.99
N TYR D 446 -27.52 -30.28 -17.72
CA TYR D 446 -28.86 -30.77 -17.38
C TYR D 446 -29.48 -31.52 -18.56
N LEU D 447 -29.34 -30.98 -19.77
CA LEU D 447 -29.87 -31.64 -20.94
C LEU D 447 -29.20 -32.98 -21.17
N ALA D 448 -27.88 -33.04 -20.97
CA ALA D 448 -27.15 -34.30 -21.09
C ALA D 448 -27.60 -35.30 -20.03
N THR D 449 -27.88 -34.82 -18.81
CA THR D 449 -28.40 -35.69 -17.77
C THR D 449 -29.75 -36.29 -18.16
N ILE D 450 -30.64 -35.46 -18.71
CA ILE D 450 -31.94 -35.95 -19.16
C ILE D 450 -31.76 -37.00 -20.27
N SER D 451 -30.87 -36.70 -21.23
CA SER D 451 -30.65 -37.62 -22.34
C SER D 451 -30.10 -38.96 -21.86
N LEU D 452 -29.13 -38.92 -20.95
CA LEU D 452 -28.53 -40.17 -20.45
C LEU D 452 -29.52 -40.95 -19.60
N LYS D 453 -30.35 -40.26 -18.82
CA LYS D 453 -31.39 -40.96 -18.08
C LYS D 453 -32.37 -41.66 -19.01
N ILE D 454 -32.78 -40.98 -20.08
CA ILE D 454 -33.68 -41.60 -21.05
C ILE D 454 -33.02 -42.80 -21.72
N VAL D 455 -31.75 -42.65 -22.10
CA VAL D 455 -31.04 -43.75 -22.76
C VAL D 455 -30.94 -44.95 -21.83
N ALA D 456 -30.56 -44.72 -20.58
CA ALA D 456 -30.45 -45.82 -19.62
C ALA D 456 -31.81 -46.44 -19.33
N TYR D 457 -32.88 -45.64 -19.33
CA TYR D 457 -34.20 -46.19 -19.09
C TYR D 457 -34.64 -47.10 -20.24
N VAL D 458 -34.42 -46.66 -21.48
CA VAL D 458 -34.87 -47.47 -22.60
C VAL D 458 -33.93 -48.63 -22.91
N LYS D 459 -32.69 -48.59 -22.41
CA LYS D 459 -31.74 -49.65 -22.73
C LYS D 459 -31.66 -50.71 -21.64
N TYR D 460 -31.75 -50.33 -20.37
CA TYR D 460 -31.63 -51.27 -19.27
C TYR D 460 -32.97 -51.49 -18.59
N ASN D 461 -33.29 -52.75 -18.31
CA ASN D 461 -34.53 -53.12 -17.65
C ASN D 461 -34.35 -53.73 -16.28
N GLY D 462 -33.22 -54.40 -16.03
CA GLY D 462 -33.05 -55.18 -14.83
C GLY D 462 -32.66 -54.36 -13.63
N SER D 463 -32.24 -55.06 -12.59
CA SER D 463 -31.83 -54.48 -11.32
C SER D 463 -30.48 -55.04 -10.89
N ARG D 464 -29.52 -55.03 -11.81
CA ARG D 464 -28.20 -55.57 -11.55
C ARG D 464 -27.52 -54.79 -10.42
N PRO D 465 -26.82 -55.47 -9.51
CA PRO D 465 -26.19 -54.77 -8.38
C PRO D 465 -25.21 -53.71 -8.84
N ARG D 466 -25.15 -52.61 -8.07
CA ARG D 466 -24.38 -51.45 -8.49
C ARG D 466 -22.89 -51.74 -8.56
N GLU D 467 -22.40 -52.67 -7.73
CA GLU D 467 -20.99 -52.99 -7.72
C GLU D 467 -20.51 -53.59 -9.03
N GLU D 468 -21.41 -54.18 -9.81
CA GLU D 468 -21.05 -54.86 -11.05
C GLU D 468 -21.23 -53.98 -12.28
N TRP D 469 -21.66 -52.73 -12.12
CA TRP D 469 -21.88 -51.88 -13.27
C TRP D 469 -20.57 -51.57 -13.97
N GLU D 470 -20.65 -51.38 -15.29
CA GLU D 470 -19.50 -50.94 -16.06
C GLU D 470 -19.09 -49.53 -15.64
N MET D 471 -17.82 -49.20 -15.89
CA MET D 471 -17.33 -47.88 -15.50
C MET D 471 -18.10 -46.76 -16.21
N TRP D 472 -18.41 -46.95 -17.48
CA TRP D 472 -19.12 -45.94 -18.27
C TRP D 472 -20.60 -46.27 -18.40
N HIS D 473 -21.18 -46.84 -17.35
CA HIS D 473 -22.62 -47.09 -17.34
C HIS D 473 -23.36 -45.77 -17.46
N PRO D 474 -24.36 -45.66 -18.33
CA PRO D 474 -25.01 -44.36 -18.54
C PRO D 474 -25.67 -43.79 -17.28
N THR D 475 -26.13 -44.65 -16.35
CA THR D 475 -26.68 -44.12 -15.11
C THR D 475 -25.61 -43.41 -14.29
N LEU D 476 -24.41 -44.00 -14.20
CA LEU D 476 -23.32 -43.35 -13.47
C LEU D 476 -22.95 -42.01 -14.10
N ILE D 477 -22.87 -41.97 -15.43
CA ILE D 477 -22.52 -40.71 -16.09
C ILE D 477 -23.61 -39.68 -15.89
N ALA D 478 -24.88 -40.12 -15.95
CA ALA D 478 -25.98 -39.19 -15.74
C ALA D 478 -25.93 -38.60 -14.33
N GLU D 479 -25.66 -39.44 -13.33
CA GLU D 479 -25.57 -38.94 -11.96
C GLU D 479 -24.40 -37.98 -11.78
N ALA D 480 -23.25 -38.29 -12.39
CA ALA D 480 -22.11 -37.39 -12.29
C ALA D 480 -22.41 -36.04 -12.93
N LEU D 481 -23.02 -36.05 -14.12
CA LEU D 481 -23.38 -34.80 -14.77
C LEU D 481 -24.40 -34.02 -13.96
N PHE D 482 -25.35 -34.73 -13.35
CA PHE D 482 -26.35 -34.05 -12.52
C PHE D 482 -25.70 -33.40 -11.31
N ALA D 483 -24.72 -34.06 -10.71
CA ALA D 483 -24.04 -33.46 -9.56
C ALA D 483 -23.23 -32.23 -9.99
N ILE D 484 -22.56 -32.28 -11.13
CA ILE D 484 -21.85 -31.10 -11.63
C ILE D 484 -22.83 -29.97 -11.89
N SER D 485 -23.99 -30.30 -12.46
CA SER D 485 -25.02 -29.28 -12.69
C SER D 485 -25.50 -28.68 -11.38
N ASN D 486 -25.61 -29.50 -10.34
CA ASN D 486 -25.98 -28.97 -9.03
C ASN D 486 -24.95 -27.98 -8.52
N ILE D 487 -23.66 -28.31 -8.68
CA ILE D 487 -22.61 -27.37 -8.28
C ILE D 487 -22.77 -26.05 -9.02
N LEU D 488 -22.96 -26.11 -10.35
CA LEU D 488 -23.07 -24.89 -11.13
C LEU D 488 -24.33 -24.10 -10.76
N SER D 489 -25.45 -24.79 -10.56
CA SER D 489 -26.69 -24.10 -10.20
C SER D 489 -26.56 -23.39 -8.87
N SER D 490 -25.94 -24.04 -7.88
CA SER D 490 -25.80 -23.39 -6.59
C SER D 490 -24.78 -22.26 -6.65
N LEU D 491 -23.73 -22.40 -7.45
CA LEU D 491 -22.77 -21.32 -7.63
C LEU D 491 -23.38 -20.13 -8.37
N ARG D 492 -24.45 -20.35 -9.13
CA ARG D 492 -25.12 -19.25 -9.80
C ARG D 492 -25.69 -18.23 -8.82
N LEU D 493 -25.87 -18.60 -7.55
CA LEU D 493 -26.41 -17.67 -6.55
C LEU D 493 -25.49 -16.49 -6.29
N ILE D 494 -24.19 -16.61 -6.59
CA ILE D 494 -23.26 -15.53 -6.31
C ILE D 494 -23.64 -14.28 -7.10
N SER D 495 -24.19 -14.46 -8.31
CA SER D 495 -24.56 -13.31 -9.13
C SER D 495 -25.65 -12.46 -8.50
N LEU D 496 -26.40 -13.01 -7.54
CA LEU D 496 -27.43 -12.24 -6.86
C LEU D 496 -26.87 -11.31 -5.81
N PHE D 497 -25.57 -11.41 -5.50
CA PHE D 497 -24.96 -10.48 -4.56
C PHE D 497 -24.97 -9.06 -5.10
N THR D 498 -25.00 -8.90 -6.43
CA THR D 498 -24.98 -7.57 -7.02
C THR D 498 -26.13 -6.71 -6.53
N ALA D 499 -27.27 -7.34 -6.21
CA ALA D 499 -28.42 -6.59 -5.71
C ALA D 499 -28.22 -6.07 -4.30
N ASN D 500 -27.21 -6.53 -3.57
CA ASN D 500 -27.01 -6.18 -2.18
C ASN D 500 -25.96 -5.09 -2.04
N SER D 501 -26.17 -4.18 -1.09
CA SER D 501 -25.25 -3.07 -0.90
C SER D 501 -23.95 -3.49 -0.22
N HIS D 502 -23.99 -4.53 0.62
CA HIS D 502 -22.82 -4.97 1.35
C HIS D 502 -22.02 -6.03 0.60
N LEU D 503 -22.69 -7.02 0.03
CA LEU D 503 -22.01 -8.10 -0.67
C LEU D 503 -21.73 -7.78 -2.12
N GLY D 504 -22.43 -6.82 -2.70
CA GLY D 504 -22.27 -6.48 -4.10
C GLY D 504 -20.91 -5.97 -4.50
N PRO D 505 -20.43 -4.91 -3.82
CA PRO D 505 -19.08 -4.42 -4.14
C PRO D 505 -18.02 -5.49 -3.97
N LEU D 506 -18.16 -6.32 -2.94
CA LEU D 506 -17.20 -7.38 -2.70
C LEU D 506 -17.20 -8.39 -3.83
N GLN D 507 -18.38 -8.83 -4.26
CA GLN D 507 -18.48 -9.81 -5.34
C GLN D 507 -17.91 -9.25 -6.64
N ILE D 508 -18.20 -7.98 -6.93
CA ILE D 508 -17.66 -7.37 -8.15
C ILE D 508 -16.15 -7.29 -8.08
N SER D 509 -15.60 -6.95 -6.91
CA SER D 509 -14.15 -6.88 -6.76
C SER D 509 -13.49 -8.24 -6.99
N LEU D 510 -14.07 -9.30 -6.43
CA LEU D 510 -13.52 -10.64 -6.65
C LEU D 510 -13.57 -11.00 -8.13
N GLY D 511 -14.71 -10.70 -8.78
CA GLY D 511 -14.81 -10.97 -10.21
C GLY D 511 -13.75 -10.24 -11.00
N ARG D 512 -13.43 -9.02 -10.61
CA ARG D 512 -12.40 -8.27 -11.31
C ARG D 512 -11.01 -8.85 -11.05
N MET D 513 -10.79 -9.43 -9.87
CA MET D 513 -9.50 -10.07 -9.59
C MET D 513 -9.31 -11.38 -10.33
N LEU D 514 -10.41 -12.02 -10.73
CA LEU D 514 -10.32 -13.35 -11.34
C LEU D 514 -9.40 -13.40 -12.56
N LEU D 515 -9.30 -12.31 -13.33
CA LEU D 515 -8.52 -12.39 -14.56
C LEU D 515 -7.02 -12.45 -14.29
N ASP D 516 -6.53 -11.63 -13.37
CA ASP D 516 -5.13 -11.74 -12.97
C ASP D 516 -4.86 -13.09 -12.31
N ILE D 517 -5.83 -13.59 -11.54
CA ILE D 517 -5.69 -14.94 -11.00
C ILE D 517 -5.52 -15.95 -12.12
N LEU D 518 -6.29 -15.79 -13.21
CA LEU D 518 -6.21 -16.74 -14.32
C LEU D 518 -4.85 -16.69 -15.01
N LYS D 519 -4.31 -15.49 -15.22
CA LYS D 519 -2.98 -15.40 -15.82
C LYS D 519 -1.94 -16.09 -14.95
N PHE D 520 -1.99 -15.86 -13.64
CA PHE D 520 -1.05 -16.53 -12.76
C PHE D 520 -1.22 -18.04 -12.79
N LEU D 521 -2.48 -18.50 -12.89
CA LEU D 521 -2.72 -19.93 -13.03
C LEU D 521 -2.11 -20.48 -14.30
N PHE D 522 -2.08 -19.68 -15.37
CA PHE D 522 -1.42 -20.12 -16.61
C PHE D 522 0.07 -20.37 -16.38
N ILE D 523 0.75 -19.42 -15.73
CA ILE D 523 2.18 -19.63 -15.46
C ILE D 523 2.38 -20.83 -14.53
N TYR D 524 1.49 -20.98 -13.54
CA TYR D 524 1.59 -22.14 -12.66
C TYR D 524 1.41 -23.44 -13.43
N CYS D 525 0.50 -23.46 -14.40
CA CYS D 525 0.28 -24.67 -15.19
C CYS D 525 1.51 -25.02 -16.02
N LEU D 526 2.21 -24.00 -16.52
CA LEU D 526 3.48 -24.29 -17.20
C LEU D 526 4.47 -24.95 -16.26
N VAL D 527 4.62 -24.41 -15.05
CA VAL D 527 5.53 -25.02 -14.07
C VAL D 527 5.10 -26.44 -13.74
N LEU D 528 3.79 -26.64 -13.56
CA LEU D 528 3.24 -27.95 -13.25
C LEU D 528 3.55 -28.95 -14.35
N LEU D 529 3.37 -28.54 -15.61
CA LEU D 529 3.69 -29.43 -16.72
C LEU D 529 5.16 -29.78 -16.74
N ALA D 530 6.03 -28.81 -16.45
CA ALA D 530 7.47 -29.09 -16.42
C ALA D 530 7.80 -30.16 -15.39
N PHE D 531 7.34 -29.97 -14.16
CA PHE D 531 7.71 -30.94 -13.13
C PHE D 531 7.00 -32.27 -13.32
N ALA D 532 5.79 -32.27 -13.88
CA ALA D 532 5.12 -33.52 -14.19
C ALA D 532 5.90 -34.30 -15.23
N ASN D 533 6.38 -33.63 -16.28
CA ASN D 533 7.20 -34.29 -17.28
C ASN D 533 8.43 -34.91 -16.63
N GLY D 534 9.13 -34.14 -15.79
CA GLY D 534 10.34 -34.67 -15.16
C GLY D 534 10.07 -35.86 -14.26
N LEU D 535 9.06 -35.74 -13.38
CA LEU D 535 8.79 -36.80 -12.42
C LEU D 535 8.28 -38.06 -13.11
N ASN D 536 7.41 -37.92 -14.11
CA ASN D 536 6.97 -39.09 -14.86
C ASN D 536 8.14 -39.75 -15.58
N GLN D 537 9.01 -38.94 -16.20
CA GLN D 537 10.18 -39.51 -16.87
C GLN D 537 11.04 -40.29 -15.88
N LEU D 538 11.15 -39.82 -14.65
CA LEU D 538 11.99 -40.52 -13.68
C LEU D 538 11.33 -41.79 -13.18
N TYR D 539 10.01 -41.78 -12.97
CA TYR D 539 9.36 -42.84 -12.22
C TYR D 539 8.57 -43.85 -13.07
N PHE D 540 8.45 -43.65 -14.39
CA PHE D 540 7.56 -44.54 -15.14
C PHE D 540 8.10 -45.97 -15.23
N TYR D 541 9.38 -46.18 -14.96
CA TYR D 541 9.93 -47.54 -14.99
C TYR D 541 9.35 -48.40 -13.87
N TYR D 542 9.03 -47.80 -12.73
CA TYR D 542 8.64 -48.52 -11.54
C TYR D 542 7.13 -48.60 -11.37
N GLU D 543 6.38 -48.47 -12.46
CA GLU D 543 4.94 -48.65 -12.39
C GLU D 543 4.62 -50.10 -12.03
N THR D 544 3.71 -50.27 -11.07
CA THR D 544 3.30 -51.59 -10.63
C THR D 544 1.81 -51.77 -10.86
N ARG D 545 1.39 -53.01 -11.05
CA ARG D 545 0.00 -53.30 -11.33
C ARG D 545 -0.86 -53.09 -10.09
N ALA D 546 -2.16 -52.92 -10.32
CA ALA D 546 -3.09 -52.78 -9.19
C ALA D 546 -3.16 -54.06 -8.38
N ILE D 547 -2.92 -55.21 -9.01
CA ILE D 547 -3.01 -56.48 -8.29
C ILE D 547 -1.95 -56.55 -7.19
N ASP D 548 -0.77 -56.01 -7.45
CA ASP D 548 0.31 -56.03 -6.48
C ASP D 548 0.09 -55.06 -5.32
N GLU D 549 -0.85 -54.13 -5.44
CA GLU D 549 -1.08 -53.14 -4.40
C GLU D 549 -1.90 -53.71 -3.26
N PRO D 550 -1.80 -53.13 -2.06
CA PRO D 550 -2.40 -53.76 -0.88
C PRO D 550 -3.89 -54.01 -0.98
N ASN D 551 -4.65 -53.11 -1.60
CA ASN D 551 -6.10 -53.23 -1.63
C ASN D 551 -6.63 -53.43 -3.05
N ASN D 552 -5.77 -53.90 -3.97
CA ASN D 552 -6.08 -53.89 -5.40
C ASN D 552 -6.41 -52.49 -5.88
N CYS D 553 -5.88 -51.48 -5.21
CA CYS D 553 -6.10 -50.07 -5.51
C CYS D 553 -4.80 -49.47 -5.99
N LYS D 554 -4.81 -48.90 -7.20
CA LYS D 554 -3.65 -48.26 -7.79
C LYS D 554 -3.94 -46.78 -7.96
N GLY D 555 -3.07 -45.93 -7.43
CA GLY D 555 -3.23 -44.50 -7.53
C GLY D 555 -3.01 -43.81 -6.21
N ILE D 556 -3.27 -42.51 -6.19
CA ILE D 556 -3.01 -41.69 -5.01
C ILE D 556 -4.29 -41.49 -4.25
N ARG D 557 -5.35 -42.19 -4.64
CA ARG D 557 -6.62 -42.13 -3.93
C ARG D 557 -6.86 -43.37 -3.09
N CYS D 558 -5.82 -44.14 -2.80
CA CYS D 558 -5.93 -45.29 -1.93
C CYS D 558 -5.50 -44.93 -0.52
N GLU D 559 -5.75 -45.84 0.42
CA GLU D 559 -5.30 -45.59 1.79
C GLU D 559 -3.79 -45.49 1.86
N LYS D 560 -3.08 -46.37 1.16
CA LYS D 560 -1.64 -46.27 0.98
C LYS D 560 -1.38 -45.82 -0.44
N GLN D 561 -0.98 -44.57 -0.62
CA GLN D 561 -0.80 -44.01 -1.95
C GLN D 561 0.36 -44.70 -2.66
N ASN D 562 0.20 -44.88 -3.97
CA ASN D 562 1.19 -45.59 -4.76
C ASN D 562 1.04 -45.15 -6.21
N ASN D 563 2.07 -45.42 -7.00
CA ASN D 563 2.09 -45.07 -8.42
C ASN D 563 1.78 -43.60 -8.63
N ALA D 564 2.35 -42.75 -7.77
CA ALA D 564 2.07 -41.33 -7.86
C ALA D 564 2.57 -40.73 -9.17
N PHE D 565 3.70 -41.22 -9.66
CA PHE D 565 4.33 -40.66 -10.85
C PHE D 565 4.54 -41.72 -11.93
N SER D 566 3.69 -42.75 -11.96
CA SER D 566 3.83 -43.81 -12.94
C SER D 566 3.36 -43.39 -14.32
N THR D 567 2.28 -42.61 -14.41
CA THR D 567 1.77 -42.10 -15.67
C THR D 567 1.67 -40.58 -15.62
N LEU D 568 1.66 -39.95 -16.80
CA LEU D 568 1.64 -38.50 -16.87
C LEU D 568 0.38 -37.93 -16.24
N PHE D 569 -0.76 -38.53 -16.53
CA PHE D 569 -2.03 -38.06 -15.96
C PHE D 569 -2.00 -38.16 -14.44
N GLU D 570 -1.55 -39.32 -13.93
CA GLU D 570 -1.44 -39.49 -12.49
C GLU D 570 -0.39 -38.57 -11.90
N THR D 571 0.69 -38.28 -12.62
CA THR D 571 1.69 -37.34 -12.12
C THR D 571 1.10 -35.94 -11.97
N LEU D 572 0.31 -35.50 -12.95
CA LEU D 572 -0.35 -34.21 -12.85
C LEU D 572 -1.30 -34.18 -11.66
N GLN D 573 -2.08 -35.25 -11.46
CA GLN D 573 -2.95 -35.33 -10.29
C GLN D 573 -2.16 -35.26 -8.99
N SER D 574 -1.03 -35.99 -8.93
CA SER D 574 -0.23 -36.03 -7.72
C SER D 574 0.33 -34.65 -7.37
N LEU D 575 0.84 -33.93 -8.37
CA LEU D 575 1.38 -32.60 -8.10
C LEU D 575 0.27 -31.62 -7.72
N PHE D 576 -0.89 -31.73 -8.38
CA PHE D 576 -2.01 -30.88 -8.00
C PHE D 576 -2.41 -31.10 -6.56
N TRP D 577 -2.45 -32.35 -6.12
CA TRP D 577 -2.85 -32.63 -4.74
C TRP D 577 -1.75 -32.30 -3.75
N SER D 578 -0.48 -32.37 -4.18
CA SER D 578 0.60 -31.92 -3.33
C SER D 578 0.58 -30.43 -3.12
N VAL D 579 -0.05 -29.69 -4.04
CA VAL D 579 -0.28 -28.26 -3.78
C VAL D 579 -1.03 -28.08 -2.47
N PHE D 580 -2.03 -28.92 -2.22
CA PHE D 580 -2.82 -28.84 -1.00
C PHE D 580 -2.34 -29.81 0.08
N GLY D 581 -1.14 -30.37 -0.08
CA GLY D 581 -0.57 -31.20 0.95
C GLY D 581 -1.23 -32.53 1.16
N LEU D 582 -1.99 -33.02 0.18
CA LEU D 582 -2.68 -34.30 0.30
C LEU D 582 -1.88 -35.45 -0.27
N LEU D 583 -0.69 -35.20 -0.81
CA LEU D 583 0.19 -36.24 -1.29
C LEU D 583 1.26 -36.51 -0.24
N ASN D 584 1.36 -37.77 0.18
CA ASN D 584 2.30 -38.15 1.23
C ASN D 584 3.69 -38.36 0.64
N LEU D 585 4.70 -38.19 1.50
CA LEU D 585 6.07 -38.21 1.02
C LEU D 585 6.51 -39.58 0.53
N TYR D 586 5.97 -40.65 1.12
CA TYR D 586 6.45 -41.99 0.79
C TYR D 586 6.14 -42.39 -0.64
N VAL D 587 5.31 -41.63 -1.35
CA VAL D 587 5.10 -41.89 -2.78
C VAL D 587 6.35 -41.65 -3.59
N THR D 588 7.39 -41.04 -3.01
CA THR D 588 8.65 -40.87 -3.72
C THR D 588 9.55 -42.09 -3.63
N ASN D 589 9.10 -43.15 -2.97
CA ASN D 589 9.85 -44.41 -2.88
C ASN D 589 9.38 -45.38 -3.96
N VAL D 590 10.26 -46.34 -4.27
CA VAL D 590 9.96 -47.42 -5.20
C VAL D 590 10.24 -48.74 -4.51
N LYS D 591 9.69 -49.81 -5.07
CA LYS D 591 9.87 -51.13 -4.48
C LYS D 591 11.33 -51.51 -4.38
N ALA D 592 12.08 -51.31 -5.47
CA ALA D 592 13.47 -51.75 -5.52
C ALA D 592 14.38 -50.94 -4.62
N ARG D 593 13.92 -49.83 -4.06
CA ARG D 593 14.71 -48.98 -3.17
C ARG D 593 16.01 -48.54 -3.84
N HIS D 594 15.88 -48.03 -5.06
CA HIS D 594 16.99 -47.37 -5.75
C HIS D 594 17.19 -46.01 -5.09
N GLU D 595 18.16 -45.92 -4.20
CA GLU D 595 18.27 -44.74 -3.34
C GLU D 595 18.54 -43.48 -4.13
N PHE D 596 19.39 -43.56 -5.16
CA PHE D 596 19.66 -42.38 -5.97
C PHE D 596 18.41 -41.93 -6.73
N THR D 597 17.68 -42.87 -7.33
CA THR D 597 16.46 -42.50 -8.04
C THR D 597 15.42 -41.91 -7.08
N GLU D 598 15.27 -42.51 -5.90
CA GLU D 598 14.30 -42.02 -4.94
C GLU D 598 14.69 -40.64 -4.41
N PHE D 599 15.98 -40.40 -4.20
CA PHE D 599 16.41 -39.09 -3.75
C PHE D 599 16.22 -38.04 -4.84
N VAL D 600 16.50 -38.38 -6.09
CA VAL D 600 16.27 -37.44 -7.19
C VAL D 600 14.78 -37.13 -7.30
N GLY D 601 13.93 -38.13 -7.15
CA GLY D 601 12.50 -37.88 -7.18
C GLY D 601 12.03 -37.02 -6.03
N ALA D 602 12.54 -37.28 -4.83
CA ALA D 602 12.18 -36.46 -3.68
C ALA D 602 12.65 -35.03 -3.85
N THR D 603 13.81 -34.83 -4.50
CA THR D 603 14.30 -33.48 -4.73
C THR D 603 13.49 -32.77 -5.81
N MET D 604 13.06 -33.49 -6.85
CA MET D 604 12.15 -32.91 -7.82
C MET D 604 10.84 -32.48 -7.17
N PHE D 605 10.30 -33.37 -6.32
CA PHE D 605 9.06 -33.07 -5.62
C PHE D 605 9.25 -31.87 -4.69
N GLY D 606 10.38 -31.79 -4.00
CA GLY D 606 10.63 -30.66 -3.12
C GLY D 606 10.85 -29.35 -3.85
N THR D 607 11.55 -29.40 -4.98
CA THR D 607 11.71 -28.20 -5.80
C THR D 607 10.35 -27.73 -6.31
N TYR D 608 9.50 -28.67 -6.72
CA TYR D 608 8.16 -28.30 -7.13
C TYR D 608 7.40 -27.65 -5.98
N ASN D 609 7.53 -28.21 -4.78
CA ASN D 609 6.84 -27.65 -3.62
C ASN D 609 7.34 -26.24 -3.30
N VAL D 610 8.65 -26.03 -3.35
CA VAL D 610 9.19 -24.69 -3.08
C VAL D 610 8.70 -23.72 -4.14
N ILE D 611 8.72 -24.12 -5.41
CA ILE D 611 8.34 -23.24 -6.49
C ILE D 611 6.87 -22.87 -6.40
N SER D 612 6.00 -23.84 -6.14
CA SER D 612 4.57 -23.58 -6.21
C SER D 612 4.02 -22.99 -4.91
N LEU D 613 4.48 -23.50 -3.77
CA LEU D 613 3.90 -23.10 -2.49
C LEU D 613 4.64 -21.95 -1.82
N VAL D 614 5.95 -21.85 -2.00
CA VAL D 614 6.71 -20.77 -1.36
C VAL D 614 6.89 -19.59 -2.29
N VAL D 615 7.11 -19.85 -3.58
CA VAL D 615 7.37 -18.77 -4.52
C VAL D 615 6.07 -18.35 -5.21
N LEU D 616 5.45 -19.28 -5.95
CA LEU D 616 4.31 -18.91 -6.78
C LEU D 616 3.11 -18.49 -5.95
N LEU D 617 2.81 -19.19 -4.87
CA LEU D 617 1.64 -18.84 -4.07
C LEU D 617 1.77 -17.45 -3.46
N ASN D 618 2.97 -17.12 -2.96
CA ASN D 618 3.17 -15.80 -2.37
C ASN D 618 3.22 -14.72 -3.43
N MET D 619 3.75 -15.02 -4.61
CA MET D 619 3.66 -14.06 -5.71
C MET D 619 2.20 -13.81 -6.07
N LEU D 620 1.38 -14.85 -6.06
CA LEU D 620 -0.04 -14.69 -6.30
C LEU D 620 -0.69 -13.83 -5.23
N ILE D 621 -0.29 -14.03 -3.97
CA ILE D 621 -0.84 -13.21 -2.89
C ILE D 621 -0.48 -11.75 -3.10
N ALA D 622 0.78 -11.46 -3.47
CA ALA D 622 1.20 -10.08 -3.68
C ALA D 622 0.42 -9.45 -4.83
N MET D 623 0.26 -10.18 -5.93
CA MET D 623 -0.50 -9.65 -7.06
C MET D 623 -1.94 -9.40 -6.67
N MET D 624 -2.54 -10.30 -5.90
CA MET D 624 -3.91 -10.10 -5.47
C MET D 624 -4.03 -8.87 -4.59
N ASN D 625 -3.05 -8.64 -3.72
CA ASN D 625 -3.08 -7.43 -2.89
C ASN D 625 -3.05 -6.17 -3.76
N ASN D 626 -2.11 -6.11 -4.70
CA ASN D 626 -2.00 -4.91 -5.53
C ASN D 626 -3.25 -4.70 -6.37
N SER D 627 -3.73 -5.76 -7.03
CA SER D 627 -4.92 -5.66 -7.85
C SER D 627 -6.14 -5.30 -7.03
N TYR D 628 -6.22 -5.81 -5.79
CA TYR D 628 -7.38 -5.51 -4.96
C TYR D 628 -7.36 -4.05 -4.51
N GLN D 629 -6.18 -3.50 -4.24
CA GLN D 629 -6.12 -2.06 -3.95
C GLN D 629 -6.63 -1.26 -5.14
N LEU D 630 -6.11 -1.57 -6.34
CA LEU D 630 -6.54 -0.85 -7.53
C LEU D 630 -8.03 -1.00 -7.78
N ILE D 631 -8.58 -2.18 -7.51
CA ILE D 631 -10.00 -2.43 -7.73
C ILE D 631 -10.85 -1.70 -6.70
N ALA D 632 -10.46 -1.78 -5.42
CA ALA D 632 -11.20 -1.11 -4.35
C ALA D 632 -11.21 0.40 -4.54
N ASP D 633 -10.28 0.94 -5.32
CA ASP D 633 -10.37 2.36 -5.67
C ASP D 633 -11.68 2.68 -6.40
N HIS D 634 -12.12 1.82 -7.32
CA HIS D 634 -13.31 2.06 -8.13
C HIS D 634 -14.46 1.11 -7.84
N ALA D 635 -14.38 0.36 -6.74
CA ALA D 635 -15.36 -0.68 -6.43
C ALA D 635 -16.79 -0.14 -6.41
N ASP D 636 -17.00 1.05 -5.85
CA ASP D 636 -18.36 1.56 -5.73
C ASP D 636 -18.97 1.82 -7.10
N ILE D 637 -18.23 2.49 -7.98
CA ILE D 637 -18.72 2.75 -9.33
C ILE D 637 -18.99 1.45 -10.06
N GLU D 638 -18.06 0.50 -9.97
CA GLU D 638 -18.24 -0.77 -10.67
C GLU D 638 -19.47 -1.51 -10.18
N TRP D 639 -19.66 -1.56 -8.86
CA TRP D 639 -20.82 -2.26 -8.31
C TRP D 639 -22.11 -1.56 -8.71
N LYS D 640 -22.12 -0.23 -8.72
CA LYS D 640 -23.33 0.47 -9.11
C LYS D 640 -23.67 0.21 -10.57
N PHE D 641 -22.65 0.13 -11.43
CA PHE D 641 -22.91 -0.23 -12.82
C PHE D 641 -23.48 -1.64 -12.94
N ALA D 642 -22.91 -2.59 -12.20
CA ALA D 642 -23.42 -3.96 -12.26
C ALA D 642 -24.84 -4.05 -11.74
N ARG D 643 -25.14 -3.35 -10.65
CA ARG D 643 -26.49 -3.37 -10.10
C ARG D 643 -27.47 -2.66 -11.01
N THR D 644 -27.03 -1.63 -11.72
CA THR D 644 -27.89 -1.02 -12.73
C THR D 644 -28.23 -2.01 -13.82
N LYS D 645 -27.25 -2.78 -14.28
CA LYS D 645 -27.54 -3.81 -15.29
C LYS D 645 -28.54 -4.83 -14.74
N LEU D 646 -28.35 -5.25 -13.49
CA LEU D 646 -29.27 -6.21 -12.88
C LEU D 646 -30.67 -5.63 -12.80
N TRP D 647 -30.80 -4.37 -12.42
CA TRP D 647 -32.12 -3.75 -12.34
C TRP D 647 -32.76 -3.63 -13.71
N MET D 648 -32.00 -3.20 -14.71
CA MET D 648 -32.54 -3.04 -16.05
C MET D 648 -33.01 -4.37 -16.63
N SER D 649 -32.36 -5.46 -16.25
CA SER D 649 -32.82 -6.76 -16.74
C SER D 649 -34.21 -7.11 -16.24
N TYR D 650 -34.71 -6.45 -15.20
CA TYR D 650 -36.04 -6.71 -14.67
C TYR D 650 -37.04 -5.62 -15.02
N PHE D 651 -36.66 -4.63 -15.81
CA PHE D 651 -37.63 -3.60 -16.21
C PHE D 651 -38.52 -4.06 -17.35
N ASP D 652 -38.02 -4.94 -18.21
CA ASP D 652 -38.74 -5.33 -19.41
C ASP D 652 -39.90 -6.26 -19.08
N GLU D 653 -40.93 -6.22 -19.94
CA GLU D 653 -42.08 -7.11 -19.78
C GLU D 653 -41.71 -8.55 -20.10
N GLY D 654 -40.86 -8.77 -21.08
CA GLY D 654 -40.47 -10.13 -21.43
C GLY D 654 -39.73 -10.79 -20.28
N GLY D 655 -40.01 -12.08 -20.09
CA GLY D 655 -39.39 -12.81 -18.99
C GLY D 655 -39.92 -12.46 -17.62
N THR D 656 -41.16 -11.98 -17.54
CA THR D 656 -41.73 -11.66 -16.23
C THR D 656 -41.87 -12.90 -15.37
N LEU D 657 -42.37 -13.99 -15.95
CA LEU D 657 -42.59 -15.22 -15.20
C LEU D 657 -41.28 -15.97 -15.02
N PRO D 658 -40.91 -16.33 -13.81
CA PRO D 658 -39.70 -17.14 -13.61
C PRO D 658 -40.00 -18.59 -13.92
N PRO D 659 -38.97 -19.43 -14.09
CA PRO D 659 -39.21 -20.87 -14.17
C PRO D 659 -39.84 -21.35 -12.87
N PRO D 660 -40.71 -22.36 -12.94
CA PRO D 660 -41.10 -23.13 -14.12
C PRO D 660 -42.26 -22.54 -14.90
N PHE D 661 -42.71 -21.34 -14.55
CA PHE D 661 -43.92 -20.78 -15.13
C PHE D 661 -43.70 -20.15 -16.50
N ASN D 662 -42.46 -19.99 -16.95
CA ASN D 662 -42.24 -19.34 -18.23
C ASN D 662 -42.40 -20.29 -19.42
N ILE D 663 -42.57 -21.59 -19.18
CA ILE D 663 -42.81 -22.54 -20.26
C ILE D 663 -44.29 -22.88 -20.43
N ILE D 664 -45.17 -22.23 -19.69
CA ILE D 664 -46.60 -22.48 -19.81
C ILE D 664 -47.20 -21.62 -20.93
N SER D 706 -41.53 12.38 -31.38
CA SER D 706 -40.18 12.33 -31.91
C SER D 706 -39.56 13.71 -32.01
N LEU D 707 -40.18 14.56 -32.83
CA LEU D 707 -39.69 15.93 -32.99
C LEU D 707 -39.83 16.72 -31.68
N ILE D 708 -40.95 16.55 -30.99
CA ILE D 708 -41.15 17.24 -29.71
C ILE D 708 -40.12 16.76 -28.68
N GLN D 709 -39.88 15.45 -28.64
CA GLN D 709 -38.86 14.92 -27.75
C GLN D 709 -37.49 15.50 -28.07
N ASN D 710 -37.17 15.62 -29.36
CA ASN D 710 -35.88 16.19 -29.74
C ASN D 710 -35.78 17.66 -29.34
N GLN D 711 -36.86 18.42 -29.48
CA GLN D 711 -36.83 19.82 -29.06
C GLN D 711 -36.63 19.95 -27.56
N HIS D 712 -37.35 19.14 -26.77
CA HIS D 712 -37.15 19.16 -25.33
C HIS D 712 -35.73 18.78 -24.96
N TYR D 713 -35.20 17.74 -25.61
CA TYR D 713 -33.83 17.31 -25.33
C TYR D 713 -32.82 18.39 -25.68
N GLN D 714 -33.03 19.09 -26.79
CA GLN D 714 -32.11 20.13 -27.19
C GLN D 714 -32.15 21.31 -26.22
N GLU D 715 -33.34 21.66 -25.73
CA GLU D 715 -33.45 22.71 -24.73
C GLU D 715 -32.71 22.34 -23.45
N VAL D 716 -32.93 21.10 -22.99
CA VAL D 716 -32.26 20.64 -21.77
C VAL D 716 -30.74 20.61 -21.98
N ILE D 717 -30.30 20.15 -23.15
CA ILE D 717 -28.87 20.10 -23.45
C ILE D 717 -28.27 21.49 -23.48
N ARG D 718 -29.01 22.46 -24.04
CA ARG D 718 -28.53 23.84 -24.05
C ARG D 718 -28.31 24.35 -22.63
N ASN D 719 -29.29 24.10 -21.75
CA ASN D 719 -29.13 24.51 -20.36
C ASN D 719 -27.94 23.82 -19.71
N LEU D 720 -27.79 22.52 -19.95
CA LEU D 720 -26.70 21.76 -19.35
C LEU D 720 -25.35 22.28 -19.82
N VAL D 721 -25.23 22.57 -21.12
CA VAL D 721 -23.98 23.07 -21.67
C VAL D 721 -23.64 24.43 -21.08
N LYS D 722 -24.64 25.32 -20.95
CA LYS D 722 -24.37 26.62 -20.35
C LYS D 722 -23.89 26.47 -18.90
N ARG D 723 -24.56 25.62 -18.13
CA ARG D 723 -24.17 25.41 -16.74
C ARG D 723 -22.77 24.81 -16.67
N TYR D 724 -22.47 23.86 -17.55
CA TYR D 724 -21.16 23.22 -17.54
C TYR D 724 -20.06 24.20 -17.90
N VAL D 725 -20.29 25.06 -18.89
CA VAL D 725 -19.29 26.05 -19.27
C VAL D 725 -19.05 27.03 -18.13
N ALA D 726 -20.13 27.48 -17.48
CA ALA D 726 -19.96 28.38 -16.34
C ALA D 726 -19.20 27.70 -15.22
N ALA D 727 -19.51 26.43 -14.94
CA ALA D 727 -18.83 25.72 -13.86
C ALA D 727 -17.37 25.49 -14.19
N MET D 728 -17.04 25.23 -15.45
CA MET D 728 -15.65 25.03 -15.83
C MET D 728 -14.85 26.32 -15.76
N ILE D 729 -15.47 27.45 -16.14
CA ILE D 729 -14.81 28.74 -15.95
C ILE D 729 -14.58 29.01 -14.47
N ARG D 730 -15.57 28.67 -13.63
CA ARG D 730 -15.41 28.84 -12.18
C ARG D 730 -14.27 27.99 -11.64
N ASN D 731 -14.16 26.73 -12.09
CA ASN D 731 -13.13 25.84 -11.59
C ASN D 731 -11.75 26.21 -12.09
N SER D 732 -11.65 26.70 -13.33
CA SER D 732 -10.34 27.05 -13.89
C SER D 732 -9.71 28.21 -13.13
N LYS D 733 -10.51 29.23 -12.80
CA LYS D 733 -10.01 30.37 -12.02
C LYS D 733 -9.76 29.95 -10.57
ZN ZN E . 43.12 8.74 -11.39
C1 PTY F . 14.86 -17.23 -15.24
O4 PTY F . 15.22 -18.04 -14.12
C5 PTY F . 14.37 -14.84 -14.63
C6 PTY F . 13.77 -16.22 -14.87
O7 PTY F . 13.04 -16.66 -13.71
C8 PTY F . 11.61 -16.57 -13.92
O10 PTY F . 11.15 -15.67 -14.62
C11 PTY F . 10.68 -17.58 -13.28
C12 PTY F . 10.91 -18.97 -13.88
C13 PTY F . 12.14 -19.65 -13.28
C14 PTY F . 12.50 -20.90 -14.06
C15 PTY F . 12.43 -22.16 -13.20
C16 PTY F . 13.69 -22.37 -12.36
C17 PTY F . 13.61 -23.68 -11.58
C18 PTY F . 14.96 -24.12 -11.05
C19 PTY F . 14.89 -25.56 -10.51
C20 PTY F . 14.58 -26.54 -11.64
C21 PTY F . 14.17 -27.90 -11.10
C22 PTY F . 15.30 -28.61 -10.37
C23 PTY F . 14.99 -30.10 -10.25
C24 PTY F . 16.03 -30.83 -9.40
C25 PTY F . 16.00 -32.32 -9.73
C26 PTY F . 16.59 -33.20 -8.64
C27 PTY F . 18.09 -32.94 -8.44
C28 PTY F . 18.74 -34.09 -7.69
C29 PTY F . 20.02 -33.66 -7.02
C30 PTY F . 16.01 -19.25 -14.34
C31 PTY F . 16.79 -19.86 -13.20
O30 PTY F . 16.02 -19.75 -15.45
C32 PTY F . 17.75 -20.92 -13.73
C33 PTY F . 18.84 -21.22 -12.71
C34 PTY F . 19.76 -22.34 -13.20
C35 PTY F . 19.09 -23.70 -13.09
C36 PTY F . 20.08 -24.77 -12.63
C37 PTY F . 19.36 -25.94 -11.98
P1 PTY F . 15.67 -13.02 -16.05
O11 PTY F . 16.86 -13.22 -17.12
O12 PTY F . 16.27 -12.43 -14.79
O13 PTY F . 14.53 -12.32 -16.74
O14 PTY F . 15.23 -14.53 -15.73
P POV G . 31.09 -45.75 -6.35
C1 POV G . 29.65 -44.65 -8.27
C2 POV G . 29.46 -43.34 -9.01
C3 POV G . 28.56 -42.38 -8.21
C210 POV G . 26.13 -34.91 -13.91
C310 POV G . 21.59 -30.89 -11.50
O11 POV G . 30.42 -44.47 -7.08
C211 POV G . 26.29 -33.41 -13.84
C311 POV G . 20.33 -30.07 -11.22
O12 POV G . 31.57 -45.15 -4.92
C212 POV G . 26.35 -32.83 -15.26
O13 POV G . 30.01 -46.77 -6.08
C213 POV G . 26.44 -31.31 -15.23
O14 POV G . 32.32 -46.15 -7.11
C214 POV G . 25.05 -30.67 -15.20
C215 POV G . 24.88 -29.72 -14.01
C216 POV G . 26.00 -28.69 -13.95
C217 POV G . 25.99 -27.78 -15.17
C218 POV G . 27.40 -27.45 -15.62
C21 POV G . 29.78 -43.65 -11.38
O21 POV G . 28.84 -43.61 -10.28
C22 POV G . 29.29 -43.51 -12.80
O22 POV G . 30.97 -43.81 -11.14
C23 POV G . 29.38 -42.05 -13.24
C24 POV G . 28.57 -41.14 -12.30
C25 POV G . 28.73 -39.66 -12.64
C26 POV G . 28.17 -39.33 -14.02
C27 POV G . 28.10 -37.81 -14.22
C28 POV G . 26.93 -37.21 -13.45
C29 POV G . 27.08 -35.71 -13.40
C31 POV G . 27.21 -40.31 -8.73
O31 POV G . 27.93 -41.50 -9.14
C32 POV G . 26.45 -39.52 -9.77
O32 POV G . 27.23 -39.96 -7.56
C33 POV G . 25.63 -38.38 -9.14
C34 POV G . 25.16 -37.42 -10.21
C35 POV G . 24.16 -36.39 -9.67
C36 POV G . 23.96 -35.25 -10.66
C37 POV G . 22.79 -34.36 -10.27
C38 POV G . 22.75 -33.11 -11.13
C39 POV G . 21.54 -32.24 -10.80
CAA Y01 H . -1.21 -26.54 -20.90
CBA Y01 H . -0.15 -25.81 -20.09
CAB Y01 H . -0.55 -24.35 -19.86
CAN Y01 H . 1.22 -25.89 -20.77
CAJ Y01 H . 1.19 -25.34 -22.20
CAO Y01 H . 2.59 -25.21 -22.76
CBB Y01 H . 2.61 -24.46 -24.10
CAC Y01 H . 1.62 -25.12 -25.06
CBE Y01 H . 2.34 -22.97 -23.92
CAP Y01 H . 2.98 -22.42 -22.64
CAQ Y01 H . 3.54 -21.04 -22.95
CBG Y01 H . 2.93 -20.72 -24.31
CBI Y01 H . 2.87 -22.05 -25.03
CAE Y01 H . 4.28 -22.50 -25.42
CAU Y01 H . 2.01 -21.88 -26.26
CAS Y01 H . 2.62 -20.79 -27.15
CBF Y01 H . 2.80 -19.46 -26.42
CBD Y01 H . 3.61 -19.64 -25.15
CAK Y01 H . 3.65 -18.35 -24.36
CAI Y01 H . 4.09 -17.21 -25.26
CAZ Y01 H . 3.71 -17.14 -26.54
CAV Y01 H . 3.66 -15.77 -27.18
CBH Y01 H . 3.40 -18.39 -27.34
CAD Y01 H . 4.72 -18.87 -27.92
CAT Y01 H . 2.40 -18.13 -28.46
CAR Y01 H . 2.71 -16.83 -29.20
CBC Y01 H . 2.55 -15.68 -28.23
OAW Y01 H . 2.62 -14.43 -28.91
CAY Y01 H . 1.79 -13.41 -28.29
OAG Y01 H . 1.30 -13.62 -27.19
CAM Y01 H . 1.53 -12.09 -28.99
CAL Y01 H . 1.77 -12.22 -30.49
CAX Y01 H . 3.25 -12.16 -30.81
OAH Y01 H . 3.70 -11.25 -31.48
OAF Y01 H . 4.09 -13.11 -30.36
C21 A1L5I I . 14.51 -32.47 0.12
C22 A1L5I I . 15.45 -33.28 -0.74
C26 A1L5I I . 17.47 -32.27 0.14
C28 A1L5I I . 18.26 -30.42 1.67
C01 A1L5I I . 14.57 -30.49 -1.36
C02 A1L5I I . 15.27 -29.20 -1.63
C03 A1L5I I . 14.59 -28.44 -2.74
C04 A1L5I I . 15.09 -27.01 -2.74
C05 A1L5I I . 14.42 -26.22 -3.84
C06 A1L5I I . 14.96 -24.80 -3.87
O19 A1L5I I . 13.94 -30.97 -2.21
O20 A1L5I I . 14.67 -31.10 -0.04
C23 A1L5I I . 14.83 -34.66 -0.93
O24 A1L5I I . 14.42 -35.15 0.33
O25 A1L5I I . 16.70 -33.46 -0.11
C27 A1L5I I . 17.89 -31.88 1.55
C29 A1L5I I . 17.08 -29.49 1.93
C30 A1L5I I . 17.54 -28.05 1.72
C31 A1L5I I . 16.43 -27.02 1.77
C32 A1L5I I . 16.92 -25.61 1.56
C33 A1L5I I . 16.09 -24.94 0.49
C34 A1L5I I . 15.12 -23.91 1.00
C35 A1L5I I . 13.90 -23.93 0.52
C36 A1L5I I . 12.90 -22.92 0.96
C37 A1L5I I . 12.04 -23.32 2.13
C38 A1L5I I . 11.67 -21.99 2.73
C39 A1L5I I . 10.47 -22.06 3.61
C40 A1L5I I . 10.32 -20.84 4.51
O42 A1L5I I . 17.79 -31.70 -0.85
C2 A1L5I I . 14.61 -24.11 -5.18
C3 A1L5I I . 14.37 -22.60 -5.09
C4 A1L5I I . 13.98 -22.04 -6.46
C5 A1L5I I . 13.48 -20.80 -6.65
C6 A1L5I I . 13.08 -20.23 -8.01
C7 A1L5I I . 11.61 -20.47 -8.40
C8 A1L5I I . 10.98 -19.61 -9.49
C9 A1L5I I . 10.29 -20.43 -10.60
C10 A1L5I I . 9.12 -19.73 -11.31
ZN ZN J . 10.04 19.95 39.59
C1 PTY K . 17.65 -10.98 17.82
O4 PTY K . 16.67 -11.84 18.39
C5 PTY K . 16.70 -8.88 16.83
C6 PTY K . 17.14 -10.31 16.54
O7 PTY K . 16.06 -11.07 15.98
C8 PTY K . 16.25 -11.28 14.55
O10 PTY K . 16.81 -10.42 13.88
C11 PTY K . 15.76 -12.55 13.90
C12 PTY K . 16.56 -13.75 14.42
C13 PTY K . 16.07 -14.21 15.80
C14 PTY K . 17.04 -15.23 16.40
C15 PTY K . 16.37 -16.58 16.65
C16 PTY K . 15.57 -16.61 17.95
C17 PTY K . 15.00 -18.00 18.20
C18 PTY K . 14.53 -18.20 19.63
C19 PTY K . 14.22 -19.67 19.90
C20 PTY K . 15.48 -20.52 19.78
C21 PTY K . 15.15 -22.01 19.71
C22 PTY K . 14.53 -22.54 21.00
C23 PTY K . 14.64 -24.06 21.05
C24 PTY K . 13.90 -24.65 22.25
C25 PTY K . 14.46 -26.04 22.55
C26 PTY K . 13.51 -26.90 23.37
C27 PTY K . 13.27 -26.34 24.77
C28 PTY K . 12.71 -27.41 25.70
C29 PTY K . 11.97 -26.80 26.86
C30 PTY K . 17.07 -12.79 19.43
C31 PTY K . 16.03 -13.36 20.36
O30 PTY K . 18.24 -13.11 19.52
C32 PTY K . 16.72 -14.08 21.52
C33 PTY K . 15.76 -14.28 22.69
C34 PTY K . 16.41 -15.07 23.82
C35 PTY K . 16.50 -16.55 23.48
C36 PTY K . 16.21 -17.41 24.71
C37 PTY K . 15.74 -18.80 24.29
P1 PTY K . 17.83 -6.62 17.63
O11 PTY K . 18.92 -6.39 18.80
O12 PTY K . 16.50 -6.10 18.12
O13 PTY K . 18.41 -6.11 16.34
O14 PTY K . 17.74 -8.22 17.55
P POV L . 13.12 -35.99 40.39
C1 POV L . 14.86 -34.99 38.68
C2 POV L . 15.40 -33.66 38.17
C3 POV L . 14.47 -33.06 37.10
C210 POV L . 18.99 -25.60 32.85
C310 POV L . 16.01 -23.13 27.60
O11 POV L . 13.66 -34.81 39.43
C211 POV L . 18.70 -24.14 32.66
C311 POV L . 15.60 -22.67 26.20
O12 POV L . 11.63 -35.51 40.78
C212 POV L . 20.02 -23.36 32.54
O13 POV L . 13.01 -37.27 39.58
C213 POV L . 19.76 -21.88 32.28
O14 POV L . 13.95 -35.99 41.66
C214 POV L . 19.63 -21.58 30.79
C215 POV L . 18.32 -20.88 30.45
C216 POV L . 18.11 -19.65 31.31
C217 POV L . 19.17 -18.59 31.04
C218 POV L . 19.57 -17.89 32.33
C21 POV L . 17.79 -33.55 38.46
O21 POV L . 16.69 -33.88 37.58
C22 POV L . 19.17 -33.32 37.91
O22 POV L . 17.58 -33.46 39.67
C23 POV L . 19.39 -31.83 37.65
C24 POV L . 18.32 -31.28 36.69
C25 POV L . 18.45 -29.77 36.50
C26 POV L . 19.76 -29.37 35.82
C27 POV L . 19.73 -27.90 35.41
C28 POV L . 18.88 -27.70 34.16
C29 POV L . 18.61 -26.23 33.96
C31 POV L . 14.67 -31.30 35.30
O31 POV L . 15.25 -32.22 36.26
C32 POV L . 15.58 -30.56 34.34
O32 POV L . 13.46 -31.13 35.28
C33 POV L . 14.78 -29.75 33.32
C34 POV L . 15.71 -28.78 32.60
C35 POV L . 15.01 -28.10 31.42
C36 POV L . 15.82 -26.90 30.93
C37 POV L . 15.30 -26.37 29.60
C38 POV L . 15.96 -25.05 29.25
C39 POV L . 15.51 -24.54 27.88
CAA Y01 M . 24.61 -22.81 4.08
CBA Y01 M . 23.70 -21.98 4.98
CAB Y01 M . 23.26 -20.70 4.27
CAN Y01 M . 24.39 -21.65 6.31
CAJ Y01 M . 25.72 -20.92 6.10
CAO Y01 M . 26.26 -20.39 7.42
CBB Y01 M . 27.48 -19.47 7.22
CAC Y01 M . 28.52 -20.20 6.37
CBE Y01 M . 27.07 -18.12 6.62
CAP Y01 M . 25.73 -17.63 7.17
CAQ Y01 M . 25.83 -16.13 7.39
CBG Y01 M . 27.13 -15.77 6.68
CBI Y01 M . 28.03 -16.96 6.89
CAE Y01 M . 28.49 -17.01 8.35
CAU Y01 M . 29.23 -16.81 5.98
CAS Y01 M . 29.95 -15.49 6.29
CBF Y01 M . 29.03 -14.28 6.19
CBD Y01 M . 27.79 -14.45 7.06
CAK Y01 M . 26.83 -13.31 6.84
CAI Y01 M . 27.55 -11.99 6.97
CAZ Y01 M . 28.80 -11.82 6.54
CAV Y01 M . 29.23 -10.42 6.17
CBH Y01 M . 29.78 -12.98 6.50
CAD Y01 M . 30.43 -13.06 7.87
CAT Y01 M . 30.84 -12.79 5.43
CAR Y01 M . 31.38 -11.37 5.41
CBC Y01 M . 30.25 -10.44 5.03
OAW Y01 M . 30.74 -9.12 4.78
CAY Y01 M . 29.97 -8.42 3.76
OAG Y01 M . 28.92 -8.89 3.38
CAM Y01 M . 30.47 -7.10 3.19
CAL Y01 M . 31.98 -6.96 3.40
CAX Y01 M . 32.28 -6.52 4.82
OAH Y01 M . 32.81 -5.44 5.03
OAF Y01 M . 31.98 -7.30 5.86
C21 A1L5I N . 4.73 -27.95 21.48
C22 A1L5I N . 5.70 -28.39 22.55
C26 A1L5I N . 4.69 -27.07 24.33
C28 A1L5I N . 2.91 -25.33 24.72
C01 A1L5I N . 5.90 -25.81 21.03
C02 A1L5I N . 5.98 -24.38 21.42
C03 A1L5I N . 6.96 -23.64 20.54
C04 A1L5I N . 6.75 -22.15 20.71
C05 A1L5I N . 7.72 -21.38 19.84
C06 A1L5I N . 7.54 -19.89 20.04
O19 A1L5I N . 6.80 -26.30 20.49
O20 A1L5I N . 4.69 -26.56 21.32
C23 A1L5I N . 6.10 -29.83 22.25
O24 A1L5I N . 4.93 -30.58 22.01
O25 A1L5I N . 5.11 -28.36 23.83
C27 A1L5I N . 3.24 -26.81 24.69
C29 A1L5I N . 2.50 -24.75 23.37
C30 A1L5I N . 2.50 -23.23 23.48
C31 A1L5I N . 2.29 -22.50 22.18
C32 A1L5I N . 2.29 -21.00 22.33
C33 A1L5I N . 3.25 -20.39 21.33
C34 A1L5I N . 2.59 -19.69 20.17
C35 A1L5I N . 3.07 -19.93 18.97
C36 A1L5I N . 2.48 -19.24 17.78
C37 A1L5I N . 1.38 -19.99 17.08
C38 A1L5I N . 0.59 -18.88 16.43
C39 A1L5I N . -0.27 -19.36 15.32
C40 A1L5I N . -1.35 -18.35 14.92
O42 A1L5I N . 5.59 -26.31 24.46
C2 A1L5I N . 8.74 -19.11 19.50
C3 A1L5I N . 8.42 -17.72 18.92
C4 A1L5I N . 9.69 -17.08 18.37
C5 A1L5I N . 9.69 -15.97 17.59
C6 A1L5I N . 10.96 -15.32 17.03
C7 A1L5I N . 11.36 -15.83 15.63
C8 A1L5I N . 12.32 -14.99 14.79
C9 A1L5I N . 13.54 -15.78 14.26
C10 A1L5I N . 14.14 -15.27 12.94
ZN ZN O . -42.10 15.79 6.66
C1 PTY P . -15.96 -9.10 20.31
O4 PTY P . -16.40 -10.23 19.56
C5 PTY P . -15.29 -7.15 18.86
C6 PTY P . -14.80 -8.38 19.61
O7 PTY P . -14.13 -9.28 18.70
C8 PTY P . -12.69 -9.23 18.89
O10 PTY P . -12.15 -8.18 19.22
C11 PTY P . -11.86 -10.48 18.68
C12 PTY P . -12.19 -11.52 19.75
C13 PTY P . -13.48 -12.27 19.43
C14 PTY P . -13.93 -13.12 20.62
C15 PTY P . -13.97 -14.61 20.28
C16 PTY P . -15.26 -15.01 19.56
C17 PTY P . -15.30 -16.52 19.32
C18 PTY P . -16.68 -17.02 18.97
C19 PTY P . -16.73 -18.55 19.01
C20 PTY P . -16.49 -19.06 20.42
C21 PTY P . -16.19 -20.56 20.44
C22 PTY P . -17.39 -21.40 20.00
C23 PTY P . -17.21 -22.84 20.45
C24 PTY P . -18.31 -23.75 19.91
C25 PTY P . -18.40 -25.01 20.78
C26 PTY P . -19.09 -26.17 20.08
C27 PTY P . -20.55 -25.89 19.77
C28 PTY P . -21.31 -27.18 19.50
C29 PTY P . -22.56 -26.93 18.68
C30 PTY P . -17.28 -11.20 20.21
C31 PTY P . -18.12 -12.12 19.36
O30 PTY P . -17.32 -11.25 21.42
C32 PTY P . -19.16 -12.83 20.23
C33 PTY P . -20.29 -13.40 19.38
C34 PTY P . -21.29 -14.18 20.23
C35 PTY P . -20.73 -15.54 20.64
C36 PTY P . -21.82 -16.61 20.60
C37 PTY P . -21.20 -17.99 20.44
P1 PTY P . -16.42 -4.83 19.48
O11 PTY P . -17.61 -4.53 20.54
O12 PTY P . -16.98 -4.70 18.09
O13 PTY P . -15.21 -4.02 19.89
O14 PTY P . -16.11 -6.38 19.75
P POV Q . -34.57 -37.47 22.36
C1 POV Q . -33.02 -35.86 23.77
C2 POV Q . -32.71 -34.38 23.98
C3 POV Q . -31.75 -33.86 22.90
C210 POV Q . -28.64 -25.03 25.46
C310 POV Q . -23.83 -22.57 21.80
O11 POV Q . -33.80 -36.07 22.59
C211 POV Q . -28.68 -23.66 24.83
C311 POV Q . -22.51 -22.02 21.26
O12 POV Q . -35.03 -37.40 20.82
C212 POV Q . -28.67 -22.60 25.93
O13 POV Q . -33.58 -38.60 22.52
C213 POV Q . -28.64 -21.19 25.34
O14 POV Q . -35.82 -37.46 23.22
C214 POV Q . -27.20 -20.72 25.09
C215 POV Q . -26.97 -20.29 23.64
C216 POV Q . -28.01 -19.28 23.19
C217 POV Q . -27.90 -17.98 23.98
C218 POV Q . -29.28 -17.40 24.25
C21 POV Q . -33.02 -33.77 26.29
O21 POV Q . -32.09 -34.21 25.26
C22 POV Q . -32.50 -33.15 27.56
O22 POV Q . -34.23 -33.91 26.11
C23 POV Q . -32.47 -31.63 27.43
C24 POV Q . -31.60 -31.20 26.23
C25 POV Q . -31.64 -29.69 26.00
C26 POV Q . -31.03 -28.92 27.16
C27 POV Q . -30.83 -27.45 26.79
C28 POV Q . -29.63 -27.26 25.88
C29 POV Q . -29.65 -25.88 25.26
C31 POV Q . -30.23 -31.86 22.62
O31 POV Q . -31.03 -32.75 23.45
C32 POV Q . -29.39 -30.81 23.31
O32 POV Q . -30.24 -31.97 21.41
C33 POV Q . -28.50 -30.06 22.32
C34 POV Q . -27.93 -28.80 22.97
C35 POV Q . -26.87 -28.14 22.09
C36 POV Q . -26.56 -26.73 22.60
C37 POV Q . -25.32 -26.15 21.92
C38 POV Q . -25.17 -24.67 22.25
C39 POV Q . -23.90 -24.09 21.65
CAA Y01 R . -0.60 -16.90 29.27
CBA Y01 R . -1.62 -16.44 28.23
CAB Y01 R . -1.11 -15.21 27.48
CAN Y01 R . -2.98 -16.16 28.87
CAJ Y01 R . -2.88 -15.12 29.99
CAO Y01 R . -4.26 -14.68 30.45
CBB Y01 R . -4.20 -13.48 31.41
CAC Y01 R . -3.25 -13.82 32.56
CBE Y01 R . -3.81 -12.19 30.69
CAP Y01 R . -4.43 -12.11 29.29
CAQ Y01 R . -4.87 -10.67 29.06
CBG Y01 R . -4.22 -9.92 30.21
CBI Y01 R . -4.25 -10.89 31.36
CAE Y01 R . -5.68 -11.05 31.89
CAU Y01 R . -3.36 -10.34 32.47
CAS Y01 R . -3.86 -8.95 32.89
CBF Y01 R . -3.95 -7.98 31.71
CBD Y01 R . -4.79 -8.55 30.58
CAK Y01 R . -4.74 -7.65 29.37
CAI Y01 R . -5.07 -6.23 29.78
CAZ Y01 R . -4.66 -5.72 30.95
CAV Y01 R . -4.50 -4.22 31.03
CBH Y01 R . -4.45 -6.60 32.16
CAD Y01 R . -5.79 -6.73 32.86
CAT Y01 R . -3.41 -6.02 33.11
CAR Y01 R . -3.60 -4.53 33.32
CBC Y01 R . -3.37 -3.84 31.99
OAW Y01 R . -3.32 -2.42 32.16
CAY Y01 R . -2.42 -1.77 31.21
OAG Y01 R . -1.97 -2.41 30.28
CAM Y01 R . -2.05 -0.31 31.38
CAL Y01 R . -2.28 0.14 32.82
CAX Y01 R . -3.74 0.43 33.07
OAH Y01 R . -4.11 1.56 33.35
OAF Y01 R . -4.66 -0.54 32.99
C21 A1L5I S . -17.08 -28.92 11.70
C22 A1L5I S . -18.07 -29.27 12.78
C26 A1L5I S . -20.02 -28.50 11.57
C28 A1L5I S . -20.68 -27.29 9.45
C01 A1L5I S . -16.95 -26.53 12.34
C02 A1L5I S . -17.55 -25.18 12.11
C03 A1L5I S . -16.79 -24.12 12.86
C04 A1L5I S . -17.17 -22.76 12.32
C05 A1L5I S . -16.43 -21.67 13.06
C06 A1L5I S . -16.84 -20.30 12.56
O19 A1L5I S . -16.35 -26.71 13.31
O20 A1L5I S . -17.12 -27.57 11.34
C23 A1L5I S . -17.56 -30.52 13.49
O24 A1L5I S . -17.21 -31.48 12.51
O25 A1L5I S . -19.34 -29.57 12.24
C27 A1L5I S . -20.42 -28.63 10.11
C29 A1L5I S . -19.43 -26.62 8.88
C30 A1L5I S . -19.77 -25.18 8.53
C31 A1L5I S . -18.58 -24.33 8.12
C32 A1L5I S . -18.95 -22.91 7.78
C33 A1L5I S . -18.05 -21.96 8.54
C34 A1L5I S . -17.01 -21.27 7.71
C35 A1L5I S . -15.78 -21.21 8.18
C36 A1L5I S . -14.72 -20.52 7.41
C37 A1L5I S . -13.92 -21.39 6.48
C38 A1L5I S . -13.44 -20.41 5.43
C39 A1L5I S . -12.27 -20.91 4.67
C40 A1L5I S . -12.03 -20.12 3.38
O42 A1L5I S . -20.27 -27.58 12.26
C2 A1L5I S . -16.42 -19.21 13.53
C3 A1L5I S . -16.06 -17.86 12.89
C4 A1L5I S . -15.61 -16.87 13.95
C5 A1L5I S . -15.01 -15.69 13.68
C6 A1L5I S . -14.54 -14.69 14.74
C7 A1L5I S . -13.08 -14.89 15.20
C8 A1L5I S . -12.38 -13.74 15.92
C9 A1L5I S . -11.73 -14.14 17.26
C10 A1L5I S . -10.50 -13.33 17.68
ZN ZN T . -9.01 4.59 -44.31
C1 PTY U . -18.76 -15.35 -12.75
O4 PTY U . -17.85 -16.43 -12.95
C5 PTY U . -17.62 -13.11 -12.59
C6 PTY U . -18.17 -14.29 -11.80
O7 PTY U . -17.15 -14.87 -10.99
C8 PTY U . -17.34 -14.52 -9.58
O10 PTY U . -17.81 -13.43 -9.29
C11 PTY U . -16.93 -15.50 -8.50
C12 PTY U . -17.84 -16.74 -8.55
C13 PTY U . -17.41 -17.71 -9.65
C14 PTY U . -18.46 -18.79 -9.85
C15 PTY U . -17.91 -20.19 -9.57
C16 PTY U . -17.13 -20.77 -10.76
C17 PTY U . -16.69 -22.20 -10.45
C18 PTY U . -16.26 -22.95 -11.71
C19 PTY U . -16.07 -24.43 -11.41
C20 PTY U . -17.39 -25.08 -11.00
C21 PTY U . -17.19 -26.45 -10.37
C22 PTY U . -16.62 -27.47 -11.37
C23 PTY U . -16.86 -28.88 -10.85
C24 PTY U . -16.19 -29.93 -11.74
C25 PTY U . -16.86 -31.29 -11.51
C26 PTY U . -15.99 -32.47 -11.94
C27 PTY U . -15.73 -32.48 -13.44
C28 PTY U . -15.28 -33.86 -13.89
C29 PTY U . -14.52 -33.79 -15.20
C30 PTY U . -18.35 -17.66 -13.56
C31 PTY U . -17.38 -18.62 -14.21
O30 PTY U . -19.54 -17.89 -13.55
C32 PTY U . -18.13 -19.66 -15.02
C33 PTY U . -17.21 -20.35 -16.02
C34 PTY U . -17.93 -21.45 -16.79
C35 PTY U . -18.14 -22.69 -15.92
C36 PTY U . -17.94 -23.97 -16.74
C37 PTY U . -17.58 -25.13 -15.83
P1 PTY U . -18.58 -11.23 -14.19
O11 PTY U . -19.67 -11.36 -15.38
O12 PTY U . -17.22 -11.03 -14.82
O13 PTY U . -19.10 -10.23 -13.18
O14 PTY U . -18.61 -12.69 -13.53
P POV V . -16.61 -47.22 -24.37
C1 POV V . -18.23 -45.52 -23.17
C2 POV V . -18.66 -44.05 -23.19
C3 POV V . -17.67 -43.18 -22.41
C210 POV V . -21.50 -34.34 -21.30
C310 POV V . -18.24 -30.34 -17.31
O11 POV V . -17.03 -45.73 -23.92
C211 POV V . -21.10 -32.94 -21.66
C311 POV V . -17.80 -29.43 -16.17
O12 POV V . -15.09 -47.04 -24.88
C212 POV V . -22.34 -32.07 -21.86
O13 POV V . -16.59 -48.11 -23.14
C213 POV V . -21.96 -30.62 -22.17
O14 POV V . -17.45 -47.62 -25.56
C214 POV V . -21.78 -29.80 -20.89
C215 POV V . -20.41 -29.13 -20.81
C216 POV V . -20.12 -28.33 -22.07
C217 POV V . -21.09 -27.16 -22.23
C218 POV V . -21.45 -26.96 -23.69
C21 POV V . -21.03 -43.87 -23.55
O21 POV V . -19.95 -43.94 -22.59
C22 POV V . -22.38 -43.34 -23.15
O22 POV V . -20.84 -44.25 -24.70
C23 POV V . -22.47 -41.85 -23.46
C24 POV V . -21.36 -41.07 -22.76
C25 POV V . -21.35 -39.59 -23.14
C26 POV V . -22.62 -38.87 -22.68
C27 POV V . -22.46 -37.35 -22.84
C28 POV V . -21.59 -36.77 -21.74
C29 POV V . -21.19 -35.36 -22.10
C31 POV V . -17.69 -40.87 -21.40
O31 POV V . -18.37 -42.03 -21.96
C32 POV V . -18.52 -39.76 -20.80
O32 POV V . -16.47 -40.80 -21.43
C33 POV V . -17.65 -38.69 -20.14
C34 POV V . -18.48 -37.44 -19.84
C35 POV V . -17.71 -36.44 -18.99
C36 POV V . -18.42 -35.08 -18.99
C37 POV V . -17.83 -34.14 -17.95
C38 POV V . -18.38 -32.73 -18.12
C39 POV V . -17.87 -31.79 -17.03
CAA Y01 W . -26.43 -20.63 4.29
CBA Y01 W . -25.48 -20.27 3.16
CAB Y01 W . -24.91 -18.86 3.35
CAN Y01 W . -26.15 -20.40 1.79
CAJ Y01 W . -27.42 -19.54 1.69
CAO Y01 W . -27.93 -19.50 0.26
CBB Y01 W . -29.06 -18.48 0.09
CAC Y01 W . -30.15 -18.75 1.13
CBE Y01 W . -28.54 -17.04 0.15
CAP Y01 W . -27.17 -16.90 -0.52
CAQ Y01 W . -27.16 -15.58 -1.28
CBG Y01 W . -28.41 -14.88 -0.78
CBI Y01 W . -29.41 -15.98 -0.54
CAE Y01 W . -29.90 -16.54 -1.89
CAU Y01 W . -30.58 -15.41 0.23
CAS Y01 W . -31.20 -14.25 -0.56
CBF Y01 W . -30.18 -13.17 -0.91
CBD Y01 W . -28.97 -13.74 -1.63
CAK Y01 W . -27.91 -12.69 -1.83
CAI Y01 W . -28.53 -11.46 -2.46
CAZ Y01 W . -29.76 -11.04 -2.14
CAV Y01 W . -30.08 -9.57 -2.31
CBH Y01 W . -30.83 -12.02 -1.69
CAD Y01 W . -31.50 -12.55 -2.94
CAT Y01 W . -31.85 -11.36 -0.78
CAR Y01 W . -32.28 -9.99 -1.29
CBC Y01 W . -31.07 -9.08 -1.27
OAW Y01 W . -31.44 -7.73 -1.54
CAY Y01 W . -30.61 -6.77 -0.85
OAG Y01 W . -29.60 -7.14 -0.28
CAM Y01 W . -30.99 -5.30 -0.80
CAL Y01 W . -32.48 -5.12 -1.08
CAX Y01 W . -32.77 -5.21 -2.56
OAH Y01 W . -33.22 -4.25 -3.16
OAF Y01 W . -32.56 -6.35 -3.23
C21 A1L5I X . -7.30 -33.44 -9.65
C22 A1L5I X . -8.32 -34.16 -10.50
C26 A1L5I X . -7.24 -33.69 -12.62
C28 A1L5I X . -5.32 -32.37 -13.61
C01 A1L5I X . -8.29 -31.21 -10.06
C02 A1L5I X . -8.27 -30.01 -10.94
C03 A1L5I X . -9.16 -28.93 -10.42
C04 A1L5I X . -8.83 -27.63 -11.12
C05 A1L5I X . -9.72 -26.51 -10.62
C06 A1L5I X . -9.43 -25.22 -11.35
O19 A1L5I X . -9.22 -31.39 -9.39
O20 A1L5I X . -7.14 -32.10 -10.02
C23 A1L5I X . -8.83 -35.35 -9.70
O24 A1L5I X . -7.72 -36.06 -9.18
O25 A1L5I X . -7.75 -34.66 -11.69
C27 A1L5I X . -5.77 -33.70 -13.03
C29 A1L5I X . -4.86 -31.37 -12.57
C30 A1L5I X . -4.73 -30.00 -13.23
C31 A1L5I X . -4.44 -28.85 -12.29
C32 A1L5I X . -4.34 -27.52 -12.99
C33 A1L5I X . -5.21 -26.51 -12.30
C34 A1L5I X . -4.49 -25.49 -11.47
C35 A1L5I X . -4.96 -25.22 -10.27
C36 A1L5I X . -4.30 -24.20 -9.41
C37 A1L5I X . -3.26 -24.72 -8.47
C38 A1L5I X . -2.37 -23.52 -8.27
C39 A1L5I X . -1.53 -23.61 -7.04
C40 A1L5I X . -0.37 -22.62 -7.03
O42 A1L5I X . -8.07 -32.96 -13.05
C2 A1L5I X . -10.55 -24.21 -11.15
C3 A1L5I X . -10.11 -22.73 -11.13
C4 A1L5I X . -11.32 -21.83 -10.87
C5 A1L5I X . -11.22 -20.52 -10.56
C6 A1L5I X . -12.42 -19.60 -10.30
C7 A1L5I X . -12.85 -19.53 -8.83
C8 A1L5I X . -13.72 -18.36 -8.37
C9 A1L5I X . -14.99 -18.79 -7.60
C10 A1L5I X . -15.52 -17.79 -6.57
#